data_8HEB
#
_entry.id   8HEB
#
_cell.length_a   1.00
_cell.length_b   1.00
_cell.length_c   1.00
_cell.angle_alpha   90.00
_cell.angle_beta   90.00
_cell.angle_gamma   90.00
#
_symmetry.space_group_name_H-M   'P 1'
#
loop_
_entity.id
_entity.type
_entity.pdbx_description
1 polymer 'Spike glycoprotein'
2 polymer 'rabbit antibody 9H1 light chain'
3 polymer 'rabbit antibody 9H1 heavy chain'
4 branched 2-acetamido-2-deoxy-beta-D-glucopyranose-(1-4)-2-acetamido-2-deoxy-beta-D-glucopyranose
5 non-polymer 2-acetamido-2-deoxy-beta-D-glucopyranose
#
loop_
_entity_poly.entity_id
_entity_poly.type
_entity_poly.pdbx_seq_one_letter_code
_entity_poly.pdbx_strand_id
1 'polypeptide(L)'
;MFVFLVLLPLVSSQCVNLTTRTQLPPAYTNSFTRGVYYPDKVFRSSVLHSTQDLFLPFFSNVTWFHAIHVSGTNGTKRFD
NPVLPFNDGVYFASTEKSNIIRGWIFGTTLDSKTQSLLIVNNATNVVIKVCEFQFCNDPFLGVYYHKNNKSWMESEFRVY
SSANNCTFEYVSQPFLMDLEGKQGNFKNLREFVFKNIDGYFKIYSKHTPINLVRDLPQGFSALEPLVDLPIGINITRFQT
LLALHRSYLTPGDSSSGWTAGAAAYYVGYLQPRTFLLKYNENGTITDAVDCALDPLSETKCTLKSFTVEKGIYQTSNFRV
QPTESIVRFPNITNLCPFGEVFNATRFASVYAWNRKRISNCVADYSVLYNSASFSTFKCYGVSPTKLNDLCFTNVYADSF
VIRGDEVRQIAPGQTGKIADYNYKLPDDFTGCVIAWNSNNLDSKVGGNYNYLYRLFRKSNLKPFERDISTEIYQAGSTPC
NGVEGFNCYFPLQSYGFQPTNGVGYQPYRVVVLSFELLHAPATVCGPKKSTNLVKNKCVNFNFNGLTGTGVLTESNKKFL
PFQQFGRDIADTTDAVRDPQTLEILDITPCSFGGVSVITPGTNTSNQVAVLYQDVNCTEVPVAIHADQLTPTWRVYSTGS
NVFQTRAGCLIGAEHVNNSYECDIPIGAGICASYQTQTNSPGSASSVASQSIIAYTMSLGAENSVAYSNNSIAIPTNFTI
SVTTEILPVSMTKTSVDCTMYICGDSTECSNLLLQYGSFCTQLNRALTGIAVEQDKNTQEVFAQVKQIYKTPPIKDFGGF
NFSQILPDPSKPSKRSFIEDLLFNKVTLADAGFIKQYGDCLGDIAARDLICAQKFNGLTVLPPLLTDEMIAQYTSALLAG
TITSGWTFGAGAALQIPFAMQMAYRFNGIGVTQNVLYENQKLIANQFNSAIGKIQDSLSSTASALGKLQDVVNQNAQALN
TLVKQLSSNFGAISSVLNDILSRLDPPEAEVQIDRLITGRLQSLQTYVTQQLIRAAEIRASANLAATKMSECVLGQSKRV
DFCGKGYHLMSFPQSAPHGVVFLHVTYVPAQEKNFTTAPAICHDGKAHFPREGVFVSNGTHWFVTQRNFYEPQIITTDNT
FVSGNCDVVIGIVNNTVYDPLQPELDSFKEELDKYFKNHTSPDVDLGDISGINASVVNIQKEIDRLNEVAKNLNESLIDL
QELGKYEQ
;
A,B,C
2 'polypeptide(L)'
;QVLTQTPSSVSAAVGGTVTINCQASEDIYDNLVWYQQKPGQPPKLLIYDASTLAFGVSSRFRGSGSGTHFTLTMRDVQCD
DAATYYCQGEFSCSSGDCTAFGGGTEVVVK
;
D,F,H
3 'polypeptide(L)'
;QSVEESGGRLVTPGTPLTLTCTVSGFSLSRYAMSWVRQAPGKGLEWIGIIVDSGHTAYASWAKGRFTISRTSTTVDLKMT
SLTTEDTATYFCARETGGGAFYVFEFWGPGTVVTVSS
;
E,G,I
#
loop_
_chem_comp.id
_chem_comp.type
_chem_comp.name
_chem_comp.formula
NAG D-saccharide, beta linking 2-acetamido-2-deoxy-beta-D-glucopyranose 'C8 H15 N O6'
#
# COMPACT_ATOMS: atom_id res chain seq x y z
N CYS A 15 -4.87 62.38 -19.46
CA CYS A 15 -3.65 62.88 -20.10
C CYS A 15 -3.95 63.48 -21.46
N VAL A 16 -3.11 63.18 -22.44
CA VAL A 16 -3.26 63.69 -23.80
C VAL A 16 -3.86 62.59 -24.67
N ASN A 17 -4.68 62.98 -25.64
CA ASN A 17 -5.31 62.05 -26.56
C ASN A 17 -4.83 62.33 -27.98
N LEU A 18 -4.31 61.31 -28.64
CA LEU A 18 -3.87 61.40 -30.03
C LEU A 18 -4.77 60.52 -30.89
N THR A 19 -5.39 61.13 -31.90
CA THR A 19 -6.30 60.42 -32.78
C THR A 19 -5.88 60.42 -34.24
N THR A 20 -4.81 61.13 -34.60
CA THR A 20 -4.36 61.21 -35.99
C THR A 20 -3.56 59.96 -36.33
N ARG A 21 -4.27 58.84 -36.43
CA ARG A 21 -3.68 57.55 -36.74
C ARG A 21 -4.59 56.81 -37.69
N THR A 22 -4.03 56.35 -38.82
CA THR A 22 -4.82 55.60 -39.77
C THR A 22 -5.22 54.24 -39.19
N GLN A 23 -6.49 53.88 -39.37
CA GLN A 23 -7.02 52.63 -38.84
C GLN A 23 -6.86 51.53 -39.88
N LEU A 24 -6.04 50.53 -39.56
CA LEU A 24 -5.75 49.42 -40.46
C LEU A 24 -5.79 48.11 -39.68
N PRO A 25 -6.26 47.03 -40.30
CA PRO A 25 -6.19 45.73 -39.64
C PRO A 25 -4.74 45.30 -39.47
N PRO A 26 -4.42 44.55 -38.41
CA PRO A 26 -3.04 44.12 -38.21
C PRO A 26 -2.57 43.17 -39.28
N ALA A 27 -1.29 43.24 -39.60
CA ALA A 27 -0.66 42.32 -40.53
C ALA A 27 -0.23 41.05 -39.80
N TYR A 28 0.37 40.12 -40.54
CA TYR A 28 0.82 38.86 -39.97
C TYR A 28 2.12 38.45 -40.63
N THR A 29 2.95 37.72 -39.87
CA THR A 29 4.22 37.24 -40.38
C THR A 29 4.58 35.93 -39.69
N ASN A 30 5.30 35.07 -40.40
CA ASN A 30 5.71 33.80 -39.85
C ASN A 30 6.82 33.99 -38.81
N SER A 31 6.70 33.32 -37.67
CA SER A 31 7.69 33.43 -36.62
C SER A 31 8.92 32.58 -36.86
N PHE A 32 8.88 31.67 -37.82
CA PHE A 32 10.01 30.80 -38.18
C PHE A 32 10.43 30.02 -36.93
N THR A 33 11.70 30.03 -36.55
CA THR A 33 12.20 29.27 -35.41
C THR A 33 12.68 30.18 -34.29
N ARG A 34 11.90 31.22 -33.98
CA ARG A 34 12.24 32.18 -32.95
C ARG A 34 11.48 31.86 -31.67
N GLY A 35 12.07 32.19 -30.53
CA GLY A 35 11.38 32.08 -29.26
C GLY A 35 11.79 30.88 -28.42
N VAL A 36 13.08 30.57 -28.40
CA VAL A 36 13.61 29.47 -27.59
C VAL A 36 14.50 30.06 -26.51
N TYR A 37 14.17 29.72 -25.26
CA TYR A 37 14.87 30.31 -24.09
C TYR A 37 15.32 29.23 -23.10
N TYR A 38 16.45 29.43 -22.44
CA TYR A 38 16.99 28.47 -21.49
C TYR A 38 15.95 28.19 -20.40
N PRO A 39 15.32 27.02 -20.40
CA PRO A 39 14.23 26.78 -19.43
C PRO A 39 14.69 26.82 -17.98
N ASP A 40 15.91 26.41 -17.67
CA ASP A 40 16.37 26.29 -16.29
C ASP A 40 17.77 26.88 -16.19
N LYS A 41 18.41 26.65 -15.03
CA LYS A 41 19.69 27.25 -14.70
C LYS A 41 20.82 26.22 -14.65
N VAL A 42 20.68 25.11 -15.34
CA VAL A 42 21.64 24.03 -15.27
C VAL A 42 22.58 24.12 -16.47
N PHE A 43 23.67 23.34 -16.42
CA PHE A 43 24.67 23.28 -17.47
C PHE A 43 24.66 21.90 -18.10
N ARG A 44 24.50 21.83 -19.41
CA ARG A 44 24.56 20.57 -20.14
C ARG A 44 25.42 20.78 -21.39
N SER A 45 26.20 19.75 -21.73
CA SER A 45 27.12 19.84 -22.85
C SER A 45 26.99 18.59 -23.72
N SER A 46 26.78 18.81 -25.02
CA SER A 46 26.73 17.73 -26.01
C SER A 46 25.66 16.69 -25.67
N VAL A 47 24.47 17.17 -25.28
CA VAL A 47 23.35 16.31 -24.95
C VAL A 47 22.13 16.77 -25.73
N LEU A 48 21.12 15.90 -25.78
CA LEU A 48 19.84 16.18 -26.41
C LEU A 48 18.77 16.06 -25.33
N HIS A 49 18.41 17.18 -24.71
CA HIS A 49 17.49 17.19 -23.59
C HIS A 49 16.10 17.55 -24.07
N SER A 50 15.11 16.76 -23.65
CA SER A 50 13.71 16.97 -24.02
C SER A 50 12.98 17.55 -22.82
N THR A 51 12.38 18.71 -22.99
CA THR A 51 11.73 19.43 -21.91
C THR A 51 10.27 19.70 -22.25
N GLN A 52 9.50 20.02 -21.21
CA GLN A 52 8.12 20.47 -21.36
C GLN A 52 8.03 21.80 -20.65
N ASP A 53 7.48 22.81 -21.33
CA ASP A 53 7.38 24.16 -20.79
C ASP A 53 6.57 24.98 -21.78
N LEU A 54 6.19 26.18 -21.35
CA LEU A 54 5.53 27.11 -22.26
C LEU A 54 6.51 27.61 -23.30
N PHE A 55 6.11 27.61 -24.56
CA PHE A 55 6.97 28.03 -25.65
C PHE A 55 6.14 28.68 -26.74
N LEU A 56 6.84 29.22 -27.74
CA LEU A 56 6.19 29.74 -28.94
C LEU A 56 6.30 28.68 -30.03
N PRO A 57 5.19 28.13 -30.51
CA PRO A 57 5.27 27.02 -31.46
C PRO A 57 5.98 27.43 -32.75
N PHE A 58 6.73 26.49 -33.30
CA PHE A 58 7.47 26.76 -34.53
C PHE A 58 6.51 27.05 -35.68
N PHE A 59 6.92 27.97 -36.55
CA PHE A 59 6.16 28.35 -37.74
C PHE A 59 4.74 28.79 -37.37
N SER A 60 4.67 29.86 -36.59
CA SER A 60 3.40 30.45 -36.18
C SER A 60 3.33 31.87 -36.71
N ASN A 61 2.10 32.31 -37.03
CA ASN A 61 1.88 33.65 -37.56
C ASN A 61 1.56 34.58 -36.40
N VAL A 62 2.47 35.52 -36.14
CA VAL A 62 2.36 36.44 -35.02
C VAL A 62 1.81 37.77 -35.52
N THR A 63 1.16 38.50 -34.62
CA THR A 63 0.61 39.80 -34.97
C THR A 63 1.74 40.79 -35.23
N TRP A 64 1.42 41.83 -36.01
CA TRP A 64 2.39 42.84 -36.40
C TRP A 64 1.70 44.20 -36.36
N PHE A 65 2.33 45.17 -35.71
CA PHE A 65 1.77 46.49 -35.53
C PHE A 65 2.70 47.56 -36.11
N HIS A 66 2.28 48.81 -35.96
CA HIS A 66 3.08 49.94 -36.45
C HIS A 66 2.95 51.14 -35.51
N ARG A 78 4.03 55.23 -38.44
CA ARG A 78 2.77 55.49 -37.74
C ARG A 78 2.81 54.92 -36.33
N PHE A 79 1.93 55.40 -35.46
CA PHE A 79 1.85 54.97 -34.07
C PHE A 79 0.66 54.03 -33.91
N ASP A 80 0.92 52.83 -33.40
CA ASP A 80 -0.13 51.87 -33.11
C ASP A 80 0.24 51.12 -31.84
N ASN A 81 -0.60 51.22 -30.82
CA ASN A 81 -0.34 50.50 -29.58
C ASN A 81 -1.64 50.12 -28.87
N PRO A 82 -2.48 49.30 -29.48
CA PRO A 82 -3.72 48.88 -28.80
C PRO A 82 -3.41 47.93 -27.66
N VAL A 83 -4.31 47.90 -26.68
CA VAL A 83 -4.14 47.01 -25.54
C VAL A 83 -4.40 45.57 -25.97
N LEU A 84 -3.61 44.65 -25.44
CA LEU A 84 -3.63 43.27 -25.89
C LEU A 84 -3.79 42.32 -24.72
N PRO A 85 -4.38 41.15 -24.93
CA PRO A 85 -4.49 40.17 -23.84
C PRO A 85 -3.14 39.58 -23.48
N PHE A 86 -3.07 39.06 -22.25
CA PHE A 86 -1.87 38.43 -21.70
C PHE A 86 -2.34 37.14 -21.04
N ASN A 87 -2.44 36.06 -21.82
CA ASN A 87 -2.98 34.82 -21.28
C ASN A 87 -1.93 34.03 -20.52
N ASP A 88 -0.86 33.63 -21.21
CA ASP A 88 0.18 32.81 -20.59
C ASP A 88 1.61 33.27 -20.90
N GLY A 89 1.81 34.10 -21.91
CA GLY A 89 3.15 34.56 -22.24
C GLY A 89 3.09 35.44 -23.46
N VAL A 90 4.23 36.08 -23.74
CA VAL A 90 4.35 37.01 -24.86
C VAL A 90 5.76 36.94 -25.41
N TYR A 91 5.88 36.73 -26.72
CA TYR A 91 7.16 36.84 -27.41
C TYR A 91 7.19 38.22 -28.04
N PHE A 92 7.71 39.19 -27.29
CA PHE A 92 7.72 40.59 -27.71
C PHE A 92 9.05 40.88 -28.40
N ALA A 93 8.98 41.27 -29.67
CA ALA A 93 10.17 41.61 -30.44
C ALA A 93 9.96 42.98 -31.07
N SER A 94 11.08 43.67 -31.33
CA SER A 94 11.01 45.02 -31.87
C SER A 94 12.28 45.31 -32.65
N THR A 95 12.12 45.91 -33.82
CA THR A 95 13.24 46.36 -34.65
C THR A 95 13.21 47.87 -34.74
N GLU A 96 14.33 48.50 -34.40
CA GLU A 96 14.40 49.95 -34.33
C GLU A 96 15.79 50.43 -34.74
N LYS A 97 15.90 51.74 -34.90
CA LYS A 97 17.19 52.40 -35.11
C LYS A 97 17.36 53.62 -34.22
N SER A 98 16.34 54.00 -33.45
CA SER A 98 16.44 55.17 -32.58
C SER A 98 15.86 54.92 -31.19
N ASN A 99 15.61 53.67 -30.82
CA ASN A 99 15.12 53.31 -29.47
C ASN A 99 13.80 54.01 -29.15
N ILE A 100 12.85 53.88 -30.07
CA ILE A 100 11.54 54.52 -29.88
C ILE A 100 10.76 53.81 -28.77
N ILE A 101 10.83 52.47 -28.73
CA ILE A 101 10.12 51.72 -27.71
C ILE A 101 10.78 51.95 -26.35
N ARG A 102 9.97 52.35 -25.37
CA ARG A 102 10.49 52.67 -24.04
C ARG A 102 10.13 51.60 -23.00
N GLY A 103 8.85 51.31 -22.81
CA GLY A 103 8.48 50.46 -21.69
C GLY A 103 7.19 49.68 -21.86
N TRP A 104 6.70 49.11 -20.75
CA TRP A 104 5.53 48.26 -20.76
C TRP A 104 4.58 48.73 -19.65
N ILE A 105 3.38 48.16 -19.66
CA ILE A 105 2.38 48.37 -18.63
C ILE A 105 1.58 47.08 -18.49
N PHE A 106 1.33 46.66 -17.25
CA PHE A 106 0.60 45.43 -16.98
C PHE A 106 -0.53 45.72 -16.00
N GLY A 107 -1.16 44.65 -15.53
CA GLY A 107 -2.21 44.75 -14.55
C GLY A 107 -3.47 44.07 -15.06
N THR A 108 -4.55 44.25 -14.31
CA THR A 108 -5.85 43.68 -14.66
C THR A 108 -6.89 44.75 -14.96
N THR A 109 -7.07 45.72 -14.06
CA THR A 109 -8.03 46.79 -14.25
C THR A 109 -7.40 48.12 -14.61
N LEU A 110 -6.22 48.43 -14.06
CA LEU A 110 -5.45 49.63 -14.39
C LEU A 110 -6.17 50.91 -14.00
N ASP A 111 -7.18 50.82 -13.13
CA ASP A 111 -7.95 51.97 -12.67
C ASP A 111 -7.78 52.18 -11.16
N SER A 112 -6.59 51.88 -10.65
CA SER A 112 -6.24 52.02 -9.24
C SER A 112 -7.09 51.15 -8.32
N LYS A 113 -7.88 50.23 -8.87
CA LYS A 113 -8.67 49.30 -8.06
C LYS A 113 -8.00 47.96 -7.89
N THR A 114 -7.04 47.61 -8.75
CA THR A 114 -6.28 46.37 -8.66
C THR A 114 -4.82 46.67 -8.88
N GLN A 115 -3.96 45.79 -8.37
CA GLN A 115 -2.53 46.00 -8.46
C GLN A 115 -2.07 45.96 -9.93
N SER A 116 -1.08 46.80 -10.23
CA SER A 116 -0.56 46.94 -11.59
C SER A 116 0.94 46.74 -11.56
N LEU A 117 1.58 47.03 -12.69
CA LEU A 117 3.03 46.94 -12.83
C LEU A 117 3.49 47.99 -13.81
N LEU A 118 4.73 48.45 -13.63
CA LEU A 118 5.28 49.48 -14.50
C LEU A 118 6.74 49.16 -14.81
N ILE A 119 7.12 49.36 -16.06
CA ILE A 119 8.50 49.25 -16.51
C ILE A 119 8.78 50.39 -17.48
N VAL A 120 9.77 51.20 -17.16
CA VAL A 120 10.14 52.34 -18.01
C VAL A 120 11.65 52.35 -18.21
N ASN A 121 12.08 52.37 -19.47
CA ASN A 121 13.49 52.52 -19.80
C ASN A 121 13.73 53.98 -20.16
N ASN A 122 13.79 54.81 -19.14
CA ASN A 122 13.99 56.24 -19.34
C ASN A 122 15.46 56.49 -19.74
N ALA A 123 15.82 57.77 -19.84
CA ALA A 123 17.19 58.13 -20.19
C ALA A 123 18.19 57.69 -19.12
N THR A 124 17.76 57.57 -17.87
CA THR A 124 18.69 57.22 -16.80
C THR A 124 18.93 55.72 -16.74
N ASN A 125 17.89 54.95 -16.40
CA ASN A 125 18.00 53.50 -16.26
C ASN A 125 16.60 52.93 -16.06
N VAL A 126 16.53 51.62 -15.84
CA VAL A 126 15.26 50.94 -15.68
C VAL A 126 14.62 51.36 -14.36
N VAL A 127 13.32 51.66 -14.39
CA VAL A 127 12.55 51.98 -13.20
C VAL A 127 11.34 51.05 -13.16
N ILE A 128 11.13 50.40 -12.03
CA ILE A 128 10.05 49.44 -11.85
C ILE A 128 9.23 49.84 -10.64
N LYS A 129 7.91 49.94 -10.81
CA LYS A 129 6.99 50.26 -9.74
C LYS A 129 5.81 49.30 -9.81
N VAL A 130 5.40 48.79 -8.66
CA VAL A 130 4.47 47.66 -8.59
C VAL A 130 3.23 48.02 -7.79
N CYS A 131 2.77 49.26 -7.90
CA CYS A 131 1.54 49.68 -7.25
C CYS A 131 0.50 50.14 -8.28
N GLU A 132 -0.76 50.15 -7.82
CA GLU A 132 -1.88 50.52 -8.68
C GLU A 132 -1.77 51.99 -9.08
N PHE A 133 -1.92 52.27 -10.36
CA PHE A 133 -1.80 53.62 -10.89
C PHE A 133 -3.16 54.14 -11.35
N GLN A 134 -3.21 55.43 -11.62
CA GLN A 134 -4.36 56.07 -12.26
C GLN A 134 -3.94 56.31 -13.71
N PHE A 135 -4.33 55.39 -14.59
CA PHE A 135 -3.88 55.38 -15.97
C PHE A 135 -4.87 56.09 -16.87
N CYS A 136 -4.34 56.85 -17.82
CA CYS A 136 -5.15 57.44 -18.88
C CYS A 136 -5.20 56.48 -20.07
N ASN A 137 -6.22 56.67 -20.92
CA ASN A 137 -6.45 55.74 -22.03
C ASN A 137 -5.38 55.81 -23.10
N ASP A 138 -4.52 56.82 -23.10
CA ASP A 138 -3.47 56.97 -24.11
C ASP A 138 -2.15 57.30 -23.43
N PRO A 139 -1.55 56.32 -22.73
CA PRO A 139 -0.22 56.54 -22.16
C PRO A 139 0.82 56.64 -23.26
N PHE A 140 1.82 57.49 -23.03
CA PHE A 140 2.85 57.75 -24.03
C PHE A 140 3.96 58.57 -23.39
N LEU A 141 5.08 58.64 -24.11
CA LEU A 141 6.19 59.51 -23.75
C LEU A 141 6.53 60.41 -24.94
N GLY A 142 6.97 61.62 -24.65
CA GLY A 142 7.29 62.62 -25.67
C GLY A 142 8.74 63.04 -25.60
N VAL A 143 9.32 63.33 -26.76
CA VAL A 143 10.70 63.76 -26.85
C VAL A 143 10.82 65.01 -27.72
N TRP A 152 16.98 66.78 -29.85
CA TRP A 152 15.99 65.88 -29.29
C TRP A 152 16.15 65.80 -27.77
N MET A 153 15.12 66.25 -27.04
CA MET A 153 15.14 66.23 -25.59
C MET A 153 13.84 65.60 -25.08
N GLU A 154 13.96 64.64 -24.16
CA GLU A 154 12.82 63.97 -23.58
C GLU A 154 12.24 64.85 -22.48
N SER A 155 11.00 65.30 -22.66
CA SER A 155 10.44 66.29 -21.76
C SER A 155 9.02 65.96 -21.30
N GLU A 156 8.36 65.03 -21.99
CA GLU A 156 6.95 64.75 -21.75
C GLU A 156 6.76 63.42 -21.01
N PHE A 157 5.91 63.43 -20.00
CA PHE A 157 5.63 62.25 -19.19
C PHE A 157 4.17 62.34 -18.74
N ARG A 158 3.29 61.67 -19.47
CA ARG A 158 1.85 61.74 -19.22
C ARG A 158 1.22 60.35 -19.25
N VAL A 159 1.86 59.40 -18.58
CA VAL A 159 1.33 58.03 -18.58
C VAL A 159 0.38 57.77 -17.42
N TYR A 160 0.60 58.40 -16.26
CA TYR A 160 -0.28 58.21 -15.12
C TYR A 160 -0.36 59.52 -14.34
N SER A 161 -1.25 59.54 -13.36
CA SER A 161 -1.45 60.70 -12.51
C SER A 161 -1.30 60.41 -11.03
N SER A 162 -1.75 59.24 -10.57
CA SER A 162 -1.71 58.89 -9.16
C SER A 162 -0.85 57.65 -8.94
N ALA A 163 -0.34 57.51 -7.72
CA ALA A 163 0.45 56.36 -7.33
C ALA A 163 0.42 56.25 -5.81
N ASN A 164 -0.16 55.17 -5.29
CA ASN A 164 -0.32 55.01 -3.85
C ASN A 164 -0.41 53.53 -3.53
N ASN A 165 -0.28 53.22 -2.24
CA ASN A 165 -0.36 51.84 -1.73
C ASN A 165 0.69 50.95 -2.41
N CYS A 166 1.93 51.43 -2.42
CA CYS A 166 2.98 50.76 -3.18
C CYS A 166 3.66 49.68 -2.35
N THR A 167 4.16 48.66 -3.04
CA THR A 167 4.70 47.47 -2.40
C THR A 167 6.13 47.14 -2.81
N PHE A 168 6.59 47.57 -3.98
CA PHE A 168 7.88 47.14 -4.49
C PHE A 168 8.51 48.29 -5.28
N GLU A 169 9.83 48.32 -5.27
CA GLU A 169 10.58 49.29 -6.06
C GLU A 169 11.87 48.62 -6.53
N TYR A 170 12.46 49.17 -7.59
CA TYR A 170 13.64 48.57 -8.20
C TYR A 170 14.23 49.57 -9.17
N VAL A 171 15.56 49.62 -9.22
CA VAL A 171 16.30 50.40 -10.20
C VAL A 171 17.46 49.55 -10.70
N SER A 172 17.62 49.47 -12.02
CA SER A 172 18.70 48.70 -12.61
C SER A 172 19.71 49.61 -13.30
N LYS A 187 18.04 47.55 -37.51
CA LYS A 187 19.44 47.15 -37.44
C LYS A 187 19.72 46.26 -36.23
N ASN A 188 18.83 46.35 -35.24
CA ASN A 188 18.94 45.53 -34.03
C ASN A 188 17.56 45.05 -33.63
N LEU A 189 17.53 43.92 -32.94
CA LEU A 189 16.28 43.29 -32.51
C LEU A 189 16.34 43.04 -31.01
N ARG A 190 15.23 43.29 -30.31
CA ARG A 190 15.15 43.14 -28.86
C ARG A 190 13.99 42.20 -28.55
N GLU A 191 14.29 40.91 -28.43
CA GLU A 191 13.28 39.89 -28.15
C GLU A 191 13.09 39.76 -26.64
N PHE A 192 11.85 39.44 -26.24
CA PHE A 192 11.52 39.29 -24.83
C PHE A 192 10.50 38.18 -24.66
N VAL A 193 10.49 37.58 -23.47
CA VAL A 193 9.51 36.58 -23.09
C VAL A 193 9.06 36.88 -21.67
N PHE A 194 7.77 37.05 -21.47
CA PHE A 194 7.19 37.36 -20.17
C PHE A 194 6.38 36.16 -19.69
N LYS A 195 6.62 35.74 -18.45
CA LYS A 195 5.84 34.68 -17.84
C LYS A 195 5.53 35.05 -16.39
N ASN A 196 4.46 34.45 -15.87
CA ASN A 196 4.01 34.71 -14.50
C ASN A 196 3.61 33.38 -13.87
N ILE A 197 4.51 32.79 -13.10
CA ILE A 197 4.31 31.48 -12.50
C ILE A 197 4.48 31.60 -10.99
N ASP A 198 3.42 31.28 -10.26
CA ASP A 198 3.42 31.25 -8.79
C ASP A 198 4.00 32.54 -8.19
N GLY A 199 3.49 33.67 -8.69
CA GLY A 199 3.93 34.94 -8.16
C GLY A 199 5.32 35.35 -8.58
N TYR A 200 5.90 34.68 -9.57
CA TYR A 200 7.22 35.02 -10.09
C TYR A 200 7.06 35.50 -11.52
N PHE A 201 7.60 36.67 -11.81
CA PHE A 201 7.42 37.33 -13.11
C PHE A 201 8.79 37.35 -13.79
N LYS A 202 9.01 36.42 -14.69
CA LYS A 202 10.32 36.20 -15.30
C LYS A 202 10.41 36.93 -16.64
N ILE A 203 11.59 37.48 -16.92
CA ILE A 203 11.87 38.15 -18.18
C ILE A 203 13.11 37.54 -18.80
N TYR A 204 13.01 37.14 -20.06
CA TYR A 204 14.13 36.63 -20.84
C TYR A 204 14.40 37.59 -21.99
N SER A 205 15.67 37.85 -22.28
CA SER A 205 16.00 38.88 -23.26
C SER A 205 17.19 38.43 -24.09
N LYS A 206 17.32 39.05 -25.27
CA LYS A 206 18.39 38.77 -26.20
C LYS A 206 18.42 39.84 -27.26
N HIS A 207 19.63 40.32 -27.59
CA HIS A 207 19.84 41.31 -28.63
C HIS A 207 20.62 40.68 -29.78
N THR A 208 20.32 41.12 -31.00
CA THR A 208 20.99 40.58 -32.17
C THR A 208 20.96 41.59 -33.31
N PRO A 209 22.03 41.67 -34.11
CA PRO A 209 22.00 42.57 -35.27
C PRO A 209 21.25 41.95 -36.44
N ILE A 210 20.41 42.75 -37.07
CA ILE A 210 19.57 42.30 -38.17
C ILE A 210 19.82 43.18 -39.39
N ASN A 211 20.03 42.55 -40.54
CA ASN A 211 20.19 43.26 -41.80
C ASN A 211 18.88 43.47 -42.54
N LEU A 212 17.79 42.90 -42.05
CA LEU A 212 16.49 43.05 -42.68
C LEU A 212 15.86 44.40 -42.31
N VAL A 213 14.77 44.73 -43.00
CA VAL A 213 14.07 45.99 -42.81
C VAL A 213 12.60 45.76 -42.47
N ARG A 214 11.92 44.88 -43.21
CA ARG A 214 10.49 44.68 -43.07
C ARG A 214 10.16 43.19 -42.99
N ASP A 215 10.99 42.42 -42.30
CA ASP A 215 10.74 41.00 -42.15
C ASP A 215 11.45 40.48 -40.91
N LEU A 216 10.94 39.36 -40.38
CA LEU A 216 11.58 38.70 -39.26
C LEU A 216 12.60 37.70 -39.78
N PRO A 217 13.86 37.80 -39.38
CA PRO A 217 14.90 36.94 -39.98
C PRO A 217 14.69 35.47 -39.64
N GLN A 218 15.06 34.62 -40.59
CA GLN A 218 14.95 33.18 -40.43
C GLN A 218 16.26 32.65 -39.84
N GLY A 219 16.23 32.31 -38.56
CA GLY A 219 17.42 31.82 -37.90
C GLY A 219 17.09 31.37 -36.49
N PHE A 220 18.15 31.07 -35.74
CA PHE A 220 18.02 30.57 -34.37
C PHE A 220 18.87 31.40 -33.43
N SER A 221 18.30 31.74 -32.28
CA SER A 221 19.01 32.49 -31.26
C SER A 221 18.34 32.24 -29.92
N ALA A 222 19.06 31.60 -29.00
CA ALA A 222 18.51 31.30 -27.69
C ALA A 222 18.31 32.59 -26.89
N LEU A 223 17.46 32.50 -25.86
CA LEU A 223 17.14 33.63 -25.01
C LEU A 223 17.60 33.34 -23.59
N GLU A 224 18.27 34.32 -22.97
CA GLU A 224 18.92 34.14 -21.68
C GLU A 224 18.14 34.88 -20.60
N PRO A 225 17.95 34.27 -19.43
CA PRO A 225 17.15 34.92 -18.38
C PRO A 225 17.76 36.23 -17.91
N LEU A 226 16.89 37.16 -17.54
CA LEU A 226 17.31 38.50 -17.12
C LEU A 226 16.87 38.85 -15.71
N VAL A 227 15.57 38.73 -15.41
CA VAL A 227 15.01 39.21 -14.15
C VAL A 227 14.03 38.17 -13.62
N ASP A 228 13.96 38.05 -12.29
CA ASP A 228 12.98 37.20 -11.64
C ASP A 228 12.36 37.99 -10.48
N LEU A 229 11.14 38.49 -10.69
CA LEU A 229 10.47 39.33 -9.72
C LEU A 229 9.53 38.51 -8.86
N PRO A 230 9.68 38.51 -7.53
CA PRO A 230 8.77 37.75 -6.65
C PRO A 230 7.55 38.55 -6.21
N ILE A 231 6.68 38.87 -7.16
CA ILE A 231 5.48 39.66 -6.92
C ILE A 231 4.27 38.87 -7.40
N GLY A 232 3.30 38.65 -6.50
CA GLY A 232 2.13 37.87 -6.81
C GLY A 232 0.96 38.67 -7.35
N ILE A 233 1.07 39.16 -8.59
CA ILE A 233 0.02 39.95 -9.22
C ILE A 233 -0.78 39.05 -10.14
N ASN A 234 -2.04 39.43 -10.36
CA ASN A 234 -2.87 38.82 -11.39
C ASN A 234 -2.72 39.63 -12.67
N ILE A 235 -2.00 39.07 -13.65
CA ILE A 235 -1.76 39.72 -14.92
C ILE A 235 -2.59 39.01 -15.97
N THR A 236 -3.52 39.74 -16.59
CA THR A 236 -4.31 39.22 -17.70
C THR A 236 -4.32 40.14 -18.90
N ARG A 237 -3.84 41.38 -18.77
CA ARG A 237 -3.86 42.33 -19.87
C ARG A 237 -2.61 43.20 -19.76
N PHE A 238 -2.11 43.66 -20.90
CA PHE A 238 -0.90 44.47 -20.91
C PHE A 238 -0.94 45.42 -22.09
N GLN A 239 -0.07 46.44 -22.03
CA GLN A 239 0.02 47.44 -23.08
C GLN A 239 1.47 47.91 -23.15
N THR A 240 1.86 48.38 -24.33
CA THR A 240 3.22 48.85 -24.56
C THR A 240 3.29 50.37 -24.46
N LEU A 241 4.52 50.88 -24.46
CA LEU A 241 4.79 52.30 -24.41
C LEU A 241 5.46 52.74 -25.70
N LEU A 242 5.52 54.07 -25.90
CA LEU A 242 6.08 54.63 -27.12
C LEU A 242 6.65 56.01 -26.82
N ALA A 243 7.50 56.48 -27.72
CA ALA A 243 8.07 57.81 -27.60
C ALA A 243 8.15 58.51 -28.95
N TRP A 258 4.90 66.64 -32.81
CA TRP A 258 5.34 65.28 -32.51
C TRP A 258 5.53 64.47 -33.78
N THR A 259 6.79 64.17 -34.09
CA THR A 259 7.15 63.45 -35.31
C THR A 259 7.01 61.96 -35.11
N ALA A 260 6.51 61.27 -36.13
CA ALA A 260 6.30 59.83 -36.07
C ALA A 260 7.56 59.08 -36.46
N GLY A 261 7.98 58.15 -35.60
CA GLY A 261 9.15 57.33 -35.88
C GLY A 261 8.78 55.97 -36.43
N ALA A 262 9.74 55.35 -37.11
CA ALA A 262 9.56 54.04 -37.73
C ALA A 262 9.59 52.98 -36.63
N ALA A 263 8.44 52.78 -35.98
CA ALA A 263 8.32 51.85 -34.87
C ALA A 263 7.43 50.69 -35.29
N ALA A 264 7.90 49.46 -35.04
CA ALA A 264 7.12 48.26 -35.33
C ALA A 264 7.54 47.19 -34.34
N TYR A 265 6.56 46.45 -33.82
CA TYR A 265 6.84 45.42 -32.83
C TYR A 265 5.90 44.24 -33.01
N TYR A 266 6.46 43.05 -33.14
CA TYR A 266 5.69 41.83 -33.27
C TYR A 266 5.29 41.31 -31.90
N VAL A 267 4.19 40.57 -31.85
CA VAL A 267 3.67 40.02 -30.60
C VAL A 267 3.22 38.59 -30.85
N GLY A 268 3.87 37.63 -30.19
CA GLY A 268 3.47 36.25 -30.22
C GLY A 268 2.97 35.80 -28.86
N TYR A 269 2.30 34.65 -28.85
CA TYR A 269 1.72 34.09 -27.64
C TYR A 269 2.31 32.71 -27.35
N LEU A 270 2.29 32.35 -26.07
CA LEU A 270 2.86 31.10 -25.60
C LEU A 270 1.76 30.09 -25.31
N GLN A 271 2.15 28.80 -25.33
CA GLN A 271 1.24 27.72 -24.99
C GLN A 271 2.08 26.48 -24.67
N PRO A 272 1.54 25.55 -23.88
CA PRO A 272 2.33 24.38 -23.46
C PRO A 272 2.73 23.54 -24.66
N ARG A 273 4.03 23.25 -24.76
CA ARG A 273 4.58 22.46 -25.85
C ARG A 273 5.78 21.68 -25.35
N THR A 274 6.15 20.66 -26.11
CA THR A 274 7.34 19.86 -25.84
C THR A 274 8.40 20.15 -26.89
N PHE A 275 9.64 20.32 -26.45
CA PHE A 275 10.74 20.66 -27.33
C PHE A 275 11.89 19.70 -27.10
N LEU A 276 12.77 19.62 -28.10
CA LEU A 276 14.01 18.87 -28.01
C LEU A 276 15.16 19.82 -28.33
N LEU A 277 15.96 20.15 -27.33
CA LEU A 277 17.01 21.15 -27.45
C LEU A 277 18.37 20.48 -27.50
N LYS A 278 19.29 21.07 -28.25
CA LYS A 278 20.64 20.54 -28.42
C LYS A 278 21.64 21.51 -27.80
N TYR A 279 22.29 21.08 -26.74
CA TYR A 279 23.36 21.86 -26.12
C TYR A 279 24.69 21.48 -26.78
N ASN A 280 25.48 22.48 -27.15
CA ASN A 280 26.76 22.23 -27.78
C ASN A 280 27.81 21.94 -26.71
N GLU A 281 29.09 21.97 -27.09
CA GLU A 281 30.16 21.66 -26.15
C GLU A 281 30.21 22.68 -25.01
N ASN A 282 29.99 23.95 -25.32
CA ASN A 282 30.10 25.02 -24.35
C ASN A 282 28.80 25.30 -23.60
N GLY A 283 27.75 24.54 -23.87
CA GLY A 283 26.50 24.67 -23.13
C GLY A 283 25.51 25.65 -23.72
N THR A 284 25.70 26.09 -24.96
CA THR A 284 24.78 27.03 -25.59
C THR A 284 23.84 26.29 -26.53
N ILE A 285 22.56 26.63 -26.48
CA ILE A 285 21.57 25.99 -27.33
C ILE A 285 21.81 26.40 -28.77
N THR A 286 21.86 25.41 -29.66
CA THR A 286 22.11 25.66 -31.07
C THR A 286 20.97 25.24 -31.99
N ASP A 287 20.16 24.26 -31.59
CA ASP A 287 19.03 23.81 -32.39
C ASP A 287 17.90 23.35 -31.49
N ALA A 288 16.68 23.39 -32.03
CA ALA A 288 15.52 22.91 -31.31
C ALA A 288 14.57 22.26 -32.31
N VAL A 289 13.77 21.33 -31.81
CA VAL A 289 12.80 20.61 -32.64
C VAL A 289 11.45 20.66 -31.93
N ASP A 290 10.47 21.25 -32.60
CA ASP A 290 9.11 21.22 -32.08
C ASP A 290 8.56 19.80 -32.16
N CYS A 291 7.94 19.33 -31.09
CA CYS A 291 7.58 17.93 -30.97
C CYS A 291 6.17 17.63 -31.46
N ALA A 292 5.46 18.61 -32.03
CA ALA A 292 4.13 18.35 -32.55
C ALA A 292 3.89 19.07 -33.88
N LEU A 293 4.95 19.45 -34.59
CA LEU A 293 4.78 20.21 -35.82
C LEU A 293 4.29 19.34 -36.97
N ASP A 294 4.85 18.14 -37.11
CA ASP A 294 4.56 17.28 -38.25
C ASP A 294 4.95 15.86 -37.89
N PRO A 295 4.57 14.86 -38.70
CA PRO A 295 4.94 13.48 -38.37
C PRO A 295 6.44 13.27 -38.24
N LEU A 296 7.26 13.94 -39.05
CA LEU A 296 8.70 13.73 -38.98
C LEU A 296 9.24 14.20 -37.64
N SER A 297 8.75 15.34 -37.13
CA SER A 297 9.27 15.89 -35.88
C SER A 297 8.99 14.96 -34.70
N GLU A 298 7.83 14.29 -34.71
CA GLU A 298 7.55 13.33 -33.64
C GLU A 298 8.54 12.18 -33.64
N THR A 299 9.00 11.76 -34.83
CA THR A 299 9.96 10.67 -34.90
C THR A 299 11.27 11.06 -34.23
N LYS A 300 11.73 12.28 -34.43
CA LYS A 300 12.98 12.72 -33.81
C LYS A 300 12.86 12.74 -32.29
N CYS A 301 11.69 13.11 -31.76
CA CYS A 301 11.47 13.05 -30.33
C CYS A 301 11.61 11.64 -29.80
N THR A 302 11.04 10.66 -30.51
CA THR A 302 11.07 9.29 -30.04
C THR A 302 12.49 8.74 -29.98
N LEU A 303 13.29 9.00 -31.02
CA LEU A 303 14.65 8.49 -31.06
C LEU A 303 15.64 9.37 -30.32
N LYS A 304 15.23 10.55 -29.87
CA LYS A 304 16.11 11.48 -29.15
C LYS A 304 17.35 11.80 -29.96
N SER A 305 17.19 12.00 -31.26
CA SER A 305 18.30 12.32 -32.13
C SER A 305 17.81 13.21 -33.26
N PHE A 306 18.75 13.95 -33.85
CA PHE A 306 18.44 14.86 -34.94
C PHE A 306 18.57 14.20 -36.31
N THR A 307 19.05 12.96 -36.37
CA THR A 307 19.24 12.24 -37.63
C THR A 307 18.52 10.91 -37.53
N VAL A 308 17.65 10.64 -38.50
CA VAL A 308 16.85 9.41 -38.52
C VAL A 308 17.21 8.62 -39.78
N GLU A 309 17.53 7.35 -39.59
CA GLU A 309 17.87 6.48 -40.71
C GLU A 309 16.62 5.83 -41.28
N LYS A 310 16.77 5.25 -42.47
CA LYS A 310 15.65 4.65 -43.18
C LYS A 310 15.03 3.53 -42.36
N GLY A 311 13.72 3.52 -42.26
CA GLY A 311 13.02 2.49 -41.54
C GLY A 311 11.62 2.95 -41.14
N ILE A 312 10.92 2.07 -40.45
CA ILE A 312 9.58 2.32 -39.94
C ILE A 312 9.66 2.46 -38.42
N TYR A 313 9.08 3.54 -37.91
CA TYR A 313 9.12 3.82 -36.48
C TYR A 313 7.72 4.09 -35.98
N GLN A 314 7.49 3.75 -34.71
CA GLN A 314 6.22 3.99 -34.05
C GLN A 314 6.35 5.23 -33.17
N THR A 315 5.38 6.14 -33.27
CA THR A 315 5.46 7.42 -32.60
C THR A 315 4.41 7.59 -31.50
N SER A 316 3.14 7.45 -31.82
CA SER A 316 2.08 7.72 -30.84
C SER A 316 0.92 6.78 -31.12
N ASN A 317 -0.24 7.08 -30.53
CA ASN A 317 -1.44 6.28 -30.66
C ASN A 317 -2.57 7.13 -31.22
N PHE A 318 -3.46 6.49 -31.96
CA PHE A 318 -4.60 7.14 -32.59
C PHE A 318 -5.86 6.77 -31.84
N ARG A 319 -6.65 7.77 -31.47
CA ARG A 319 -7.89 7.56 -30.74
C ARG A 319 -9.02 8.39 -31.35
N VAL A 320 -10.24 7.91 -31.16
CA VAL A 320 -11.45 8.60 -31.59
C VAL A 320 -12.21 9.04 -30.36
N GLN A 321 -12.60 10.30 -30.32
CA GLN A 321 -13.27 10.79 -29.13
C GLN A 321 -14.78 10.73 -29.28
N PRO A 322 -15.50 10.45 -28.20
CA PRO A 322 -16.96 10.39 -28.29
C PRO A 322 -17.54 11.74 -28.65
N THR A 323 -18.62 11.72 -29.43
CA THR A 323 -19.24 12.94 -29.91
C THR A 323 -20.17 13.56 -28.86
N GLU A 324 -21.19 12.82 -28.43
CA GLU A 324 -22.12 13.28 -27.42
C GLU A 324 -22.38 12.16 -26.41
N SER A 325 -23.23 12.45 -25.42
CA SER A 325 -23.59 11.51 -24.38
C SER A 325 -25.07 11.19 -24.47
N ILE A 326 -25.41 9.91 -24.37
CA ILE A 326 -26.78 9.43 -24.51
C ILE A 326 -27.18 8.72 -23.23
N VAL A 327 -28.29 9.17 -22.62
CA VAL A 327 -28.87 8.51 -21.46
C VAL A 327 -30.32 8.24 -21.78
N ARG A 328 -30.72 6.97 -21.72
CA ARG A 328 -32.08 6.58 -22.05
C ARG A 328 -32.62 5.61 -21.01
N PHE A 329 -33.83 5.88 -20.55
CA PHE A 329 -34.56 5.09 -19.56
C PHE A 329 -35.94 4.77 -20.10
N PRO A 330 -36.61 3.74 -19.58
CA PRO A 330 -37.95 3.40 -20.07
C PRO A 330 -38.91 4.57 -19.89
N ASN A 331 -39.98 4.55 -20.68
CA ASN A 331 -40.90 5.67 -20.70
C ASN A 331 -41.45 5.94 -19.31
N ILE A 332 -41.56 7.22 -18.96
CA ILE A 332 -41.93 7.60 -17.60
C ILE A 332 -43.41 7.33 -17.38
N THR A 333 -43.73 6.55 -16.36
CA THR A 333 -45.10 6.24 -16.00
C THR A 333 -45.17 6.09 -14.48
N ASN A 334 -46.30 5.58 -13.99
CA ASN A 334 -46.54 5.45 -12.56
C ASN A 334 -46.38 6.79 -11.85
N LEU A 335 -46.85 7.85 -12.51
CA LEU A 335 -46.75 9.19 -11.96
C LEU A 335 -47.63 9.32 -10.73
N CYS A 336 -47.07 9.84 -9.65
CA CYS A 336 -47.85 10.04 -8.44
C CYS A 336 -48.89 11.14 -8.67
N PRO A 337 -50.17 10.88 -8.40
CA PRO A 337 -51.20 11.89 -8.70
C PRO A 337 -50.96 13.20 -7.95
N PHE A 338 -50.91 13.13 -6.62
CA PHE A 338 -50.65 14.24 -5.71
C PHE A 338 -51.75 15.29 -5.76
N GLY A 339 -52.77 15.12 -6.62
CA GLY A 339 -53.86 16.08 -6.68
C GLY A 339 -54.95 15.82 -5.66
N GLU A 340 -55.06 14.59 -5.15
CA GLU A 340 -56.03 14.28 -4.12
C GLU A 340 -55.59 14.73 -2.73
N VAL A 341 -54.33 15.14 -2.58
CA VAL A 341 -53.80 15.57 -1.29
C VAL A 341 -53.72 17.08 -1.19
N PHE A 342 -53.17 17.73 -2.21
CA PHE A 342 -52.97 19.18 -2.13
C PHE A 342 -54.29 19.94 -2.24
N ASN A 343 -55.13 19.57 -3.20
CA ASN A 343 -56.44 20.23 -3.37
C ASN A 343 -57.52 19.18 -3.58
N ALA A 344 -58.15 18.77 -2.49
CA ALA A 344 -59.34 17.93 -2.50
C ALA A 344 -60.53 18.74 -2.02
N THR A 345 -61.72 18.15 -2.13
CA THR A 345 -62.95 18.85 -1.75
C THR A 345 -63.22 18.81 -0.25
N ARG A 346 -62.47 18.02 0.52
CA ARG A 346 -62.70 17.88 1.95
C ARG A 346 -61.35 17.77 2.65
N PHE A 347 -61.04 18.76 3.49
CA PHE A 347 -59.83 18.75 4.31
C PHE A 347 -60.21 18.74 5.78
N ALA A 348 -59.38 18.07 6.59
CA ALA A 348 -59.66 17.87 8.00
C ALA A 348 -59.16 19.05 8.83
N SER A 349 -59.48 19.00 10.12
CA SER A 349 -59.07 20.03 11.06
C SER A 349 -57.65 19.79 11.54
N VAL A 350 -57.11 20.77 12.26
CA VAL A 350 -55.73 20.68 12.73
C VAL A 350 -55.58 19.58 13.78
N TYR A 351 -56.59 19.39 14.62
CA TYR A 351 -56.51 18.38 15.67
C TYR A 351 -56.79 16.97 15.15
N ALA A 352 -57.27 16.84 13.92
CA ALA A 352 -57.54 15.55 13.29
C ALA A 352 -56.93 15.52 11.88
N TRP A 353 -55.67 15.93 11.79
CA TRP A 353 -55.00 16.05 10.50
C TRP A 353 -54.92 14.69 9.82
N ASN A 354 -55.30 14.64 8.54
CA ASN A 354 -55.25 13.41 7.77
C ASN A 354 -53.82 13.10 7.38
N ARG A 355 -53.39 11.88 7.64
CA ARG A 355 -52.05 11.41 7.27
C ARG A 355 -52.19 10.37 6.16
N LYS A 356 -51.54 10.63 5.03
CA LYS A 356 -51.60 9.74 3.87
C LYS A 356 -50.19 9.30 3.51
N ARG A 357 -50.02 7.99 3.35
CA ARG A 357 -48.73 7.44 2.95
C ARG A 357 -48.60 7.45 1.43
N ILE A 358 -47.49 7.98 0.94
CA ILE A 358 -47.18 7.97 -0.49
C ILE A 358 -46.04 6.98 -0.70
N SER A 359 -46.32 5.92 -1.44
CA SER A 359 -45.34 4.88 -1.71
C SER A 359 -45.59 4.33 -3.10
N ASN A 360 -44.55 3.70 -3.66
CA ASN A 360 -44.59 3.17 -5.02
C ASN A 360 -44.97 4.26 -6.02
N CYS A 361 -44.44 5.46 -5.80
CA CYS A 361 -44.76 6.63 -6.60
C CYS A 361 -43.53 7.16 -7.30
N VAL A 362 -43.70 7.55 -8.56
CA VAL A 362 -42.67 8.26 -9.30
C VAL A 362 -42.94 9.74 -9.07
N ALA A 363 -42.40 10.28 -7.99
CA ALA A 363 -42.71 11.64 -7.58
C ALA A 363 -42.10 12.65 -8.53
N ASP A 364 -42.79 13.78 -8.71
CA ASP A 364 -42.33 14.88 -9.55
C ASP A 364 -42.56 16.18 -8.77
N TYR A 365 -41.50 16.68 -8.13
CA TYR A 365 -41.58 17.92 -7.37
C TYR A 365 -41.33 19.15 -8.22
N SER A 366 -40.91 18.98 -9.48
CA SER A 366 -40.67 20.13 -10.34
C SER A 366 -41.96 20.92 -10.59
N VAL A 367 -43.05 20.22 -10.86
CA VAL A 367 -44.33 20.91 -11.06
C VAL A 367 -44.77 21.58 -9.77
N LEU A 368 -44.36 21.05 -8.62
CA LEU A 368 -44.66 21.72 -7.35
C LEU A 368 -43.84 22.99 -7.21
N TYR A 369 -42.56 22.95 -7.58
CA TYR A 369 -41.74 24.15 -7.55
C TYR A 369 -42.26 25.22 -8.50
N ASN A 370 -42.52 24.85 -9.76
CA ASN A 370 -42.92 25.84 -10.76
C ASN A 370 -44.29 26.43 -10.46
N SER A 371 -45.09 25.79 -9.61
CA SER A 371 -46.38 26.34 -9.24
C SER A 371 -46.20 27.54 -8.33
N ALA A 372 -46.78 28.68 -8.73
CA ALA A 372 -46.72 29.90 -7.96
C ALA A 372 -47.99 30.13 -7.14
N SER A 373 -48.87 29.13 -7.07
CA SER A 373 -50.12 29.26 -6.34
C SER A 373 -49.96 29.01 -4.85
N PHE A 374 -48.75 28.68 -4.38
CA PHE A 374 -48.49 28.43 -2.98
C PHE A 374 -47.86 29.66 -2.34
N SER A 375 -48.45 30.12 -1.24
CA SER A 375 -47.94 31.31 -0.57
C SER A 375 -46.54 31.09 -0.02
N THR A 376 -46.30 29.94 0.60
CA THR A 376 -45.01 29.63 1.20
C THR A 376 -44.52 28.27 0.73
N PHE A 377 -43.23 28.19 0.43
CA PHE A 377 -42.60 26.92 0.04
C PHE A 377 -41.12 27.02 0.39
N LYS A 378 -40.76 26.45 1.53
CA LYS A 378 -39.37 26.41 1.98
C LYS A 378 -39.13 25.12 2.75
N CYS A 379 -37.99 24.48 2.51
CA CYS A 379 -37.70 23.19 3.10
C CYS A 379 -36.41 23.22 3.89
N TYR A 380 -36.35 22.37 4.91
CA TYR A 380 -35.23 22.33 5.85
C TYR A 380 -34.44 21.04 5.63
N GLY A 381 -33.12 21.15 5.70
CA GLY A 381 -32.22 20.01 5.51
C GLY A 381 -31.94 19.68 4.07
N VAL A 382 -32.97 19.66 3.23
CA VAL A 382 -32.82 19.39 1.80
C VAL A 382 -33.37 20.59 1.04
N SER A 383 -32.56 21.13 0.12
CA SER A 383 -33.06 22.20 -0.71
C SER A 383 -34.03 21.64 -1.75
N PRO A 384 -35.17 22.31 -1.94
CA PRO A 384 -36.19 21.78 -2.85
C PRO A 384 -35.73 21.69 -4.29
N THR A 385 -34.61 22.33 -4.65
CA THR A 385 -34.17 22.35 -6.04
C THR A 385 -33.83 20.96 -6.54
N LYS A 386 -33.13 20.16 -5.74
CA LYS A 386 -32.66 18.85 -6.16
C LYS A 386 -33.45 17.71 -5.50
N LEU A 387 -34.70 17.97 -5.12
CA LEU A 387 -35.54 16.91 -4.56
C LEU A 387 -35.81 15.80 -5.57
N ASN A 388 -35.72 16.09 -6.86
CA ASN A 388 -35.94 15.08 -7.90
C ASN A 388 -34.79 14.10 -8.02
N ASP A 389 -33.71 14.28 -7.25
CA ASP A 389 -32.53 13.42 -7.31
C ASP A 389 -32.49 12.41 -6.18
N LEU A 390 -32.67 12.87 -4.93
CA LEU A 390 -32.63 11.96 -3.79
C LEU A 390 -33.83 11.00 -3.83
N CYS A 391 -33.60 9.79 -3.34
CA CYS A 391 -34.63 8.76 -3.31
C CYS A 391 -34.89 8.34 -1.86
N PHE A 392 -36.18 8.26 -1.51
CA PHE A 392 -36.61 7.95 -0.16
C PHE A 392 -37.46 6.69 -0.15
N THR A 393 -37.37 5.93 0.95
CA THR A 393 -38.13 4.69 1.05
C THR A 393 -39.63 4.92 1.15
N ASN A 394 -40.04 6.00 1.81
CA ASN A 394 -41.46 6.28 1.98
C ASN A 394 -41.66 7.78 2.17
N VAL A 395 -42.88 8.23 1.88
CA VAL A 395 -43.25 9.64 2.00
C VAL A 395 -44.55 9.72 2.78
N TYR A 396 -44.58 10.60 3.78
CA TYR A 396 -45.77 10.82 4.60
C TYR A 396 -46.25 12.25 4.40
N ALA A 397 -47.53 12.40 4.11
CA ALA A 397 -48.14 13.70 3.87
C ALA A 397 -49.27 13.94 4.87
N ASP A 398 -49.23 15.10 5.52
CA ASP A 398 -50.26 15.49 6.48
C ASP A 398 -50.93 16.76 5.99
N SER A 399 -52.26 16.78 6.01
CA SER A 399 -53.05 17.90 5.52
C SER A 399 -54.01 18.38 6.60
N PHE A 400 -54.04 19.70 6.81
CA PHE A 400 -54.96 20.30 7.75
C PHE A 400 -55.13 21.78 7.39
N VAL A 401 -56.19 22.38 7.94
CA VAL A 401 -56.52 23.78 7.69
C VAL A 401 -56.42 24.53 9.00
N ILE A 402 -55.60 25.58 9.03
CA ILE A 402 -55.39 26.40 10.21
C ILE A 402 -55.63 27.86 9.85
N ARG A 403 -55.53 28.72 10.86
CA ARG A 403 -55.65 30.15 10.65
C ARG A 403 -54.47 30.65 9.83
N GLY A 404 -54.72 31.69 9.03
CA GLY A 404 -53.68 32.20 8.14
C GLY A 404 -52.46 32.71 8.89
N ASP A 405 -52.68 33.39 10.02
CA ASP A 405 -51.56 33.86 10.82
C ASP A 405 -50.88 32.75 11.61
N GLU A 406 -51.56 31.64 11.85
CA GLU A 406 -51.02 30.55 12.66
C GLU A 406 -50.08 29.65 11.89
N VAL A 407 -49.67 30.04 10.68
CA VAL A 407 -48.79 29.19 9.88
C VAL A 407 -47.36 29.18 10.40
N ARG A 408 -46.94 30.18 11.18
CA ARG A 408 -45.54 30.22 11.56
C ARG A 408 -45.20 29.19 12.63
N GLN A 409 -46.21 28.70 13.35
CA GLN A 409 -45.97 27.77 14.45
C GLN A 409 -45.64 26.36 13.96
N ILE A 410 -45.97 26.04 12.71
CA ILE A 410 -45.71 24.71 12.16
C ILE A 410 -44.28 24.73 11.62
N ALA A 411 -43.33 24.45 12.51
CA ALA A 411 -41.92 24.43 12.17
C ALA A 411 -41.12 23.83 13.32
N PRO A 412 -39.99 23.18 13.04
CA PRO A 412 -39.15 22.69 14.14
C PRO A 412 -38.65 23.83 15.01
N GLY A 413 -38.59 23.57 16.32
CA GLY A 413 -38.17 24.60 17.26
C GLY A 413 -39.10 25.79 17.32
N GLN A 414 -40.41 25.54 17.27
CA GLN A 414 -41.42 26.58 17.34
C GLN A 414 -42.35 26.30 18.52
N THR A 415 -42.58 27.32 19.33
CA THR A 415 -43.45 27.21 20.50
C THR A 415 -44.68 28.07 20.29
N GLY A 416 -45.85 27.48 20.48
CA GLY A 416 -47.09 28.21 20.30
C GLY A 416 -48.27 27.45 20.88
N LYS A 417 -49.46 27.80 20.39
CA LYS A 417 -50.68 27.17 20.86
C LYS A 417 -51.01 25.92 20.06
N ILE A 418 -51.17 26.06 18.74
CA ILE A 418 -51.45 24.90 17.90
C ILE A 418 -50.24 23.98 17.83
N ALA A 419 -49.03 24.55 17.93
CA ALA A 419 -47.83 23.74 17.88
C ALA A 419 -47.75 22.81 19.09
N ASP A 420 -48.10 23.31 20.27
CA ASP A 420 -47.98 22.53 21.50
C ASP A 420 -49.23 21.74 21.85
N TYR A 421 -50.33 21.92 21.10
CA TYR A 421 -51.58 21.25 21.41
C TYR A 421 -52.22 20.53 20.23
N ASN A 422 -51.86 20.86 19.00
CA ASN A 422 -52.48 20.23 17.83
C ASN A 422 -51.48 19.47 16.99
N TYR A 423 -50.38 20.09 16.58
CA TYR A 423 -49.40 19.45 15.70
C TYR A 423 -48.01 19.89 16.13
N LYS A 424 -47.19 18.93 16.56
CA LYS A 424 -45.81 19.18 16.97
C LYS A 424 -44.87 18.51 15.98
N LEU A 425 -43.85 19.26 15.55
CA LEU A 425 -42.87 18.71 14.64
C LEU A 425 -41.56 18.41 15.35
N PRO A 426 -40.86 17.36 14.95
CA PRO A 426 -39.56 17.07 15.56
C PRO A 426 -38.51 18.12 15.18
N ASP A 427 -37.51 18.25 16.05
CA ASP A 427 -36.44 19.21 15.80
C ASP A 427 -35.66 18.85 14.55
N ASP A 428 -35.43 17.57 14.31
CA ASP A 428 -34.72 17.08 13.13
C ASP A 428 -35.68 16.65 12.03
N PHE A 429 -36.82 17.33 11.90
CA PHE A 429 -37.83 16.95 10.91
C PHE A 429 -37.27 17.07 9.51
N THR A 430 -37.52 16.05 8.69
CA THR A 430 -37.12 16.02 7.29
C THR A 430 -38.35 16.18 6.42
N GLY A 431 -38.32 17.17 5.54
CA GLY A 431 -39.45 17.54 4.71
C GLY A 431 -39.74 19.02 4.86
N CYS A 432 -40.96 19.40 4.53
CA CYS A 432 -41.36 20.81 4.61
C CYS A 432 -42.87 20.93 4.48
N VAL A 433 -43.35 22.15 4.70
CA VAL A 433 -44.77 22.48 4.61
C VAL A 433 -44.97 23.34 3.37
N ILE A 434 -46.15 23.20 2.76
CA ILE A 434 -46.57 24.02 1.63
C ILE A 434 -47.97 24.52 1.93
N ALA A 435 -48.15 25.84 2.01
CA ALA A 435 -49.42 26.43 2.37
C ALA A 435 -49.75 27.56 1.40
N TRP A 436 -51.04 27.84 1.27
CA TRP A 436 -51.52 28.87 0.36
C TRP A 436 -52.87 29.38 0.85
N ASN A 437 -53.24 30.57 0.37
CA ASN A 437 -54.50 31.18 0.76
C ASN A 437 -55.66 30.45 0.11
N SER A 438 -56.69 30.15 0.89
CA SER A 438 -57.87 29.44 0.40
C SER A 438 -59.14 30.03 0.99
N ASN A 439 -59.24 31.37 0.99
CA ASN A 439 -60.42 32.02 1.55
C ASN A 439 -61.66 31.77 0.71
N ASN A 440 -61.49 31.56 -0.60
CA ASN A 440 -62.62 31.43 -1.50
C ASN A 440 -63.43 30.17 -1.26
N LEU A 441 -62.93 29.22 -0.49
CA LEU A 441 -63.65 27.96 -0.27
C LEU A 441 -63.83 27.68 1.22
N ASP A 442 -62.85 28.08 2.03
CA ASP A 442 -62.83 27.77 3.46
C ASP A 442 -63.43 28.87 4.33
N SER A 443 -63.94 29.94 3.73
CA SER A 443 -64.54 31.03 4.49
C SER A 443 -65.98 31.22 4.06
N LYS A 444 -66.86 31.46 5.02
CA LYS A 444 -68.28 31.66 4.78
C LYS A 444 -68.71 33.03 5.27
N VAL A 445 -69.73 33.60 4.61
CA VAL A 445 -70.24 34.90 5.01
C VAL A 445 -70.83 34.84 6.41
N GLY A 446 -71.52 33.75 6.74
CA GLY A 446 -72.03 33.56 8.08
C GLY A 446 -71.05 32.94 9.05
N GLY A 447 -69.87 32.56 8.57
CA GLY A 447 -68.87 31.95 9.43
C GLY A 447 -68.76 30.45 9.26
N ASN A 448 -67.62 29.98 8.76
CA ASN A 448 -67.39 28.55 8.58
C ASN A 448 -67.04 27.95 9.94
N TYR A 449 -67.98 27.22 10.53
CA TYR A 449 -67.81 26.65 11.87
C TYR A 449 -67.57 25.14 11.83
N ASN A 450 -67.20 24.60 10.68
CA ASN A 450 -66.97 23.17 10.54
C ASN A 450 -65.55 22.75 10.88
N TYR A 451 -64.69 23.69 11.27
CA TYR A 451 -63.31 23.42 11.60
C TYR A 451 -63.08 23.70 13.08
N LEU A 452 -62.27 22.86 13.73
CA LEU A 452 -62.02 22.97 15.16
C LEU A 452 -60.51 22.97 15.45
N TYR A 453 -60.15 23.51 16.61
CA TYR A 453 -58.77 23.48 17.07
C TYR A 453 -58.76 23.37 18.59
N ARG A 454 -57.76 22.67 19.12
CA ARG A 454 -57.66 22.41 20.55
C ARG A 454 -56.92 23.53 21.26
N LEU A 455 -57.46 23.96 22.41
CA LEU A 455 -56.86 25.00 23.22
C LEU A 455 -56.31 24.51 24.55
N PHE A 456 -56.70 23.33 25.01
CA PHE A 456 -56.30 22.85 26.32
C PHE A 456 -55.87 21.39 26.26
N ARG A 457 -54.79 21.07 26.97
CA ARG A 457 -54.39 19.70 27.21
C ARG A 457 -53.50 19.67 28.45
N LYS A 458 -53.37 18.48 29.03
CA LYS A 458 -52.61 18.34 30.27
C LYS A 458 -51.15 18.70 30.06
N SER A 459 -50.55 18.25 28.96
CA SER A 459 -49.14 18.49 28.70
C SER A 459 -48.90 18.55 27.20
N ASN A 460 -47.75 19.08 26.83
CA ASN A 460 -47.36 19.14 25.43
C ASN A 460 -47.21 17.75 24.84
N LEU A 461 -47.67 17.59 23.61
CA LEU A 461 -47.62 16.29 22.94
C LEU A 461 -46.31 16.12 22.20
N LYS A 462 -45.88 14.87 22.09
CA LYS A 462 -44.64 14.54 21.39
C LYS A 462 -44.80 14.81 19.90
N PRO A 463 -43.70 15.03 19.19
CA PRO A 463 -43.78 15.26 17.74
C PRO A 463 -44.41 14.07 17.02
N PHE A 464 -45.20 14.40 15.98
CA PHE A 464 -45.90 13.39 15.18
C PHE A 464 -46.84 12.55 16.05
N GLU A 465 -47.77 13.24 16.71
CA GLU A 465 -48.74 12.61 17.59
C GLU A 465 -50.13 13.14 17.29
N ARG A 466 -51.12 12.28 17.46
CA ARG A 466 -52.53 12.63 17.24
C ARG A 466 -53.29 12.45 18.54
N ASP A 467 -54.12 13.43 18.87
CA ASP A 467 -55.01 13.36 20.03
C ASP A 467 -56.44 13.61 19.57
N ILE A 468 -57.32 12.66 19.84
CA ILE A 468 -58.70 12.74 19.38
C ILE A 468 -59.71 12.86 20.53
N SER A 469 -59.33 12.51 21.75
CA SER A 469 -60.27 12.54 22.87
C SER A 469 -60.79 13.94 23.10
N THR A 470 -62.11 14.05 23.26
CA THR A 470 -62.79 15.33 23.50
C THR A 470 -63.14 15.53 24.96
N GLU A 471 -62.35 14.97 25.87
CA GLU A 471 -62.62 15.12 27.29
C GLU A 471 -62.52 16.59 27.71
N ILE A 472 -63.41 17.00 28.60
CA ILE A 472 -63.42 18.37 29.06
C ILE A 472 -62.25 18.59 30.01
N TYR A 473 -61.42 19.60 29.71
CA TYR A 473 -60.26 19.89 30.55
C TYR A 473 -60.73 20.53 31.85
N GLN A 474 -60.28 19.99 32.97
CA GLN A 474 -60.68 20.46 34.30
C GLN A 474 -59.61 21.38 34.88
N ALA A 475 -60.05 22.35 35.68
CA ALA A 475 -59.15 23.27 36.34
C ALA A 475 -59.46 23.46 37.82
N GLY A 476 -60.56 22.90 38.32
CA GLY A 476 -60.94 23.02 39.71
C GLY A 476 -60.54 21.81 40.53
N SER A 477 -61.15 21.71 41.71
CA SER A 477 -60.89 20.61 42.63
C SER A 477 -61.88 19.47 42.43
N THR A 478 -63.17 19.77 42.40
CA THR A 478 -64.17 18.74 42.21
C THR A 478 -64.11 18.18 40.80
N PRO A 479 -64.34 16.89 40.62
CA PRO A 479 -64.33 16.30 39.28
C PRO A 479 -65.47 16.87 38.44
N CYS A 480 -65.16 17.20 37.18
CA CYS A 480 -66.19 17.69 36.27
C CYS A 480 -67.16 16.58 35.89
N ASN A 481 -66.66 15.35 35.76
CA ASN A 481 -67.46 14.18 35.40
C ASN A 481 -68.11 14.32 34.03
N GLY A 482 -67.53 15.14 33.15
CA GLY A 482 -68.05 15.32 31.81
C GLY A 482 -69.24 16.24 31.69
N VAL A 483 -69.70 16.83 32.79
CA VAL A 483 -70.86 17.72 32.77
C VAL A 483 -70.38 19.12 32.43
N GLU A 484 -70.93 19.69 31.36
CA GLU A 484 -70.53 21.03 30.94
C GLU A 484 -71.05 22.07 31.95
N GLY A 485 -70.20 23.05 32.24
CA GLY A 485 -70.56 24.10 33.17
C GLY A 485 -69.40 25.01 33.51
N PHE A 486 -69.39 25.55 34.72
CA PHE A 486 -68.33 26.44 35.16
C PHE A 486 -67.10 25.64 35.57
N ASN A 487 -65.93 26.21 35.29
CA ASN A 487 -64.63 25.62 35.64
C ASN A 487 -64.41 24.27 34.98
N CYS A 488 -65.16 23.99 33.90
CA CYS A 488 -64.99 22.78 33.09
C CYS A 488 -64.91 23.24 31.64
N TYR A 489 -63.70 23.54 31.18
CA TYR A 489 -63.48 24.17 29.89
C TYR A 489 -63.39 23.12 28.79
N PHE A 490 -64.10 23.36 27.69
CA PHE A 490 -64.02 22.47 26.54
C PHE A 490 -62.71 22.72 25.80
N PRO A 491 -61.88 21.70 25.58
CA PRO A 491 -60.54 21.96 25.02
C PRO A 491 -60.54 22.50 23.60
N LEU A 492 -61.62 22.33 22.84
CA LEU A 492 -61.65 22.69 21.42
C LEU A 492 -62.60 23.85 21.17
N GLN A 493 -62.24 24.71 20.22
CA GLN A 493 -63.07 25.81 19.79
C GLN A 493 -63.03 25.91 18.26
N SER A 494 -63.98 26.67 17.71
CA SER A 494 -64.07 26.82 16.27
C SER A 494 -63.50 28.16 15.82
N TYR A 495 -63.06 28.20 14.57
CA TYR A 495 -62.55 29.44 13.98
C TYR A 495 -63.69 30.25 13.41
N GLY A 496 -63.56 31.58 13.50
CA GLY A 496 -64.52 32.47 12.89
C GLY A 496 -64.10 32.90 11.50
N PHE A 497 -64.02 31.95 10.57
CA PHE A 497 -63.54 32.22 9.22
C PHE A 497 -64.63 32.95 8.44
N GLN A 498 -64.42 34.26 8.23
CA GLN A 498 -65.36 35.09 7.48
C GLN A 498 -64.57 35.96 6.51
N PRO A 499 -65.19 36.36 5.39
CA PRO A 499 -64.46 37.19 4.42
C PRO A 499 -64.05 38.55 4.95
N THR A 500 -64.71 39.05 6.00
CA THR A 500 -64.36 40.35 6.55
C THR A 500 -63.15 40.29 7.49
N ASN A 501 -62.64 39.10 7.79
CA ASN A 501 -61.47 38.98 8.65
C ASN A 501 -60.21 39.44 7.92
N GLY A 502 -59.18 39.77 8.71
CA GLY A 502 -57.91 40.15 8.15
C GLY A 502 -57.15 38.98 7.57
N VAL A 503 -56.07 39.30 6.85
CA VAL A 503 -55.28 38.27 6.17
C VAL A 503 -54.78 37.23 7.15
N GLY A 504 -54.31 37.66 8.32
CA GLY A 504 -53.86 36.72 9.33
C GLY A 504 -54.98 35.80 9.80
N TYR A 505 -56.20 36.30 9.85
CA TYR A 505 -57.35 35.53 10.31
C TYR A 505 -58.00 34.73 9.19
N GLN A 506 -57.58 34.90 7.94
CA GLN A 506 -58.18 34.18 6.84
C GLN A 506 -57.77 32.71 6.87
N PRO A 507 -58.64 31.80 6.43
CA PRO A 507 -58.30 30.38 6.43
C PRO A 507 -57.20 30.07 5.43
N TYR A 508 -56.35 29.11 5.80
CA TYR A 508 -55.25 28.64 4.97
C TYR A 508 -55.20 27.13 4.99
N ARG A 509 -54.85 26.54 3.85
CA ARG A 509 -54.72 25.09 3.72
C ARG A 509 -53.25 24.72 3.76
N VAL A 510 -52.89 23.80 4.65
CA VAL A 510 -51.50 23.43 4.90
C VAL A 510 -51.34 21.95 4.59
N VAL A 511 -50.35 21.64 3.76
CA VAL A 511 -49.97 20.26 3.44
C VAL A 511 -48.47 20.13 3.67
N VAL A 512 -48.08 19.16 4.50
CA VAL A 512 -46.68 18.93 4.85
C VAL A 512 -46.29 17.52 4.43
N LEU A 513 -45.16 17.42 3.73
CA LEU A 513 -44.62 16.15 3.28
C LEU A 513 -43.33 15.86 4.05
N SER A 514 -43.09 14.57 4.32
CA SER A 514 -41.95 14.16 5.13
C SER A 514 -41.21 13.02 4.44
N PHE A 515 -39.93 12.91 4.75
CA PHE A 515 -39.07 11.88 4.16
C PHE A 515 -38.33 11.14 5.27
N GLU A 516 -37.96 9.90 4.98
CA GLU A 516 -37.19 9.10 5.91
C GLU A 516 -36.37 8.07 5.14
N LEU A 517 -35.34 7.55 5.80
CA LEU A 517 -34.48 6.52 5.25
C LEU A 517 -34.29 5.42 6.29
N LEU A 518 -34.47 4.17 5.89
CA LEU A 518 -34.31 3.04 6.78
C LEU A 518 -33.88 1.82 5.97
N HIS A 519 -33.72 0.69 6.66
CA HIS A 519 -33.20 -0.54 6.05
C HIS A 519 -34.30 -1.18 5.18
N ALA A 520 -34.53 -0.58 4.03
CA ALA A 520 -35.49 -1.08 3.06
C ALA A 520 -35.18 -0.44 1.71
N PRO A 521 -35.47 -1.13 0.61
CA PRO A 521 -35.19 -0.54 -0.71
C PRO A 521 -35.99 0.73 -0.92
N ALA A 522 -35.35 1.72 -1.56
CA ALA A 522 -36.01 2.97 -1.87
C ALA A 522 -36.99 2.76 -3.03
N THR A 523 -38.12 3.45 -2.96
CA THR A 523 -39.16 3.26 -3.96
C THR A 523 -39.66 4.56 -4.58
N VAL A 524 -39.62 5.66 -3.83
CA VAL A 524 -40.24 6.92 -4.25
C VAL A 524 -39.13 7.94 -4.49
N CYS A 525 -39.02 8.39 -5.73
CA CYS A 525 -38.13 9.50 -6.11
C CYS A 525 -38.49 9.92 -7.53
N GLY A 526 -37.70 10.83 -8.09
CA GLY A 526 -37.96 11.42 -9.38
C GLY A 526 -37.70 10.46 -10.53
N PRO A 527 -38.21 10.81 -11.72
CA PRO A 527 -38.04 9.95 -12.89
C PRO A 527 -36.79 10.19 -13.71
N LYS A 528 -35.90 11.08 -13.26
CA LYS A 528 -34.71 11.50 -14.00
C LYS A 528 -35.16 11.97 -15.39
N LYS A 529 -34.48 11.61 -16.47
CA LYS A 529 -34.88 12.03 -17.80
C LYS A 529 -34.35 11.01 -18.81
N SER A 530 -34.60 11.28 -20.09
CA SER A 530 -34.15 10.39 -21.15
C SER A 530 -33.96 11.21 -22.43
N THR A 531 -32.77 11.10 -23.01
CA THR A 531 -32.42 11.85 -24.22
C THR A 531 -32.80 11.04 -25.46
N ASN A 532 -32.52 11.59 -26.64
CA ASN A 532 -32.78 10.88 -27.87
C ASN A 532 -31.67 9.88 -28.15
N LEU A 533 -31.93 8.96 -29.07
CA LEU A 533 -30.99 7.91 -29.42
C LEU A 533 -30.36 8.24 -30.78
N VAL A 534 -29.02 8.24 -30.81
CA VAL A 534 -28.26 8.47 -32.03
C VAL A 534 -27.39 7.25 -32.30
N LYS A 535 -27.43 6.75 -33.54
CA LYS A 535 -26.76 5.52 -33.90
C LYS A 535 -25.62 5.79 -34.86
N ASN A 536 -24.75 4.79 -35.00
CA ASN A 536 -23.66 4.74 -35.98
C ASN A 536 -22.59 5.80 -35.72
N LYS A 537 -22.60 6.44 -34.56
CA LYS A 537 -21.58 7.42 -34.21
C LYS A 537 -21.05 7.14 -32.81
N CYS A 538 -19.79 7.48 -32.60
CA CYS A 538 -19.13 7.22 -31.33
C CYS A 538 -19.72 8.12 -30.25
N VAL A 539 -20.56 7.55 -29.38
CA VAL A 539 -21.23 8.30 -28.34
C VAL A 539 -20.80 7.79 -26.97
N ASN A 540 -21.28 8.43 -25.92
CA ASN A 540 -21.02 8.03 -24.53
C ASN A 540 -22.36 7.66 -23.91
N PHE A 541 -22.77 6.41 -24.10
CA PHE A 541 -24.11 5.99 -23.74
C PHE A 541 -24.26 5.79 -22.24
N ASN A 542 -25.51 5.64 -21.80
CA ASN A 542 -25.82 5.34 -20.41
C ASN A 542 -27.16 4.63 -20.38
N PHE A 543 -27.14 3.32 -20.20
CA PHE A 543 -28.34 2.49 -20.19
C PHE A 543 -28.48 1.88 -18.79
N ASN A 544 -29.20 2.58 -17.92
CA ASN A 544 -29.49 2.11 -16.57
C ASN A 544 -28.22 1.69 -15.84
N GLY A 545 -27.21 2.56 -15.89
CA GLY A 545 -25.94 2.29 -15.27
C GLY A 545 -24.91 1.66 -16.18
N LEU A 546 -25.27 1.31 -17.41
CA LEU A 546 -24.32 0.73 -18.36
C LEU A 546 -23.51 1.86 -18.98
N THR A 547 -22.51 2.32 -18.22
CA THR A 547 -21.66 3.41 -18.65
C THR A 547 -20.57 2.90 -19.58
N GLY A 548 -20.41 3.55 -20.72
CA GLY A 548 -19.39 3.16 -21.68
C GLY A 548 -19.52 3.97 -22.94
N THR A 549 -18.65 3.64 -23.89
CA THR A 549 -18.60 4.32 -25.18
C THR A 549 -18.56 3.30 -26.31
N GLY A 550 -19.10 3.70 -27.44
CA GLY A 550 -19.11 2.84 -28.62
C GLY A 550 -20.13 3.32 -29.62
N VAL A 551 -20.11 2.67 -30.78
CA VAL A 551 -21.05 2.98 -31.85
C VAL A 551 -22.24 2.05 -31.73
N LEU A 552 -23.43 2.64 -31.54
CA LEU A 552 -24.63 1.86 -31.28
C LEU A 552 -25.31 1.49 -32.61
N THR A 553 -24.68 0.54 -33.29
CA THR A 553 -25.24 0.04 -34.54
C THR A 553 -26.42 -0.90 -34.25
N GLU A 554 -27.31 -1.02 -35.24
CA GLU A 554 -28.47 -1.88 -35.13
C GLU A 554 -28.10 -3.31 -35.50
N SER A 555 -28.46 -4.26 -34.64
CA SER A 555 -28.10 -5.66 -34.86
C SER A 555 -29.29 -6.55 -34.55
N ASN A 556 -29.46 -7.58 -35.37
CA ASN A 556 -30.48 -8.61 -35.14
C ASN A 556 -29.85 -9.83 -34.46
N LYS A 557 -29.40 -9.61 -33.23
CA LYS A 557 -28.62 -10.63 -32.53
C LYS A 557 -29.45 -11.86 -32.22
N LYS A 558 -30.52 -11.70 -31.46
CA LYS A 558 -31.34 -12.83 -31.03
C LYS A 558 -32.67 -12.28 -30.53
N PHE A 559 -33.46 -13.15 -29.89
CA PHE A 559 -34.78 -12.77 -29.41
C PHE A 559 -34.70 -11.98 -28.12
N LEU A 560 -33.98 -12.50 -27.12
CA LEU A 560 -33.88 -11.89 -25.80
C LEU A 560 -35.28 -11.67 -25.23
N PRO A 561 -36.01 -12.74 -24.90
CA PRO A 561 -37.42 -12.57 -24.48
C PRO A 561 -37.59 -11.71 -23.23
N PHE A 562 -36.64 -11.79 -22.30
CA PHE A 562 -36.71 -10.97 -21.10
C PHE A 562 -35.36 -10.40 -20.68
N GLN A 563 -34.28 -10.74 -21.36
CA GLN A 563 -32.97 -10.23 -21.01
C GLN A 563 -32.82 -8.78 -21.46
N GLN A 564 -31.85 -8.09 -20.85
CA GLN A 564 -31.50 -6.74 -21.22
C GLN A 564 -30.11 -6.62 -21.82
N PHE A 565 -29.09 -7.12 -21.10
CA PHE A 565 -27.71 -6.95 -21.54
C PHE A 565 -27.37 -8.01 -22.59
N GLY A 566 -26.09 -8.13 -22.90
CA GLY A 566 -25.57 -9.18 -23.74
C GLY A 566 -24.07 -9.28 -23.53
N ARG A 567 -23.57 -10.49 -23.30
CA ARG A 567 -22.18 -10.65 -22.90
C ARG A 567 -21.44 -11.54 -23.88
N ASP A 568 -20.13 -11.63 -23.66
CA ASP A 568 -19.21 -12.32 -24.57
C ASP A 568 -18.45 -13.29 -23.67
N ILE A 569 -17.41 -13.96 -24.18
CA ILE A 569 -16.67 -14.92 -23.36
C ILE A 569 -16.10 -14.23 -22.13
N ALA A 570 -15.57 -13.02 -22.28
CA ALA A 570 -15.11 -12.22 -21.17
C ALA A 570 -16.26 -11.36 -20.65
N ASP A 571 -15.95 -10.48 -19.69
CA ASP A 571 -16.95 -9.57 -19.13
C ASP A 571 -16.99 -8.30 -19.96
N THR A 572 -17.60 -8.41 -21.14
CA THR A 572 -17.79 -7.29 -22.05
C THR A 572 -19.23 -7.24 -22.50
N THR A 573 -19.87 -6.08 -22.36
CA THR A 573 -21.27 -5.92 -22.75
C THR A 573 -21.31 -5.73 -24.26
N ASP A 574 -21.50 -6.84 -24.97
CA ASP A 574 -21.47 -6.80 -26.44
C ASP A 574 -22.71 -6.10 -26.97
N ALA A 575 -23.89 -6.46 -26.48
CA ALA A 575 -25.14 -5.91 -26.98
C ALA A 575 -26.02 -5.48 -25.83
N VAL A 576 -26.82 -4.43 -26.06
CA VAL A 576 -27.75 -3.89 -25.09
C VAL A 576 -29.11 -3.72 -25.75
N ARG A 577 -30.16 -3.78 -24.94
CA ARG A 577 -31.53 -3.63 -25.41
C ARG A 577 -32.06 -2.26 -24.99
N ASP A 578 -32.70 -1.58 -25.93
CA ASP A 578 -33.21 -0.24 -25.66
C ASP A 578 -34.31 -0.29 -24.59
N PRO A 579 -34.34 0.68 -23.67
CA PRO A 579 -35.39 0.67 -22.64
C PRO A 579 -36.69 1.34 -23.07
N GLN A 580 -36.63 2.29 -23.98
CA GLN A 580 -37.85 2.99 -24.40
C GLN A 580 -38.70 2.12 -25.31
N THR A 581 -38.16 1.75 -26.46
CA THR A 581 -38.78 0.76 -27.32
C THR A 581 -38.13 -0.59 -27.02
N LEU A 582 -38.46 -1.60 -27.82
CA LEU A 582 -37.91 -2.95 -27.63
C LEU A 582 -37.12 -3.33 -28.87
N GLU A 583 -35.86 -2.91 -28.89
CA GLU A 583 -34.94 -3.24 -29.97
C GLU A 583 -33.59 -3.58 -29.39
N ILE A 584 -32.84 -4.41 -30.11
CA ILE A 584 -31.55 -4.90 -29.66
C ILE A 584 -30.47 -4.12 -30.41
N LEU A 585 -29.82 -3.20 -29.70
CA LEU A 585 -28.69 -2.49 -30.28
C LEU A 585 -27.42 -3.33 -30.17
N ASP A 586 -26.32 -2.78 -30.67
CA ASP A 586 -25.03 -3.45 -30.60
C ASP A 586 -23.96 -2.42 -30.24
N ILE A 587 -22.90 -2.90 -29.62
CA ILE A 587 -21.82 -2.04 -29.13
C ILE A 587 -20.52 -2.47 -29.79
N THR A 588 -19.85 -1.54 -30.45
CA THR A 588 -18.55 -1.75 -31.06
C THR A 588 -17.62 -0.66 -30.57
N PRO A 589 -16.44 -1.00 -30.06
CA PRO A 589 -15.57 0.02 -29.47
C PRO A 589 -15.04 1.00 -30.50
N CYS A 590 -14.67 2.17 -30.02
CA CYS A 590 -14.11 3.21 -30.88
C CYS A 590 -12.81 2.72 -31.51
N SER A 591 -12.44 3.36 -32.62
CA SER A 591 -11.31 2.90 -33.42
C SER A 591 -10.01 2.97 -32.65
N PHE A 592 -9.24 1.90 -32.70
CA PHE A 592 -7.93 1.82 -32.08
C PHE A 592 -6.86 2.17 -33.11
N GLY A 593 -5.60 1.88 -32.80
CA GLY A 593 -4.53 1.99 -33.78
C GLY A 593 -3.36 2.83 -33.33
N GLY A 594 -2.17 2.32 -33.59
CA GLY A 594 -0.96 3.09 -33.40
C GLY A 594 -0.57 3.80 -34.67
N VAL A 595 0.29 4.81 -34.56
CA VAL A 595 0.71 5.60 -35.71
C VAL A 595 2.18 5.28 -35.98
N SER A 596 2.46 4.83 -37.20
CA SER A 596 3.82 4.50 -37.62
C SER A 596 4.22 5.41 -38.77
N VAL A 597 5.46 5.88 -38.74
CA VAL A 597 5.97 6.83 -39.72
C VAL A 597 6.93 6.09 -40.64
N ILE A 598 6.55 5.95 -41.90
CA ILE A 598 7.42 5.39 -42.92
C ILE A 598 8.31 6.52 -43.43
N THR A 599 9.63 6.37 -43.26
CA THR A 599 10.54 7.43 -43.66
C THR A 599 11.81 6.88 -44.29
N PRO A 600 12.21 7.37 -45.45
CA PRO A 600 13.58 7.14 -45.91
C PRO A 600 14.54 7.93 -45.04
N GLY A 601 15.81 7.54 -45.10
CA GLY A 601 16.82 8.19 -44.30
C GLY A 601 16.85 9.68 -44.51
N THR A 602 16.90 10.46 -43.42
CA THR A 602 16.89 11.91 -43.54
C THR A 602 18.10 12.43 -44.30
N ASN A 603 19.16 11.62 -44.42
CA ASN A 603 20.27 11.98 -45.29
C ASN A 603 19.83 12.06 -46.75
N THR A 604 18.78 11.31 -47.11
CA THR A 604 18.31 11.31 -48.49
C THR A 604 17.31 12.44 -48.75
N SER A 605 16.21 12.46 -48.01
CA SER A 605 15.17 13.46 -48.21
C SER A 605 14.34 13.58 -46.95
N ASN A 606 13.48 14.60 -46.94
CA ASN A 606 12.58 14.88 -45.82
C ASN A 606 11.14 14.66 -46.29
N GLN A 607 10.71 13.40 -46.27
CA GLN A 607 9.33 13.04 -46.56
C GLN A 607 8.94 11.87 -45.67
N VAL A 608 7.65 11.75 -45.38
CA VAL A 608 7.14 10.68 -44.53
C VAL A 608 5.84 10.16 -45.12
N ALA A 609 5.45 8.97 -44.67
CA ALA A 609 4.20 8.35 -45.07
C ALA A 609 3.60 7.70 -43.84
N VAL A 610 2.60 8.35 -43.26
CA VAL A 610 2.00 7.89 -42.01
C VAL A 610 1.15 6.66 -42.26
N LEU A 611 1.19 5.72 -41.32
CA LEU A 611 0.38 4.52 -41.37
C LEU A 611 -0.45 4.40 -40.09
N TYR A 612 -1.75 4.17 -40.25
CA TYR A 612 -2.66 3.93 -39.13
C TYR A 612 -3.09 2.48 -39.21
N GLN A 613 -2.46 1.62 -38.42
CA GLN A 613 -2.81 0.20 -38.45
C GLN A 613 -4.15 -0.02 -37.77
N ASP A 614 -4.85 -1.07 -38.20
CA ASP A 614 -6.13 -1.48 -37.63
C ASP A 614 -7.18 -0.38 -37.75
N VAL A 615 -7.08 0.40 -38.83
CA VAL A 615 -8.01 1.50 -39.07
C VAL A 615 -8.52 1.39 -40.51
N ASN A 616 -9.84 1.31 -40.65
CA ASN A 616 -10.49 1.41 -41.96
C ASN A 616 -10.77 2.89 -42.19
N CYS A 617 -9.81 3.58 -42.80
CA CYS A 617 -9.89 5.03 -42.85
C CYS A 617 -10.80 5.52 -43.97
N THR A 618 -12.04 5.02 -43.98
CA THR A 618 -13.11 5.77 -44.61
C THR A 618 -13.52 6.96 -43.75
N GLU A 619 -13.00 7.03 -42.52
CA GLU A 619 -13.23 8.14 -41.62
C GLU A 619 -11.95 8.69 -41.00
N VAL A 620 -10.80 8.09 -41.28
CA VAL A 620 -9.51 8.52 -40.72
C VAL A 620 -9.56 8.53 -39.20
N ASN A 641 -3.74 9.89 -52.85
CA ASN A 641 -2.61 9.62 -51.98
C ASN A 641 -3.04 8.88 -50.73
N VAL A 642 -4.20 8.23 -50.79
CA VAL A 642 -4.73 7.40 -49.71
C VAL A 642 -4.80 5.97 -50.20
N PHE A 643 -4.14 5.07 -49.48
CA PHE A 643 -4.06 3.66 -49.86
C PHE A 643 -4.61 2.82 -48.72
N GLN A 644 -5.30 1.73 -49.07
CA GLN A 644 -5.91 0.83 -48.10
C GLN A 644 -5.13 -0.48 -48.12
N THR A 645 -4.69 -0.90 -46.93
CA THR A 645 -3.88 -2.10 -46.78
C THR A 645 -4.55 -3.04 -45.77
N ARG A 646 -4.19 -4.32 -45.85
CA ARG A 646 -4.71 -5.28 -44.89
C ARG A 646 -4.20 -5.03 -43.48
N ALA A 647 -3.10 -4.31 -43.33
CA ALA A 647 -2.55 -4.00 -42.02
C ALA A 647 -3.07 -2.69 -41.45
N GLY A 648 -3.49 -1.77 -42.32
CA GLY A 648 -3.97 -0.46 -41.90
C GLY A 648 -4.38 0.35 -43.10
N CYS A 649 -3.97 1.61 -43.16
CA CYS A 649 -4.12 2.36 -44.40
C CYS A 649 -3.02 3.41 -44.46
N LEU A 650 -2.42 3.54 -45.63
CA LEU A 650 -1.23 4.34 -45.84
C LEU A 650 -1.59 5.64 -46.56
N ILE A 651 -1.18 6.77 -45.98
CA ILE A 651 -1.36 8.06 -46.61
C ILE A 651 0.01 8.65 -46.92
N GLY A 652 0.08 9.43 -47.99
CA GLY A 652 1.33 10.03 -48.42
C GLY A 652 2.18 9.17 -49.32
N ALA A 653 1.79 7.93 -49.58
CA ALA A 653 2.51 7.04 -50.45
C ALA A 653 1.59 6.52 -51.55
N GLU A 654 2.09 6.47 -52.77
CA GLU A 654 1.30 6.06 -53.92
C GLU A 654 1.45 4.57 -54.18
N HIS A 655 0.47 4.02 -54.89
CA HIS A 655 0.44 2.60 -55.20
C HIS A 655 1.08 2.33 -56.56
N VAL A 656 1.78 1.20 -56.66
CA VAL A 656 2.49 0.81 -57.87
C VAL A 656 2.18 -0.66 -58.16
N ASN A 657 1.95 -0.97 -59.43
CA ASN A 657 1.63 -2.32 -59.86
C ASN A 657 2.85 -3.19 -60.08
N ASN A 658 4.05 -2.66 -59.91
CA ASN A 658 5.28 -3.41 -60.12
C ASN A 658 5.56 -4.29 -58.89
N SER A 659 6.77 -4.83 -58.82
CA SER A 659 7.17 -5.64 -57.68
C SER A 659 8.69 -5.60 -57.57
N TYR A 660 9.19 -5.38 -56.36
CA TYR A 660 10.63 -5.33 -56.12
C TYR A 660 10.93 -5.98 -54.78
N GLU A 661 12.20 -6.35 -54.59
CA GLU A 661 12.65 -6.85 -53.30
C GLU A 661 12.56 -5.71 -52.29
N CYS A 662 11.57 -5.79 -51.40
CA CYS A 662 11.17 -4.63 -50.62
C CYS A 662 12.17 -4.31 -49.52
N ASP A 663 12.24 -3.02 -49.18
CA ASP A 663 13.20 -2.51 -48.19
C ASP A 663 12.55 -2.28 -46.83
N ILE A 664 11.50 -1.46 -46.78
CA ILE A 664 10.84 -1.10 -45.54
C ILE A 664 9.59 -1.96 -45.40
N PRO A 665 9.55 -2.91 -44.49
CA PRO A 665 8.35 -3.76 -44.35
C PRO A 665 7.19 -2.97 -43.76
N ILE A 666 5.98 -3.40 -44.12
CA ILE A 666 4.77 -2.79 -43.59
C ILE A 666 3.88 -3.86 -43.00
N GLY A 667 3.58 -4.89 -43.78
CA GLY A 667 2.75 -5.99 -43.31
C GLY A 667 1.87 -6.51 -44.42
N ALA A 668 1.41 -7.76 -44.25
CA ALA A 668 0.52 -8.42 -45.21
C ALA A 668 1.13 -8.46 -46.61
N GLY A 669 2.44 -8.68 -46.68
CA GLY A 669 3.11 -8.80 -47.97
C GLY A 669 3.19 -7.53 -48.76
N ILE A 670 3.11 -6.37 -48.10
CA ILE A 670 3.18 -5.08 -48.76
C ILE A 670 4.30 -4.28 -48.11
N CYS A 671 5.16 -3.67 -48.93
CA CYS A 671 6.28 -2.90 -48.43
C CYS A 671 6.26 -1.51 -49.08
N ALA A 672 7.19 -0.67 -48.62
CA ALA A 672 7.32 0.70 -49.13
C ALA A 672 8.78 0.99 -49.42
N SER A 673 9.01 1.93 -50.34
CA SER A 673 10.36 2.26 -50.75
C SER A 673 10.40 3.66 -51.32
N TYR A 674 11.61 4.20 -51.43
CA TYR A 674 11.85 5.52 -51.98
C TYR A 674 12.46 5.37 -53.36
N GLN A 675 11.85 6.01 -54.36
CA GLN A 675 12.31 5.89 -55.74
C GLN A 675 11.88 7.12 -56.52
N THR A 676 12.48 7.27 -57.70
CA THR A 676 12.17 8.38 -58.60
C THR A 676 10.74 8.28 -59.13
N SER A 689 10.66 14.59 -59.03
CA SER A 689 10.19 13.30 -59.53
C SER A 689 10.23 12.24 -58.44
N GLN A 690 10.87 12.57 -57.32
CA GLN A 690 10.99 11.62 -56.23
C GLN A 690 9.68 11.48 -55.48
N SER A 691 9.42 10.27 -54.98
CA SER A 691 8.20 9.99 -54.22
C SER A 691 8.40 8.68 -53.48
N ILE A 692 7.48 8.39 -52.56
CA ILE A 692 7.46 7.15 -51.81
C ILE A 692 6.38 6.26 -52.38
N ILE A 693 6.72 5.01 -52.69
CA ILE A 693 5.80 4.09 -53.33
C ILE A 693 5.54 2.91 -52.40
N ALA A 694 4.31 2.38 -52.47
CA ALA A 694 3.93 1.19 -51.73
C ALA A 694 3.44 0.16 -52.73
N TYR A 695 4.03 -1.04 -52.69
CA TYR A 695 3.74 -2.07 -53.67
C TYR A 695 3.63 -3.41 -52.95
N THR A 696 3.59 -4.48 -53.73
CA THR A 696 3.61 -5.85 -53.20
C THR A 696 4.99 -6.43 -53.45
N MET A 697 5.63 -6.91 -52.39
CA MET A 697 7.02 -7.35 -52.49
C MET A 697 7.17 -8.53 -53.43
N SER A 698 8.26 -8.54 -54.18
CA SER A 698 8.62 -9.66 -55.03
C SER A 698 9.58 -10.55 -54.26
N LEU A 699 9.23 -11.84 -54.14
CA LEU A 699 9.97 -12.77 -53.29
C LEU A 699 11.09 -13.48 -54.03
N GLY A 700 11.38 -13.11 -55.26
CA GLY A 700 12.50 -13.68 -55.98
C GLY A 700 12.28 -13.62 -57.48
N ALA A 701 13.37 -13.79 -58.21
CA ALA A 701 13.31 -13.80 -59.67
C ALA A 701 12.88 -15.17 -60.16
N GLU A 702 11.89 -15.18 -61.05
CA GLU A 702 11.35 -16.44 -61.57
C GLU A 702 12.39 -17.17 -62.41
N ASN A 703 12.37 -18.49 -62.35
CA ASN A 703 13.32 -19.31 -63.09
C ASN A 703 12.73 -20.69 -63.27
N SER A 704 13.07 -21.33 -64.39
CA SER A 704 12.61 -22.68 -64.69
C SER A 704 13.78 -23.47 -65.27
N VAL A 705 14.23 -24.48 -64.54
CA VAL A 705 15.37 -25.28 -64.98
C VAL A 705 14.92 -26.24 -66.06
N ALA A 706 15.67 -26.29 -67.16
CA ALA A 706 15.35 -27.16 -68.29
C ALA A 706 15.66 -28.60 -67.92
N TYR A 707 14.63 -29.35 -67.53
CA TYR A 707 14.79 -30.71 -67.05
C TYR A 707 14.22 -31.69 -68.08
N SER A 708 14.94 -32.80 -68.29
CA SER A 708 14.49 -33.88 -69.15
C SER A 708 15.15 -35.16 -68.69
N ASN A 709 14.60 -36.29 -69.13
CA ASN A 709 15.02 -37.58 -68.59
C ASN A 709 16.39 -38.03 -69.08
N ASN A 710 17.00 -37.34 -70.04
CA ASN A 710 18.32 -37.72 -70.52
C ASN A 710 19.20 -36.49 -70.72
N SER A 711 19.16 -35.54 -69.79
CA SER A 711 19.97 -34.34 -69.89
C SER A 711 20.58 -34.02 -68.54
N ILE A 712 21.88 -33.80 -68.50
CA ILE A 712 22.60 -33.44 -67.28
C ILE A 712 23.48 -32.23 -67.56
N ALA A 713 23.76 -31.46 -66.51
CA ALA A 713 24.60 -30.28 -66.61
C ALA A 713 25.75 -30.42 -65.62
N ILE A 714 26.97 -30.27 -66.12
CA ILE A 714 28.19 -30.51 -65.35
C ILE A 714 29.04 -29.25 -65.41
N PRO A 715 29.46 -28.69 -64.29
CA PRO A 715 30.30 -27.49 -64.33
C PRO A 715 31.66 -27.77 -64.92
N THR A 716 32.23 -26.73 -65.55
CA THR A 716 33.56 -26.82 -66.13
C THR A 716 34.55 -25.86 -65.48
N ASN A 717 34.14 -25.13 -64.45
CA ASN A 717 35.01 -24.15 -63.81
C ASN A 717 34.46 -23.88 -62.42
N PHE A 718 35.31 -23.30 -61.57
CA PHE A 718 34.95 -23.08 -60.18
C PHE A 718 35.33 -21.67 -59.76
N THR A 719 34.99 -21.33 -58.53
CA THR A 719 35.37 -20.05 -57.95
C THR A 719 35.45 -20.21 -56.44
N ILE A 720 36.42 -19.51 -55.83
CA ILE A 720 36.66 -19.56 -54.39
C ILE A 720 36.11 -18.29 -53.78
N SER A 721 35.30 -18.42 -52.73
CA SER A 721 34.68 -17.28 -52.09
C SER A 721 34.96 -17.31 -50.59
N VAL A 722 35.02 -16.13 -50.00
CA VAL A 722 35.25 -15.97 -48.56
C VAL A 722 34.05 -15.24 -47.97
N THR A 723 33.41 -15.86 -47.00
CA THR A 723 32.21 -15.32 -46.37
C THR A 723 32.49 -15.00 -44.91
N THR A 724 32.00 -13.84 -44.46
CA THR A 724 32.22 -13.38 -43.10
C THR A 724 30.94 -13.58 -42.29
N GLU A 725 31.08 -14.18 -41.11
CA GLU A 725 29.97 -14.40 -40.21
C GLU A 725 30.32 -13.87 -38.83
N ILE A 726 29.45 -13.05 -38.27
CA ILE A 726 29.68 -12.39 -36.99
C ILE A 726 28.59 -12.83 -36.02
N LEU A 727 29.00 -13.23 -34.82
CA LEU A 727 28.04 -13.64 -33.80
C LEU A 727 28.60 -13.37 -32.42
N PRO A 728 27.78 -12.87 -31.50
CA PRO A 728 28.30 -12.48 -30.18
C PRO A 728 28.65 -13.69 -29.33
N VAL A 729 29.52 -13.45 -28.35
CA VAL A 729 29.97 -14.51 -27.45
C VAL A 729 29.81 -14.16 -25.98
N SER A 730 29.76 -12.87 -25.60
CA SER A 730 29.64 -12.50 -24.20
C SER A 730 29.10 -11.09 -24.11
N MET A 731 28.57 -10.76 -22.94
CA MET A 731 28.01 -9.45 -22.66
C MET A 731 28.80 -8.76 -21.56
N THR A 732 28.37 -7.56 -21.19
CA THR A 732 29.10 -6.76 -20.21
C THR A 732 29.00 -7.40 -18.83
N LYS A 733 30.11 -7.38 -18.10
CA LYS A 733 30.23 -7.97 -16.77
C LYS A 733 29.76 -6.93 -15.76
N THR A 734 28.49 -6.99 -15.39
CA THR A 734 27.89 -5.98 -14.52
C THR A 734 27.52 -6.56 -13.17
N SER A 735 27.31 -5.66 -12.21
CA SER A 735 26.88 -6.01 -10.86
C SER A 735 26.35 -4.76 -10.19
N VAL A 736 25.23 -4.89 -9.48
CA VAL A 736 24.56 -3.76 -8.85
C VAL A 736 24.34 -4.08 -7.38
N ASP A 737 24.74 -3.15 -6.51
CA ASP A 737 24.47 -3.28 -5.09
C ASP A 737 23.01 -2.97 -4.81
N CYS A 738 22.45 -3.64 -3.80
CA CYS A 738 21.04 -3.51 -3.49
C CYS A 738 20.76 -2.41 -2.48
N THR A 739 21.41 -2.46 -1.33
CA THR A 739 21.13 -1.50 -0.26
C THR A 739 21.48 -0.08 -0.69
N MET A 740 22.63 0.10 -1.34
CA MET A 740 23.06 1.43 -1.75
C MET A 740 22.12 2.01 -2.80
N TYR A 741 21.58 1.16 -3.68
CA TYR A 741 20.69 1.64 -4.72
C TYR A 741 19.39 2.17 -4.14
N ILE A 742 18.77 1.42 -3.23
CA ILE A 742 17.44 1.78 -2.75
C ILE A 742 17.52 2.83 -1.64
N CYS A 743 18.44 2.66 -0.70
CA CYS A 743 18.50 3.46 0.52
C CYS A 743 19.88 4.07 0.69
N GLY A 744 20.39 4.68 -0.37
CA GLY A 744 21.71 5.27 -0.35
C GLY A 744 21.90 6.34 0.71
N ASP A 745 22.71 6.02 1.73
CA ASP A 745 23.03 6.93 2.83
C ASP A 745 21.73 7.35 3.53
N SER A 746 21.14 6.39 4.22
CA SER A 746 19.95 6.63 5.04
C SER A 746 19.80 5.46 6.00
N THR A 747 20.05 5.72 7.30
CA THR A 747 19.93 4.66 8.29
C THR A 747 18.49 4.20 8.44
N GLU A 748 17.54 5.15 8.44
CA GLU A 748 16.13 4.79 8.58
C GLU A 748 15.66 3.93 7.41
N CYS A 749 16.10 4.28 6.19
CA CYS A 749 15.70 3.50 5.02
C CYS A 749 16.24 2.08 5.11
N SER A 750 17.50 1.92 5.55
CA SER A 750 18.06 0.58 5.70
C SER A 750 17.32 -0.21 6.78
N ASN A 751 16.97 0.45 7.88
CA ASN A 751 16.22 -0.23 8.93
C ASN A 751 14.86 -0.70 8.42
N LEU A 752 14.18 0.14 7.63
CA LEU A 752 12.91 -0.27 7.03
C LEU A 752 13.12 -1.41 6.05
N LEU A 753 14.18 -1.36 5.25
CA LEU A 753 14.44 -2.39 4.26
C LEU A 753 14.73 -3.74 4.90
N LEU A 754 15.37 -3.74 6.07
CA LEU A 754 15.66 -5.02 6.73
C LEU A 754 14.41 -5.81 7.06
N GLN A 755 13.24 -5.17 7.12
CA GLN A 755 12.00 -5.86 7.43
C GLN A 755 11.52 -6.74 6.27
N TYR A 756 12.04 -6.55 5.06
CA TYR A 756 11.54 -7.25 3.89
C TYR A 756 12.16 -8.62 3.70
N GLY A 757 13.09 -9.02 4.56
CA GLY A 757 13.64 -10.37 4.51
C GLY A 757 14.96 -10.41 3.78
N SER A 758 15.09 -11.37 2.86
CA SER A 758 16.34 -11.65 2.17
C SER A 758 16.26 -11.25 0.69
N PHE A 759 15.64 -10.11 0.41
CA PHE A 759 15.54 -9.64 -0.97
C PHE A 759 16.79 -8.91 -1.45
N CYS A 760 17.75 -8.68 -0.56
CA CYS A 760 18.99 -8.01 -0.91
C CYS A 760 20.10 -8.98 -1.28
N THR A 761 19.85 -10.28 -1.27
CA THR A 761 20.85 -11.28 -1.60
C THR A 761 20.53 -12.07 -2.86
N GLN A 762 19.25 -12.23 -3.19
CA GLN A 762 18.89 -12.98 -4.39
C GLN A 762 19.41 -12.29 -5.65
N LEU A 763 19.28 -10.97 -5.72
CA LEU A 763 19.78 -10.23 -6.87
C LEU A 763 21.29 -10.36 -6.98
N ASN A 764 22.01 -10.25 -5.86
CA ASN A 764 23.44 -10.39 -5.89
C ASN A 764 23.86 -11.79 -6.35
N ARG A 765 23.16 -12.82 -5.86
CA ARG A 765 23.48 -14.18 -6.29
C ARG A 765 23.23 -14.36 -7.78
N ALA A 766 22.11 -13.83 -8.28
CA ALA A 766 21.80 -13.97 -9.71
C ALA A 766 22.84 -13.25 -10.56
N LEU A 767 23.24 -12.05 -10.15
CA LEU A 767 24.24 -11.31 -10.93
C LEU A 767 25.62 -11.99 -10.86
N THR A 768 25.96 -12.58 -9.71
CA THR A 768 27.20 -13.34 -9.63
C THR A 768 27.18 -14.53 -10.57
N GLY A 769 26.05 -15.25 -10.61
CA GLY A 769 25.93 -16.34 -11.56
C GLY A 769 26.07 -15.89 -12.99
N ILE A 770 25.45 -14.75 -13.32
CA ILE A 770 25.57 -14.20 -14.67
C ILE A 770 27.03 -13.87 -15.00
N ALA A 771 27.74 -13.28 -14.05
CA ALA A 771 29.13 -12.93 -14.27
C ALA A 771 30.00 -14.16 -14.52
N VAL A 772 29.80 -15.20 -13.70
CA VAL A 772 30.57 -16.43 -13.87
C VAL A 772 30.26 -17.06 -15.22
N GLU A 773 28.98 -17.05 -15.61
CA GLU A 773 28.60 -17.58 -16.91
C GLU A 773 29.27 -16.81 -18.05
N GLN A 774 29.34 -15.48 -17.91
CA GLN A 774 29.97 -14.66 -18.94
C GLN A 774 31.44 -15.01 -19.07
N ASP A 775 32.13 -15.22 -17.95
CA ASP A 775 33.54 -15.63 -18.04
C ASP A 775 33.67 -17.00 -18.70
N LYS A 776 32.80 -17.95 -18.31
CA LYS A 776 32.90 -19.30 -18.84
C LYS A 776 32.64 -19.35 -20.34
N ASN A 777 31.75 -18.49 -20.84
CA ASN A 777 31.45 -18.48 -22.27
C ASN A 777 32.72 -18.25 -23.09
N THR A 778 33.45 -17.19 -22.78
CA THR A 778 34.69 -16.91 -23.50
C THR A 778 35.72 -18.00 -23.25
N GLN A 779 35.85 -18.45 -21.99
CA GLN A 779 36.86 -19.45 -21.68
C GLN A 779 36.65 -20.73 -22.46
N GLU A 780 35.40 -21.09 -22.74
CA GLU A 780 35.13 -22.32 -23.48
C GLU A 780 35.12 -22.10 -24.99
N VAL A 781 34.80 -20.89 -25.46
CA VAL A 781 34.79 -20.65 -26.90
C VAL A 781 36.22 -20.56 -27.43
N PHE A 782 37.08 -19.83 -26.74
CA PHE A 782 38.40 -19.58 -27.32
C PHE A 782 39.46 -20.59 -26.89
N ALA A 783 39.52 -20.93 -25.60
CA ALA A 783 40.58 -21.79 -25.08
C ALA A 783 40.30 -23.23 -25.48
N GLN A 784 40.71 -23.58 -26.70
CA GLN A 784 40.58 -24.94 -27.20
C GLN A 784 41.90 -25.51 -27.70
N VAL A 785 43.02 -24.88 -27.39
CA VAL A 785 44.34 -25.33 -27.83
C VAL A 785 45.18 -25.64 -26.60
N LYS A 786 45.80 -26.82 -26.60
CA LYS A 786 46.65 -27.21 -25.48
C LYS A 786 47.89 -26.34 -25.40
N GLN A 787 48.48 -26.00 -26.55
CA GLN A 787 49.70 -25.22 -26.61
C GLN A 787 49.43 -23.91 -27.34
N ILE A 788 50.49 -23.17 -27.64
CA ILE A 788 50.41 -21.91 -28.36
C ILE A 788 51.37 -22.02 -29.54
N TYR A 789 50.85 -22.42 -30.70
CA TYR A 789 51.67 -22.56 -31.88
C TYR A 789 51.99 -21.18 -32.47
N LYS A 790 53.04 -21.15 -33.29
CA LYS A 790 53.40 -19.92 -33.98
C LYS A 790 53.96 -20.28 -35.35
N THR A 791 53.66 -19.42 -36.33
CA THR A 791 54.05 -19.67 -37.70
C THR A 791 55.56 -19.50 -37.88
N PRO A 792 56.16 -20.27 -38.78
CA PRO A 792 57.60 -20.10 -39.06
C PRO A 792 57.87 -18.76 -39.69
N PRO A 793 59.10 -18.24 -39.54
CA PRO A 793 59.41 -16.91 -40.08
C PRO A 793 59.23 -16.80 -41.58
N ILE A 794 59.52 -17.86 -42.33
CA ILE A 794 59.42 -17.84 -43.78
C ILE A 794 57.99 -18.15 -44.19
N LYS A 795 57.36 -17.21 -44.90
CA LYS A 795 55.97 -17.37 -45.33
C LYS A 795 55.96 -17.91 -46.75
N ASP A 796 56.18 -19.22 -46.87
CA ASP A 796 56.18 -19.93 -48.14
C ASP A 796 55.01 -20.91 -48.10
N PHE A 797 53.83 -20.44 -48.47
CA PHE A 797 52.59 -21.21 -48.36
C PHE A 797 52.02 -21.56 -49.73
N GLY A 798 52.89 -21.85 -50.70
CA GLY A 798 52.43 -22.27 -52.01
C GLY A 798 51.76 -21.19 -52.82
N GLY A 799 52.04 -19.93 -52.55
CA GLY A 799 51.46 -18.83 -53.28
C GLY A 799 50.34 -18.12 -52.55
N PHE A 800 49.76 -18.73 -51.52
CA PHE A 800 48.73 -18.09 -50.74
C PHE A 800 49.34 -16.98 -49.88
N ASN A 801 48.49 -16.01 -49.51
CA ASN A 801 48.94 -14.83 -48.79
C ASN A 801 48.05 -14.63 -47.58
N PHE A 802 48.60 -14.86 -46.39
CA PHE A 802 47.88 -14.74 -45.13
C PHE A 802 48.28 -13.51 -44.34
N SER A 803 48.97 -12.55 -44.95
CA SER A 803 49.47 -11.41 -44.20
C SER A 803 48.36 -10.52 -43.66
N GLN A 804 47.15 -10.61 -44.22
CA GLN A 804 46.05 -9.78 -43.75
C GLN A 804 45.37 -10.32 -42.51
N ILE A 805 45.64 -11.57 -42.13
CA ILE A 805 45.02 -12.15 -40.95
C ILE A 805 46.03 -12.55 -39.88
N LEU A 806 47.32 -12.67 -40.21
CA LEU A 806 48.32 -13.04 -39.23
C LEU A 806 48.67 -11.85 -38.34
N PRO A 807 49.18 -12.11 -37.13
CA PRO A 807 49.50 -11.00 -36.22
C PRO A 807 50.59 -10.11 -36.77
N ASP A 808 50.52 -8.83 -36.40
CA ASP A 808 51.48 -7.82 -36.83
C ASP A 808 52.32 -7.39 -35.63
N PRO A 809 53.60 -7.79 -35.56
CA PRO A 809 54.43 -7.39 -34.41
C PRO A 809 54.65 -5.89 -34.30
N SER A 810 54.52 -5.15 -35.40
CA SER A 810 54.77 -3.71 -35.35
C SER A 810 53.76 -3.00 -34.45
N LYS A 811 52.49 -3.42 -34.50
CA LYS A 811 51.47 -2.80 -33.67
C LYS A 811 51.77 -3.04 -32.20
N PRO A 812 51.48 -2.09 -31.31
CA PRO A 812 51.71 -2.32 -29.87
C PRO A 812 51.00 -3.56 -29.34
N SER A 813 49.80 -3.83 -29.83
CA SER A 813 49.06 -5.03 -29.48
C SER A 813 49.16 -6.03 -30.63
N LYS A 814 49.40 -7.29 -30.30
CA LYS A 814 49.59 -8.34 -31.30
C LYS A 814 48.24 -8.72 -31.93
N ARG A 815 47.70 -7.79 -32.70
CA ARG A 815 46.43 -7.97 -33.38
C ARG A 815 46.62 -7.76 -34.88
N SER A 816 45.85 -8.50 -35.66
CA SER A 816 45.98 -8.47 -37.11
C SER A 816 45.32 -7.22 -37.68
N PHE A 817 45.45 -7.05 -39.00
CA PHE A 817 44.86 -5.90 -39.67
C PHE A 817 43.33 -5.93 -39.59
N ILE A 818 42.74 -7.08 -39.87
CA ILE A 818 41.28 -7.20 -39.83
C ILE A 818 40.77 -7.09 -38.39
N GLU A 819 41.53 -7.60 -37.43
CA GLU A 819 41.15 -7.42 -36.02
C GLU A 819 41.15 -5.94 -35.64
N ASP A 820 42.14 -5.19 -36.12
CA ASP A 820 42.16 -3.74 -35.88
C ASP A 820 40.97 -3.07 -36.54
N LEU A 821 40.64 -3.46 -37.77
CA LEU A 821 39.48 -2.89 -38.44
C LEU A 821 38.21 -3.15 -37.65
N LEU A 822 38.03 -4.38 -37.15
CA LEU A 822 36.86 -4.70 -36.36
C LEU A 822 36.83 -3.91 -35.06
N PHE A 823 37.99 -3.73 -34.44
CA PHE A 823 38.04 -2.98 -33.18
C PHE A 823 37.68 -1.52 -33.38
N ASN A 824 38.12 -0.92 -34.49
CA ASN A 824 37.84 0.49 -34.73
C ASN A 824 36.43 0.76 -35.21
N LYS A 825 35.67 -0.27 -35.57
CA LYS A 825 34.31 -0.10 -36.06
C LYS A 825 33.26 -0.19 -34.96
N VAL A 826 33.66 -0.36 -33.71
CA VAL A 826 32.73 -0.45 -32.59
C VAL A 826 33.00 0.73 -31.67
N THR A 827 31.95 1.51 -31.39
CA THR A 827 32.04 2.69 -30.53
C THR A 827 31.16 2.48 -29.30
N LEU A 828 31.68 2.90 -28.14
CA LEU A 828 31.01 2.72 -26.86
C LEU A 828 30.67 1.26 -26.61
N ALA A 852 29.42 2.25 -16.15
CA ALA A 852 30.47 2.61 -15.21
C ALA A 852 30.39 4.10 -14.85
N GLN A 853 29.88 4.90 -15.78
CA GLN A 853 29.76 6.33 -15.54
C GLN A 853 28.80 6.63 -14.38
N LYS A 854 27.72 5.87 -14.27
CA LYS A 854 26.83 6.00 -13.13
C LYS A 854 27.48 5.42 -11.88
N PHE A 855 27.19 6.04 -10.74
CA PHE A 855 27.79 5.62 -9.48
C PHE A 855 26.73 5.64 -8.37
N ASN A 856 25.57 5.04 -8.65
CA ASN A 856 24.50 4.90 -7.67
C ASN A 856 24.45 3.50 -7.08
N GLY A 857 25.61 2.87 -6.89
CA GLY A 857 25.69 1.52 -6.40
C GLY A 857 25.89 0.46 -7.46
N LEU A 858 26.16 0.86 -8.70
CA LEU A 858 26.39 -0.08 -9.79
C LEU A 858 27.86 -0.07 -10.20
N THR A 859 28.40 -1.26 -10.43
CA THR A 859 29.80 -1.40 -10.81
C THR A 859 29.89 -2.39 -11.97
N VAL A 860 30.99 -2.28 -12.72
CA VAL A 860 31.29 -3.19 -13.82
C VAL A 860 32.62 -3.88 -13.53
N LEU A 861 32.68 -5.15 -13.80
CA LEU A 861 33.92 -5.84 -13.51
C LEU A 861 34.67 -6.12 -14.80
N PRO A 862 36.01 -6.05 -14.79
CA PRO A 862 36.76 -6.35 -15.99
C PRO A 862 36.69 -7.82 -16.34
N PRO A 863 36.79 -8.18 -17.61
CA PRO A 863 36.80 -9.59 -17.99
C PRO A 863 38.06 -10.28 -17.50
N LEU A 864 37.95 -11.59 -17.30
CA LEU A 864 39.09 -12.37 -16.83
C LEU A 864 40.23 -12.36 -17.83
N LEU A 865 39.92 -12.48 -19.12
CA LEU A 865 40.92 -12.50 -20.18
C LEU A 865 40.97 -11.14 -20.87
N THR A 866 42.15 -10.55 -20.90
CA THR A 866 42.33 -9.31 -21.64
C THR A 866 42.30 -9.59 -23.15
N ASP A 867 42.14 -8.52 -23.94
CA ASP A 867 42.05 -8.69 -25.37
C ASP A 867 43.35 -9.24 -25.96
N GLU A 868 44.48 -8.98 -25.32
CA GLU A 868 45.74 -9.55 -25.78
C GLU A 868 45.71 -11.07 -25.70
N MET A 869 45.13 -11.62 -24.63
CA MET A 869 45.03 -13.07 -24.50
C MET A 869 44.13 -13.66 -25.58
N ILE A 870 43.02 -12.99 -25.88
CA ILE A 870 42.14 -13.46 -26.95
C ILE A 870 42.86 -13.43 -28.29
N ALA A 871 43.61 -12.35 -28.55
CA ALA A 871 44.38 -12.27 -29.77
C ALA A 871 45.40 -13.39 -29.86
N GLN A 872 46.08 -13.69 -28.76
CA GLN A 872 47.04 -14.79 -28.75
C GLN A 872 46.35 -16.12 -29.01
N TYR A 873 45.17 -16.34 -28.43
CA TYR A 873 44.45 -17.58 -28.68
C TYR A 873 44.09 -17.74 -30.14
N THR A 874 43.52 -16.69 -30.75
CA THR A 874 43.16 -16.78 -32.16
C THR A 874 44.39 -16.94 -33.04
N SER A 875 45.50 -16.28 -32.68
CA SER A 875 46.74 -16.45 -33.43
C SER A 875 47.23 -17.89 -33.37
N ALA A 876 47.18 -18.50 -32.18
CA ALA A 876 47.60 -19.90 -32.06
C ALA A 876 46.71 -20.81 -32.89
N LEU A 877 45.39 -20.60 -32.82
CA LEU A 877 44.48 -21.43 -33.61
C LEU A 877 44.75 -21.29 -35.10
N LEU A 878 44.96 -20.05 -35.56
CA LEU A 878 45.16 -19.80 -36.99
C LEU A 878 46.49 -20.38 -37.46
N ALA A 879 47.55 -20.23 -36.66
CA ALA A 879 48.83 -20.81 -37.04
C ALA A 879 48.76 -22.33 -37.08
N GLY A 880 48.09 -22.94 -36.11
CA GLY A 880 47.91 -24.38 -36.15
C GLY A 880 47.14 -24.83 -37.38
N THR A 881 46.07 -24.11 -37.72
CA THR A 881 45.29 -24.46 -38.90
C THR A 881 46.13 -24.35 -40.17
N ILE A 882 46.94 -23.29 -40.28
CA ILE A 882 47.75 -23.11 -41.48
C ILE A 882 48.80 -24.21 -41.59
N THR A 883 49.54 -24.46 -40.51
CA THR A 883 50.70 -25.33 -40.62
C THR A 883 50.32 -26.81 -40.59
N SER A 884 49.47 -27.22 -39.66
CA SER A 884 49.23 -28.64 -39.42
C SER A 884 47.90 -29.16 -39.95
N GLY A 885 47.03 -28.29 -40.45
CA GLY A 885 45.75 -28.75 -40.97
C GLY A 885 44.76 -28.98 -39.85
N TRP A 886 44.14 -30.15 -39.85
CA TRP A 886 43.22 -30.54 -38.79
C TRP A 886 43.82 -31.54 -37.82
N THR A 887 45.06 -31.97 -38.04
CA THR A 887 45.67 -32.98 -37.18
C THR A 887 45.94 -32.45 -35.78
N PHE A 888 45.98 -31.13 -35.60
CA PHE A 888 46.23 -30.58 -34.27
C PHE A 888 44.99 -30.55 -33.39
N GLY A 889 43.83 -30.90 -33.93
CA GLY A 889 42.62 -30.97 -33.14
C GLY A 889 42.45 -32.32 -32.47
N ALA A 890 43.12 -33.35 -32.99
CA ALA A 890 43.03 -34.69 -32.43
C ALA A 890 44.16 -34.96 -31.44
N GLY A 891 45.41 -34.89 -31.90
CA GLY A 891 46.55 -35.10 -31.04
C GLY A 891 47.56 -33.99 -31.15
N ALA A 892 48.82 -34.34 -31.41
CA ALA A 892 49.85 -33.34 -31.62
C ALA A 892 49.83 -32.85 -33.05
N ALA A 893 50.25 -31.60 -33.24
CA ALA A 893 50.27 -31.01 -34.57
C ALA A 893 51.30 -31.70 -35.44
N LEU A 894 50.92 -31.99 -36.69
CA LEU A 894 51.80 -32.62 -37.66
C LEU A 894 51.95 -31.69 -38.86
N GLN A 895 53.18 -31.31 -39.17
CA GLN A 895 53.42 -30.40 -40.27
C GLN A 895 53.08 -31.05 -41.60
N ILE A 896 52.71 -30.23 -42.58
CA ILE A 896 52.30 -30.71 -43.90
C ILE A 896 52.30 -29.52 -44.86
N PRO A 897 52.85 -29.65 -46.06
CA PRO A 897 52.82 -28.53 -47.01
C PRO A 897 51.40 -28.10 -47.32
N PHE A 898 51.22 -26.79 -47.51
CA PHE A 898 49.88 -26.24 -47.65
C PHE A 898 49.20 -26.74 -48.91
N ALA A 899 49.94 -26.91 -50.00
CA ALA A 899 49.34 -27.42 -51.23
C ALA A 899 48.76 -28.81 -51.02
N MET A 900 49.49 -29.67 -50.30
CA MET A 900 48.97 -31.01 -50.02
C MET A 900 47.75 -30.96 -49.12
N GLN A 901 47.72 -30.01 -48.17
CA GLN A 901 46.53 -29.87 -47.34
C GLN A 901 45.32 -29.45 -48.17
N MET A 902 45.51 -28.52 -49.10
CA MET A 902 44.42 -28.12 -49.98
C MET A 902 43.97 -29.28 -50.86
N ALA A 903 44.91 -30.10 -51.31
CA ALA A 903 44.54 -31.28 -52.08
C ALA A 903 43.71 -32.23 -51.23
N TYR A 904 44.07 -32.38 -49.95
CA TYR A 904 43.27 -33.22 -49.05
C TYR A 904 41.85 -32.69 -48.91
N ARG A 905 41.71 -31.37 -48.77
CA ARG A 905 40.37 -30.79 -48.66
C ARG A 905 39.57 -31.00 -49.96
N PHE A 906 40.21 -30.79 -51.10
CA PHE A 906 39.53 -31.00 -52.38
C PHE A 906 39.06 -32.44 -52.52
N ASN A 907 39.90 -33.40 -52.13
CA ASN A 907 39.45 -34.79 -52.09
C ASN A 907 38.32 -34.98 -51.10
N GLY A 908 38.32 -34.19 -50.02
CA GLY A 908 37.23 -34.29 -49.05
C GLY A 908 35.89 -33.87 -49.63
N ILE A 909 35.90 -32.90 -50.53
CA ILE A 909 34.65 -32.43 -51.14
C ILE A 909 34.37 -33.16 -52.47
N GLY A 910 34.99 -34.31 -52.68
CA GLY A 910 34.71 -35.11 -53.87
C GLY A 910 35.20 -34.51 -55.17
N VAL A 911 36.37 -33.87 -55.16
CA VAL A 911 37.02 -33.37 -56.37
C VAL A 911 38.44 -33.91 -56.37
N THR A 912 38.85 -34.50 -57.50
CA THR A 912 40.17 -35.12 -57.58
C THR A 912 41.26 -34.08 -57.37
N GLN A 913 42.34 -34.50 -56.71
CA GLN A 913 43.43 -33.58 -56.36
C GLN A 913 44.16 -33.03 -57.57
N ASN A 914 44.16 -33.75 -58.70
CA ASN A 914 44.80 -33.22 -59.89
C ASN A 914 44.12 -31.97 -60.41
N VAL A 915 42.88 -31.72 -59.99
CA VAL A 915 42.22 -30.45 -60.29
C VAL A 915 42.95 -29.31 -59.61
N LEU A 916 43.29 -29.47 -58.33
CA LEU A 916 44.01 -28.42 -57.62
C LEU A 916 45.44 -28.30 -58.11
N TYR A 917 46.15 -29.44 -58.20
CA TYR A 917 47.58 -29.37 -58.49
C TYR A 917 47.88 -28.77 -59.85
N GLU A 918 46.93 -28.83 -60.79
CA GLU A 918 47.13 -28.28 -62.12
C GLU A 918 46.53 -26.88 -62.27
N ASN A 919 45.99 -26.30 -61.20
CA ASN A 919 45.39 -24.96 -61.26
C ASN A 919 45.85 -24.08 -60.10
N GLN A 920 46.93 -24.47 -59.42
CA GLN A 920 47.26 -23.89 -58.12
C GLN A 920 47.31 -22.37 -58.15
N LYS A 921 47.91 -21.79 -59.19
CA LYS A 921 48.03 -20.33 -59.25
C LYS A 921 46.66 -19.67 -59.30
N LEU A 922 45.70 -20.28 -59.99
CA LEU A 922 44.37 -19.70 -60.09
C LEU A 922 43.69 -19.63 -58.73
N ILE A 923 43.73 -20.71 -57.95
CA ILE A 923 43.13 -20.69 -56.63
C ILE A 923 43.86 -19.72 -55.72
N ALA A 924 45.19 -19.65 -55.83
CA ALA A 924 45.95 -18.71 -55.02
C ALA A 924 45.50 -17.28 -55.28
N ASN A 925 45.40 -16.91 -56.57
CA ASN A 925 45.00 -15.56 -56.91
C ASN A 925 43.56 -15.27 -56.47
N GLN A 926 42.66 -16.25 -56.65
CA GLN A 926 41.28 -16.04 -56.23
C GLN A 926 41.18 -15.83 -54.73
N PHE A 927 41.92 -16.61 -53.94
CA PHE A 927 41.88 -16.45 -52.50
C PHE A 927 42.44 -15.10 -52.07
N ASN A 928 43.55 -14.67 -52.68
CA ASN A 928 44.10 -13.36 -52.34
C ASN A 928 43.12 -12.25 -52.69
N SER A 929 42.48 -12.33 -53.86
CA SER A 929 41.51 -11.32 -54.24
C SER A 929 40.32 -11.31 -53.28
N ALA A 930 39.86 -12.49 -52.85
CA ALA A 930 38.74 -12.55 -51.92
C ALA A 930 39.11 -11.91 -50.59
N ILE A 931 40.33 -12.14 -50.10
CA ILE A 931 40.76 -11.54 -48.84
C ILE A 931 40.80 -10.01 -48.98
N GLY A 932 41.36 -9.52 -50.08
CA GLY A 932 41.37 -8.08 -50.31
C GLY A 932 39.96 -7.51 -50.36
N LYS A 933 39.05 -8.21 -51.04
CA LYS A 933 37.67 -7.74 -51.15
C LYS A 933 36.98 -7.66 -49.80
N ILE A 934 37.16 -8.69 -48.95
CA ILE A 934 36.48 -8.65 -47.66
C ILE A 934 37.08 -7.56 -46.78
N GLN A 935 38.40 -7.35 -46.86
CA GLN A 935 38.99 -6.25 -46.10
C GLN A 935 38.41 -4.91 -46.55
N ASP A 936 38.28 -4.71 -47.86
CA ASP A 936 37.71 -3.46 -48.35
C ASP A 936 36.26 -3.30 -47.91
N SER A 937 35.49 -4.38 -47.95
CA SER A 937 34.09 -4.32 -47.53
C SER A 937 33.97 -3.96 -46.06
N LEU A 938 34.83 -4.54 -45.22
CA LEU A 938 34.81 -4.19 -43.80
C LEU A 938 35.22 -2.74 -43.60
N SER A 939 36.22 -2.27 -44.34
CA SER A 939 36.68 -0.89 -44.18
C SER A 939 35.62 0.12 -44.60
N SER A 940 34.89 -0.17 -45.67
CA SER A 940 33.94 0.80 -46.22
C SER A 940 32.62 0.80 -45.46
N THR A 941 31.87 -0.30 -45.52
CA THR A 941 30.56 -0.37 -44.90
C THR A 941 30.68 -0.41 -43.38
N ALA A 942 29.66 0.15 -42.72
CA ALA A 942 29.65 0.25 -41.26
C ALA A 942 28.50 -0.47 -40.59
N SER A 943 27.53 -0.99 -41.34
CA SER A 943 26.35 -1.62 -40.76
C SER A 943 26.47 -3.14 -40.69
N ALA A 944 27.65 -3.69 -40.95
CA ALA A 944 27.82 -5.14 -40.94
C ALA A 944 27.84 -5.72 -39.52
N LEU A 945 28.23 -4.93 -38.53
CA LEU A 945 28.42 -5.41 -37.16
C LEU A 945 27.24 -5.06 -36.26
N GLY A 946 26.01 -5.10 -36.80
CA GLY A 946 24.85 -4.83 -35.96
C GLY A 946 24.64 -5.85 -34.87
N LYS A 947 24.94 -7.12 -35.15
CA LYS A 947 24.73 -8.18 -34.17
C LYS A 947 25.58 -8.00 -32.92
N LEU A 948 26.66 -7.23 -33.01
CA LEU A 948 27.48 -6.93 -31.84
C LEU A 948 27.15 -5.58 -31.22
N GLN A 949 26.68 -4.62 -32.01
CA GLN A 949 26.35 -3.31 -31.48
C GLN A 949 25.02 -3.31 -30.72
N ASP A 950 24.06 -4.14 -31.17
CA ASP A 950 22.74 -4.13 -30.55
C ASP A 950 22.78 -4.63 -29.11
N VAL A 951 23.66 -5.58 -28.80
CA VAL A 951 23.78 -6.06 -27.43
C VAL A 951 24.25 -4.94 -26.50
N VAL A 952 25.28 -4.21 -26.92
CA VAL A 952 25.78 -3.10 -26.12
C VAL A 952 24.71 -2.03 -25.96
N ASN A 953 23.98 -1.73 -27.05
CA ASN A 953 22.93 -0.73 -26.97
C ASN A 953 21.83 -1.16 -26.00
N GLN A 954 21.45 -2.44 -26.05
CA GLN A 954 20.41 -2.93 -25.14
C GLN A 954 20.85 -2.84 -23.69
N ASN A 955 22.10 -3.24 -23.40
CA ASN A 955 22.59 -3.16 -22.03
C ASN A 955 22.65 -1.71 -21.56
N ALA A 956 23.12 -0.80 -22.42
CA ALA A 956 23.18 0.61 -22.04
C ALA A 956 21.80 1.16 -21.76
N GLN A 957 20.82 0.82 -22.60
CA GLN A 957 19.45 1.29 -22.39
C GLN A 957 18.89 0.74 -21.09
N ALA A 958 19.14 -0.53 -20.79
CA ALA A 958 18.65 -1.12 -19.55
C ALA A 958 19.23 -0.39 -18.34
N LEU A 959 20.54 -0.19 -18.33
CA LEU A 959 21.16 0.51 -17.20
C LEU A 959 20.66 1.94 -17.09
N ASN A 960 20.50 2.64 -18.22
CA ASN A 960 20.02 4.01 -18.19
C ASN A 960 18.60 4.09 -17.63
N THR A 961 17.73 3.17 -18.04
CA THR A 961 16.38 3.14 -17.50
C THR A 961 16.39 2.86 -16.00
N LEU A 962 17.23 1.90 -15.58
CA LEU A 962 17.31 1.58 -14.16
C LEU A 962 17.75 2.79 -13.35
N VAL A 963 18.71 3.55 -13.87
CA VAL A 963 19.16 4.75 -13.16
C VAL A 963 18.07 5.82 -13.17
N LYS A 964 17.42 6.03 -14.32
CA LYS A 964 16.39 7.06 -14.42
C LYS A 964 15.17 6.74 -13.56
N GLN A 965 14.99 5.48 -13.16
CA GLN A 965 13.88 5.14 -12.29
C GLN A 965 13.99 5.78 -10.91
N LEU A 966 15.16 6.33 -10.55
CA LEU A 966 15.33 6.95 -9.24
C LEU A 966 14.44 8.18 -9.06
N SER A 967 14.07 8.85 -10.13
CA SER A 967 13.38 10.14 -10.06
C SER A 967 11.88 9.99 -10.19
N SER A 968 11.30 8.91 -9.66
CA SER A 968 9.86 8.69 -9.69
C SER A 968 9.29 8.87 -8.29
N ASN A 969 8.23 9.67 -8.18
CA ASN A 969 7.62 9.92 -6.88
C ASN A 969 6.98 8.67 -6.30
N PHE A 970 6.47 7.78 -7.17
CA PHE A 970 5.86 6.52 -6.76
C PHE A 970 4.69 6.71 -5.80
N GLY A 971 4.11 7.91 -5.77
CA GLY A 971 2.99 8.19 -4.89
C GLY A 971 3.34 8.92 -3.62
N ALA A 972 4.60 9.30 -3.42
CA ALA A 972 5.02 10.02 -2.23
C ALA A 972 5.10 11.52 -2.53
N ILE A 973 5.46 12.30 -1.51
CA ILE A 973 5.57 13.75 -1.68
C ILE A 973 6.74 14.09 -2.58
N SER A 974 7.90 13.48 -2.33
CA SER A 974 9.11 13.78 -3.08
C SER A 974 9.87 12.49 -3.35
N SER A 975 10.86 12.59 -4.24
CA SER A 975 11.69 11.46 -4.62
C SER A 975 13.05 11.49 -3.94
N VAL A 976 13.21 12.30 -2.90
CA VAL A 976 14.47 12.41 -2.16
C VAL A 976 14.22 11.92 -0.74
N LEU A 977 15.00 10.94 -0.31
CA LEU A 977 14.86 10.42 1.04
C LEU A 977 15.18 11.49 2.08
N ASN A 978 16.25 12.25 1.86
CA ASN A 978 16.64 13.28 2.83
C ASN A 978 15.59 14.38 2.92
N ASP A 979 15.00 14.77 1.78
CA ASP A 979 13.98 15.81 1.80
C ASP A 979 12.77 15.38 2.63
N ILE A 980 12.33 14.13 2.47
CA ILE A 980 11.21 13.64 3.25
C ILE A 980 11.59 13.54 4.73
N LEU A 981 12.79 13.03 5.02
CA LEU A 981 13.21 12.88 6.40
C LEU A 981 13.35 14.22 7.10
N SER A 982 13.85 15.23 6.40
CA SER A 982 14.12 16.53 7.00
C SER A 982 12.90 17.43 7.06
N ARG A 983 11.74 16.96 6.64
CA ARG A 983 10.54 17.79 6.64
C ARG A 983 9.37 17.15 7.37
N LEU A 984 9.26 15.83 7.38
CA LEU A 984 8.07 15.17 7.87
C LEU A 984 8.31 14.49 9.22
N ASP A 985 7.23 14.33 9.96
CA ASP A 985 7.27 13.65 11.24
C ASP A 985 7.46 12.15 11.01
N PRO A 986 8.41 11.53 11.72
CA PRO A 986 8.85 10.15 11.38
C PRO A 986 7.71 9.15 11.27
N PRO A 987 6.70 9.17 12.16
CA PRO A 987 5.65 8.14 12.07
C PRO A 987 4.93 8.11 10.72
N GLU A 988 4.81 9.23 10.02
CA GLU A 988 4.32 9.22 8.65
C GLU A 988 5.44 9.27 7.62
N ALA A 989 6.64 9.70 8.02
CA ALA A 989 7.78 9.69 7.11
C ALA A 989 8.11 8.26 6.70
N GLU A 990 8.06 7.31 7.64
CA GLU A 990 8.32 5.92 7.28
C GLU A 990 7.24 5.38 6.35
N VAL A 991 5.97 5.80 6.56
CA VAL A 991 4.89 5.38 5.67
C VAL A 991 5.16 5.88 4.26
N GLN A 992 5.59 7.14 4.13
CA GLN A 992 5.93 7.67 2.81
C GLN A 992 7.11 6.93 2.19
N ILE A 993 8.13 6.63 3.00
CA ILE A 993 9.33 5.96 2.51
C ILE A 993 9.01 4.55 2.03
N ASP A 994 7.98 3.91 2.59
CA ASP A 994 7.64 2.56 2.20
C ASP A 994 7.32 2.47 0.70
N ARG A 995 6.60 3.46 0.18
CA ARG A 995 6.24 3.45 -1.24
C ARG A 995 7.48 3.50 -2.12
N LEU A 996 8.43 4.38 -1.78
CA LEU A 996 9.67 4.48 -2.55
C LEU A 996 10.45 3.18 -2.49
N ILE A 997 10.52 2.57 -1.30
CA ILE A 997 11.25 1.32 -1.15
C ILE A 997 10.64 0.25 -2.03
N THR A 998 9.31 0.13 -2.00
CA THR A 998 8.63 -0.88 -2.80
C THR A 998 8.87 -0.65 -4.29
N GLY A 999 8.74 0.59 -4.74
CA GLY A 999 8.93 0.87 -6.16
C GLY A 999 10.33 0.54 -6.63
N ARG A 1000 11.34 0.97 -5.86
CA ARG A 1000 12.72 0.70 -6.26
C ARG A 1000 13.02 -0.79 -6.23
N LEU A 1001 12.51 -1.51 -5.22
CA LEU A 1001 12.72 -2.94 -5.15
C LEU A 1001 12.13 -3.65 -6.37
N GLN A 1002 10.92 -3.27 -6.76
CA GLN A 1002 10.29 -3.95 -7.90
C GLN A 1002 10.99 -3.58 -9.21
N SER A 1003 11.50 -2.36 -9.31
CA SER A 1003 12.29 -1.99 -10.49
C SER A 1003 13.55 -2.84 -10.58
N LEU A 1004 14.23 -3.05 -9.44
CA LEU A 1004 15.39 -3.93 -9.44
C LEU A 1004 15.01 -5.35 -9.85
N GLN A 1005 13.86 -5.83 -9.37
CA GLN A 1005 13.38 -7.15 -9.77
C GLN A 1005 13.23 -7.25 -11.29
N THR A 1006 12.58 -6.25 -11.89
CA THR A 1006 12.38 -6.27 -13.34
C THR A 1006 13.71 -6.26 -14.08
N TYR A 1007 14.64 -5.40 -13.65
CA TYR A 1007 15.94 -5.35 -14.32
C TYR A 1007 16.67 -6.67 -14.23
N VAL A 1008 16.63 -7.32 -13.07
CA VAL A 1008 17.32 -8.59 -12.89
C VAL A 1008 16.71 -9.66 -13.78
N THR A 1009 15.38 -9.70 -13.87
CA THR A 1009 14.74 -10.69 -14.74
C THR A 1009 15.13 -10.48 -16.20
N GLN A 1010 15.12 -9.24 -16.67
CA GLN A 1010 15.52 -8.97 -18.04
C GLN A 1010 16.97 -9.39 -18.28
N GLN A 1011 17.85 -9.10 -17.32
CA GLN A 1011 19.25 -9.50 -17.46
C GLN A 1011 19.38 -11.01 -17.54
N LEU A 1012 18.60 -11.75 -16.73
CA LEU A 1012 18.67 -13.20 -16.76
C LEU A 1012 18.28 -13.74 -18.14
N ILE A 1013 17.18 -13.22 -18.70
CA ILE A 1013 16.74 -13.70 -20.01
C ILE A 1013 17.78 -13.39 -21.07
N ARG A 1014 18.31 -12.17 -21.07
CA ARG A 1014 19.30 -11.80 -22.07
C ARG A 1014 20.56 -12.65 -21.93
N ALA A 1015 20.96 -12.94 -20.69
CA ALA A 1015 22.12 -13.78 -20.47
C ALA A 1015 21.91 -15.19 -21.00
N ALA A 1016 20.69 -15.73 -20.82
CA ALA A 1016 20.41 -17.05 -21.38
C ALA A 1016 20.53 -17.04 -22.90
N GLU A 1017 20.00 -15.99 -23.55
CA GLU A 1017 20.11 -15.91 -25.00
C GLU A 1017 21.57 -15.82 -25.45
N ILE A 1018 22.37 -15.01 -24.74
CA ILE A 1018 23.77 -14.87 -25.09
C ILE A 1018 24.50 -16.20 -24.88
N ARG A 1019 24.14 -16.94 -23.85
CA ARG A 1019 24.75 -18.26 -23.63
C ARG A 1019 24.44 -19.20 -24.77
N ALA A 1020 23.20 -19.20 -25.27
CA ALA A 1020 22.88 -20.03 -26.42
C ALA A 1020 23.73 -19.65 -27.63
N SER A 1021 23.87 -18.34 -27.88
CA SER A 1021 24.71 -17.90 -28.99
C SER A 1021 26.16 -18.32 -28.81
N ALA A 1022 26.66 -18.24 -27.58
CA ALA A 1022 28.04 -18.64 -27.30
C ALA A 1022 28.25 -20.13 -27.52
N ASN A 1023 27.27 -20.94 -27.14
CA ASN A 1023 27.37 -22.37 -27.40
C ASN A 1023 27.40 -22.65 -28.91
N LEU A 1024 26.56 -21.96 -29.67
CA LEU A 1024 26.62 -22.11 -31.12
C LEU A 1024 27.99 -21.72 -31.67
N ALA A 1025 28.55 -20.62 -31.17
CA ALA A 1025 29.86 -20.17 -31.62
C ALA A 1025 30.93 -21.20 -31.29
N ALA A 1026 30.86 -21.80 -30.10
CA ALA A 1026 31.83 -22.81 -29.73
C ALA A 1026 31.73 -24.03 -30.64
N THR A 1027 30.50 -24.45 -30.96
CA THR A 1027 30.33 -25.58 -31.88
C THR A 1027 30.91 -25.26 -33.25
N LYS A 1028 30.65 -24.05 -33.76
CA LYS A 1028 31.20 -23.67 -35.05
C LYS A 1028 32.72 -23.64 -35.03
N MET A 1029 33.31 -23.11 -33.96
CA MET A 1029 34.77 -23.07 -33.87
C MET A 1029 35.33 -24.48 -33.83
N SER A 1030 34.67 -25.40 -33.12
CA SER A 1030 35.17 -26.77 -33.04
C SER A 1030 35.07 -27.47 -34.38
N GLU A 1031 34.01 -27.22 -35.14
CA GLU A 1031 33.79 -28.00 -36.36
C GLU A 1031 34.39 -27.35 -37.61
N CYS A 1032 33.98 -26.12 -37.93
CA CYS A 1032 34.45 -25.49 -39.16
C CYS A 1032 35.95 -25.25 -39.15
N VAL A 1033 36.49 -24.82 -38.01
CA VAL A 1033 37.89 -24.42 -37.96
C VAL A 1033 38.80 -25.64 -37.82
N LEU A 1034 38.65 -26.38 -36.73
CA LEU A 1034 39.51 -27.54 -36.43
C LEU A 1034 39.29 -28.70 -37.37
N GLY A 1035 38.44 -28.60 -38.37
CA GLY A 1035 38.23 -29.70 -39.28
C GLY A 1035 37.49 -29.24 -40.52
N GLN A 1036 36.94 -30.21 -41.24
CA GLN A 1036 36.13 -29.95 -42.42
C GLN A 1036 34.74 -30.53 -42.18
N SER A 1037 33.72 -29.77 -42.57
CA SER A 1037 32.34 -30.10 -42.25
C SER A 1037 31.57 -30.46 -43.51
N LYS A 1038 30.78 -31.52 -43.43
CA LYS A 1038 29.88 -31.92 -44.50
C LYS A 1038 28.45 -31.44 -44.27
N ARG A 1039 28.19 -30.73 -43.19
CA ARG A 1039 26.86 -30.22 -42.93
C ARG A 1039 26.57 -29.04 -43.87
N VAL A 1040 25.49 -29.15 -44.63
CA VAL A 1040 25.19 -28.15 -45.64
C VAL A 1040 24.81 -26.83 -45.00
N ASP A 1041 25.37 -25.75 -45.51
CA ASP A 1041 25.06 -24.37 -45.08
C ASP A 1041 25.40 -24.13 -43.62
N PHE A 1042 26.25 -24.96 -43.02
CA PHE A 1042 26.69 -24.72 -41.67
C PHE A 1042 27.90 -23.79 -41.61
N CYS A 1043 28.89 -24.03 -42.46
CA CYS A 1043 30.11 -23.22 -42.51
C CYS A 1043 30.15 -22.37 -43.78
N GLY A 1044 29.02 -21.79 -44.15
CA GLY A 1044 28.95 -20.91 -45.30
C GLY A 1044 28.30 -21.57 -46.50
N LYS A 1045 27.75 -20.75 -47.39
CA LYS A 1045 27.12 -21.27 -48.59
C LYS A 1045 28.16 -21.91 -49.50
N GLY A 1046 27.79 -23.04 -50.09
CA GLY A 1046 28.69 -23.79 -50.94
C GLY A 1046 29.41 -24.88 -50.17
N TYR A 1047 30.27 -25.59 -50.90
CA TYR A 1047 31.04 -26.67 -50.30
C TYR A 1047 32.16 -26.08 -49.45
N HIS A 1048 32.27 -26.55 -48.21
CA HIS A 1048 33.19 -25.97 -47.25
C HIS A 1048 34.61 -26.47 -47.47
N LEU A 1049 35.57 -25.55 -47.32
CA LEU A 1049 36.98 -25.89 -47.42
C LEU A 1049 37.69 -25.72 -46.08
N MET A 1050 37.64 -24.53 -45.49
CA MET A 1050 38.25 -24.27 -44.19
C MET A 1050 37.79 -22.91 -43.71
N SER A 1051 38.25 -22.53 -42.52
CA SER A 1051 37.82 -21.29 -41.90
C SER A 1051 38.95 -20.69 -41.09
N PHE A 1052 38.83 -19.40 -40.80
CA PHE A 1052 39.82 -18.68 -40.00
C PHE A 1052 39.08 -17.86 -38.95
N PRO A 1053 39.38 -18.01 -37.67
CA PRO A 1053 38.72 -17.19 -36.66
C PRO A 1053 39.41 -15.84 -36.49
N GLN A 1054 38.60 -14.84 -36.18
CA GLN A 1054 39.09 -13.51 -35.86
C GLN A 1054 38.31 -12.98 -34.67
N SER A 1055 39.02 -12.33 -33.74
CA SER A 1055 38.38 -11.83 -32.55
C SER A 1055 37.70 -10.49 -32.82
N ALA A 1056 36.79 -10.13 -31.93
CA ALA A 1056 36.04 -8.88 -32.03
C ALA A 1056 35.56 -8.52 -30.64
N PRO A 1057 35.25 -7.24 -30.39
CA PRO A 1057 34.76 -6.86 -29.05
C PRO A 1057 33.50 -7.60 -28.66
N HIS A 1058 33.61 -8.45 -27.64
CA HIS A 1058 32.49 -9.26 -27.16
C HIS A 1058 31.88 -10.12 -28.28
N GLY A 1059 32.75 -10.76 -29.05
CA GLY A 1059 32.26 -11.61 -30.12
C GLY A 1059 33.42 -12.22 -30.88
N VAL A 1060 33.08 -13.04 -31.88
CA VAL A 1060 34.05 -13.69 -32.74
C VAL A 1060 33.57 -13.56 -34.18
N VAL A 1061 34.53 -13.58 -35.11
CA VAL A 1061 34.25 -13.43 -36.53
C VAL A 1061 34.96 -14.53 -37.30
N PHE A 1062 34.22 -15.24 -38.14
CA PHE A 1062 34.76 -16.31 -38.96
C PHE A 1062 34.88 -15.85 -40.41
N LEU A 1063 35.85 -16.41 -41.11
CA LEU A 1063 36.04 -16.18 -42.54
C LEU A 1063 35.98 -17.53 -43.25
N HIS A 1064 34.76 -17.98 -43.57
CA HIS A 1064 34.59 -19.28 -44.21
C HIS A 1064 35.08 -19.22 -45.66
N VAL A 1065 35.85 -20.23 -46.05
CA VAL A 1065 36.33 -20.37 -47.42
C VAL A 1065 35.55 -21.51 -48.06
N THR A 1066 34.91 -21.23 -49.18
CA THR A 1066 34.00 -22.18 -49.80
C THR A 1066 34.31 -22.32 -51.29
N TYR A 1067 33.88 -23.45 -51.85
CA TYR A 1067 34.12 -23.80 -53.24
C TYR A 1067 32.78 -23.79 -53.97
N VAL A 1068 32.69 -23.04 -55.07
CA VAL A 1068 31.45 -22.85 -55.80
C VAL A 1068 31.68 -23.14 -57.28
N PRO A 1069 30.96 -24.10 -57.88
CA PRO A 1069 31.06 -24.30 -59.33
C PRO A 1069 30.55 -23.09 -60.09
N ALA A 1070 31.14 -22.84 -61.26
CA ALA A 1070 30.91 -21.59 -61.96
C ALA A 1070 30.19 -21.74 -63.30
N GLN A 1071 30.76 -22.46 -64.26
CA GLN A 1071 30.28 -22.43 -65.63
C GLN A 1071 29.82 -23.83 -66.02
N GLU A 1072 28.56 -23.93 -66.44
CA GLU A 1072 27.93 -25.22 -66.72
C GLU A 1072 27.91 -25.50 -68.22
N LYS A 1073 27.51 -26.72 -68.56
CA LYS A 1073 27.38 -27.15 -69.94
C LYS A 1073 26.34 -28.25 -70.02
N ASN A 1074 25.56 -28.25 -71.08
CA ASN A 1074 24.56 -29.29 -71.29
C ASN A 1074 25.22 -30.57 -71.78
N PHE A 1075 24.62 -31.70 -71.42
CA PHE A 1075 25.14 -33.00 -71.82
C PHE A 1075 24.00 -34.00 -71.88
N THR A 1076 24.25 -35.12 -72.57
CA THR A 1076 23.30 -36.22 -72.67
C THR A 1076 23.87 -37.40 -71.88
N THR A 1077 23.09 -37.90 -70.93
CA THR A 1077 23.56 -38.89 -69.98
C THR A 1077 22.91 -40.25 -70.27
N ALA A 1078 23.29 -41.25 -69.46
CA ALA A 1078 22.77 -42.61 -69.57
C ALA A 1078 23.08 -43.37 -68.29
N PRO A 1079 22.09 -44.08 -67.72
CA PRO A 1079 22.34 -44.80 -66.46
C PRO A 1079 23.38 -45.89 -66.57
N ALA A 1080 23.50 -46.56 -67.72
CA ALA A 1080 24.42 -47.68 -67.86
C ALA A 1080 24.79 -47.82 -69.33
N ILE A 1081 25.63 -48.81 -69.63
CA ILE A 1081 26.08 -49.09 -70.98
C ILE A 1081 26.16 -50.59 -71.17
N CYS A 1082 25.56 -51.09 -72.24
CA CYS A 1082 25.58 -52.52 -72.56
C CYS A 1082 26.58 -52.76 -73.68
N HIS A 1083 27.52 -53.67 -73.45
CA HIS A 1083 28.59 -53.94 -74.40
C HIS A 1083 28.46 -55.33 -75.03
N ASP A 1084 28.40 -56.39 -74.23
CA ASP A 1084 28.24 -57.75 -74.70
C ASP A 1084 27.08 -58.42 -73.97
N GLY A 1085 25.95 -57.71 -73.86
CA GLY A 1085 24.86 -58.12 -73.02
C GLY A 1085 25.05 -57.72 -71.57
N LYS A 1086 26.28 -57.67 -71.09
CA LYS A 1086 26.56 -57.23 -69.74
C LYS A 1086 26.39 -55.72 -69.62
N ALA A 1087 25.81 -55.28 -68.50
CA ALA A 1087 25.59 -53.87 -68.24
C ALA A 1087 26.74 -53.33 -67.40
N HIS A 1088 27.30 -52.21 -67.84
CA HIS A 1088 28.45 -51.60 -67.17
C HIS A 1088 28.01 -50.31 -66.49
N PHE A 1089 28.24 -50.21 -65.19
CA PHE A 1089 27.91 -49.03 -64.42
C PHE A 1089 29.18 -48.30 -64.00
N PRO A 1090 29.16 -46.97 -63.91
CA PRO A 1090 30.37 -46.24 -63.52
C PRO A 1090 30.69 -46.47 -62.05
N ARG A 1091 31.99 -46.43 -61.74
CA ARG A 1091 32.40 -46.64 -60.36
C ARG A 1091 32.21 -45.38 -59.52
N GLU A 1092 32.90 -44.31 -59.88
CA GLU A 1092 32.80 -43.04 -59.15
C GLU A 1092 32.67 -41.88 -60.14
N GLY A 1093 31.79 -42.05 -61.12
CA GLY A 1093 31.58 -41.01 -62.12
C GLY A 1093 30.19 -41.00 -62.70
N VAL A 1094 30.05 -40.44 -63.89
CA VAL A 1094 28.77 -40.36 -64.58
C VAL A 1094 29.03 -40.36 -66.08
N PHE A 1095 28.20 -41.09 -66.82
CA PHE A 1095 28.35 -41.18 -68.27
C PHE A 1095 27.78 -39.92 -68.92
N VAL A 1096 28.56 -39.32 -69.81
CA VAL A 1096 28.15 -38.13 -70.55
C VAL A 1096 28.45 -38.35 -72.03
N SER A 1097 28.01 -37.39 -72.83
CA SER A 1097 28.21 -37.46 -74.27
C SER A 1097 28.26 -36.05 -74.84
N ASN A 1098 29.30 -35.76 -75.63
CA ASN A 1098 29.40 -34.47 -76.28
C ASN A 1098 28.64 -34.40 -77.59
N GLY A 1099 27.98 -35.48 -77.99
CA GLY A 1099 27.18 -35.48 -79.20
C GLY A 1099 27.38 -36.71 -80.05
N THR A 1100 28.60 -37.24 -80.08
CA THR A 1100 28.90 -38.42 -80.88
C THR A 1100 29.54 -39.53 -80.06
N HIS A 1101 30.40 -39.20 -79.11
CA HIS A 1101 31.13 -40.19 -78.33
C HIS A 1101 30.64 -40.18 -76.88
N TRP A 1102 31.00 -41.23 -76.16
CA TRP A 1102 30.60 -41.41 -74.77
C TRP A 1102 31.83 -41.44 -73.88
N PHE A 1103 31.74 -40.75 -72.74
CA PHE A 1103 32.83 -40.64 -71.80
C PHE A 1103 32.31 -40.88 -70.39
N VAL A 1104 33.23 -40.96 -69.44
CA VAL A 1104 32.91 -41.03 -68.01
C VAL A 1104 33.72 -39.95 -67.31
N THR A 1105 33.05 -39.15 -66.48
CA THR A 1105 33.68 -38.01 -65.84
C THR A 1105 33.19 -37.89 -64.41
N GLN A 1106 33.97 -37.18 -63.59
CA GLN A 1106 33.57 -36.92 -62.22
C GLN A 1106 32.38 -35.97 -62.20
N ARG A 1107 31.63 -36.01 -61.10
CA ARG A 1107 30.34 -35.35 -61.03
C ARG A 1107 30.43 -33.86 -60.68
N ASN A 1108 31.61 -33.34 -60.38
CA ASN A 1108 31.74 -31.95 -59.95
C ASN A 1108 32.73 -31.15 -60.79
N PHE A 1109 33.29 -31.71 -61.85
CA PHE A 1109 34.24 -31.00 -62.69
C PHE A 1109 34.36 -31.76 -63.99
N TYR A 1110 34.07 -31.10 -65.11
CA TYR A 1110 34.09 -31.79 -66.40
C TYR A 1110 35.51 -32.22 -66.74
N GLU A 1111 35.72 -33.53 -66.85
CA GLU A 1111 37.02 -34.09 -67.20
C GLU A 1111 36.78 -35.43 -67.88
N PRO A 1112 36.56 -35.42 -69.19
CA PRO A 1112 36.17 -36.65 -69.88
C PRO A 1112 37.32 -37.64 -70.00
N GLN A 1113 37.00 -38.91 -69.82
CA GLN A 1113 37.95 -40.00 -70.00
C GLN A 1113 37.28 -41.10 -70.80
N ILE A 1114 38.10 -41.92 -71.46
CA ILE A 1114 37.58 -43.04 -72.21
C ILE A 1114 37.01 -44.09 -71.26
N ILE A 1115 35.99 -44.80 -71.71
CA ILE A 1115 35.33 -45.82 -70.90
C ILE A 1115 36.11 -47.13 -71.06
N THR A 1116 36.78 -47.56 -70.00
CA THR A 1116 37.51 -48.81 -69.98
C THR A 1116 36.91 -49.73 -68.92
N THR A 1117 37.59 -50.86 -68.68
CA THR A 1117 37.16 -51.78 -67.64
C THR A 1117 37.68 -51.41 -66.26
N ASP A 1118 38.41 -50.30 -66.15
CA ASP A 1118 38.86 -49.80 -64.86
C ASP A 1118 37.94 -48.77 -64.26
N ASN A 1119 37.07 -48.15 -65.07
CA ASN A 1119 36.11 -47.18 -64.58
C ASN A 1119 34.75 -47.79 -64.30
N THR A 1120 34.45 -48.96 -64.85
CA THR A 1120 33.13 -49.54 -64.80
C THR A 1120 33.17 -50.93 -64.20
N PHE A 1121 32.08 -51.31 -63.53
CA PHE A 1121 31.92 -52.64 -62.97
C PHE A 1121 30.67 -53.29 -63.52
N VAL A 1122 30.78 -54.56 -63.90
CA VAL A 1122 29.70 -55.29 -64.54
C VAL A 1122 28.67 -55.70 -63.51
N SER A 1123 27.38 -55.73 -63.92
CA SER A 1123 26.32 -56.18 -63.03
C SER A 1123 25.15 -56.67 -63.88
N GLY A 1124 25.05 -58.00 -64.05
CA GLY A 1124 23.91 -58.58 -64.72
C GLY A 1124 23.87 -58.34 -66.22
N ASN A 1125 22.69 -58.54 -66.79
CA ASN A 1125 22.45 -58.36 -68.22
C ASN A 1125 21.83 -56.99 -68.46
N CYS A 1126 21.71 -56.64 -69.74
CA CYS A 1126 21.30 -55.31 -70.17
C CYS A 1126 19.89 -55.29 -70.76
N ASP A 1127 18.97 -56.02 -70.15
CA ASP A 1127 17.57 -55.97 -70.55
C ASP A 1127 16.64 -55.64 -69.39
N VAL A 1128 17.18 -55.16 -68.27
CA VAL A 1128 16.38 -54.81 -67.11
C VAL A 1128 16.42 -53.31 -66.82
N VAL A 1129 17.58 -52.68 -67.01
CA VAL A 1129 17.71 -51.25 -66.75
C VAL A 1129 16.89 -50.48 -67.77
N ILE A 1130 16.26 -49.40 -67.32
CA ILE A 1130 15.45 -48.55 -68.18
C ILE A 1130 16.30 -47.37 -68.62
N GLY A 1131 16.62 -47.32 -69.91
CA GLY A 1131 17.43 -46.26 -70.45
C GLY A 1131 18.86 -46.62 -70.79
N ILE A 1132 19.19 -47.91 -70.86
CA ILE A 1132 20.55 -48.31 -71.18
C ILE A 1132 20.89 -47.91 -72.61
N VAL A 1133 22.19 -47.74 -72.87
CA VAL A 1133 22.67 -47.21 -74.14
C VAL A 1133 23.76 -48.13 -74.68
N ASN A 1134 23.63 -48.52 -75.94
CA ASN A 1134 24.65 -49.34 -76.58
C ASN A 1134 25.93 -48.56 -76.79
N ASN A 1135 27.06 -49.22 -76.56
CA ASN A 1135 28.38 -48.66 -76.83
C ASN A 1135 29.40 -49.78 -76.67
N THR A 1136 30.68 -49.43 -76.81
CA THR A 1136 31.78 -50.36 -76.64
C THR A 1136 32.69 -49.87 -75.51
N VAL A 1137 33.14 -50.81 -74.69
CA VAL A 1137 33.99 -50.51 -73.54
C VAL A 1137 35.38 -51.03 -73.86
N TYR A 1138 36.37 -50.13 -73.83
CA TYR A 1138 37.73 -50.48 -74.22
C TYR A 1138 38.39 -51.35 -73.15
N ASP A 1139 39.24 -52.27 -73.60
CA ASP A 1139 39.97 -53.17 -72.71
C ASP A 1139 41.44 -52.81 -72.75
N PRO A 1140 42.04 -52.39 -71.62
CA PRO A 1140 43.44 -51.93 -71.65
C PRO A 1140 44.45 -53.06 -71.80
N LEU A 1141 44.02 -54.32 -71.76
CA LEU A 1141 44.95 -55.44 -71.83
C LEU A 1141 44.95 -56.16 -73.17
N GLN A 1142 43.85 -56.07 -73.93
CA GLN A 1142 43.78 -56.76 -75.22
C GLN A 1142 44.82 -56.30 -76.21
N PRO A 1143 44.99 -54.99 -76.49
CA PRO A 1143 46.07 -54.60 -77.41
C PRO A 1143 47.45 -54.95 -76.91
N GLU A 1144 47.67 -54.93 -75.60
CA GLU A 1144 48.98 -55.25 -75.06
C GLU A 1144 49.32 -56.72 -75.23
N LEU A 1145 48.34 -57.61 -75.01
CA LEU A 1145 48.62 -59.03 -75.10
C LEU A 1145 48.94 -59.48 -76.53
N ASP A 1146 48.64 -58.65 -77.53
CA ASP A 1146 48.90 -59.03 -78.91
C ASP A 1146 50.37 -59.24 -79.20
N SER A 1147 51.26 -58.63 -78.41
CA SER A 1147 52.70 -58.80 -78.59
C SER A 1147 53.16 -60.15 -78.06
N CYS B 15 -61.03 -19.87 12.80
CA CYS B 15 -61.80 -20.06 11.58
C CYS B 15 -62.54 -21.40 11.59
N VAL B 16 -62.16 -22.29 10.69
CA VAL B 16 -62.77 -23.61 10.56
C VAL B 16 -61.68 -24.67 10.69
N ASN B 17 -61.96 -25.71 11.46
CA ASN B 17 -61.02 -26.80 11.68
C ASN B 17 -61.53 -28.07 11.04
N LEU B 18 -60.70 -28.67 10.18
CA LEU B 18 -60.98 -29.98 9.59
C LEU B 18 -59.93 -30.96 10.10
N THR B 19 -60.39 -32.04 10.74
CA THR B 19 -59.49 -33.04 11.30
C THR B 19 -59.65 -34.41 10.65
N THR B 20 -60.52 -34.54 9.64
CA THR B 20 -60.75 -35.82 8.98
C THR B 20 -59.66 -36.05 7.92
N ARG B 21 -58.42 -36.15 8.40
CA ARG B 21 -57.26 -36.36 7.56
C ARG B 21 -56.47 -37.54 8.12
N THR B 22 -56.22 -38.54 7.27
CA THR B 22 -55.44 -39.69 7.68
C THR B 22 -53.99 -39.30 7.95
N GLN B 23 -53.43 -39.81 9.04
CA GLN B 23 -52.07 -39.48 9.44
C GLN B 23 -51.10 -40.44 8.79
N LEU B 24 -50.20 -39.92 7.96
CA LEU B 24 -49.22 -40.71 7.24
C LEU B 24 -47.89 -39.99 7.24
N PRO B 25 -46.77 -40.72 7.41
CA PRO B 25 -45.47 -40.07 7.29
C PRO B 25 -45.23 -39.61 5.86
N PRO B 26 -44.49 -38.51 5.68
CA PRO B 26 -44.21 -38.03 4.33
C PRO B 26 -43.35 -39.01 3.55
N ALA B 27 -43.61 -39.13 2.25
CA ALA B 27 -42.79 -39.93 1.37
C ALA B 27 -41.70 -39.08 0.73
N TYR B 28 -40.81 -39.74 0.00
CA TYR B 28 -39.64 -39.08 -0.58
C TYR B 28 -39.49 -39.50 -2.04
N THR B 29 -38.89 -38.61 -2.84
CA THR B 29 -38.68 -38.87 -4.25
C THR B 29 -37.39 -38.19 -4.69
N ASN B 30 -36.73 -38.77 -5.69
CA ASN B 30 -35.51 -38.19 -6.22
C ASN B 30 -35.84 -36.94 -7.04
N SER B 31 -35.05 -35.88 -6.82
CA SER B 31 -35.28 -34.62 -7.52
C SER B 31 -34.78 -34.64 -8.96
N PHE B 32 -33.92 -35.61 -9.31
CA PHE B 32 -33.37 -35.76 -10.66
C PHE B 32 -32.63 -34.48 -11.02
N THR B 33 -32.85 -33.90 -12.20
CA THR B 33 -32.13 -32.72 -12.66
C THR B 33 -33.07 -31.53 -12.81
N ARG B 34 -33.95 -31.34 -11.83
CA ARG B 34 -34.91 -30.24 -11.84
C ARG B 34 -34.44 -29.14 -10.90
N GLY B 35 -34.81 -27.90 -11.24
CA GLY B 35 -34.55 -26.77 -10.37
C GLY B 35 -33.41 -25.87 -10.81
N VAL B 36 -33.31 -25.64 -12.12
CA VAL B 36 -32.29 -24.76 -12.68
C VAL B 36 -32.99 -23.54 -13.26
N TYR B 37 -32.58 -22.36 -12.80
CA TYR B 37 -33.20 -21.11 -13.21
C TYR B 37 -32.14 -20.16 -13.78
N TYR B 38 -32.60 -19.17 -14.53
CA TYR B 38 -31.72 -18.15 -15.05
C TYR B 38 -31.22 -17.27 -13.92
N PRO B 39 -29.94 -17.38 -13.52
CA PRO B 39 -29.48 -16.61 -12.35
C PRO B 39 -29.57 -15.10 -12.52
N ASP B 40 -29.35 -14.59 -13.73
CA ASP B 40 -29.34 -13.14 -13.97
C ASP B 40 -30.07 -12.85 -15.27
N LYS B 41 -30.08 -11.57 -15.66
CA LYS B 41 -30.84 -11.11 -16.80
C LYS B 41 -29.98 -10.83 -18.04
N VAL B 42 -28.77 -11.36 -18.08
CA VAL B 42 -27.91 -11.20 -19.23
C VAL B 42 -28.23 -12.28 -20.25
N PHE B 43 -27.78 -12.07 -21.48
CA PHE B 43 -27.98 -13.02 -22.57
C PHE B 43 -26.64 -13.47 -23.10
N ARG B 44 -26.44 -14.79 -23.15
CA ARG B 44 -25.23 -15.38 -23.70
C ARG B 44 -25.61 -16.51 -24.66
N SER B 45 -24.76 -16.76 -25.64
CA SER B 45 -25.04 -17.74 -26.68
C SER B 45 -23.81 -18.61 -26.92
N SER B 46 -24.03 -19.92 -26.96
CA SER B 46 -22.99 -20.90 -27.32
C SER B 46 -21.76 -20.78 -26.42
N VAL B 47 -22.00 -20.54 -25.13
CA VAL B 47 -20.91 -20.42 -24.16
C VAL B 47 -21.34 -21.10 -22.86
N LEU B 48 -20.39 -21.80 -22.24
CA LEU B 48 -20.61 -22.46 -20.96
C LEU B 48 -20.19 -21.52 -19.85
N HIS B 49 -21.14 -21.18 -18.97
CA HIS B 49 -20.92 -20.22 -17.91
C HIS B 49 -20.95 -20.91 -16.56
N SER B 50 -19.92 -20.69 -15.75
CA SER B 50 -19.83 -21.25 -14.41
C SER B 50 -20.09 -20.15 -13.39
N THR B 51 -21.18 -20.30 -12.63
CA THR B 51 -21.59 -19.30 -11.65
C THR B 51 -22.00 -19.98 -10.35
N GLN B 52 -21.94 -19.21 -9.27
CA GLN B 52 -22.32 -19.68 -7.95
C GLN B 52 -23.60 -18.96 -7.55
N ASP B 53 -24.54 -19.69 -6.96
CA ASP B 53 -25.81 -19.13 -6.53
C ASP B 53 -26.53 -20.19 -5.71
N LEU B 54 -27.66 -19.79 -5.12
CA LEU B 54 -28.48 -20.72 -4.36
C LEU B 54 -29.24 -21.63 -5.32
N PHE B 55 -28.94 -22.93 -5.28
CA PHE B 55 -29.52 -23.88 -6.22
C PHE B 55 -30.04 -25.09 -5.47
N LEU B 56 -30.79 -25.93 -6.19
CA LEU B 56 -31.24 -27.21 -5.67
C LEU B 56 -30.29 -28.28 -6.16
N PRO B 57 -29.59 -29.00 -5.28
CA PRO B 57 -28.58 -29.96 -5.73
C PRO B 57 -29.20 -31.07 -6.56
N PHE B 58 -28.45 -31.54 -7.54
CA PHE B 58 -28.92 -32.63 -8.39
C PHE B 58 -29.10 -33.90 -7.58
N PHE B 59 -30.14 -34.66 -7.95
CA PHE B 59 -30.46 -35.93 -7.30
C PHE B 59 -30.63 -35.76 -5.79
N SER B 60 -31.32 -34.70 -5.39
CA SER B 60 -31.54 -34.43 -3.98
C SER B 60 -32.76 -35.20 -3.48
N ASN B 61 -33.05 -35.03 -2.20
CA ASN B 61 -34.16 -35.71 -1.54
C ASN B 61 -35.28 -34.69 -1.34
N VAL B 62 -36.32 -34.80 -2.16
CA VAL B 62 -37.42 -33.84 -2.19
C VAL B 62 -38.61 -34.42 -1.44
N THR B 63 -39.12 -33.67 -0.48
CA THR B 63 -40.27 -34.11 0.29
C THR B 63 -41.52 -34.16 -0.59
N TRP B 64 -42.46 -35.03 -0.23
CA TRP B 64 -43.67 -35.25 -0.99
C TRP B 64 -44.85 -35.26 -0.03
N PHE B 65 -45.89 -34.51 -0.35
CA PHE B 65 -47.06 -34.36 0.50
C PHE B 65 -48.32 -34.80 -0.25
N HIS B 66 -49.46 -34.69 0.42
CA HIS B 66 -50.74 -35.07 -0.16
C HIS B 66 -51.89 -34.29 0.44
N ARG B 78 -56.40 -36.95 -0.29
CA ARG B 78 -56.18 -36.48 1.07
C ARG B 78 -55.51 -35.11 1.04
N PHE B 79 -55.74 -34.31 2.07
CA PHE B 79 -55.20 -32.96 2.17
C PHE B 79 -54.07 -32.94 3.18
N ASP B 80 -52.96 -32.34 2.80
CA ASP B 80 -51.83 -32.13 3.70
C ASP B 80 -51.26 -30.74 3.46
N ASN B 81 -51.06 -29.97 4.54
CA ASN B 81 -50.58 -28.60 4.43
C ASN B 81 -49.90 -28.06 5.70
N PRO B 82 -48.92 -28.75 6.24
CA PRO B 82 -48.30 -28.30 7.49
C PRO B 82 -47.29 -27.19 7.24
N VAL B 83 -46.87 -26.58 8.34
CA VAL B 83 -45.95 -25.45 8.28
C VAL B 83 -44.53 -25.97 8.09
N LEU B 84 -43.88 -25.52 7.02
CA LEU B 84 -42.53 -25.97 6.70
C LEU B 84 -41.53 -24.83 6.89
N PRO B 85 -40.30 -25.14 7.25
CA PRO B 85 -39.28 -24.09 7.38
C PRO B 85 -38.94 -23.48 6.03
N PHE B 86 -38.54 -22.21 6.07
CA PHE B 86 -38.14 -21.46 4.89
C PHE B 86 -36.78 -20.86 5.21
N ASN B 87 -35.72 -21.63 4.97
CA ASN B 87 -34.38 -21.19 5.34
C ASN B 87 -33.76 -20.30 4.26
N ASP B 88 -33.63 -20.83 3.05
CA ASP B 88 -33.01 -20.09 1.95
C ASP B 88 -33.82 -20.10 0.66
N GLY B 89 -34.63 -21.11 0.41
CA GLY B 89 -35.41 -21.17 -0.82
C GLY B 89 -36.28 -22.40 -0.81
N VAL B 90 -37.12 -22.50 -1.83
CA VAL B 90 -38.07 -23.60 -1.95
C VAL B 90 -38.28 -23.89 -3.43
N TYR B 91 -38.10 -25.15 -3.81
CA TYR B 91 -38.46 -25.62 -5.15
C TYR B 91 -39.85 -26.24 -5.04
N PHE B 92 -40.87 -25.40 -5.22
CA PHE B 92 -42.25 -25.80 -5.04
C PHE B 92 -42.83 -26.25 -6.37
N ALA B 93 -43.15 -27.55 -6.48
CA ALA B 93 -43.74 -28.10 -7.68
C ALA B 93 -45.10 -28.69 -7.36
N SER B 94 -45.96 -28.75 -8.37
CA SER B 94 -47.32 -29.25 -8.18
C SER B 94 -47.86 -29.76 -9.51
N THR B 95 -48.33 -31.00 -9.51
CA THR B 95 -48.99 -31.59 -10.66
C THR B 95 -50.46 -31.84 -10.32
N GLU B 96 -51.36 -31.24 -11.08
CA GLU B 96 -52.79 -31.29 -10.77
C GLU B 96 -53.59 -31.34 -12.07
N LYS B 97 -54.88 -31.61 -11.93
CA LYS B 97 -55.82 -31.59 -13.04
C LYS B 97 -56.99 -30.64 -12.82
N SER B 98 -57.14 -30.08 -11.62
CA SER B 98 -58.23 -29.15 -11.34
C SER B 98 -57.78 -27.87 -10.65
N ASN B 99 -56.47 -27.68 -10.47
CA ASN B 99 -55.92 -26.46 -9.86
C ASN B 99 -56.48 -26.25 -8.45
N ILE B 100 -56.37 -27.30 -7.63
CA ILE B 100 -56.87 -27.24 -6.27
C ILE B 100 -56.03 -26.28 -5.43
N ILE B 101 -54.72 -26.25 -5.66
CA ILE B 101 -53.85 -25.37 -4.90
C ILE B 101 -54.11 -23.92 -5.31
N ARG B 102 -54.23 -23.04 -4.32
CA ARG B 102 -54.57 -21.65 -4.56
C ARG B 102 -53.36 -20.72 -4.44
N GLY B 103 -52.73 -20.68 -3.27
CA GLY B 103 -51.68 -19.72 -3.04
C GLY B 103 -50.77 -20.10 -1.90
N TRP B 104 -50.14 -19.08 -1.32
CA TRP B 104 -49.13 -19.26 -0.29
C TRP B 104 -49.39 -18.31 0.87
N ILE B 105 -48.65 -18.53 1.96
CA ILE B 105 -48.65 -17.65 3.13
C ILE B 105 -47.25 -17.67 3.71
N PHE B 106 -46.71 -16.50 4.04
CA PHE B 106 -45.37 -16.40 4.58
C PHE B 106 -45.41 -15.64 5.90
N GLY B 107 -44.24 -15.31 6.41
CA GLY B 107 -44.12 -14.54 7.63
C GLY B 107 -43.30 -15.30 8.65
N THR B 108 -43.24 -14.74 9.86
CA THR B 108 -42.50 -15.36 10.96
C THR B 108 -43.43 -15.81 12.08
N THR B 109 -44.26 -14.91 12.61
CA THR B 109 -45.18 -15.25 13.71
C THR B 109 -46.61 -15.47 13.23
N LEU B 110 -47.05 -14.73 12.21
CA LEU B 110 -48.37 -14.89 11.60
C LEU B 110 -49.50 -14.57 12.57
N ASP B 111 -49.21 -13.85 13.64
CA ASP B 111 -50.21 -13.48 14.65
C ASP B 111 -50.27 -11.96 14.80
N SER B 112 -50.09 -11.24 13.70
CA SER B 112 -50.12 -9.78 13.63
C SER B 112 -49.02 -9.12 14.47
N LYS B 113 -48.12 -9.91 15.06
CA LYS B 113 -46.98 -9.34 15.76
C LYS B 113 -45.86 -8.95 14.81
N THR B 114 -45.79 -9.59 13.65
CA THR B 114 -44.80 -9.26 12.61
C THR B 114 -45.48 -9.30 11.26
N GLN B 115 -44.89 -8.60 10.30
CA GLN B 115 -45.46 -8.53 8.97
C GLN B 115 -45.44 -9.89 8.29
N SER B 116 -46.48 -10.17 7.50
CA SER B 116 -46.60 -11.45 6.82
C SER B 116 -47.08 -11.23 5.39
N LEU B 117 -46.47 -11.95 4.46
CA LEU B 117 -46.82 -11.86 3.06
C LEU B 117 -48.05 -12.72 2.76
N LEU B 118 -48.70 -12.44 1.65
CA LEU B 118 -49.89 -13.17 1.24
C LEU B 118 -49.97 -13.22 -0.28
N ILE B 119 -50.37 -14.37 -0.81
CA ILE B 119 -50.57 -14.57 -2.25
C ILE B 119 -51.78 -15.47 -2.42
N VAL B 120 -52.79 -15.00 -3.16
CA VAL B 120 -53.96 -15.81 -3.52
C VAL B 120 -54.17 -15.72 -5.02
N ASN B 121 -54.13 -16.87 -5.69
CA ASN B 121 -54.44 -16.95 -7.11
C ASN B 121 -55.89 -17.39 -7.29
N ASN B 122 -56.80 -16.50 -6.90
CA ASN B 122 -58.22 -16.81 -6.98
C ASN B 122 -58.69 -16.79 -8.43
N ALA B 123 -59.99 -16.99 -8.61
CA ALA B 123 -60.57 -16.98 -9.96
C ALA B 123 -60.51 -15.60 -10.60
N THR B 124 -60.36 -14.54 -9.82
CA THR B 124 -60.33 -13.19 -10.38
C THR B 124 -58.97 -12.86 -10.97
N ASN B 125 -57.94 -12.80 -10.13
CA ASN B 125 -56.59 -12.43 -10.53
C ASN B 125 -55.64 -12.79 -9.39
N VAL B 126 -54.39 -12.39 -9.52
CA VAL B 126 -53.39 -12.59 -8.48
C VAL B 126 -53.50 -11.44 -7.49
N VAL B 127 -53.66 -11.78 -6.21
CA VAL B 127 -53.75 -10.79 -5.14
C VAL B 127 -52.53 -10.96 -4.25
N ILE B 128 -51.77 -9.88 -4.09
CA ILE B 128 -50.56 -9.88 -3.28
C ILE B 128 -50.69 -8.78 -2.25
N LYS B 129 -50.41 -9.11 -0.99
CA LYS B 129 -50.54 -8.16 0.11
C LYS B 129 -49.43 -8.41 1.12
N VAL B 130 -49.04 -7.35 1.81
CA VAL B 130 -48.05 -7.41 2.88
C VAL B 130 -48.62 -6.88 4.20
N CYS B 131 -49.93 -6.97 4.38
CA CYS B 131 -50.56 -6.54 5.62
C CYS B 131 -50.25 -7.51 6.75
N GLU B 132 -50.28 -7.01 7.98
CA GLU B 132 -50.07 -7.84 9.15
C GLU B 132 -51.39 -8.52 9.50
N PHE B 133 -51.47 -9.83 9.22
CA PHE B 133 -52.71 -10.58 9.32
C PHE B 133 -52.82 -11.32 10.65
N GLN B 134 -54.04 -11.76 10.94
CA GLN B 134 -54.34 -12.61 12.09
C GLN B 134 -54.88 -13.92 11.53
N PHE B 135 -53.97 -14.86 11.27
CA PHE B 135 -54.34 -16.13 10.66
C PHE B 135 -54.96 -17.08 11.68
N CYS B 136 -55.84 -17.94 11.19
CA CYS B 136 -56.34 -19.05 11.99
C CYS B 136 -55.39 -20.24 11.84
N ASN B 137 -55.53 -21.19 12.77
CA ASN B 137 -54.60 -22.32 12.81
C ASN B 137 -54.71 -23.21 11.58
N ASP B 138 -55.83 -23.18 10.85
CA ASP B 138 -56.04 -24.01 9.67
C ASP B 138 -56.54 -23.15 8.52
N PRO B 139 -55.65 -22.35 7.92
CA PRO B 139 -56.05 -21.57 6.74
C PRO B 139 -56.43 -22.48 5.59
N PHE B 140 -57.47 -22.08 4.85
CA PHE B 140 -57.98 -22.88 3.75
C PHE B 140 -58.98 -22.05 2.97
N LEU B 141 -59.46 -22.62 1.86
CA LEU B 141 -60.52 -22.03 1.06
C LEU B 141 -61.57 -23.08 0.77
N GLY B 142 -62.79 -22.63 0.52
CA GLY B 142 -63.90 -23.52 0.25
C GLY B 142 -64.57 -23.20 -1.08
N VAL B 143 -64.97 -24.24 -1.80
CA VAL B 143 -65.60 -24.08 -3.09
C VAL B 143 -66.92 -24.84 -3.13
N TRP B 152 -70.28 -25.33 -10.12
CA TRP B 152 -69.16 -25.13 -9.21
C TRP B 152 -68.97 -23.64 -8.92
N MET B 153 -68.80 -23.30 -7.64
CA MET B 153 -68.65 -21.90 -7.25
C MET B 153 -67.93 -21.83 -5.92
N GLU B 154 -66.96 -20.92 -5.82
CA GLU B 154 -66.23 -20.66 -4.58
C GLU B 154 -67.12 -19.84 -3.66
N SER B 155 -67.17 -20.24 -2.38
CA SER B 155 -68.07 -19.57 -1.44
C SER B 155 -67.42 -19.24 -0.10
N GLU B 156 -66.34 -19.94 0.25
CA GLU B 156 -65.77 -19.86 1.58
C GLU B 156 -64.37 -19.25 1.54
N PHE B 157 -64.16 -18.20 2.33
CA PHE B 157 -62.88 -17.49 2.42
C PHE B 157 -62.58 -17.29 3.90
N ARG B 158 -61.77 -18.16 4.48
CA ARG B 158 -61.51 -18.16 5.91
C ARG B 158 -60.01 -18.28 6.20
N VAL B 159 -59.18 -17.72 5.31
CA VAL B 159 -57.73 -17.83 5.51
C VAL B 159 -57.27 -16.96 6.68
N TYR B 160 -57.84 -15.76 6.83
CA TYR B 160 -57.45 -14.86 7.91
C TYR B 160 -58.70 -14.21 8.48
N SER B 161 -58.55 -13.61 9.65
CA SER B 161 -59.62 -12.90 10.34
C SER B 161 -59.45 -11.40 10.35
N SER B 162 -58.23 -10.91 10.54
CA SER B 162 -57.95 -9.49 10.63
C SER B 162 -56.89 -9.10 9.60
N ALA B 163 -56.93 -7.83 9.20
CA ALA B 163 -55.95 -7.29 8.25
C ALA B 163 -55.82 -5.80 8.51
N ASN B 164 -54.75 -5.40 9.19
CA ASN B 164 -54.56 -4.01 9.56
C ASN B 164 -53.08 -3.66 9.49
N ASN B 165 -52.80 -2.36 9.42
CA ASN B 165 -51.43 -1.85 9.31
C ASN B 165 -50.75 -2.37 8.05
N CYS B 166 -51.47 -2.34 6.94
CA CYS B 166 -50.95 -2.82 5.67
C CYS B 166 -49.87 -1.88 5.13
N THR B 167 -49.05 -2.41 4.23
CA THR B 167 -47.93 -1.68 3.66
C THR B 167 -47.93 -1.67 2.14
N PHE B 168 -48.30 -2.78 1.51
CA PHE B 168 -48.13 -2.95 0.07
C PHE B 168 -49.37 -3.62 -0.53
N GLU B 169 -49.57 -3.37 -1.82
CA GLU B 169 -50.65 -4.01 -2.58
C GLU B 169 -50.17 -4.25 -4.00
N TYR B 170 -50.84 -5.17 -4.68
CA TYR B 170 -50.42 -5.57 -6.03
C TYR B 170 -51.54 -6.41 -6.64
N VAL B 171 -51.72 -6.24 -7.95
CA VAL B 171 -52.60 -7.11 -8.73
C VAL B 171 -51.91 -7.43 -10.04
N SER B 172 -51.94 -8.71 -10.42
CA SER B 172 -51.32 -9.14 -11.67
C SER B 172 -52.36 -9.70 -12.62
N LYS B 187 -51.12 -33.81 -15.37
CA LYS B 187 -51.04 -33.53 -16.81
C LYS B 187 -50.10 -32.37 -17.08
N ASN B 188 -50.10 -31.40 -16.17
CA ASN B 188 -49.22 -30.24 -16.26
C ASN B 188 -48.59 -29.97 -14.90
N LEU B 189 -47.39 -29.41 -14.92
CA LEU B 189 -46.61 -29.16 -13.72
C LEU B 189 -46.29 -27.68 -13.63
N ARG B 190 -46.51 -27.09 -12.46
CA ARG B 190 -46.21 -25.69 -12.18
C ARG B 190 -45.18 -25.64 -11.07
N GLU B 191 -43.91 -25.44 -11.41
CA GLU B 191 -42.82 -25.44 -10.45
C GLU B 191 -42.33 -24.02 -10.24
N PHE B 192 -42.04 -23.69 -8.98
CA PHE B 192 -41.66 -22.34 -8.59
C PHE B 192 -40.43 -22.38 -7.71
N VAL B 193 -39.70 -21.26 -7.68
CA VAL B 193 -38.54 -21.10 -6.83
C VAL B 193 -38.66 -19.75 -6.13
N PHE B 194 -38.61 -19.76 -4.81
CA PHE B 194 -38.71 -18.54 -4.01
C PHE B 194 -37.34 -18.20 -3.43
N LYS B 195 -37.11 -16.90 -3.24
CA LYS B 195 -35.87 -16.43 -2.64
C LYS B 195 -36.15 -15.11 -1.92
N ASN B 196 -35.28 -14.78 -0.97
CA ASN B 196 -35.41 -13.54 -0.21
C ASN B 196 -34.01 -13.07 0.17
N ILE B 197 -33.46 -12.16 -0.63
CA ILE B 197 -32.09 -11.68 -0.42
C ILE B 197 -32.08 -10.17 -0.68
N ASP B 198 -31.40 -9.42 0.19
CA ASP B 198 -31.38 -7.96 0.15
C ASP B 198 -32.78 -7.37 0.13
N GLY B 199 -33.67 -7.96 0.93
CA GLY B 199 -35.03 -7.45 0.99
C GLY B 199 -35.81 -7.56 -0.29
N TYR B 200 -35.39 -8.44 -1.21
CA TYR B 200 -36.08 -8.66 -2.47
C TYR B 200 -36.64 -10.08 -2.47
N PHE B 201 -37.88 -10.22 -2.87
CA PHE B 201 -38.58 -11.51 -2.86
C PHE B 201 -38.78 -11.93 -4.31
N LYS B 202 -37.88 -12.77 -4.82
CA LYS B 202 -37.89 -13.18 -6.22
C LYS B 202 -38.69 -14.47 -6.38
N ILE B 203 -39.42 -14.55 -7.49
CA ILE B 203 -40.19 -15.73 -7.83
C ILE B 203 -39.86 -16.14 -9.26
N TYR B 204 -39.47 -17.39 -9.45
CA TYR B 204 -39.19 -17.94 -10.77
C TYR B 204 -40.20 -19.05 -11.04
N SER B 205 -40.83 -19.00 -12.22
CA SER B 205 -41.91 -19.92 -12.54
C SER B 205 -41.68 -20.56 -13.90
N LYS B 206 -42.31 -21.72 -14.10
CA LYS B 206 -42.22 -22.45 -15.35
C LYS B 206 -43.35 -23.46 -15.41
N HIS B 207 -43.93 -23.61 -16.60
CA HIS B 207 -45.00 -24.57 -16.85
C HIS B 207 -44.55 -25.57 -17.90
N THR B 208 -45.03 -26.81 -17.78
CA THR B 208 -44.66 -27.85 -18.73
C THR B 208 -45.70 -28.95 -18.74
N PRO B 209 -46.03 -29.51 -19.91
CA PRO B 209 -46.95 -30.64 -19.98
C PRO B 209 -46.22 -31.95 -19.72
N ILE B 210 -46.99 -32.91 -19.21
CA ILE B 210 -46.44 -34.22 -18.88
C ILE B 210 -47.53 -35.26 -19.03
N ASN B 211 -47.17 -36.42 -19.58
CA ASN B 211 -48.07 -37.55 -19.71
C ASN B 211 -47.99 -38.51 -18.54
N LEU B 212 -47.07 -38.28 -17.60
CA LEU B 212 -46.94 -39.14 -16.44
C LEU B 212 -48.08 -38.88 -15.47
N VAL B 213 -48.21 -39.78 -14.49
CA VAL B 213 -49.28 -39.70 -13.50
C VAL B 213 -48.69 -39.48 -12.11
N ARG B 214 -47.81 -40.38 -11.70
CA ARG B 214 -47.28 -40.37 -10.34
C ARG B 214 -45.75 -40.53 -10.36
N ASP B 215 -45.08 -39.73 -11.17
CA ASP B 215 -43.62 -39.67 -11.15
C ASP B 215 -43.16 -38.30 -11.57
N LEU B 216 -42.13 -37.79 -10.89
CA LEU B 216 -41.52 -36.52 -11.29
C LEU B 216 -40.66 -36.77 -12.53
N PRO B 217 -40.92 -36.08 -13.64
CA PRO B 217 -40.23 -36.42 -14.90
C PRO B 217 -38.72 -36.24 -14.79
N GLN B 218 -38.01 -37.13 -15.47
CA GLN B 218 -36.55 -37.10 -15.53
C GLN B 218 -36.15 -36.32 -16.77
N GLY B 219 -35.91 -35.03 -16.60
CA GLY B 219 -35.57 -34.19 -17.73
C GLY B 219 -35.03 -32.85 -17.26
N PHE B 220 -34.89 -31.94 -18.22
CA PHE B 220 -34.35 -30.62 -17.96
C PHE B 220 -35.31 -29.54 -18.47
N SER B 221 -35.49 -28.50 -17.66
CA SER B 221 -36.35 -27.39 -18.04
C SER B 221 -35.93 -26.18 -17.23
N ALA B 222 -35.42 -25.15 -17.89
CA ALA B 222 -34.97 -23.95 -17.20
C ALA B 222 -36.17 -23.17 -16.66
N LEU B 223 -35.89 -22.31 -15.69
CA LEU B 223 -36.91 -21.49 -15.04
C LEU B 223 -36.59 -20.02 -15.24
N GLU B 224 -37.57 -19.24 -15.70
CA GLU B 224 -37.35 -17.83 -15.97
C GLU B 224 -37.98 -16.96 -14.89
N PRO B 225 -37.40 -15.79 -14.61
CA PRO B 225 -37.93 -14.95 -13.53
C PRO B 225 -39.31 -14.42 -13.83
N LEU B 226 -40.07 -14.18 -12.76
CA LEU B 226 -41.43 -13.67 -12.86
C LEU B 226 -41.59 -12.29 -12.24
N VAL B 227 -41.31 -12.14 -10.95
CA VAL B 227 -41.50 -10.86 -10.26
C VAL B 227 -40.34 -10.66 -9.28
N ASP B 228 -40.10 -9.40 -8.94
CA ASP B 228 -39.12 -9.02 -7.92
C ASP B 228 -39.81 -8.08 -6.94
N LEU B 229 -40.23 -8.61 -5.79
CA LEU B 229 -40.90 -7.80 -4.79
C LEU B 229 -39.88 -7.06 -3.95
N PRO B 230 -39.91 -5.72 -3.92
CA PRO B 230 -38.98 -4.95 -3.08
C PRO B 230 -39.52 -4.67 -1.68
N ILE B 231 -39.76 -5.73 -0.91
CA ILE B 231 -40.31 -5.64 0.43
C ILE B 231 -39.35 -6.30 1.40
N GLY B 232 -39.00 -5.57 2.46
CA GLY B 232 -38.00 -6.04 3.41
C GLY B 232 -38.56 -6.86 4.56
N ILE B 233 -39.00 -8.08 4.27
CA ILE B 233 -39.47 -9.01 5.28
C ILE B 233 -38.39 -10.05 5.53
N ASN B 234 -38.35 -10.56 6.76
CA ASN B 234 -37.47 -11.67 7.12
C ASN B 234 -38.37 -12.88 7.36
N ILE B 235 -38.38 -13.80 6.40
CA ILE B 235 -39.31 -14.93 6.40
C ILE B 235 -38.56 -16.19 6.80
N THR B 236 -39.14 -16.94 7.74
CA THR B 236 -38.56 -18.19 8.19
C THR B 236 -39.46 -19.40 8.00
N ARG B 237 -40.77 -19.20 7.84
CA ARG B 237 -41.70 -20.31 7.66
C ARG B 237 -42.75 -19.91 6.63
N PHE B 238 -43.41 -20.92 6.08
CA PHE B 238 -44.45 -20.69 5.08
C PHE B 238 -45.42 -21.85 5.09
N GLN B 239 -46.53 -21.67 4.39
CA GLN B 239 -47.56 -22.70 4.30
C GLN B 239 -48.36 -22.49 3.02
N THR B 240 -48.78 -23.60 2.42
CA THR B 240 -49.55 -23.55 1.18
C THR B 240 -51.03 -23.39 1.48
N LEU B 241 -51.80 -23.23 0.40
CA LEU B 241 -53.24 -23.03 0.49
C LEU B 241 -53.95 -24.00 -0.44
N LEU B 242 -55.17 -24.37 -0.06
CA LEU B 242 -56.00 -25.25 -0.88
C LEU B 242 -57.44 -24.77 -0.81
N ALA B 243 -58.22 -25.15 -1.82
CA ALA B 243 -59.64 -24.80 -1.85
C ALA B 243 -60.51 -26.05 -1.84
N TRP B 258 -67.98 -31.02 1.92
CA TRP B 258 -67.43 -30.30 0.78
C TRP B 258 -66.89 -31.28 -0.28
N THR B 259 -65.77 -30.93 -0.90
CA THR B 259 -65.18 -31.74 -1.96
C THR B 259 -63.69 -31.90 -1.71
N ALA B 260 -63.19 -33.10 -1.97
CA ALA B 260 -61.77 -33.42 -1.81
C ALA B 260 -61.15 -33.68 -3.19
N GLY B 261 -60.08 -32.97 -3.49
CA GLY B 261 -59.38 -33.12 -4.74
C GLY B 261 -58.06 -33.85 -4.58
N ALA B 262 -57.73 -34.68 -5.56
CA ALA B 262 -56.50 -35.48 -5.53
C ALA B 262 -55.36 -34.61 -6.06
N ALA B 263 -54.67 -33.94 -5.15
CA ALA B 263 -53.56 -33.06 -5.52
C ALA B 263 -52.39 -33.32 -4.58
N ALA B 264 -51.19 -33.18 -5.13
CA ALA B 264 -49.95 -33.34 -4.37
C ALA B 264 -48.95 -32.29 -4.82
N TYR B 265 -48.07 -31.91 -3.91
CA TYR B 265 -47.08 -30.89 -4.20
C TYR B 265 -45.75 -31.24 -3.53
N TYR B 266 -44.67 -31.17 -4.31
CA TYR B 266 -43.34 -31.51 -3.82
C TYR B 266 -42.69 -30.26 -3.25
N VAL B 267 -41.76 -30.47 -2.31
CA VAL B 267 -41.03 -29.37 -1.69
C VAL B 267 -39.55 -29.72 -1.65
N GLY B 268 -38.71 -28.81 -2.15
CA GLY B 268 -37.28 -28.95 -2.05
C GLY B 268 -36.66 -27.72 -1.43
N TYR B 269 -35.41 -27.84 -1.02
CA TYR B 269 -34.69 -26.76 -0.36
C TYR B 269 -33.41 -26.44 -1.12
N LEU B 270 -33.04 -25.16 -1.12
CA LEU B 270 -31.85 -24.70 -1.82
C LEU B 270 -30.70 -24.50 -0.84
N GLN B 271 -29.49 -24.48 -1.40
CA GLN B 271 -28.27 -24.26 -0.62
C GLN B 271 -27.19 -23.80 -1.58
N PRO B 272 -26.16 -23.11 -1.07
CA PRO B 272 -25.11 -22.57 -1.95
C PRO B 272 -24.40 -23.68 -2.72
N ARG B 273 -24.38 -23.55 -4.04
CA ARG B 273 -23.76 -24.54 -4.90
C ARG B 273 -23.19 -23.85 -6.14
N THR B 274 -22.28 -24.55 -6.81
CA THR B 274 -21.69 -24.08 -8.05
C THR B 274 -22.19 -24.94 -9.21
N PHE B 275 -22.56 -24.30 -10.31
CA PHE B 275 -23.11 -24.98 -11.47
C PHE B 275 -22.36 -24.57 -12.72
N LEU B 276 -22.47 -25.39 -13.75
CA LEU B 276 -21.93 -25.10 -15.07
C LEU B 276 -23.07 -25.19 -16.07
N LEU B 277 -23.59 -24.04 -16.47
CA LEU B 277 -24.76 -23.98 -17.34
C LEU B 277 -24.33 -23.83 -18.79
N LYS B 278 -25.12 -24.42 -19.69
CA LYS B 278 -24.85 -24.37 -21.12
C LYS B 278 -25.92 -23.55 -21.82
N TYR B 279 -25.51 -22.53 -22.54
CA TYR B 279 -26.41 -21.69 -23.32
C TYR B 279 -26.30 -22.09 -24.79
N ASN B 280 -27.45 -22.29 -25.43
CA ASN B 280 -27.47 -22.66 -26.85
C ASN B 280 -27.35 -21.39 -27.70
N GLU B 281 -27.64 -21.52 -29.00
CA GLU B 281 -27.51 -20.39 -29.90
C GLU B 281 -28.49 -19.28 -29.54
N ASN B 282 -29.70 -19.63 -29.11
CA ASN B 282 -30.74 -18.66 -28.83
C ASN B 282 -30.74 -18.19 -27.38
N GLY B 283 -29.76 -18.60 -26.59
CA GLY B 283 -29.65 -18.13 -25.23
C GLY B 283 -30.47 -18.89 -24.20
N THR B 284 -31.04 -20.04 -24.57
CA THR B 284 -31.82 -20.84 -23.66
C THR B 284 -30.96 -21.94 -23.04
N ILE B 285 -31.08 -22.11 -21.73
CA ILE B 285 -30.29 -23.12 -21.04
C ILE B 285 -30.74 -24.50 -21.46
N THR B 286 -29.79 -25.35 -21.83
CA THR B 286 -30.09 -26.70 -22.28
C THR B 286 -29.56 -27.80 -21.37
N ASP B 287 -28.44 -27.56 -20.69
CA ASP B 287 -27.88 -28.55 -19.78
C ASP B 287 -27.17 -27.84 -18.64
N ALA B 288 -27.04 -28.55 -17.52
CA ALA B 288 -26.31 -28.06 -16.36
C ALA B 288 -25.56 -29.21 -15.73
N VAL B 289 -24.45 -28.88 -15.06
CA VAL B 289 -23.61 -29.88 -14.41
C VAL B 289 -23.37 -29.41 -12.98
N ASP B 290 -23.81 -30.21 -12.01
CA ASP B 290 -23.51 -29.93 -10.62
C ASP B 290 -22.02 -30.09 -10.38
N CYS B 291 -21.44 -29.21 -9.57
CA CYS B 291 -19.99 -29.14 -9.41
C CYS B 291 -19.50 -29.86 -8.16
N ALA B 292 -20.37 -30.57 -7.45
CA ALA B 292 -19.94 -31.32 -6.28
C ALA B 292 -20.61 -32.69 -6.16
N LEU B 293 -21.18 -33.20 -7.27
CA LEU B 293 -21.92 -34.45 -7.18
C LEU B 293 -21.01 -35.65 -7.06
N ASP B 294 -19.93 -35.68 -7.82
CA ASP B 294 -19.05 -36.85 -7.87
C ASP B 294 -17.73 -36.43 -8.46
N PRO B 295 -16.70 -37.29 -8.41
CA PRO B 295 -15.41 -36.91 -9.01
C PRO B 295 -15.48 -36.51 -10.47
N LEU B 296 -16.32 -37.18 -11.26
CA LEU B 296 -16.40 -36.86 -12.68
C LEU B 296 -16.92 -35.44 -12.89
N SER B 297 -17.92 -35.04 -12.12
CA SER B 297 -18.50 -33.71 -12.31
C SER B 297 -17.52 -32.60 -11.98
N GLU B 298 -16.64 -32.84 -11.00
CA GLU B 298 -15.62 -31.84 -10.70
C GLU B 298 -14.66 -31.65 -11.87
N THR B 299 -14.34 -32.73 -12.57
CA THR B 299 -13.43 -32.64 -13.71
C THR B 299 -14.02 -31.77 -14.82
N LYS B 300 -15.32 -31.91 -15.08
CA LYS B 300 -15.97 -31.09 -16.10
C LYS B 300 -15.93 -29.61 -15.72
N CYS B 301 -16.06 -29.31 -14.42
CA CYS B 301 -15.95 -27.93 -13.97
C CYS B 301 -14.57 -27.36 -14.26
N THR B 302 -13.52 -28.14 -14.02
CA THR B 302 -12.16 -27.64 -14.19
C THR B 302 -11.87 -27.32 -15.66
N LEU B 303 -12.25 -28.21 -16.57
CA LEU B 303 -11.97 -28.00 -17.98
C LEU B 303 -13.01 -27.10 -18.66
N LYS B 304 -14.10 -26.77 -17.98
CA LYS B 304 -15.16 -25.93 -18.54
C LYS B 304 -15.68 -26.50 -19.85
N SER B 305 -15.85 -27.82 -19.90
CA SER B 305 -16.39 -28.49 -21.06
C SER B 305 -17.25 -29.65 -20.61
N PHE B 306 -18.20 -30.04 -21.46
CA PHE B 306 -19.11 -31.11 -21.13
C PHE B 306 -18.59 -32.49 -21.53
N THR B 307 -17.48 -32.55 -22.26
CA THR B 307 -16.85 -33.81 -22.63
C THR B 307 -15.38 -33.75 -22.26
N VAL B 308 -14.89 -34.81 -21.63
CA VAL B 308 -13.51 -34.87 -21.14
C VAL B 308 -12.79 -36.01 -21.85
N GLU B 309 -11.61 -35.72 -22.39
CA GLU B 309 -10.84 -36.71 -23.12
C GLU B 309 -10.07 -37.59 -22.16
N LYS B 310 -9.56 -38.70 -22.69
CA LYS B 310 -8.80 -39.66 -21.89
C LYS B 310 -7.56 -39.01 -21.29
N GLY B 311 -7.33 -39.24 -20.01
CA GLY B 311 -6.17 -38.68 -19.34
C GLY B 311 -6.42 -38.58 -17.85
N ILE B 312 -5.43 -37.98 -17.18
CA ILE B 312 -5.48 -37.77 -15.74
C ILE B 312 -5.46 -36.27 -15.47
N TYR B 313 -6.43 -35.80 -14.69
CA TYR B 313 -6.59 -34.38 -14.41
C TYR B 313 -6.60 -34.14 -12.90
N GLN B 314 -6.16 -32.96 -12.51
CA GLN B 314 -6.15 -32.54 -11.10
C GLN B 314 -7.32 -31.60 -10.87
N THR B 315 -8.07 -31.84 -9.80
CA THR B 315 -9.32 -31.11 -9.55
C THR B 315 -9.25 -30.21 -8.33
N SER B 316 -8.94 -30.76 -7.16
CA SER B 316 -9.00 -29.98 -5.93
C SER B 316 -7.92 -30.49 -4.98
N ASN B 317 -8.03 -30.10 -3.71
CA ASN B 317 -7.04 -30.44 -2.70
C ASN B 317 -7.72 -31.14 -1.53
N PHE B 318 -7.04 -32.14 -0.98
CA PHE B 318 -7.51 -32.89 0.17
C PHE B 318 -6.73 -32.46 1.40
N ARG B 319 -7.42 -32.12 2.47
CA ARG B 319 -6.79 -31.58 3.68
C ARG B 319 -7.55 -32.09 4.90
N VAL B 320 -6.83 -32.75 5.81
CA VAL B 320 -7.44 -33.22 7.05
C VAL B 320 -7.73 -32.03 7.96
N GLN B 321 -8.86 -32.09 8.67
CA GLN B 321 -9.22 -30.99 9.55
C GLN B 321 -9.00 -31.36 11.01
N PRO B 322 -8.66 -30.39 11.85
CA PRO B 322 -8.44 -30.70 13.27
C PRO B 322 -9.72 -31.17 13.94
N THR B 323 -9.55 -32.08 14.91
CA THR B 323 -10.67 -32.67 15.62
C THR B 323 -10.92 -32.01 16.97
N GLU B 324 -9.90 -31.95 17.82
CA GLU B 324 -10.03 -31.44 19.17
C GLU B 324 -8.92 -30.44 19.44
N SER B 325 -9.18 -29.50 20.35
CA SER B 325 -8.23 -28.46 20.69
C SER B 325 -7.79 -28.62 22.14
N ILE B 326 -6.47 -28.64 22.36
CA ILE B 326 -5.89 -28.81 23.69
C ILE B 326 -5.07 -27.58 24.02
N VAL B 327 -5.11 -27.17 25.29
CA VAL B 327 -4.28 -26.10 25.82
C VAL B 327 -3.62 -26.61 27.09
N ARG B 328 -2.30 -26.49 27.17
CA ARG B 328 -1.55 -26.99 28.31
C ARG B 328 -0.72 -25.87 28.92
N PHE B 329 -0.72 -25.80 30.24
CA PHE B 329 0.05 -24.83 31.01
C PHE B 329 0.59 -25.53 32.24
N PRO B 330 1.65 -25.00 32.84
CA PRO B 330 2.30 -25.71 33.96
C PRO B 330 1.36 -25.90 35.14
N ASN B 331 1.80 -26.73 36.07
CA ASN B 331 1.02 -27.01 37.27
C ASN B 331 0.71 -25.71 38.00
N ILE B 332 -0.57 -25.54 38.36
CA ILE B 332 -0.99 -24.31 39.02
C ILE B 332 -0.47 -24.32 40.45
N THR B 333 0.47 -23.43 40.74
CA THR B 333 1.04 -23.31 42.08
C THR B 333 1.25 -21.83 42.36
N ASN B 334 2.00 -21.54 43.44
CA ASN B 334 2.19 -20.17 43.90
C ASN B 334 0.85 -19.47 44.11
N LEU B 335 -0.10 -20.22 44.66
CA LEU B 335 -1.42 -19.67 44.92
C LEU B 335 -1.35 -18.62 46.02
N CYS B 336 -1.92 -17.45 45.76
CA CYS B 336 -1.94 -16.40 46.75
C CYS B 336 -2.83 -16.83 47.92
N PRO B 337 -2.33 -16.78 49.15
CA PRO B 337 -3.13 -17.28 50.29
C PRO B 337 -4.46 -16.55 50.45
N PHE B 338 -4.41 -15.23 50.61
CA PHE B 338 -5.56 -14.34 50.74
C PHE B 338 -6.37 -14.60 52.00
N GLY B 339 -6.02 -15.62 52.80
CA GLY B 339 -6.72 -15.87 54.04
C GLY B 339 -6.24 -15.05 55.21
N GLU B 340 -5.00 -14.55 55.14
CA GLU B 340 -4.46 -13.70 56.19
C GLU B 340 -4.93 -12.25 56.05
N VAL B 341 -5.55 -11.89 54.94
CA VAL B 341 -6.03 -10.53 54.70
C VAL B 341 -7.53 -10.42 54.90
N PHE B 342 -8.30 -11.33 54.30
CA PHE B 342 -9.75 -11.22 54.34
C PHE B 342 -10.30 -11.55 55.73
N ASN B 343 -9.83 -12.64 56.33
CA ASN B 343 -10.27 -13.03 57.66
C ASN B 343 -9.06 -13.43 58.51
N ALA B 344 -8.52 -12.44 59.23
CA ALA B 344 -7.49 -12.65 60.23
C ALA B 344 -8.07 -12.36 61.61
N THR B 345 -7.30 -12.71 62.64
CA THR B 345 -7.77 -12.55 64.02
C THR B 345 -7.64 -11.12 64.52
N ARG B 346 -6.94 -10.24 63.80
CA ARG B 346 -6.72 -8.86 64.25
C ARG B 346 -6.82 -7.94 63.04
N PHE B 347 -7.84 -7.08 63.03
CA PHE B 347 -8.00 -6.06 62.00
C PHE B 347 -7.88 -4.67 62.62
N ALA B 348 -7.23 -3.78 61.88
CA ALA B 348 -6.94 -2.44 62.37
C ALA B 348 -8.17 -1.54 62.23
N SER B 349 -8.03 -0.31 62.75
CA SER B 349 -9.09 0.67 62.71
C SER B 349 -9.12 1.38 61.36
N VAL B 350 -10.18 2.18 61.16
CA VAL B 350 -10.35 2.87 59.89
C VAL B 350 -9.30 3.95 59.71
N TYR B 351 -8.92 4.63 60.79
CA TYR B 351 -7.90 5.68 60.69
C TYR B 351 -6.49 5.14 60.61
N ALA B 352 -6.29 3.85 60.86
CA ALA B 352 -5.00 3.19 60.78
C ALA B 352 -5.10 1.92 59.95
N TRP B 353 -5.74 2.03 58.79
CA TRP B 353 -5.99 0.87 57.94
C TRP B 353 -4.68 0.21 57.51
N ASN B 354 -4.62 -1.11 57.65
CA ASN B 354 -3.43 -1.86 57.25
C ASN B 354 -3.38 -2.00 55.74
N ARG B 355 -2.23 -1.68 55.15
CA ARG B 355 -2.01 -1.81 53.72
C ARG B 355 -1.00 -2.93 53.49
N LYS B 356 -1.39 -3.94 52.71
CA LYS B 356 -0.55 -5.08 52.41
C LYS B 356 -0.37 -5.19 50.91
N ARG B 357 0.87 -5.28 50.46
CA ARG B 357 1.16 -5.45 49.04
C ARG B 357 1.08 -6.91 48.67
N ILE B 358 0.35 -7.21 47.60
CA ILE B 358 0.25 -8.56 47.06
C ILE B 358 1.03 -8.59 45.75
N SER B 359 2.07 -9.41 45.69
CA SER B 359 2.90 -9.52 44.51
C SER B 359 3.45 -10.94 44.43
N ASN B 360 3.89 -11.31 43.22
CA ASN B 360 4.39 -12.67 42.95
C ASN B 360 3.34 -13.71 43.30
N CYS B 361 2.08 -13.40 43.02
CA CYS B 361 0.95 -14.24 43.37
C CYS B 361 0.22 -14.70 42.11
N VAL B 362 -0.25 -15.94 42.13
CA VAL B 362 -1.14 -16.46 41.10
C VAL B 362 -2.55 -16.29 41.68
N ALA B 363 -3.13 -15.12 41.44
CA ALA B 363 -4.39 -14.77 42.07
C ALA B 363 -5.54 -15.59 41.50
N ASP B 364 -6.50 -15.92 42.35
CA ASP B 364 -7.70 -16.66 41.95
C ASP B 364 -8.90 -15.95 42.56
N TYR B 365 -9.56 -15.12 41.75
CA TYR B 365 -10.75 -14.39 42.19
C TYR B 365 -12.04 -15.19 42.03
N SER B 366 -11.99 -16.36 41.39
CA SER B 366 -13.18 -17.16 41.22
C SER B 366 -13.74 -17.62 42.56
N VAL B 367 -12.85 -18.08 43.45
CA VAL B 367 -13.30 -18.49 44.78
C VAL B 367 -13.84 -17.29 45.55
N LEU B 368 -13.35 -16.09 45.24
CA LEU B 368 -13.91 -14.89 45.86
C LEU B 368 -15.31 -14.60 45.32
N TYR B 369 -15.51 -14.77 44.02
CA TYR B 369 -16.83 -14.59 43.43
C TYR B 369 -17.83 -15.61 43.97
N ASN B 370 -17.47 -16.89 43.94
CA ASN B 370 -18.40 -17.94 44.34
C ASN B 370 -18.73 -17.88 45.82
N SER B 371 -17.93 -17.18 46.62
CA SER B 371 -18.22 -17.04 48.04
C SER B 371 -19.42 -16.11 48.24
N ALA B 372 -20.43 -16.61 48.94
CA ALA B 372 -21.63 -15.84 49.24
C ALA B 372 -21.60 -15.25 50.65
N SER B 373 -20.46 -15.35 51.34
CA SER B 373 -20.33 -14.84 52.70
C SER B 373 -20.07 -13.34 52.76
N PHE B 374 -19.95 -12.68 51.61
CA PHE B 374 -19.70 -11.24 51.54
C PHE B 374 -21.00 -10.51 51.25
N SER B 375 -21.31 -9.52 52.09
CA SER B 375 -22.56 -8.79 51.93
C SER B 375 -22.59 -8.00 50.62
N THR B 376 -21.49 -7.33 50.29
CA THR B 376 -21.41 -6.52 49.08
C THR B 376 -20.11 -6.82 48.34
N PHE B 377 -20.21 -6.93 47.02
CA PHE B 377 -19.05 -7.14 46.16
C PHE B 377 -19.39 -6.61 44.78
N LYS B 378 -18.97 -5.37 44.49
CA LYS B 378 -19.19 -4.75 43.20
C LYS B 378 -17.96 -3.93 42.84
N CYS B 379 -17.50 -4.07 41.60
CA CYS B 379 -16.22 -3.48 41.20
C CYS B 379 -16.42 -2.50 40.05
N TYR B 380 -15.58 -1.47 40.03
CA TYR B 380 -15.70 -0.35 39.12
C TYR B 380 -14.59 -0.40 38.08
N GLY B 381 -14.94 -0.13 36.82
CA GLY B 381 -13.96 -0.11 35.75
C GLY B 381 -13.68 -1.47 35.15
N VAL B 382 -13.57 -2.49 36.00
CA VAL B 382 -13.31 -3.86 35.58
C VAL B 382 -14.46 -4.73 36.06
N SER B 383 -15.02 -5.51 35.13
CA SER B 383 -16.05 -6.46 35.53
C SER B 383 -15.42 -7.61 36.32
N PRO B 384 -15.95 -7.90 37.52
CA PRO B 384 -15.34 -8.93 38.35
C PRO B 384 -15.36 -10.31 37.72
N THR B 385 -16.21 -10.55 36.73
CA THR B 385 -16.28 -11.86 36.10
C THR B 385 -14.99 -12.22 35.39
N LYS B 386 -14.37 -11.26 34.70
CA LYS B 386 -13.19 -11.52 33.88
C LYS B 386 -11.91 -11.07 34.56
N LEU B 387 -11.94 -10.93 35.89
CA LEU B 387 -10.73 -10.56 36.63
C LEU B 387 -9.63 -11.61 36.51
N ASN B 388 -9.97 -12.87 36.26
CA ASN B 388 -9.00 -13.94 36.14
C ASN B 388 -8.21 -13.88 34.83
N ASP B 389 -8.51 -12.91 33.96
CA ASP B 389 -7.84 -12.79 32.67
C ASP B 389 -6.80 -11.68 32.65
N LEU B 390 -7.15 -10.49 33.12
CA LEU B 390 -6.23 -9.37 33.12
C LEU B 390 -5.08 -9.61 34.11
N CYS B 391 -3.90 -9.11 33.76
CA CYS B 391 -2.71 -9.26 34.58
C CYS B 391 -2.22 -7.88 35.01
N PHE B 392 -1.91 -7.74 36.30
CA PHE B 392 -1.50 -6.48 36.89
C PHE B 392 -0.11 -6.62 37.50
N THR B 393 0.65 -5.53 37.47
CA THR B 393 2.00 -5.54 38.00
C THR B 393 2.03 -5.70 39.52
N ASN B 394 1.09 -5.10 40.24
CA ASN B 394 1.06 -5.19 41.69
C ASN B 394 -0.37 -5.03 42.17
N VAL B 395 -0.62 -5.51 43.38
CA VAL B 395 -1.94 -5.46 44.00
C VAL B 395 -1.79 -4.92 45.41
N TYR B 396 -2.62 -3.93 45.77
CA TYR B 396 -2.61 -3.34 47.10
C TYR B 396 -3.94 -3.61 47.77
N ALA B 397 -3.88 -4.09 49.02
CA ALA B 397 -5.06 -4.44 49.79
C ALA B 397 -5.08 -3.64 51.09
N ASP B 398 -6.23 -3.03 51.39
CA ASP B 398 -6.42 -2.25 52.61
C ASP B 398 -7.59 -2.82 53.39
N SER B 399 -7.41 -2.95 54.70
CA SER B 399 -8.40 -3.55 55.58
C SER B 399 -8.69 -2.64 56.76
N PHE B 400 -9.98 -2.50 57.09
CA PHE B 400 -10.40 -1.73 58.24
C PHE B 400 -11.84 -2.12 58.58
N VAL B 401 -12.29 -1.71 59.77
CA VAL B 401 -13.61 -2.02 60.27
C VAL B 401 -14.34 -0.72 60.55
N ILE B 402 -15.54 -0.57 59.99
CA ILE B 402 -16.36 0.62 60.14
C ILE B 402 -17.78 0.21 60.49
N ARG B 403 -18.66 1.21 60.62
CA ARG B 403 -20.07 0.96 60.87
C ARG B 403 -20.74 0.36 59.64
N GLY B 404 -21.86 -0.32 59.88
CA GLY B 404 -22.58 -0.94 58.78
C GLY B 404 -23.14 0.07 57.79
N ASP B 405 -23.71 1.16 58.29
CA ASP B 405 -24.28 2.18 57.43
C ASP B 405 -23.23 3.10 56.80
N GLU B 406 -21.98 3.04 57.27
CA GLU B 406 -20.92 3.89 56.76
C GLU B 406 -20.18 3.25 55.58
N VAL B 407 -20.56 2.05 55.16
CA VAL B 407 -19.89 1.39 54.05
C VAL B 407 -20.16 2.10 52.73
N ARG B 408 -21.22 2.90 52.65
CA ARG B 408 -21.53 3.62 51.42
C ARG B 408 -20.52 4.72 51.12
N GLN B 409 -19.85 5.25 52.15
CA GLN B 409 -18.91 6.35 51.95
C GLN B 409 -17.61 5.93 51.30
N ILE B 410 -17.28 4.64 51.34
CA ILE B 410 -16.03 4.14 50.76
C ILE B 410 -16.33 3.85 49.28
N ALA B 411 -16.19 4.88 48.46
CA ALA B 411 -16.42 4.80 47.02
C ALA B 411 -15.92 6.07 46.34
N PRO B 412 -15.50 5.99 45.07
CA PRO B 412 -15.11 7.22 44.37
C PRO B 412 -16.30 8.17 44.24
N GLY B 413 -16.01 9.45 44.35
CA GLY B 413 -17.06 10.46 44.28
C GLY B 413 -18.06 10.37 45.41
N GLN B 414 -17.59 10.10 46.63
CA GLN B 414 -18.44 9.99 47.81
C GLN B 414 -17.97 10.99 48.86
N THR B 415 -18.91 11.75 49.41
CA THR B 415 -18.62 12.75 50.43
C THR B 415 -19.26 12.32 51.74
N GLY B 416 -18.46 12.31 52.80
CA GLY B 416 -18.95 11.91 54.10
C GLY B 416 -17.97 12.22 55.20
N LYS B 417 -18.18 11.59 56.35
CA LYS B 417 -17.33 11.81 57.51
C LYS B 417 -16.05 10.96 57.43
N ILE B 418 -16.21 9.63 57.37
CA ILE B 418 -15.05 8.77 57.28
C ILE B 418 -14.35 8.92 55.91
N ALA B 419 -15.12 9.24 54.88
CA ALA B 419 -14.53 9.43 53.56
C ALA B 419 -13.59 10.62 53.53
N ASP B 420 -13.96 11.72 54.18
CA ASP B 420 -13.19 12.95 54.15
C ASP B 420 -12.19 13.06 55.30
N TYR B 421 -12.22 12.13 56.26
CA TYR B 421 -11.33 12.21 57.41
C TYR B 421 -10.55 10.93 57.70
N ASN B 422 -10.97 9.78 57.21
CA ASN B 422 -10.28 8.52 57.48
C ASN B 422 -9.72 7.87 56.24
N TYR B 423 -10.54 7.67 55.21
CA TYR B 423 -10.11 6.98 53.99
C TYR B 423 -10.76 7.65 52.79
N LYS B 424 -9.95 8.19 51.90
CA LYS B 424 -10.41 8.84 50.68
C LYS B 424 -9.95 8.02 49.47
N LEU B 425 -10.87 7.78 48.54
CA LEU B 425 -10.54 7.04 47.34
C LEU B 425 -10.45 7.99 46.14
N PRO B 426 -9.55 7.70 45.20
CA PRO B 426 -9.47 8.53 43.99
C PRO B 426 -10.70 8.34 43.11
N ASP B 427 -10.97 9.37 42.31
CA ASP B 427 -12.11 9.32 41.40
C ASP B 427 -11.94 8.22 40.36
N ASP B 428 -10.71 8.02 39.88
CA ASP B 428 -10.41 6.97 38.91
C ASP B 428 -9.86 5.71 39.58
N PHE B 429 -10.34 5.40 40.78
CA PHE B 429 -9.83 4.25 41.51
C PHE B 429 -10.10 2.96 40.75
N THR B 430 -9.08 2.11 40.66
CA THR B 430 -9.18 0.81 40.03
C THR B 430 -9.15 -0.26 41.11
N GLY B 431 -10.18 -1.10 41.13
CA GLY B 431 -10.37 -2.10 42.17
C GLY B 431 -11.76 -1.97 42.73
N CYS B 432 -11.94 -2.52 43.94
CA CYS B 432 -13.25 -2.53 44.57
C CYS B 432 -13.13 -2.99 46.02
N VAL B 433 -14.23 -2.87 46.74
CA VAL B 433 -14.29 -3.21 48.16
C VAL B 433 -15.13 -4.46 48.33
N ILE B 434 -14.78 -5.25 49.36
CA ILE B 434 -15.53 -6.44 49.73
C ILE B 434 -15.78 -6.37 51.24
N ALA B 435 -17.06 -6.35 51.63
CA ALA B 435 -17.43 -6.18 53.02
C ALA B 435 -18.51 -7.19 53.39
N TRP B 436 -18.57 -7.50 54.68
CA TRP B 436 -19.55 -8.45 55.20
C TRP B 436 -19.75 -8.19 56.68
N ASN B 437 -20.88 -8.65 57.21
CA ASN B 437 -21.20 -8.48 58.62
C ASN B 437 -20.31 -9.37 59.47
N SER B 438 -19.84 -8.83 60.59
CA SER B 438 -18.94 -9.54 61.49
C SER B 438 -19.34 -9.29 62.95
N ASN B 439 -20.64 -9.40 63.23
CA ASN B 439 -21.12 -9.16 64.59
C ASN B 439 -20.59 -10.18 65.58
N ASN B 440 -20.41 -11.44 65.14
CA ASN B 440 -20.02 -12.51 66.06
C ASN B 440 -18.62 -12.32 66.64
N LEU B 441 -17.81 -11.43 66.08
CA LEU B 441 -16.45 -11.25 66.56
C LEU B 441 -16.15 -9.81 66.92
N ASP B 442 -16.75 -8.86 66.20
CA ASP B 442 -16.45 -7.45 66.35
C ASP B 442 -17.45 -6.71 67.25
N SER B 443 -18.38 -7.42 67.89
CA SER B 443 -19.35 -6.81 68.78
C SER B 443 -19.25 -7.44 70.16
N LYS B 444 -19.30 -6.60 71.19
CA LYS B 444 -19.22 -7.06 72.57
C LYS B 444 -20.47 -6.63 73.33
N VAL B 445 -20.87 -7.45 74.30
CA VAL B 445 -22.04 -7.14 75.11
C VAL B 445 -21.82 -5.86 75.91
N GLY B 446 -20.62 -5.68 76.46
CA GLY B 446 -20.29 -4.45 77.15
C GLY B 446 -19.83 -3.32 76.25
N GLY B 447 -19.66 -3.58 74.96
CA GLY B 447 -19.22 -2.56 74.04
C GLY B 447 -17.77 -2.71 73.64
N ASN B 448 -17.52 -3.10 72.39
CA ASN B 448 -16.17 -3.23 71.87
C ASN B 448 -15.62 -1.84 71.60
N TYR B 449 -14.76 -1.36 72.49
CA TYR B 449 -14.23 0.01 72.43
C TYR B 449 -12.81 0.06 71.87
N ASN B 450 -12.38 -0.98 71.18
CA ASN B 450 -11.04 -1.03 70.62
C ASN B 450 -10.96 -0.46 69.21
N TYR B 451 -12.06 0.06 68.66
CA TYR B 451 -12.10 0.60 67.32
C TYR B 451 -12.33 2.11 67.39
N LEU B 452 -11.52 2.85 66.63
CA LEU B 452 -11.54 4.30 66.66
C LEU B 452 -11.76 4.84 65.25
N TYR B 453 -12.27 6.07 65.19
CA TYR B 453 -12.47 6.76 63.92
C TYR B 453 -12.32 8.26 64.14
N ARG B 454 -11.72 8.94 63.17
CA ARG B 454 -11.44 10.36 63.29
C ARG B 454 -12.65 11.19 62.90
N LEU B 455 -12.94 12.21 63.72
CA LEU B 455 -14.05 13.12 63.46
C LEU B 455 -13.62 14.53 63.09
N PHE B 456 -12.37 14.91 63.35
CA PHE B 456 -11.92 16.27 63.12
C PHE B 456 -10.56 16.27 62.43
N ARG B 457 -10.42 17.14 61.44
CA ARG B 457 -9.12 17.43 60.83
C ARG B 457 -9.20 18.81 60.19
N LYS B 458 -8.04 19.41 59.95
CA LYS B 458 -7.98 20.76 59.40
C LYS B 458 -8.60 20.80 58.01
N SER B 459 -8.30 19.81 57.17
CA SER B 459 -8.79 19.81 55.79
C SER B 459 -8.94 18.37 55.32
N ASN B 460 -9.67 18.21 54.22
CA ASN B 460 -9.85 16.90 53.62
C ASN B 460 -8.52 16.35 53.14
N LEU B 461 -8.32 15.05 53.33
CA LEU B 461 -7.08 14.39 52.95
C LEU B 461 -7.16 13.88 51.51
N LYS B 462 -6.00 13.86 50.86
CA LYS B 462 -5.92 13.38 49.49
C LYS B 462 -6.20 11.88 49.43
N PRO B 463 -6.63 11.38 48.27
CA PRO B 463 -6.88 9.94 48.15
C PRO B 463 -5.63 9.12 48.43
N PHE B 464 -5.84 7.96 49.07
CA PHE B 464 -4.76 7.04 49.43
C PHE B 464 -3.74 7.74 50.35
N GLU B 465 -4.24 8.23 51.48
CA GLU B 465 -3.43 8.93 52.46
C GLU B 465 -3.72 8.39 53.85
N ARG B 466 -2.69 8.38 54.70
CA ARG B 466 -2.81 7.93 56.08
C ARG B 466 -2.45 9.08 57.02
N ASP B 467 -3.27 9.25 58.05
CA ASP B 467 -3.02 10.25 59.10
C ASP B 467 -3.02 9.54 60.44
N ILE B 468 -1.91 9.66 61.18
CA ILE B 468 -1.77 8.97 62.45
C ILE B 468 -1.67 9.93 63.63
N SER B 469 -1.35 11.20 63.41
CA SER B 469 -1.17 12.14 64.51
C SER B 469 -2.45 12.28 65.31
N THR B 470 -2.33 12.22 66.64
CA THR B 470 -3.45 12.32 67.56
C THR B 470 -3.53 13.71 68.20
N GLU B 471 -3.10 14.75 67.49
CA GLU B 471 -3.16 16.10 68.02
C GLU B 471 -4.60 16.52 68.26
N ILE B 472 -4.83 17.23 69.35
CA ILE B 472 -6.18 17.69 69.68
C ILE B 472 -6.57 18.83 68.75
N TYR B 473 -7.69 18.68 68.06
CA TYR B 473 -8.16 19.70 67.13
C TYR B 473 -8.67 20.90 67.93
N GLN B 474 -8.20 22.09 67.56
CA GLN B 474 -8.54 23.31 68.26
C GLN B 474 -9.59 24.10 67.49
N ALA B 475 -10.46 24.81 68.23
CA ALA B 475 -11.48 25.64 67.63
C ALA B 475 -11.57 27.04 68.24
N GLY B 476 -10.82 27.32 69.30
CA GLY B 476 -10.83 28.63 69.93
C GLY B 476 -9.68 29.50 69.46
N SER B 477 -9.44 30.56 70.24
CA SER B 477 -8.36 31.50 69.92
C SER B 477 -7.08 31.14 70.65
N THR B 478 -7.16 30.87 71.95
CA THR B 478 -5.98 30.50 72.71
C THR B 478 -5.48 29.13 72.30
N PRO B 479 -4.16 28.91 72.27
CA PRO B 479 -3.63 27.59 71.94
C PRO B 479 -4.01 26.56 72.99
N CYS B 480 -4.44 25.39 72.54
CA CYS B 480 -4.78 24.32 73.47
C CYS B 480 -3.53 23.76 74.14
N ASN B 481 -2.42 23.72 73.41
CA ASN B 481 -1.13 23.23 73.92
C ASN B 481 -1.20 21.76 74.33
N GLY B 482 -2.14 21.00 73.78
CA GLY B 482 -2.27 19.59 74.08
C GLY B 482 -2.97 19.27 75.38
N VAL B 483 -3.43 20.26 76.13
CA VAL B 483 -4.11 20.05 77.39
C VAL B 483 -5.58 19.81 77.11
N GLU B 484 -6.09 18.66 77.57
CA GLU B 484 -7.49 18.33 77.36
C GLU B 484 -8.39 19.23 78.20
N GLY B 485 -9.50 19.67 77.61
CA GLY B 485 -10.43 20.55 78.29
C GLY B 485 -11.52 21.07 77.38
N PHE B 486 -12.03 22.26 77.68
CA PHE B 486 -13.08 22.88 76.89
C PHE B 486 -12.49 23.50 75.63
N ASN B 487 -13.25 23.43 74.54
CA ASN B 487 -12.90 23.99 73.24
C ASN B 487 -11.62 23.38 72.67
N CYS B 488 -11.24 22.19 73.15
CA CYS B 488 -10.11 21.43 72.65
C CYS B 488 -10.61 20.02 72.40
N TYR B 489 -11.14 19.79 71.20
CA TYR B 489 -11.83 18.55 70.87
C TYR B 489 -10.85 17.48 70.40
N PHE B 490 -10.99 16.28 70.96
CA PHE B 490 -10.16 15.16 70.53
C PHE B 490 -10.66 14.66 69.18
N PRO B 491 -9.80 14.56 68.16
CA PRO B 491 -10.29 14.23 66.82
C PRO B 491 -10.93 12.86 66.69
N LEU B 492 -10.53 11.89 67.52
CA LEU B 492 -10.97 10.51 67.38
C LEU B 492 -11.93 10.13 68.49
N GLN B 493 -12.89 9.26 68.16
CA GLN B 493 -13.83 8.71 69.13
C GLN B 493 -13.96 7.22 68.91
N SER B 494 -14.39 6.52 69.96
CA SER B 494 -14.52 5.07 69.91
C SER B 494 -15.86 4.66 69.29
N TYR B 495 -15.92 3.41 68.85
CA TYR B 495 -17.12 2.83 68.28
C TYR B 495 -17.88 2.07 69.36
N GLY B 496 -19.19 2.32 69.46
CA GLY B 496 -20.05 1.58 70.36
C GLY B 496 -20.61 0.33 69.72
N PHE B 497 -19.78 -0.69 69.56
CA PHE B 497 -20.20 -1.93 68.91
C PHE B 497 -20.82 -2.85 69.95
N GLN B 498 -22.15 -2.97 69.90
CA GLN B 498 -22.90 -3.82 70.81
C GLN B 498 -23.93 -4.61 70.01
N PRO B 499 -24.29 -5.82 70.46
CA PRO B 499 -25.27 -6.62 69.73
C PRO B 499 -26.66 -6.00 69.67
N THR B 500 -26.98 -5.07 70.57
CA THR B 500 -28.29 -4.45 70.58
C THR B 500 -28.44 -3.35 69.55
N ASN B 501 -27.37 -2.97 68.86
CA ASN B 501 -27.45 -1.93 67.85
C ASN B 501 -28.14 -2.45 66.59
N GLY B 502 -28.61 -1.51 65.78
CA GLY B 502 -29.24 -1.86 64.52
C GLY B 502 -28.22 -2.24 63.46
N VAL B 503 -28.73 -2.71 62.32
CA VAL B 503 -27.87 -3.20 61.25
C VAL B 503 -26.95 -2.10 60.74
N GLY B 504 -27.49 -0.89 60.58
CA GLY B 504 -26.66 0.23 60.15
C GLY B 504 -25.51 0.53 61.07
N TYR B 505 -25.64 0.19 62.35
CA TYR B 505 -24.58 0.43 63.33
C TYR B 505 -23.76 -0.82 63.63
N GLN B 506 -24.05 -1.96 62.99
CA GLN B 506 -23.29 -3.17 63.25
C GLN B 506 -21.89 -3.05 62.66
N PRO B 507 -20.89 -3.58 63.36
CA PRO B 507 -19.53 -3.57 62.82
C PRO B 507 -19.42 -4.39 61.53
N TYR B 508 -18.63 -3.88 60.60
CA TYR B 508 -18.42 -4.54 59.31
C TYR B 508 -16.94 -4.54 58.98
N ARG B 509 -16.45 -5.67 58.48
CA ARG B 509 -15.06 -5.80 58.09
C ARG B 509 -14.93 -5.52 56.60
N VAL B 510 -14.13 -4.53 56.24
CA VAL B 510 -14.00 -4.05 54.87
C VAL B 510 -12.58 -4.29 54.39
N VAL B 511 -12.46 -4.96 53.24
CA VAL B 511 -11.18 -5.18 52.59
C VAL B 511 -11.31 -4.71 51.15
N VAL B 512 -10.40 -3.85 50.71
CA VAL B 512 -10.42 -3.28 49.37
C VAL B 512 -9.11 -3.61 48.67
N LEU B 513 -9.22 -4.13 47.45
CA LEU B 513 -8.06 -4.45 46.63
C LEU B 513 -7.98 -3.46 45.47
N SER B 514 -6.74 -3.12 45.08
CA SER B 514 -6.50 -2.12 44.05
C SER B 514 -5.55 -2.68 43.02
N PHE B 515 -5.67 -2.19 41.78
CA PHE B 515 -4.84 -2.63 40.67
C PHE B 515 -4.21 -1.41 40.00
N GLU B 516 -3.06 -1.64 39.37
CA GLU B 516 -2.37 -0.59 38.64
C GLU B 516 -1.51 -1.20 37.54
N LEU B 517 -1.15 -0.37 36.56
CA LEU B 517 -0.30 -0.78 35.46
C LEU B 517 0.77 0.28 35.26
N LEU B 518 2.03 -0.16 35.14
CA LEU B 518 3.14 0.75 34.95
C LEU B 518 4.24 0.02 34.18
N HIS B 519 5.34 0.74 33.92
CA HIS B 519 6.43 0.22 33.11
C HIS B 519 7.24 -0.81 33.90
N ALA B 520 6.64 -2.00 34.03
CA ALA B 520 7.28 -3.12 34.71
C ALA B 520 6.55 -4.39 34.30
N PRO B 521 7.23 -5.53 34.28
CA PRO B 521 6.54 -6.78 33.90
C PRO B 521 5.42 -7.11 34.88
N ALA B 522 4.32 -7.62 34.33
CA ALA B 522 3.20 -8.03 35.16
C ALA B 522 3.50 -9.35 35.85
N THR B 523 3.00 -9.51 37.06
CA THR B 523 3.34 -10.70 37.84
C THR B 523 2.12 -11.40 38.41
N VAL B 524 1.02 -10.68 38.68
CA VAL B 524 -0.13 -11.23 39.37
C VAL B 524 -1.30 -11.28 38.40
N CYS B 525 -1.81 -12.49 38.15
CA CYS B 525 -3.01 -12.72 37.35
C CYS B 525 -3.46 -14.16 37.56
N GLY B 526 -4.41 -14.60 36.71
CA GLY B 526 -5.10 -15.85 36.92
C GLY B 526 -4.25 -17.08 36.73
N PRO B 527 -4.82 -18.25 37.05
CA PRO B 527 -4.04 -19.49 37.00
C PRO B 527 -4.04 -20.18 35.64
N LYS B 528 -4.47 -19.45 34.60
CA LYS B 528 -4.51 -19.96 33.22
C LYS B 528 -5.44 -21.18 33.20
N LYS B 529 -5.12 -22.21 32.42
CA LYS B 529 -5.96 -23.39 32.31
C LYS B 529 -5.11 -24.55 31.83
N SER B 530 -5.63 -25.77 32.01
CA SER B 530 -4.88 -26.96 31.63
C SER B 530 -5.89 -28.05 31.24
N THR B 531 -5.98 -28.35 29.95
CA THR B 531 -6.82 -29.42 29.45
C THR B 531 -6.01 -30.71 29.35
N ASN B 532 -6.72 -31.81 29.08
CA ASN B 532 -6.05 -33.09 28.93
C ASN B 532 -5.29 -33.15 27.61
N LEU B 533 -4.34 -34.07 27.54
CA LEU B 533 -3.48 -34.24 26.38
C LEU B 533 -3.89 -35.48 25.61
N VAL B 534 -4.03 -35.35 24.29
CA VAL B 534 -4.44 -36.43 23.41
C VAL B 534 -3.38 -36.62 22.34
N LYS B 535 -3.03 -37.88 22.08
CA LYS B 535 -1.97 -38.22 21.15
C LYS B 535 -2.52 -38.90 19.90
N ASN B 536 -1.75 -38.83 18.83
CA ASN B 536 -2.04 -39.54 17.58
C ASN B 536 -3.38 -39.10 16.98
N LYS B 537 -3.76 -37.86 17.24
CA LYS B 537 -4.97 -37.29 16.65
C LYS B 537 -4.68 -35.87 16.22
N CYS B 538 -5.12 -35.52 15.02
CA CYS B 538 -4.89 -34.17 14.51
C CYS B 538 -5.60 -33.14 15.37
N VAL B 539 -4.84 -32.34 16.11
CA VAL B 539 -5.40 -31.44 17.11
C VAL B 539 -4.96 -30.01 16.81
N ASN B 540 -5.47 -29.09 17.61
CA ASN B 540 -5.13 -27.66 17.55
C ASN B 540 -4.60 -27.28 18.93
N PHE B 541 -3.30 -27.49 19.14
CA PHE B 541 -2.71 -27.41 20.46
C PHE B 541 -2.37 -25.95 20.82
N ASN B 542 -1.99 -25.76 22.07
CA ASN B 542 -1.50 -24.47 22.57
C ASN B 542 -0.58 -24.77 23.75
N PHE B 543 0.72 -24.70 23.51
CA PHE B 543 1.73 -25.04 24.51
C PHE B 543 2.44 -23.77 24.97
N ASN B 544 2.11 -23.32 26.17
CA ASN B 544 2.84 -22.23 26.83
C ASN B 544 2.90 -20.97 25.98
N GLY B 545 1.89 -20.76 25.13
CA GLY B 545 1.82 -19.58 24.32
C GLY B 545 2.22 -19.76 22.86
N LEU B 546 2.54 -20.97 22.43
CA LEU B 546 2.80 -21.24 21.02
C LEU B 546 1.60 -21.98 20.45
N THR B 547 1.12 -21.51 19.30
CA THR B 547 -0.11 -22.02 18.70
C THR B 547 0.20 -22.67 17.36
N GLY B 548 -0.35 -23.85 17.15
CA GLY B 548 -0.16 -24.55 15.89
C GLY B 548 -1.05 -25.77 15.83
N THR B 549 -1.15 -26.33 14.63
CA THR B 549 -1.98 -27.51 14.37
C THR B 549 -1.08 -28.65 13.89
N GLY B 550 -1.28 -29.83 14.46
CA GLY B 550 -0.50 -30.98 14.07
C GLY B 550 -0.92 -32.18 14.89
N VAL B 551 -0.28 -33.30 14.59
CA VAL B 551 -0.51 -34.55 15.31
C VAL B 551 0.69 -34.79 16.22
N LEU B 552 0.42 -35.12 17.48
CA LEU B 552 1.45 -35.29 18.49
C LEU B 552 1.70 -36.78 18.73
N THR B 553 2.96 -37.19 18.62
CA THR B 553 3.36 -38.57 18.83
C THR B 553 4.45 -38.64 19.89
N GLU B 554 4.65 -39.85 20.42
CA GLU B 554 5.74 -40.07 21.35
C GLU B 554 7.07 -39.91 20.63
N SER B 555 8.06 -39.33 21.32
CA SER B 555 9.34 -39.00 20.72
C SER B 555 10.47 -39.63 21.51
N ASN B 556 11.56 -39.93 20.82
CA ASN B 556 12.77 -40.50 21.42
C ASN B 556 13.93 -39.58 21.10
N LYS B 557 14.10 -38.55 21.92
CA LYS B 557 15.23 -37.63 21.81
C LYS B 557 15.41 -36.94 23.15
N LYS B 558 16.66 -36.66 23.49
CA LYS B 558 17.01 -36.12 24.79
C LYS B 558 17.22 -34.61 24.67
N PHE B 559 16.42 -33.85 25.39
CA PHE B 559 16.61 -32.40 25.49
C PHE B 559 17.68 -32.10 26.53
N LEU B 560 17.82 -30.83 26.88
CA LEU B 560 18.59 -30.41 28.03
C LEU B 560 17.65 -29.90 29.11
N PRO B 561 18.07 -29.97 30.38
CA PRO B 561 17.16 -29.61 31.49
C PRO B 561 16.45 -28.27 31.34
N PHE B 562 16.96 -27.38 30.50
CA PHE B 562 16.37 -26.06 30.36
C PHE B 562 15.70 -25.81 29.01
N GLN B 563 16.03 -26.59 27.98
CA GLN B 563 15.43 -26.37 26.68
C GLN B 563 13.95 -26.73 26.69
N GLN B 564 13.15 -25.92 26.00
CA GLN B 564 11.70 -26.09 25.98
C GLN B 564 11.19 -26.43 24.59
N PHE B 565 11.45 -25.59 23.59
CA PHE B 565 10.91 -25.80 22.26
C PHE B 565 11.82 -26.74 21.48
N GLY B 566 11.49 -26.94 20.21
CA GLY B 566 12.37 -27.67 19.30
C GLY B 566 12.33 -26.99 17.95
N ARG B 567 13.40 -27.17 17.18
CA ARG B 567 13.51 -26.51 15.89
C ARG B 567 14.12 -27.45 14.87
N ASP B 568 13.94 -27.09 13.61
CA ASP B 568 14.36 -27.86 12.45
C ASP B 568 15.39 -27.05 11.66
N ILE B 569 15.72 -27.55 10.46
CA ILE B 569 16.74 -26.90 9.64
C ILE B 569 16.37 -25.46 9.34
N ALA B 570 15.11 -25.20 9.00
CA ALA B 570 14.66 -23.86 8.63
C ALA B 570 13.40 -23.49 9.41
N ASP B 571 13.58 -23.04 10.65
CA ASP B 571 12.53 -22.40 11.46
C ASP B 571 11.22 -23.19 11.41
N THR B 572 11.27 -24.37 12.02
CA THR B 572 10.10 -25.23 12.14
C THR B 572 10.02 -25.76 13.56
N THR B 573 8.86 -25.63 14.19
CA THR B 573 8.71 -25.92 15.60
C THR B 573 8.27 -27.37 15.83
N ASP B 574 8.95 -28.05 16.75
CA ASP B 574 8.57 -29.38 17.23
C ASP B 574 8.49 -29.30 18.76
N ALA B 575 7.36 -28.82 19.27
CA ALA B 575 7.20 -28.62 20.70
C ALA B 575 7.31 -29.94 21.45
N VAL B 576 7.99 -29.92 22.58
CA VAL B 576 8.33 -31.14 23.30
C VAL B 576 7.88 -31.07 24.76
N ARG B 577 8.35 -30.04 25.46
CA ARG B 577 8.18 -29.98 26.91
C ARG B 577 6.71 -29.78 27.25
N ASP B 578 6.07 -30.83 27.74
CA ASP B 578 4.75 -30.66 28.33
C ASP B 578 4.88 -29.82 29.59
N PRO B 579 4.09 -28.74 29.73
CA PRO B 579 4.22 -27.91 30.92
C PRO B 579 3.90 -28.63 32.22
N GLN B 580 3.19 -29.76 32.18
CA GLN B 580 2.80 -30.48 33.38
C GLN B 580 3.64 -31.71 33.66
N THR B 581 4.49 -32.14 32.74
CA THR B 581 5.34 -33.30 32.97
C THR B 581 6.63 -33.10 32.20
N LEU B 582 7.41 -34.18 32.03
CA LEU B 582 8.69 -34.08 31.34
C LEU B 582 8.70 -34.97 30.10
N GLU B 583 7.63 -34.95 29.32
CA GLU B 583 7.53 -35.81 28.15
C GLU B 583 8.12 -35.15 26.92
N ILE B 584 8.42 -35.99 25.92
CA ILE B 584 8.97 -35.57 24.65
C ILE B 584 7.93 -35.86 23.57
N LEU B 585 7.49 -34.83 22.86
CA LEU B 585 6.47 -34.96 21.83
C LEU B 585 7.01 -34.47 20.49
N ASP B 586 6.51 -35.07 19.42
CA ASP B 586 6.86 -34.67 18.06
C ASP B 586 5.65 -34.08 17.36
N ILE B 587 5.88 -33.05 16.56
CA ILE B 587 4.83 -32.37 15.83
C ILE B 587 5.08 -32.58 14.35
N THR B 588 4.18 -33.30 13.69
CA THR B 588 4.23 -33.47 12.25
C THR B 588 2.90 -33.06 11.64
N PRO B 589 2.92 -32.41 10.47
CA PRO B 589 1.71 -31.75 9.97
C PRO B 589 0.62 -32.75 9.61
N CYS B 590 -0.62 -32.28 9.69
CA CYS B 590 -1.76 -33.08 9.25
C CYS B 590 -1.65 -33.36 7.76
N SER B 591 -2.05 -34.56 7.36
CA SER B 591 -1.87 -34.99 5.99
C SER B 591 -2.65 -34.11 5.02
N PHE B 592 -2.04 -33.82 3.88
CA PHE B 592 -2.67 -33.03 2.84
C PHE B 592 -2.07 -33.42 1.50
N GLY B 593 -2.82 -33.18 0.44
CA GLY B 593 -2.36 -33.52 -0.89
C GLY B 593 -3.39 -33.10 -1.92
N GLY B 594 -3.00 -33.29 -3.18
CA GLY B 594 -3.86 -32.91 -4.29
C GLY B 594 -4.56 -34.08 -4.93
N VAL B 595 -5.88 -34.17 -4.74
CA VAL B 595 -6.65 -35.25 -5.34
C VAL B 595 -6.74 -35.03 -6.85
N SER B 596 -6.49 -36.09 -7.61
CA SER B 596 -6.57 -36.04 -9.06
C SER B 596 -7.45 -37.18 -9.55
N VAL B 597 -8.13 -36.93 -10.68
CA VAL B 597 -9.11 -37.85 -11.22
C VAL B 597 -8.54 -38.50 -12.47
N ILE B 598 -8.56 -39.83 -12.50
CA ILE B 598 -8.11 -40.60 -13.64
C ILE B 598 -9.34 -41.11 -14.38
N THR B 599 -9.44 -40.81 -15.67
CA THR B 599 -10.63 -41.16 -16.42
C THR B 599 -10.33 -41.49 -17.87
N PRO B 600 -10.95 -42.55 -18.40
CA PRO B 600 -11.04 -42.68 -19.86
C PRO B 600 -12.02 -41.67 -20.41
N GLY B 601 -11.89 -41.40 -21.71
CA GLY B 601 -12.74 -40.42 -22.34
C GLY B 601 -14.21 -40.78 -22.21
N THR B 602 -15.04 -39.74 -22.06
CA THR B 602 -16.49 -39.96 -21.96
C THR B 602 -17.05 -40.62 -23.20
N ASN B 603 -16.36 -40.53 -24.33
CA ASN B 603 -16.76 -41.26 -25.53
C ASN B 603 -16.67 -42.77 -25.35
N THR B 604 -15.97 -43.24 -24.32
CA THR B 604 -15.83 -44.67 -24.05
C THR B 604 -16.64 -45.14 -22.86
N SER B 605 -16.54 -44.45 -21.73
CA SER B 605 -17.25 -44.86 -20.52
C SER B 605 -17.42 -43.65 -19.62
N ASN B 606 -17.91 -43.91 -18.41
CA ASN B 606 -18.17 -42.85 -17.44
C ASN B 606 -17.51 -43.08 -16.08
N GLN B 607 -17.22 -44.32 -15.71
CA GLN B 607 -16.61 -44.59 -14.43
C GLN B 607 -15.19 -44.05 -14.36
N VAL B 608 -14.81 -43.56 -13.17
CA VAL B 608 -13.50 -42.95 -12.94
C VAL B 608 -12.94 -43.50 -11.63
N ALA B 609 -11.66 -43.23 -11.42
CA ALA B 609 -10.98 -43.56 -10.17
C ALA B 609 -10.11 -42.39 -9.75
N VAL B 610 -10.16 -42.05 -8.47
CA VAL B 610 -9.42 -40.91 -7.95
C VAL B 610 -8.08 -41.39 -7.40
N LEU B 611 -7.13 -40.46 -7.31
CA LEU B 611 -5.81 -40.71 -6.75
C LEU B 611 -5.50 -39.63 -5.73
N TYR B 612 -5.19 -40.04 -4.50
CA TYR B 612 -4.86 -39.11 -3.43
C TYR B 612 -3.34 -39.04 -3.32
N GLN B 613 -2.76 -37.97 -3.85
CA GLN B 613 -1.32 -37.86 -3.91
C GLN B 613 -0.74 -37.67 -2.51
N ASP B 614 0.28 -38.47 -2.19
CA ASP B 614 0.99 -38.38 -0.91
C ASP B 614 -0.01 -38.51 0.24
N VAL B 615 -0.66 -39.66 0.31
CA VAL B 615 -1.63 -39.97 1.36
C VAL B 615 -1.55 -41.45 1.69
N ASN B 616 -1.52 -41.77 2.97
CA ASN B 616 -1.59 -43.15 3.43
C ASN B 616 -3.06 -43.51 3.64
N CYS B 617 -3.50 -44.58 2.98
CA CYS B 617 -4.93 -44.92 2.99
C CYS B 617 -5.46 -45.34 4.33
N THR B 618 -4.66 -45.35 5.41
CA THR B 618 -5.25 -45.56 6.72
C THR B 618 -6.14 -44.39 7.14
N GLU B 619 -5.94 -43.22 6.55
CA GLU B 619 -6.75 -42.04 6.86
C GLU B 619 -7.81 -41.77 5.80
N VAL B 620 -7.39 -41.55 4.55
CA VAL B 620 -8.25 -41.19 3.42
C VAL B 620 -9.40 -40.27 3.81
N ASN B 641 -12.47 -50.88 -5.04
CA ASN B 641 -11.25 -51.36 -4.41
C ASN B 641 -10.37 -50.20 -3.96
N VAL B 642 -9.51 -50.46 -2.97
CA VAL B 642 -8.53 -49.51 -2.50
C VAL B 642 -7.15 -50.11 -2.71
N PHE B 643 -6.27 -49.37 -3.37
CA PHE B 643 -4.94 -49.84 -3.72
C PHE B 643 -3.93 -48.79 -3.32
N GLN B 644 -2.83 -49.22 -2.71
CA GLN B 644 -1.79 -48.33 -2.22
C GLN B 644 -0.59 -48.38 -3.14
N THR B 645 -0.10 -47.21 -3.54
CA THR B 645 1.04 -47.10 -4.45
C THR B 645 2.06 -46.13 -3.87
N ARG B 646 3.21 -46.04 -4.53
CA ARG B 646 4.27 -45.15 -4.07
C ARG B 646 3.91 -43.69 -4.29
N ALA B 647 3.14 -43.38 -5.33
CA ALA B 647 2.79 -42.01 -5.66
C ALA B 647 1.59 -41.49 -4.87
N GLY B 648 0.97 -42.34 -4.06
CA GLY B 648 -0.21 -41.92 -3.31
C GLY B 648 -1.08 -43.09 -2.93
N CYS B 649 -2.38 -43.01 -3.20
CA CYS B 649 -3.28 -44.12 -2.94
C CYS B 649 -4.40 -44.08 -3.96
N LEU B 650 -4.49 -45.11 -4.79
CA LEU B 650 -5.46 -45.18 -5.88
C LEU B 650 -6.73 -45.87 -5.38
N ILE B 651 -7.87 -45.21 -5.57
CA ILE B 651 -9.16 -45.73 -5.14
C ILE B 651 -10.05 -45.87 -6.36
N GLY B 652 -10.61 -47.06 -6.56
CA GLY B 652 -11.50 -47.32 -7.66
C GLY B 652 -10.90 -48.09 -8.82
N ALA B 653 -9.62 -48.44 -8.74
CA ALA B 653 -8.96 -49.22 -9.77
C ALA B 653 -8.37 -50.48 -9.16
N GLU B 654 -8.54 -51.60 -9.85
CA GLU B 654 -8.06 -52.89 -9.36
C GLU B 654 -6.63 -53.14 -9.83
N HIS B 655 -5.91 -53.94 -9.05
CA HIS B 655 -4.53 -54.26 -9.35
C HIS B 655 -4.45 -55.47 -10.28
N VAL B 656 -3.42 -55.48 -11.14
CA VAL B 656 -3.20 -56.54 -12.11
C VAL B 656 -1.72 -56.88 -12.13
N ASN B 657 -1.40 -58.17 -12.17
CA ASN B 657 -0.03 -58.63 -12.13
C ASN B 657 0.61 -58.74 -13.51
N ASN B 658 -0.09 -58.33 -14.56
CA ASN B 658 0.49 -58.32 -15.90
C ASN B 658 1.36 -57.07 -16.06
N SER B 659 1.74 -56.78 -17.31
CA SER B 659 2.55 -55.59 -17.59
C SER B 659 2.32 -55.22 -19.05
N TYR B 660 1.70 -54.06 -19.27
CA TYR B 660 1.38 -53.58 -20.60
C TYR B 660 2.07 -52.24 -20.84
N GLU B 661 2.24 -51.89 -22.11
CA GLU B 661 2.78 -50.59 -22.47
C GLU B 661 1.75 -49.53 -22.09
N CYS B 662 2.03 -48.82 -21.00
CA CYS B 662 1.00 -48.02 -20.36
C CYS B 662 0.73 -46.73 -21.13
N ASP B 663 -0.44 -46.14 -20.85
CA ASP B 663 -0.92 -44.96 -21.54
C ASP B 663 -1.29 -43.82 -20.62
N ILE B 664 -1.86 -44.10 -19.44
CA ILE B 664 -2.19 -43.05 -18.49
C ILE B 664 -1.21 -43.11 -17.33
N PRO B 665 -0.23 -42.21 -17.28
CA PRO B 665 0.77 -42.28 -16.22
C PRO B 665 0.19 -41.90 -14.87
N ILE B 666 0.78 -42.45 -13.81
CA ILE B 666 0.40 -42.11 -12.45
C ILE B 666 1.64 -41.67 -11.68
N GLY B 667 2.65 -42.51 -11.65
CA GLY B 667 3.90 -42.21 -10.99
C GLY B 667 4.56 -43.45 -10.46
N ALA B 668 5.87 -43.35 -10.27
CA ALA B 668 6.69 -44.45 -9.74
C ALA B 668 6.53 -45.72 -10.57
N GLY B 669 6.49 -45.57 -11.89
CA GLY B 669 6.40 -46.70 -12.78
C GLY B 669 5.09 -47.48 -12.67
N ILE B 670 3.99 -46.79 -12.43
CA ILE B 670 2.67 -47.41 -12.36
C ILE B 670 1.72 -46.61 -13.23
N CYS B 671 0.96 -47.29 -14.08
CA CYS B 671 0.03 -46.65 -14.97
C CYS B 671 -1.35 -47.29 -14.84
N ALA B 672 -2.33 -46.68 -15.50
CA ALA B 672 -3.70 -47.16 -15.49
C ALA B 672 -4.25 -47.21 -16.90
N SER B 673 -5.24 -48.07 -17.12
CA SER B 673 -5.81 -48.24 -18.45
C SER B 673 -7.22 -48.79 -18.33
N TYR B 674 -7.97 -48.70 -19.42
CA TYR B 674 -9.34 -49.17 -19.51
C TYR B 674 -9.34 -50.44 -20.36
N GLN B 675 -9.27 -51.59 -19.69
CA GLN B 675 -9.25 -52.87 -20.37
C GLN B 675 -10.66 -53.28 -20.75
N THR B 676 -10.82 -54.52 -21.19
CA THR B 676 -12.13 -55.02 -21.59
C THR B 676 -12.24 -56.53 -21.39
N SER B 689 -16.59 -57.49 -16.69
CA SER B 689 -15.90 -57.64 -17.96
C SER B 689 -15.40 -56.30 -18.48
N GLN B 690 -15.69 -55.24 -17.73
CA GLN B 690 -15.32 -53.89 -18.13
C GLN B 690 -15.00 -53.08 -16.88
N SER B 691 -13.73 -52.70 -16.74
CA SER B 691 -13.27 -51.89 -15.60
C SER B 691 -11.93 -51.29 -15.97
N ILE B 692 -11.37 -50.53 -15.03
CA ILE B 692 -10.04 -49.95 -15.19
C ILE B 692 -9.08 -50.66 -14.25
N ILE B 693 -7.83 -50.77 -14.68
CA ILE B 693 -6.82 -51.52 -13.96
C ILE B 693 -5.58 -50.66 -13.77
N ALA B 694 -4.81 -50.98 -12.73
CA ALA B 694 -3.55 -50.31 -12.44
C ALA B 694 -2.46 -51.36 -12.37
N TYR B 695 -1.45 -51.24 -13.22
CA TYR B 695 -0.38 -52.23 -13.30
C TYR B 695 0.98 -51.57 -13.24
N THR B 696 2.04 -52.34 -13.50
CA THR B 696 3.39 -51.81 -13.65
C THR B 696 3.74 -51.83 -15.12
N MET B 697 4.15 -50.67 -15.65
CA MET B 697 4.38 -50.54 -17.08
C MET B 697 5.54 -51.42 -17.53
N SER B 698 5.45 -51.89 -18.77
CA SER B 698 6.48 -52.73 -19.37
C SER B 698 7.26 -51.91 -20.39
N LEU B 699 8.59 -51.97 -20.30
CA LEU B 699 9.42 -51.16 -21.18
C LEU B 699 9.33 -51.64 -22.63
N GLY B 700 9.25 -52.95 -22.84
CA GLY B 700 9.14 -53.46 -24.19
C GLY B 700 9.30 -54.97 -24.21
N ALA B 701 9.26 -55.51 -25.41
CA ALA B 701 9.37 -56.95 -25.61
C ALA B 701 10.82 -57.39 -25.41
N GLU B 702 11.00 -58.49 -24.69
CA GLU B 702 12.33 -59.04 -24.49
C GLU B 702 12.89 -59.58 -25.80
N ASN B 703 14.20 -59.47 -25.96
CA ASN B 703 14.86 -59.95 -27.17
C ASN B 703 16.31 -60.25 -26.85
N SER B 704 16.89 -61.20 -27.59
CA SER B 704 18.28 -61.59 -27.40
C SER B 704 18.82 -62.04 -28.74
N VAL B 705 19.73 -61.24 -29.32
CA VAL B 705 20.31 -61.58 -30.61
C VAL B 705 21.23 -62.80 -30.45
N ALA B 706 21.19 -63.69 -31.44
CA ALA B 706 22.01 -64.90 -31.43
C ALA B 706 23.42 -64.53 -31.86
N TYR B 707 24.20 -64.04 -30.91
CA TYR B 707 25.55 -63.58 -31.17
C TYR B 707 26.56 -64.70 -30.96
N SER B 708 27.54 -64.78 -31.86
CA SER B 708 28.64 -65.72 -31.73
C SER B 708 29.83 -65.18 -32.51
N ASN B 709 31.01 -65.73 -32.23
CA ASN B 709 32.22 -65.15 -32.80
C ASN B 709 32.34 -65.34 -34.30
N ASN B 710 31.55 -66.22 -34.92
CA ASN B 710 31.47 -66.29 -36.38
C ASN B 710 30.01 -66.45 -36.78
N SER B 711 29.31 -65.32 -36.91
CA SER B 711 27.92 -65.30 -37.35
C SER B 711 27.49 -63.89 -37.69
N ILE B 712 26.96 -63.67 -38.89
CA ILE B 712 26.53 -62.35 -39.32
C ILE B 712 25.13 -62.46 -39.92
N ALA B 713 24.43 -61.33 -39.91
CA ALA B 713 23.10 -61.23 -40.50
C ALA B 713 23.12 -60.11 -41.53
N ILE B 714 22.81 -60.47 -42.78
CA ILE B 714 22.86 -59.53 -43.90
C ILE B 714 21.46 -59.46 -44.51
N PRO B 715 20.85 -58.28 -44.61
CA PRO B 715 19.52 -58.19 -45.21
C PRO B 715 19.54 -58.56 -46.69
N THR B 716 18.42 -59.10 -47.15
CA THR B 716 18.25 -59.47 -48.55
C THR B 716 17.17 -58.65 -49.25
N ASN B 717 16.68 -57.60 -48.62
CA ASN B 717 15.63 -56.77 -49.18
C ASN B 717 15.66 -55.43 -48.46
N PHE B 718 14.71 -54.56 -48.80
CA PHE B 718 14.65 -53.23 -48.20
C PHE B 718 13.20 -52.77 -48.17
N THR B 719 13.01 -51.55 -47.66
CA THR B 719 11.67 -50.98 -47.52
C THR B 719 11.80 -49.48 -47.41
N ILE B 720 11.19 -48.75 -48.36
CA ILE B 720 11.20 -47.30 -48.33
C ILE B 720 10.04 -46.83 -47.47
N SER B 721 10.32 -45.93 -46.52
CA SER B 721 9.32 -45.42 -45.61
C SER B 721 9.34 -43.90 -45.61
N VAL B 722 8.17 -43.30 -45.39
CA VAL B 722 8.03 -41.85 -45.34
C VAL B 722 7.40 -41.50 -44.00
N THR B 723 8.15 -40.80 -43.16
CA THR B 723 7.67 -40.38 -41.85
C THR B 723 7.08 -38.98 -41.95
N THR B 724 6.81 -38.37 -40.80
CA THR B 724 6.26 -37.01 -40.76
C THR B 724 6.73 -36.34 -39.47
N GLU B 725 7.27 -35.13 -39.61
CA GLU B 725 7.75 -34.38 -38.45
C GLU B 725 7.14 -32.99 -38.47
N ILE B 726 6.54 -32.60 -37.35
CA ILE B 726 5.84 -31.32 -37.21
C ILE B 726 6.48 -30.55 -36.08
N LEU B 727 6.79 -29.27 -36.32
CA LEU B 727 7.35 -28.44 -35.28
C LEU B 727 7.02 -26.98 -35.55
N PRO B 728 6.80 -26.17 -34.52
CA PRO B 728 6.40 -24.78 -34.73
C PRO B 728 7.56 -23.91 -35.20
N VAL B 729 7.20 -22.77 -35.78
CA VAL B 729 8.16 -21.79 -36.29
C VAL B 729 7.93 -20.42 -35.67
N SER B 730 6.68 -19.97 -35.62
CA SER B 730 6.38 -18.64 -35.10
C SER B 730 5.00 -18.66 -34.46
N MET B 731 4.73 -17.64 -33.66
CA MET B 731 3.43 -17.47 -33.01
C MET B 731 2.86 -16.11 -33.38
N THR B 732 1.68 -15.82 -32.84
CA THR B 732 0.98 -14.58 -33.18
C THR B 732 1.70 -13.37 -32.62
N LYS B 733 1.75 -12.30 -33.41
CA LYS B 733 2.35 -11.04 -32.99
C LYS B 733 1.26 -10.17 -32.37
N THR B 734 1.44 -9.84 -31.09
CA THR B 734 0.46 -9.06 -30.36
C THR B 734 1.13 -7.82 -29.76
N SER B 735 0.30 -6.85 -29.40
CA SER B 735 0.77 -5.63 -28.75
C SER B 735 -0.34 -5.09 -27.87
N VAL B 736 0.04 -4.58 -26.69
CA VAL B 736 -0.91 -4.06 -25.71
C VAL B 736 -0.50 -2.65 -25.35
N ASP B 737 -1.47 -1.73 -25.37
CA ASP B 737 -1.23 -0.34 -24.98
C ASP B 737 -1.44 -0.21 -23.48
N CYS B 738 -0.36 0.11 -22.76
CA CYS B 738 -0.40 0.13 -21.30
C CYS B 738 -1.37 1.17 -20.77
N THR B 739 -1.35 2.38 -21.35
CA THR B 739 -2.16 3.47 -20.82
C THR B 739 -3.64 3.15 -20.92
N MET B 740 -4.09 2.65 -22.06
CA MET B 740 -5.51 2.33 -22.22
C MET B 740 -5.88 1.10 -21.41
N TYR B 741 -4.99 0.13 -21.30
CA TYR B 741 -5.29 -1.07 -20.52
C TYR B 741 -5.51 -0.73 -19.05
N ILE B 742 -4.60 0.06 -18.47
CA ILE B 742 -4.68 0.36 -17.05
C ILE B 742 -5.73 1.41 -16.77
N CYS B 743 -5.54 2.62 -17.30
CA CYS B 743 -6.46 3.74 -17.09
C CYS B 743 -7.28 3.90 -18.37
N GLY B 744 -8.39 3.16 -18.44
CA GLY B 744 -9.25 3.22 -19.61
C GLY B 744 -9.91 4.58 -19.72
N ASP B 745 -9.58 5.33 -20.79
CA ASP B 745 -10.19 6.60 -21.18
C ASP B 745 -10.62 7.47 -20.01
N SER B 746 -9.73 7.64 -19.02
CA SER B 746 -10.00 8.44 -17.83
C SER B 746 -8.82 9.37 -17.60
N THR B 747 -9.02 10.66 -17.82
CA THR B 747 -7.93 11.62 -17.71
C THR B 747 -7.43 11.75 -16.28
N GLU B 748 -8.32 11.62 -15.29
CA GLU B 748 -7.89 11.66 -13.90
C GLU B 748 -6.96 10.49 -13.58
N CYS B 749 -7.28 9.30 -14.08
CA CYS B 749 -6.40 8.16 -13.91
C CYS B 749 -5.08 8.36 -14.66
N SER B 750 -5.15 8.93 -15.86
CA SER B 750 -3.94 9.18 -16.64
C SER B 750 -3.05 10.23 -16.00
N ASN B 751 -3.61 11.12 -15.18
CA ASN B 751 -2.78 12.02 -14.38
C ASN B 751 -1.92 11.23 -13.41
N LEU B 752 -2.51 10.21 -12.76
CA LEU B 752 -1.74 9.22 -12.05
C LEU B 752 -1.06 8.30 -13.05
N LEU B 753 -0.29 7.33 -12.53
CA LEU B 753 0.43 6.36 -13.35
C LEU B 753 1.53 7.03 -14.16
N LEU B 754 1.57 8.37 -14.13
CA LEU B 754 2.63 9.11 -14.77
C LEU B 754 3.80 9.34 -13.83
N GLN B 755 3.54 9.35 -12.52
CA GLN B 755 4.61 9.44 -11.54
C GLN B 755 5.39 8.15 -11.43
N TYR B 756 4.84 7.02 -11.91
CA TYR B 756 5.53 5.75 -11.81
C TYR B 756 6.77 5.69 -12.70
N GLY B 757 6.88 6.55 -13.68
CA GLY B 757 8.08 6.66 -14.48
C GLY B 757 7.92 6.06 -15.87
N SER B 758 8.85 5.18 -16.25
CA SER B 758 8.92 4.63 -17.59
C SER B 758 8.38 3.21 -17.67
N PHE B 759 7.30 2.91 -16.94
CA PHE B 759 6.71 1.58 -16.97
C PHE B 759 5.70 1.41 -18.10
N CYS B 760 5.42 2.47 -18.85
CA CYS B 760 4.55 2.39 -20.01
C CYS B 760 5.32 2.22 -21.32
N THR B 761 6.65 2.14 -21.26
CA THR B 761 7.47 1.98 -22.45
C THR B 761 8.25 0.68 -22.50
N GLN B 762 8.62 0.12 -21.34
CA GLN B 762 9.35 -1.14 -21.35
C GLN B 762 8.50 -2.26 -21.93
N LEU B 763 7.21 -2.31 -21.55
CA LEU B 763 6.34 -3.34 -22.09
C LEU B 763 6.18 -3.20 -23.59
N ASN B 764 6.00 -1.97 -24.07
CA ASN B 764 5.88 -1.76 -25.51
C ASN B 764 7.16 -2.16 -26.23
N ARG B 765 8.31 -1.84 -25.66
CA ARG B 765 9.58 -2.22 -26.28
C ARG B 765 9.74 -3.73 -26.34
N ALA B 766 9.38 -4.44 -25.26
CA ALA B 766 9.50 -5.89 -25.26
C ALA B 766 8.55 -6.52 -26.28
N LEU B 767 7.31 -6.03 -26.34
CA LEU B 767 6.36 -6.58 -27.31
C LEU B 767 6.81 -6.30 -28.74
N THR B 768 7.38 -5.11 -28.98
CA THR B 768 7.92 -4.81 -30.30
C THR B 768 9.07 -5.76 -30.64
N GLY B 769 9.94 -6.04 -29.66
CA GLY B 769 11.01 -6.98 -29.91
C GLY B 769 10.50 -8.36 -30.30
N ILE B 770 9.49 -8.85 -29.58
CA ILE B 770 8.91 -10.15 -29.92
C ILE B 770 8.30 -10.13 -31.31
N ALA B 771 7.55 -9.07 -31.62
CA ALA B 771 6.86 -8.97 -32.90
C ALA B 771 7.84 -8.95 -34.05
N VAL B 772 8.95 -8.20 -33.91
CA VAL B 772 9.93 -8.19 -34.99
C VAL B 772 10.81 -9.43 -34.99
N GLU B 773 10.84 -10.19 -33.89
CA GLU B 773 11.56 -11.46 -33.89
C GLU B 773 10.80 -12.53 -34.65
N GLN B 774 9.47 -12.52 -34.58
CA GLN B 774 8.69 -13.54 -35.29
C GLN B 774 8.92 -13.50 -36.80
N ASP B 775 8.94 -12.30 -37.37
CA ASP B 775 9.14 -12.17 -38.81
C ASP B 775 10.52 -12.68 -39.21
N LYS B 776 11.54 -12.36 -38.42
CA LYS B 776 12.88 -12.86 -38.70
C LYS B 776 12.91 -14.39 -38.62
N ASN B 777 12.21 -14.96 -37.65
CA ASN B 777 12.12 -16.41 -37.55
C ASN B 777 11.57 -17.02 -38.84
N THR B 778 10.41 -16.52 -39.28
CA THR B 778 9.80 -17.07 -40.49
C THR B 778 10.70 -16.88 -41.70
N GLN B 779 11.30 -15.69 -41.84
CA GLN B 779 12.16 -15.41 -42.97
C GLN B 779 13.35 -16.35 -43.02
N GLU B 780 13.98 -16.60 -41.87
CA GLU B 780 15.16 -17.45 -41.88
C GLU B 780 14.80 -18.92 -42.06
N VAL B 781 13.62 -19.34 -41.61
CA VAL B 781 13.22 -20.73 -41.83
C VAL B 781 12.91 -20.98 -43.31
N PHE B 782 12.17 -20.07 -43.94
CA PHE B 782 11.63 -20.38 -45.26
C PHE B 782 12.45 -19.79 -46.42
N ALA B 783 13.02 -18.60 -46.27
CA ALA B 783 13.70 -17.94 -47.38
C ALA B 783 15.13 -18.44 -47.53
N GLN B 784 15.26 -19.76 -47.65
CA GLN B 784 16.55 -20.39 -47.90
C GLN B 784 16.98 -20.32 -49.35
N VAL B 785 16.05 -20.07 -50.27
CA VAL B 785 16.31 -20.13 -51.70
C VAL B 785 16.48 -18.72 -52.24
N LYS B 786 17.19 -18.61 -53.36
CA LYS B 786 17.47 -17.31 -53.97
C LYS B 786 16.54 -16.99 -55.13
N GLN B 787 16.11 -17.99 -55.90
CA GLN B 787 15.20 -17.80 -57.02
C GLN B 787 13.91 -18.56 -56.75
N ILE B 788 13.04 -18.61 -57.73
CA ILE B 788 11.76 -19.31 -57.64
C ILE B 788 11.72 -20.31 -58.79
N TYR B 789 12.12 -21.55 -58.51
CA TYR B 789 12.09 -22.59 -59.52
C TYR B 789 10.66 -23.10 -59.71
N LYS B 790 10.46 -23.82 -60.80
CA LYS B 790 9.17 -24.46 -61.06
C LYS B 790 9.38 -25.70 -61.91
N THR B 791 8.63 -26.74 -61.60
CA THR B 791 8.77 -28.01 -62.31
C THR B 791 8.29 -27.88 -63.75
N PRO B 792 8.91 -28.62 -64.67
CA PRO B 792 8.46 -28.60 -66.07
C PRO B 792 7.07 -29.20 -66.20
N PRO B 793 6.33 -28.84 -67.25
CA PRO B 793 4.95 -29.35 -67.39
C PRO B 793 4.85 -30.86 -67.45
N ILE B 794 5.85 -31.54 -68.02
CA ILE B 794 5.82 -32.99 -68.16
C ILE B 794 6.41 -33.61 -66.90
N LYS B 795 5.61 -34.43 -66.22
CA LYS B 795 6.03 -35.06 -64.98
C LYS B 795 6.54 -36.47 -65.25
N ASP B 796 7.67 -36.53 -65.97
CA ASP B 796 8.32 -37.79 -66.29
C ASP B 796 9.47 -38.00 -65.30
N PHE B 797 9.12 -38.44 -64.10
CA PHE B 797 10.07 -38.57 -62.99
C PHE B 797 10.46 -40.02 -62.74
N GLY B 798 10.56 -40.83 -63.79
CA GLY B 798 11.03 -42.18 -63.61
C GLY B 798 10.06 -43.12 -62.94
N GLY B 799 8.79 -42.75 -62.86
CA GLY B 799 7.76 -43.57 -62.24
C GLY B 799 7.28 -43.05 -60.90
N PHE B 800 8.05 -42.17 -60.26
CA PHE B 800 7.61 -41.58 -59.01
C PHE B 800 6.45 -40.62 -59.26
N ASN B 801 5.62 -40.45 -58.24
CA ASN B 801 4.39 -39.66 -58.36
C ASN B 801 4.37 -38.61 -57.25
N PHE B 802 4.64 -37.36 -57.61
CA PHE B 802 4.67 -36.25 -56.67
C PHE B 802 3.42 -35.39 -56.71
N SER B 803 2.35 -35.87 -57.34
CA SER B 803 1.16 -35.05 -57.51
C SER B 803 0.50 -34.69 -56.19
N GLN B 804 0.73 -35.49 -55.14
CA GLN B 804 0.10 -35.22 -53.85
C GLN B 804 0.74 -34.05 -53.11
N ILE B 805 1.98 -33.67 -53.46
CA ILE B 805 2.68 -32.61 -52.76
C ILE B 805 2.97 -31.41 -53.64
N LEU B 806 2.87 -31.53 -54.95
CA LEU B 806 3.13 -30.39 -55.83
C LEU B 806 1.94 -29.43 -55.81
N PRO B 807 2.18 -28.15 -56.06
CA PRO B 807 1.08 -27.18 -56.01
C PRO B 807 0.02 -27.44 -57.07
N ASP B 808 -1.22 -27.11 -56.74
CA ASP B 808 -2.36 -27.34 -57.61
C ASP B 808 -2.87 -26.00 -58.15
N PRO B 809 -2.65 -25.69 -59.42
CA PRO B 809 -3.13 -24.41 -59.96
C PRO B 809 -4.64 -24.26 -59.97
N SER B 810 -5.38 -25.38 -59.94
CA SER B 810 -6.84 -25.30 -60.03
C SER B 810 -7.44 -24.57 -58.83
N LYS B 811 -6.93 -24.84 -57.64
CA LYS B 811 -7.46 -24.23 -56.43
C LYS B 811 -7.17 -22.73 -56.43
N PRO B 812 -8.03 -21.94 -55.78
CA PRO B 812 -7.78 -20.49 -55.73
C PRO B 812 -6.46 -20.12 -55.08
N SER B 813 -6.03 -20.87 -54.08
CA SER B 813 -4.72 -20.67 -53.45
C SER B 813 -3.77 -21.77 -53.91
N LYS B 814 -2.58 -21.37 -54.35
CA LYS B 814 -1.62 -22.31 -54.92
C LYS B 814 -1.01 -23.13 -53.79
N ARG B 815 -1.80 -24.08 -53.29
CA ARG B 815 -1.39 -24.96 -52.21
C ARG B 815 -1.70 -26.41 -52.60
N SER B 816 -0.83 -27.31 -52.15
CA SER B 816 -0.97 -28.72 -52.49
C SER B 816 -2.01 -29.39 -51.60
N PHE B 817 -2.26 -30.66 -51.87
CA PHE B 817 -3.28 -31.41 -51.15
C PHE B 817 -2.92 -31.56 -49.67
N ILE B 818 -1.65 -31.89 -49.38
CA ILE B 818 -1.26 -32.16 -48.01
C ILE B 818 -1.35 -30.91 -47.15
N GLU B 819 -0.91 -29.76 -47.69
CA GLU B 819 -1.00 -28.53 -46.92
C GLU B 819 -2.43 -28.03 -46.80
N ASP B 820 -3.30 -28.35 -47.76
CA ASP B 820 -4.72 -28.05 -47.56
C ASP B 820 -5.31 -28.89 -46.43
N LEU B 821 -4.93 -30.18 -46.36
CA LEU B 821 -5.36 -31.00 -45.23
C LEU B 821 -4.83 -30.43 -43.92
N LEU B 822 -3.58 -29.96 -43.92
CA LEU B 822 -3.02 -29.38 -42.71
C LEU B 822 -3.75 -28.11 -42.30
N PHE B 823 -4.10 -27.26 -43.27
CA PHE B 823 -4.85 -26.05 -42.96
C PHE B 823 -6.22 -26.38 -42.39
N ASN B 824 -6.92 -27.35 -42.99
CA ASN B 824 -8.25 -27.70 -42.51
C ASN B 824 -8.20 -28.38 -41.14
N LYS B 825 -7.15 -29.14 -40.86
CA LYS B 825 -7.05 -29.87 -39.60
C LYS B 825 -6.83 -28.95 -38.41
N VAL B 826 -6.46 -27.70 -38.62
CA VAL B 826 -6.25 -26.74 -37.54
C VAL B 826 -7.38 -25.73 -37.59
N THR B 827 -8.10 -25.61 -36.48
CA THR B 827 -9.23 -24.69 -36.39
C THR B 827 -8.87 -23.44 -35.61
N LYS B 854 -9.47 -8.28 -26.18
CA LYS B 854 -9.70 -8.11 -27.61
C LYS B 854 -9.91 -6.65 -27.95
N PHE B 855 -10.72 -5.96 -27.13
CA PHE B 855 -11.09 -4.56 -27.36
C PHE B 855 -10.67 -3.69 -26.18
N ASN B 856 -9.64 -4.08 -25.46
CA ASN B 856 -9.22 -3.33 -24.28
C ASN B 856 -7.77 -2.86 -24.40
N GLY B 857 -7.42 -2.29 -25.54
CA GLY B 857 -6.07 -1.79 -25.74
C GLY B 857 -5.09 -2.78 -26.29
N LEU B 858 -5.54 -3.96 -26.70
CA LEU B 858 -4.67 -4.97 -27.28
C LEU B 858 -5.01 -5.18 -28.75
N THR B 859 -3.97 -5.24 -29.58
CA THR B 859 -4.12 -5.41 -31.01
C THR B 859 -3.28 -6.58 -31.49
N VAL B 860 -3.67 -7.15 -32.62
CA VAL B 860 -2.94 -8.25 -33.25
C VAL B 860 -2.46 -7.78 -34.61
N LEU B 861 -1.15 -7.80 -34.80
CA LEU B 861 -0.59 -7.37 -36.07
C LEU B 861 -0.52 -8.55 -37.04
N PRO B 862 -0.75 -8.30 -38.33
CA PRO B 862 -0.67 -9.38 -39.32
C PRO B 862 0.77 -9.74 -39.61
N PRO B 863 1.03 -10.98 -40.01
CA PRO B 863 2.40 -11.35 -40.36
C PRO B 863 2.87 -10.65 -41.62
N LEU B 864 4.18 -10.42 -41.70
CA LEU B 864 4.74 -9.75 -42.87
C LEU B 864 4.60 -10.62 -44.12
N LEU B 865 4.82 -11.93 -43.98
CA LEU B 865 4.73 -12.87 -45.10
C LEU B 865 3.37 -13.54 -45.07
N THR B 866 2.54 -13.27 -46.06
CA THR B 866 1.25 -13.93 -46.15
C THR B 866 1.44 -15.40 -46.53
N ASP B 867 0.40 -16.19 -46.26
CA ASP B 867 0.50 -17.63 -46.46
C ASP B 867 0.79 -18.00 -47.91
N GLU B 868 0.34 -17.17 -48.86
CA GLU B 868 0.62 -17.45 -50.27
C GLU B 868 2.11 -17.41 -50.55
N MET B 869 2.82 -16.45 -49.96
CA MET B 869 4.27 -16.39 -50.16
C MET B 869 4.96 -17.61 -49.56
N ILE B 870 4.49 -18.08 -48.40
CA ILE B 870 5.05 -19.28 -47.80
C ILE B 870 4.84 -20.48 -48.72
N ALA B 871 3.64 -20.59 -49.28
CA ALA B 871 3.36 -21.68 -50.21
C ALA B 871 4.26 -21.60 -51.44
N GLN B 872 4.49 -20.39 -51.95
CA GLN B 872 5.40 -20.22 -53.08
C GLN B 872 6.81 -20.64 -52.74
N TYR B 873 7.27 -20.28 -51.53
CA TYR B 873 8.61 -20.67 -51.11
C TYR B 873 8.76 -22.18 -51.04
N THR B 874 7.78 -22.86 -50.43
CA THR B 874 7.87 -24.31 -50.33
C THR B 874 7.76 -24.97 -51.70
N SER B 875 6.95 -24.41 -52.60
CA SER B 875 6.88 -24.94 -53.94
C SER B 875 8.20 -24.79 -54.69
N ALA B 876 8.87 -23.64 -54.51
CA ALA B 876 10.17 -23.46 -55.14
C ALA B 876 11.19 -24.45 -54.59
N LEU B 877 11.17 -24.67 -53.27
CA LEU B 877 12.09 -25.64 -52.67
C LEU B 877 11.83 -27.04 -53.21
N LEU B 878 10.55 -27.42 -53.31
CA LEU B 878 10.21 -28.74 -53.84
C LEU B 878 10.67 -28.89 -55.29
N ALA B 879 10.43 -27.89 -56.12
CA ALA B 879 10.83 -27.97 -57.52
C ALA B 879 12.35 -28.07 -57.64
N GLY B 880 13.08 -27.28 -56.86
CA GLY B 880 14.53 -27.37 -56.89
C GLY B 880 15.04 -28.72 -56.46
N THR B 881 14.49 -29.26 -55.37
CA THR B 881 14.91 -30.57 -54.89
C THR B 881 14.63 -31.65 -55.92
N ILE B 882 13.46 -31.60 -56.54
CA ILE B 882 13.08 -32.65 -57.50
C ILE B 882 13.96 -32.57 -58.75
N THR B 883 14.14 -31.38 -59.31
CA THR B 883 14.77 -31.27 -60.62
C THR B 883 16.27 -31.04 -60.57
N SER B 884 16.88 -30.83 -59.41
CA SER B 884 18.30 -30.53 -59.37
C SER B 884 19.06 -31.20 -58.22
N GLY B 885 18.42 -32.05 -57.42
CA GLY B 885 19.12 -32.67 -56.31
C GLY B 885 19.56 -31.65 -55.29
N TRP B 886 20.77 -31.83 -54.78
CA TRP B 886 21.34 -30.89 -53.82
C TRP B 886 22.22 -29.83 -54.46
N THR B 887 22.38 -29.85 -55.78
CA THR B 887 23.27 -28.90 -56.44
C THR B 887 22.76 -27.47 -56.36
N PHE B 888 21.47 -27.27 -56.11
CA PHE B 888 20.92 -25.93 -56.05
C PHE B 888 21.15 -25.26 -54.70
N GLY B 889 21.69 -25.98 -53.72
CA GLY B 889 22.02 -25.38 -52.44
C GLY B 889 23.38 -24.72 -52.43
N ALA B 890 24.30 -25.24 -53.26
CA ALA B 890 25.64 -24.68 -53.33
C ALA B 890 25.69 -23.48 -54.28
N GLY B 891 25.40 -23.73 -55.56
CA GLY B 891 25.41 -22.67 -56.55
C GLY B 891 24.14 -22.63 -57.36
N ALA B 892 24.29 -22.59 -58.69
CA ALA B 892 23.13 -22.61 -59.58
C ALA B 892 22.60 -24.03 -59.71
N ALA B 893 21.29 -24.14 -59.92
CA ALA B 893 20.67 -25.45 -60.04
C ALA B 893 21.12 -26.13 -61.33
N LEU B 894 21.44 -27.42 -61.24
CA LEU B 894 21.86 -28.21 -62.38
C LEU B 894 20.88 -29.36 -62.55
N GLN B 895 20.29 -29.48 -63.74
CA GLN B 895 19.32 -30.53 -63.98
C GLN B 895 20.00 -31.90 -64.02
N ILE B 896 19.23 -32.93 -63.66
CA ILE B 896 19.71 -34.30 -63.63
C ILE B 896 18.51 -35.23 -63.56
N PRO B 897 18.49 -36.33 -64.31
CA PRO B 897 17.34 -37.24 -64.24
C PRO B 897 17.15 -37.78 -62.83
N PHE B 898 15.88 -37.97 -62.46
CA PHE B 898 15.56 -38.33 -61.08
C PHE B 898 16.09 -39.71 -60.73
N ALA B 899 16.09 -40.64 -61.68
CA ALA B 899 16.63 -41.97 -61.41
C ALA B 899 18.10 -41.89 -61.05
N MET B 900 18.87 -41.08 -61.76
CA MET B 900 20.29 -40.93 -61.46
C MET B 900 20.49 -40.21 -60.13
N GLN B 901 19.62 -39.26 -59.80
CA GLN B 901 19.72 -38.61 -58.50
C GLN B 901 19.48 -39.62 -57.37
N MET B 902 18.49 -40.49 -57.52
CA MET B 902 18.27 -41.53 -56.53
C MET B 902 19.44 -42.50 -56.47
N ALA B 903 20.08 -42.78 -57.61
CA ALA B 903 21.26 -43.62 -57.59
C ALA B 903 22.39 -42.97 -56.80
N TYR B 904 22.56 -41.66 -56.96
CA TYR B 904 23.54 -40.93 -56.16
C TYR B 904 23.21 -41.03 -54.67
N ARG B 905 21.94 -40.87 -54.33
CA ARG B 905 21.55 -40.94 -52.92
C ARG B 905 21.79 -42.33 -52.36
N PHE B 906 21.51 -43.38 -53.14
CA PHE B 906 21.81 -44.74 -52.68
C PHE B 906 23.30 -44.93 -52.48
N ASN B 907 24.12 -44.45 -53.42
CA ASN B 907 25.56 -44.54 -53.25
C ASN B 907 26.03 -43.79 -52.01
N GLY B 908 25.28 -42.76 -51.61
CA GLY B 908 25.63 -42.01 -50.42
C GLY B 908 25.53 -42.79 -49.12
N ILE B 909 24.79 -43.90 -49.11
CA ILE B 909 24.61 -44.67 -47.89
C ILE B 909 25.22 -46.07 -48.00
N GLY B 910 26.21 -46.24 -48.87
CA GLY B 910 26.92 -47.51 -48.94
C GLY B 910 26.19 -48.63 -49.65
N VAL B 911 25.23 -48.31 -50.51
CA VAL B 911 24.54 -49.31 -51.33
C VAL B 911 24.82 -48.99 -52.79
N THR B 912 25.27 -50.00 -53.53
CA THR B 912 25.64 -49.77 -54.93
C THR B 912 24.42 -49.37 -55.75
N GLN B 913 24.68 -48.63 -56.82
CA GLN B 913 23.60 -48.05 -57.62
C GLN B 913 22.88 -49.07 -58.48
N ASN B 914 23.51 -50.22 -58.78
CA ASN B 914 22.82 -51.23 -59.56
C ASN B 914 21.59 -51.76 -58.82
N VAL B 915 21.60 -51.68 -57.50
CA VAL B 915 20.42 -52.07 -56.72
C VAL B 915 19.22 -51.24 -57.15
N LEU B 916 19.39 -49.92 -57.20
CA LEU B 916 18.30 -49.06 -57.66
C LEU B 916 17.99 -49.29 -59.12
N TYR B 917 19.02 -49.36 -59.96
CA TYR B 917 18.74 -49.50 -61.38
C TYR B 917 18.09 -50.83 -61.73
N GLU B 918 18.08 -51.80 -60.81
CA GLU B 918 17.38 -53.05 -61.04
C GLU B 918 16.12 -53.21 -60.20
N ASN B 919 15.88 -52.35 -59.21
CA ASN B 919 14.63 -52.39 -58.44
C ASN B 919 13.89 -51.06 -58.50
N GLN B 920 14.10 -50.31 -59.59
CA GLN B 920 13.47 -49.00 -59.74
C GLN B 920 11.95 -49.07 -59.65
N LYS B 921 11.33 -50.02 -60.35
CA LYS B 921 9.87 -50.08 -60.36
C LYS B 921 9.32 -50.38 -58.97
N LEU B 922 9.94 -51.33 -58.27
CA LEU B 922 9.49 -51.66 -56.92
C LEU B 922 9.67 -50.48 -55.98
N ILE B 923 10.78 -49.76 -56.09
CA ILE B 923 11.01 -48.61 -55.23
C ILE B 923 9.98 -47.52 -55.50
N ALA B 924 9.68 -47.28 -56.78
CA ALA B 924 8.68 -46.28 -57.12
C ALA B 924 7.32 -46.66 -56.55
N ASN B 925 6.94 -47.94 -56.65
CA ASN B 925 5.66 -48.37 -56.10
C ASN B 925 5.62 -48.19 -54.58
N GLN B 926 6.71 -48.53 -53.89
CA GLN B 926 6.75 -48.37 -52.44
C GLN B 926 6.63 -46.90 -52.05
N PHE B 927 7.33 -46.02 -52.76
CA PHE B 927 7.24 -44.60 -52.43
C PHE B 927 5.84 -44.06 -52.67
N ASN B 928 5.22 -44.45 -53.78
CA ASN B 928 3.85 -44.02 -54.05
C ASN B 928 2.89 -44.50 -52.97
N SER B 929 3.04 -45.76 -52.55
CA SER B 929 2.17 -46.30 -51.50
C SER B 929 2.35 -45.53 -50.19
N ALA B 930 3.60 -45.21 -49.83
CA ALA B 930 3.83 -44.47 -48.59
C ALA B 930 3.22 -43.08 -48.65
N ILE B 931 3.42 -42.38 -49.78
CA ILE B 931 2.86 -41.03 -49.88
C ILE B 931 1.34 -41.08 -49.91
N GLY B 932 0.76 -42.17 -50.41
CA GLY B 932 -0.68 -42.33 -50.31
C GLY B 932 -1.14 -42.54 -48.88
N LYS B 933 -0.43 -43.39 -48.14
CA LYS B 933 -0.82 -43.67 -46.75
C LYS B 933 -0.66 -42.47 -45.85
N ILE B 934 0.22 -41.52 -46.20
CA ILE B 934 0.34 -40.31 -45.40
C ILE B 934 -0.97 -39.56 -45.36
N GLN B 935 -1.69 -39.50 -46.49
CA GLN B 935 -2.96 -38.79 -46.53
C GLN B 935 -3.98 -39.41 -45.58
N ASP B 936 -4.06 -40.74 -45.55
CA ASP B 936 -4.99 -41.40 -44.64
C ASP B 936 -4.57 -41.24 -43.19
N SER B 937 -3.25 -41.22 -42.93
CA SER B 937 -2.78 -40.98 -41.57
C SER B 937 -3.14 -39.58 -41.11
N LEU B 938 -3.16 -38.61 -42.03
CA LEU B 938 -3.42 -37.23 -41.65
C LEU B 938 -4.92 -36.95 -41.53
N SER B 939 -5.69 -37.24 -42.59
CA SER B 939 -7.07 -36.80 -42.66
C SER B 939 -7.99 -37.52 -41.69
N SER B 940 -7.53 -38.61 -41.06
CA SER B 940 -8.39 -39.36 -40.15
C SER B 940 -8.25 -38.88 -38.71
N THR B 941 -7.04 -38.93 -38.16
CA THR B 941 -6.78 -38.54 -36.78
C THR B 941 -6.17 -37.14 -36.74
N ALA B 942 -6.72 -36.28 -35.89
CA ALA B 942 -6.26 -34.91 -35.74
C ALA B 942 -5.36 -34.71 -34.53
N SER B 943 -4.95 -35.79 -33.86
CA SER B 943 -4.13 -35.69 -32.67
C SER B 943 -2.65 -35.48 -32.98
N ALA B 944 -2.26 -35.54 -34.25
CA ALA B 944 -0.86 -35.35 -34.61
C ALA B 944 -0.44 -33.88 -34.55
N LEU B 945 -1.38 -32.96 -34.77
CA LEU B 945 -1.10 -31.54 -34.83
C LEU B 945 -1.12 -30.88 -33.46
N GLY B 946 -0.97 -31.65 -32.39
CA GLY B 946 -0.99 -31.08 -31.05
C GLY B 946 0.17 -30.12 -30.82
N LYS B 947 1.34 -30.43 -31.37
CA LYS B 947 2.50 -29.59 -31.18
C LYS B 947 2.32 -28.20 -31.79
N LEU B 948 1.41 -28.06 -32.76
CA LEU B 948 1.07 -26.75 -33.29
C LEU B 948 -0.16 -26.15 -32.61
N GLN B 949 -1.08 -26.99 -32.16
CA GLN B 949 -2.31 -26.47 -31.55
C GLN B 949 -2.06 -25.93 -30.14
N ASP B 950 -1.13 -26.53 -29.40
CA ASP B 950 -0.92 -26.13 -28.02
C ASP B 950 -0.38 -24.72 -27.91
N VAL B 951 0.42 -24.27 -28.87
CA VAL B 951 0.94 -22.90 -28.83
C VAL B 951 -0.20 -21.90 -28.93
N VAL B 952 -1.11 -22.12 -29.87
CA VAL B 952 -2.27 -21.26 -30.03
C VAL B 952 -3.14 -21.29 -28.78
N ASN B 953 -3.34 -22.49 -28.23
CA ASN B 953 -4.14 -22.60 -27.01
C ASN B 953 -3.52 -21.83 -25.86
N GLN B 954 -2.20 -21.93 -25.70
CA GLN B 954 -1.52 -21.22 -24.61
C GLN B 954 -1.62 -19.72 -24.79
N ASN B 955 -1.42 -19.23 -26.02
CA ASN B 955 -1.53 -17.79 -26.25
C ASN B 955 -2.95 -17.30 -25.97
N ALA B 956 -3.95 -18.05 -26.42
CA ALA B 956 -5.34 -17.66 -26.17
C ALA B 956 -5.65 -17.65 -24.68
N GLN B 957 -5.17 -18.65 -23.94
CA GLN B 957 -5.40 -18.67 -22.51
C GLN B 957 -4.73 -17.49 -21.81
N ALA B 958 -3.50 -17.16 -22.23
CA ALA B 958 -2.81 -16.02 -21.63
C ALA B 958 -3.58 -14.72 -21.87
N LEU B 959 -4.01 -14.50 -23.11
CA LEU B 959 -4.76 -13.28 -23.41
C LEU B 959 -6.09 -13.24 -22.64
N ASN B 960 -6.77 -14.39 -22.57
CA ASN B 960 -8.05 -14.43 -21.86
C ASN B 960 -7.86 -14.13 -20.38
N THR B 961 -6.83 -14.69 -19.75
CA THR B 961 -6.56 -14.39 -18.35
C THR B 961 -6.22 -12.92 -18.15
N LEU B 962 -5.41 -12.36 -19.06
CA LEU B 962 -5.06 -10.95 -18.94
C LEU B 962 -6.29 -10.07 -19.03
N VAL B 963 -7.23 -10.41 -19.92
CA VAL B 963 -8.46 -9.63 -20.04
C VAL B 963 -9.32 -9.81 -18.79
N LYS B 964 -9.45 -11.06 -18.31
CA LYS B 964 -10.28 -11.32 -17.14
C LYS B 964 -9.73 -10.65 -15.89
N GLN B 965 -8.45 -10.34 -15.84
CA GLN B 965 -7.87 -9.72 -14.65
C GLN B 965 -8.45 -8.34 -14.36
N LEU B 966 -9.15 -7.72 -15.31
CA LEU B 966 -9.71 -6.39 -15.09
C LEU B 966 -10.84 -6.38 -14.07
N SER B 967 -11.45 -7.53 -13.78
CA SER B 967 -12.61 -7.60 -12.92
C SER B 967 -12.26 -8.00 -11.49
N SER B 968 -11.12 -7.53 -10.99
CA SER B 968 -10.68 -7.81 -9.63
C SER B 968 -10.63 -6.51 -8.85
N ASN B 969 -11.18 -6.54 -7.63
CA ASN B 969 -11.23 -5.34 -6.81
C ASN B 969 -9.85 -4.90 -6.34
N PHE B 970 -8.95 -5.86 -6.12
CA PHE B 970 -7.60 -5.61 -5.62
C PHE B 970 -7.59 -4.86 -4.29
N GLY B 971 -8.68 -4.93 -3.54
CA GLY B 971 -8.80 -4.23 -2.28
C GLY B 971 -9.61 -2.95 -2.33
N ALA B 972 -9.95 -2.46 -3.52
CA ALA B 972 -10.78 -1.28 -3.63
C ALA B 972 -12.25 -1.65 -3.42
N ILE B 973 -13.08 -0.62 -3.28
CA ILE B 973 -14.51 -0.85 -3.07
C ILE B 973 -15.13 -1.48 -4.30
N SER B 974 -14.80 -0.98 -5.49
CA SER B 974 -15.39 -1.47 -6.73
C SER B 974 -14.30 -1.65 -7.78
N SER B 975 -14.58 -2.54 -8.74
CA SER B 975 -13.64 -2.88 -9.79
C SER B 975 -13.76 -2.02 -11.04
N VAL B 976 -14.72 -1.10 -11.07
CA VAL B 976 -14.91 -0.22 -12.22
C VAL B 976 -14.51 1.19 -11.82
N LEU B 977 -13.68 1.82 -12.66
CA LEU B 977 -13.11 3.11 -12.32
C LEU B 977 -14.17 4.20 -12.25
N ASN B 978 -15.13 4.16 -13.18
CA ASN B 978 -16.13 5.22 -13.25
C ASN B 978 -16.98 5.31 -11.99
N ASP B 979 -17.36 4.16 -11.43
CA ASP B 979 -18.16 4.17 -10.21
C ASP B 979 -17.38 4.79 -9.06
N ILE B 980 -16.11 4.45 -8.92
CA ILE B 980 -15.30 5.03 -7.86
C ILE B 980 -15.17 6.53 -8.06
N LEU B 981 -14.95 6.97 -9.31
CA LEU B 981 -14.79 8.39 -9.57
C LEU B 981 -16.08 9.16 -9.28
N SER B 982 -17.22 8.60 -9.64
CA SER B 982 -18.50 9.29 -9.52
C SER B 982 -19.20 9.05 -8.18
N ARG B 983 -18.63 8.24 -7.30
CA ARG B 983 -19.23 7.98 -6.00
C ARG B 983 -18.43 8.53 -4.83
N LEU B 984 -17.11 8.67 -4.96
CA LEU B 984 -16.26 9.11 -3.86
C LEU B 984 -15.73 10.52 -4.14
N ASP B 985 -15.66 11.33 -3.09
CA ASP B 985 -15.09 12.66 -3.21
C ASP B 985 -13.62 12.55 -3.60
N PRO B 986 -13.15 13.34 -4.56
CA PRO B 986 -11.89 13.02 -5.27
C PRO B 986 -10.71 12.73 -4.36
N PRO B 987 -10.34 13.62 -3.43
CA PRO B 987 -9.03 13.47 -2.76
C PRO B 987 -8.86 12.17 -2.00
N GLU B 988 -9.94 11.49 -1.62
CA GLU B 988 -9.83 10.19 -0.96
C GLU B 988 -10.04 9.02 -1.92
N ALA B 989 -10.22 9.30 -3.21
CA ALA B 989 -10.35 8.23 -4.20
C ALA B 989 -8.99 7.74 -4.72
N GLU B 990 -7.96 8.59 -4.66
CA GLU B 990 -6.65 8.20 -5.12
C GLU B 990 -6.11 6.99 -4.38
N VAL B 991 -6.53 6.78 -3.14
CA VAL B 991 -6.09 5.60 -2.39
C VAL B 991 -6.50 4.33 -3.10
N GLN B 992 -7.76 4.27 -3.56
CA GLN B 992 -8.24 3.10 -4.30
C GLN B 992 -7.68 3.05 -5.71
N ILE B 993 -7.53 4.22 -6.35
CA ILE B 993 -6.99 4.25 -7.70
C ILE B 993 -5.57 3.69 -7.71
N ASP B 994 -4.80 3.99 -6.66
CA ASP B 994 -3.44 3.46 -6.57
C ASP B 994 -3.45 1.94 -6.50
N ARG B 995 -4.35 1.37 -5.70
CA ARG B 995 -4.42 -0.10 -5.61
C ARG B 995 -4.77 -0.70 -6.95
N LEU B 996 -5.77 -0.14 -7.64
CA LEU B 996 -6.18 -0.67 -8.94
C LEU B 996 -5.03 -0.57 -9.94
N ILE B 997 -4.35 0.58 -9.99
CA ILE B 997 -3.26 0.78 -10.93
C ILE B 997 -2.13 -0.20 -10.65
N THR B 998 -1.77 -0.37 -9.37
CA THR B 998 -0.68 -1.29 -9.03
C THR B 998 -1.03 -2.71 -9.44
N GLY B 999 -2.25 -3.16 -9.14
CA GLY B 999 -2.63 -4.51 -9.51
C GLY B 999 -2.57 -4.74 -11.01
N ARG B 1000 -3.15 -3.82 -11.78
CA ARG B 1000 -3.17 -3.99 -13.23
C ARG B 1000 -1.75 -3.94 -13.81
N LEU B 1001 -0.92 -3.04 -13.29
CA LEU B 1001 0.44 -2.93 -13.79
C LEU B 1001 1.23 -4.21 -13.52
N GLN B 1002 1.09 -4.79 -12.33
CA GLN B 1002 1.86 -5.98 -12.03
C GLN B 1002 1.34 -7.18 -12.82
N SER B 1003 0.02 -7.22 -13.08
CA SER B 1003 -0.51 -8.25 -13.96
C SER B 1003 0.08 -8.14 -15.36
N LEU B 1004 0.18 -6.91 -15.88
CA LEU B 1004 0.82 -6.72 -17.17
C LEU B 1004 2.28 -7.17 -17.14
N GLN B 1005 2.98 -6.89 -16.02
CA GLN B 1005 4.36 -7.35 -15.88
C GLN B 1005 4.46 -8.85 -16.01
N THR B 1006 3.60 -9.58 -15.29
CA THR B 1006 3.65 -11.04 -15.36
C THR B 1006 3.35 -11.55 -16.75
N TYR B 1007 2.34 -10.96 -17.42
CA TYR B 1007 2.01 -11.41 -18.77
C TYR B 1007 3.19 -11.18 -19.71
N VAL B 1008 3.86 -10.04 -19.61
CA VAL B 1008 4.98 -9.75 -20.49
C VAL B 1008 6.13 -10.72 -20.23
N THR B 1009 6.40 -11.04 -18.97
CA THR B 1009 7.46 -11.99 -18.68
C THR B 1009 7.16 -13.37 -19.26
N GLN B 1010 5.92 -13.83 -19.11
CA GLN B 1010 5.55 -15.13 -19.69
C GLN B 1010 5.69 -15.11 -21.21
N GLN B 1011 5.27 -14.00 -21.84
CA GLN B 1011 5.41 -13.90 -23.29
C GLN B 1011 6.88 -13.95 -23.70
N LEU B 1012 7.76 -13.29 -22.94
CA LEU B 1012 9.17 -13.31 -23.27
C LEU B 1012 9.73 -14.73 -23.21
N ILE B 1013 9.40 -15.47 -22.16
CA ILE B 1013 9.91 -16.84 -22.04
C ILE B 1013 9.40 -17.70 -23.19
N ARG B 1014 8.10 -17.61 -23.49
CA ARG B 1014 7.54 -18.41 -24.58
C ARG B 1014 8.17 -18.03 -25.92
N ALA B 1015 8.43 -16.75 -26.13
CA ALA B 1015 9.08 -16.31 -27.37
C ALA B 1015 10.48 -16.89 -27.48
N ALA B 1016 11.22 -16.94 -26.37
CA ALA B 1016 12.55 -17.55 -26.40
C ALA B 1016 12.46 -19.02 -26.79
N GLU B 1017 11.50 -19.74 -26.23
CA GLU B 1017 11.35 -21.16 -26.57
C GLU B 1017 11.01 -21.33 -28.05
N ILE B 1018 10.10 -20.49 -28.56
CA ILE B 1018 9.72 -20.58 -29.96
C ILE B 1018 10.89 -20.25 -30.86
N ARG B 1019 11.73 -19.29 -30.46
CA ARG B 1019 12.92 -18.98 -31.26
C ARG B 1019 13.87 -20.15 -31.30
N ALA B 1020 14.04 -20.86 -30.18
CA ALA B 1020 14.88 -22.06 -30.21
C ALA B 1020 14.32 -23.10 -31.17
N SER B 1021 13.00 -23.30 -31.15
CA SER B 1021 12.39 -24.25 -32.06
C SER B 1021 12.55 -23.82 -33.51
N ALA B 1022 12.46 -22.51 -33.78
CA ALA B 1022 12.63 -22.00 -35.13
C ALA B 1022 14.06 -22.20 -35.62
N ASN B 1023 15.04 -21.99 -34.74
CA ASN B 1023 16.43 -22.27 -35.11
C ASN B 1023 16.62 -23.74 -35.47
N LEU B 1024 16.02 -24.63 -34.66
CA LEU B 1024 16.09 -26.06 -34.98
C LEU B 1024 15.44 -26.35 -36.33
N ALA B 1025 14.31 -25.72 -36.62
CA ALA B 1025 13.65 -25.92 -37.89
C ALA B 1025 14.53 -25.45 -39.05
N ALA B 1026 15.17 -24.30 -38.88
CA ALA B 1026 16.02 -23.77 -39.95
C ALA B 1026 17.19 -24.68 -40.24
N THR B 1027 17.88 -25.15 -39.19
CA THR B 1027 19.03 -26.01 -39.43
C THR B 1027 18.59 -27.37 -39.99
N LYS B 1028 17.43 -27.88 -39.54
CA LYS B 1028 16.93 -29.13 -40.10
C LYS B 1028 16.61 -28.98 -41.58
N MET B 1029 15.97 -27.88 -41.96
CA MET B 1029 15.68 -27.64 -43.37
C MET B 1029 16.97 -27.57 -44.18
N SER B 1030 17.94 -26.80 -43.70
CA SER B 1030 19.18 -26.62 -44.45
C SER B 1030 19.93 -27.93 -44.62
N GLU B 1031 20.00 -28.75 -43.58
CA GLU B 1031 20.80 -29.96 -43.63
C GLU B 1031 20.05 -31.17 -44.15
N CYS B 1032 18.73 -31.11 -44.29
CA CYS B 1032 17.95 -32.28 -44.69
C CYS B 1032 17.21 -32.12 -46.01
N VAL B 1033 16.81 -30.90 -46.38
CA VAL B 1033 16.15 -30.67 -47.65
C VAL B 1033 17.14 -30.31 -48.75
N LEU B 1034 18.08 -29.42 -48.44
CA LEU B 1034 19.07 -28.96 -49.42
C LEU B 1034 20.18 -29.96 -49.66
N GLY B 1035 20.23 -31.05 -48.90
CA GLY B 1035 21.26 -32.05 -49.11
C GLY B 1035 21.02 -33.25 -48.22
N GLN B 1036 21.72 -34.34 -48.54
CA GLN B 1036 21.63 -35.55 -47.76
C GLN B 1036 22.37 -35.39 -46.45
N SER B 1037 21.97 -36.17 -45.45
CA SER B 1037 22.53 -36.08 -44.10
C SER B 1037 23.02 -37.44 -43.65
N LYS B 1038 24.07 -37.43 -42.82
CA LYS B 1038 24.62 -38.64 -42.23
C LYS B 1038 24.43 -38.71 -40.72
N ARG B 1039 23.85 -37.68 -40.12
CA ARG B 1039 23.61 -37.70 -38.68
C ARG B 1039 22.49 -38.70 -38.37
N VAL B 1040 22.77 -39.62 -37.44
CA VAL B 1040 21.81 -40.68 -37.15
C VAL B 1040 20.61 -40.11 -36.41
N ASP B 1041 19.42 -40.53 -36.84
CA ASP B 1041 18.14 -40.18 -36.23
C ASP B 1041 17.83 -38.68 -36.30
N PHE B 1042 18.64 -37.91 -37.04
CA PHE B 1042 18.33 -36.50 -37.20
C PHE B 1042 17.16 -36.30 -38.16
N CYS B 1043 17.02 -37.16 -39.16
CA CYS B 1043 16.01 -37.04 -40.20
C CYS B 1043 15.20 -38.32 -40.30
N GLY B 1044 14.70 -38.79 -39.16
CA GLY B 1044 13.85 -39.96 -39.12
C GLY B 1044 14.64 -41.25 -38.92
N LYS B 1045 13.94 -42.26 -38.44
CA LYS B 1045 14.57 -43.56 -38.22
C LYS B 1045 14.96 -44.20 -39.54
N GLY B 1046 16.15 -44.79 -39.57
CA GLY B 1046 16.68 -45.40 -40.78
C GLY B 1046 17.64 -44.47 -41.49
N TYR B 1047 18.22 -45.00 -42.57
CA TYR B 1047 19.16 -44.23 -43.36
C TYR B 1047 18.41 -43.21 -44.20
N HIS B 1048 18.88 -41.96 -44.17
CA HIS B 1048 18.17 -40.86 -44.80
C HIS B 1048 18.42 -40.82 -46.30
N LEU B 1049 17.37 -40.54 -47.07
CA LEU B 1049 17.46 -40.38 -48.50
C LEU B 1049 17.17 -38.94 -48.94
N MET B 1050 16.00 -38.40 -48.59
CA MET B 1050 15.65 -37.04 -48.96
C MET B 1050 14.46 -36.61 -48.12
N SER B 1051 14.12 -35.33 -48.22
CA SER B 1051 13.00 -34.77 -47.47
C SER B 1051 12.24 -33.80 -48.37
N PHE B 1052 10.98 -33.54 -47.98
CA PHE B 1052 10.12 -32.63 -48.72
C PHE B 1052 9.42 -31.71 -47.72
N PRO B 1053 9.67 -30.41 -47.78
CA PRO B 1053 9.01 -29.50 -46.85
C PRO B 1053 7.56 -29.27 -47.21
N GLN B 1054 6.75 -29.00 -46.20
CA GLN B 1054 5.35 -28.63 -46.37
C GLN B 1054 5.00 -27.57 -45.36
N SER B 1055 4.25 -26.56 -45.80
CA SER B 1055 3.89 -25.47 -44.91
C SER B 1055 2.71 -25.87 -44.02
N ALA B 1056 2.53 -25.10 -42.96
CA ALA B 1056 1.47 -25.34 -41.98
C ALA B 1056 1.20 -24.04 -41.25
N PRO B 1057 0.03 -23.90 -40.62
CA PRO B 1057 -0.24 -22.65 -39.88
C PRO B 1057 0.70 -22.45 -38.72
N HIS B 1058 1.55 -21.44 -38.82
CA HIS B 1058 2.55 -21.13 -37.79
C HIS B 1058 3.49 -22.32 -37.54
N GLY B 1059 3.95 -22.93 -38.62
CA GLY B 1059 4.86 -24.06 -38.48
C GLY B 1059 5.19 -24.64 -39.84
N VAL B 1060 6.04 -25.65 -39.82
CA VAL B 1060 6.46 -26.36 -41.03
C VAL B 1060 6.37 -27.86 -40.77
N VAL B 1061 6.18 -28.62 -41.85
CA VAL B 1061 6.01 -30.07 -41.78
C VAL B 1061 6.96 -30.71 -42.78
N PHE B 1062 7.74 -31.69 -42.33
CA PHE B 1062 8.68 -32.42 -43.16
C PHE B 1062 8.16 -33.81 -43.45
N LEU B 1063 8.54 -34.35 -44.60
CA LEU B 1063 8.24 -35.73 -44.98
C LEU B 1063 9.56 -36.42 -45.30
N HIS B 1064 10.22 -36.94 -44.27
CA HIS B 1064 11.50 -37.61 -44.47
C HIS B 1064 11.30 -38.94 -45.18
N VAL B 1065 12.12 -39.19 -46.20
CA VAL B 1065 12.11 -40.45 -46.92
C VAL B 1065 13.36 -41.22 -46.51
N THR B 1066 13.16 -42.37 -45.88
CA THR B 1066 14.26 -43.14 -45.31
C THR B 1066 14.27 -44.55 -45.87
N TYR B 1067 15.46 -45.15 -45.85
CA TYR B 1067 15.69 -46.49 -46.37
C TYR B 1067 15.88 -47.42 -45.18
N VAL B 1068 15.01 -48.42 -45.06
CA VAL B 1068 14.98 -49.34 -43.92
C VAL B 1068 15.24 -50.75 -44.43
N PRO B 1069 16.23 -51.46 -43.90
CA PRO B 1069 16.48 -52.84 -44.35
C PRO B 1069 15.31 -53.75 -44.02
N ALA B 1070 15.39 -54.97 -44.55
CA ALA B 1070 14.27 -55.91 -44.54
C ALA B 1070 14.82 -57.30 -44.27
N GLN B 1071 14.02 -58.31 -44.62
CA GLN B 1071 14.28 -59.72 -44.34
C GLN B 1071 15.75 -60.08 -44.48
N GLU B 1072 16.32 -60.63 -43.41
CA GLU B 1072 17.74 -60.94 -43.34
C GLU B 1072 17.94 -62.45 -43.28
N LYS B 1073 19.21 -62.84 -43.17
CA LYS B 1073 19.59 -64.26 -43.19
C LYS B 1073 20.81 -64.46 -42.30
N ASN B 1074 21.05 -65.70 -41.94
CA ASN B 1074 22.22 -66.06 -41.16
C ASN B 1074 23.37 -66.46 -42.09
N PHE B 1075 24.59 -66.20 -41.64
CA PHE B 1075 25.77 -66.52 -42.42
C PHE B 1075 26.94 -66.76 -41.48
N THR B 1076 28.05 -67.23 -42.05
CA THR B 1076 29.28 -67.50 -41.32
C THR B 1076 30.40 -66.67 -41.93
N THR B 1077 31.06 -65.85 -41.11
CA THR B 1077 32.04 -64.91 -41.61
C THR B 1077 33.46 -65.38 -41.31
N ALA B 1078 34.42 -64.53 -41.69
CA ALA B 1078 35.85 -64.74 -41.45
C ALA B 1078 36.57 -63.42 -41.66
N PRO B 1079 37.44 -63.02 -40.72
CA PRO B 1079 38.14 -61.74 -40.89
C PRO B 1079 39.03 -61.69 -42.12
N ALA B 1080 39.62 -62.81 -42.53
CA ALA B 1080 40.53 -62.82 -43.67
C ALA B 1080 40.50 -64.20 -44.30
N ILE B 1081 41.38 -64.39 -45.28
CA ILE B 1081 41.45 -65.63 -46.04
C ILE B 1081 42.90 -65.89 -46.44
N CYS B 1082 43.34 -67.14 -46.27
CA CYS B 1082 44.68 -67.55 -46.66
C CYS B 1082 44.63 -68.26 -48.00
N HIS B 1083 45.48 -67.82 -48.93
CA HIS B 1083 45.58 -68.49 -50.23
C HIS B 1083 46.95 -69.12 -50.43
N ASP B 1084 48.03 -68.36 -50.30
CA ASP B 1084 49.39 -68.85 -50.47
C ASP B 1084 50.27 -68.38 -49.33
N GLY B 1085 49.76 -68.46 -48.11
CA GLY B 1085 50.45 -67.91 -46.97
C GLY B 1085 50.25 -66.43 -46.78
N LYS B 1086 49.47 -65.78 -47.63
CA LYS B 1086 49.19 -64.35 -47.55
C LYS B 1086 47.73 -64.14 -47.19
N ALA B 1087 47.48 -63.20 -46.27
CA ALA B 1087 46.14 -62.90 -45.83
C ALA B 1087 45.49 -61.92 -46.79
N HIS B 1088 44.24 -62.20 -47.18
CA HIS B 1088 43.48 -61.34 -48.08
C HIS B 1088 42.32 -60.73 -47.32
N PHE B 1089 42.22 -59.41 -47.34
CA PHE B 1089 41.15 -58.68 -46.68
C PHE B 1089 40.25 -58.03 -47.73
N PRO B 1090 38.95 -57.91 -47.46
CA PRO B 1090 38.06 -57.28 -48.44
C PRO B 1090 38.39 -55.81 -48.63
N ARG B 1091 38.19 -55.32 -49.85
CA ARG B 1091 38.32 -53.90 -50.10
C ARG B 1091 37.15 -53.14 -49.48
N GLU B 1092 35.94 -53.44 -49.96
CA GLU B 1092 34.71 -52.89 -49.38
C GLU B 1092 33.68 -54.00 -49.39
N GLY B 1093 33.44 -54.60 -48.24
CA GLY B 1093 32.51 -55.71 -48.15
C GLY B 1093 32.86 -56.58 -46.95
N VAL B 1094 32.38 -57.82 -47.01
CA VAL B 1094 32.55 -58.77 -45.92
C VAL B 1094 32.49 -60.18 -46.50
N PHE B 1095 33.31 -61.07 -45.97
CA PHE B 1095 33.29 -62.47 -46.39
C PHE B 1095 32.13 -63.20 -45.73
N VAL B 1096 31.40 -63.97 -46.51
CA VAL B 1096 30.28 -64.76 -46.01
C VAL B 1096 30.38 -66.16 -46.59
N SER B 1097 29.52 -67.04 -46.09
CA SER B 1097 29.50 -68.43 -46.53
C SER B 1097 28.08 -68.96 -46.46
N ASN B 1098 27.60 -69.54 -47.55
CA ASN B 1098 26.27 -70.14 -47.56
C ASN B 1098 26.27 -71.58 -47.07
N GLY B 1099 27.42 -72.10 -46.68
CA GLY B 1099 27.51 -73.43 -46.12
C GLY B 1099 28.67 -74.25 -46.67
N THR B 1100 28.98 -74.05 -47.94
CA THR B 1100 30.07 -74.79 -48.57
C THR B 1100 31.09 -73.88 -49.25
N HIS B 1101 30.65 -72.78 -49.85
CA HIS B 1101 31.53 -71.89 -50.59
C HIS B 1101 31.67 -70.56 -49.85
N TRP B 1102 32.66 -69.79 -50.27
CA TRP B 1102 32.96 -68.49 -49.68
C TRP B 1102 32.78 -67.40 -50.72
N PHE B 1103 32.16 -66.29 -50.30
CA PHE B 1103 31.86 -65.17 -51.18
C PHE B 1103 32.24 -63.87 -50.49
N VAL B 1104 32.15 -62.78 -51.24
CA VAL B 1104 32.32 -61.44 -50.71
C VAL B 1104 31.14 -60.60 -51.18
N THR B 1105 30.53 -59.87 -50.25
CA THR B 1105 29.32 -59.12 -50.55
C THR B 1105 29.33 -57.80 -49.79
N GLN B 1106 28.54 -56.85 -50.28
CA GLN B 1106 28.39 -55.58 -49.61
C GLN B 1106 27.66 -55.76 -48.28
N ARG B 1107 27.86 -54.81 -47.38
CA ARG B 1107 27.41 -54.97 -46.00
C ARG B 1107 25.94 -54.63 -45.78
N ASN B 1108 25.24 -54.10 -46.79
CA ASN B 1108 23.87 -53.66 -46.61
C ASN B 1108 22.89 -54.30 -47.59
N PHE B 1109 23.34 -55.27 -48.38
CA PHE B 1109 22.46 -55.95 -49.32
C PHE B 1109 23.17 -57.21 -49.78
N TYR B 1110 22.49 -58.35 -49.64
CA TYR B 1110 23.11 -59.62 -50.00
C TYR B 1110 23.31 -59.70 -51.50
N GLU B 1111 24.56 -59.73 -51.93
CA GLU B 1111 24.92 -59.83 -53.35
C GLU B 1111 26.22 -60.61 -53.46
N PRO B 1112 26.15 -61.94 -53.44
CA PRO B 1112 27.38 -62.73 -53.41
C PRO B 1112 28.18 -62.59 -54.70
N GLN B 1113 29.50 -62.61 -54.54
CA GLN B 1113 30.42 -62.54 -55.67
C GLN B 1113 31.60 -63.46 -55.39
N ILE B 1114 32.25 -63.92 -56.46
CA ILE B 1114 33.44 -64.75 -56.30
C ILE B 1114 34.58 -63.91 -55.74
N ILE B 1115 35.48 -64.55 -55.02
CA ILE B 1115 36.61 -63.87 -54.40
C ILE B 1115 37.77 -63.90 -55.38
N THR B 1116 38.09 -62.74 -55.95
CA THR B 1116 39.21 -62.59 -56.88
C THR B 1116 40.23 -61.62 -56.29
N THR B 1117 41.24 -61.29 -57.08
CA THR B 1117 42.25 -60.34 -56.66
C THR B 1117 41.83 -58.89 -56.88
N ASP B 1118 40.59 -58.66 -57.30
CA ASP B 1118 40.05 -57.30 -57.43
C ASP B 1118 39.23 -56.89 -56.23
N ASN B 1119 38.66 -57.84 -55.49
CA ASN B 1119 37.91 -57.52 -54.28
C ASN B 1119 38.78 -57.46 -53.03
N THR B 1120 39.96 -58.08 -53.06
CA THR B 1120 40.78 -58.27 -51.88
C THR B 1120 42.16 -57.66 -52.08
N PHE B 1121 42.75 -57.20 -50.99
CA PHE B 1121 44.10 -56.68 -50.98
C PHE B 1121 44.95 -57.44 -49.98
N VAL B 1122 46.16 -57.80 -50.40
CA VAL B 1122 47.05 -58.65 -49.60
C VAL B 1122 47.72 -57.81 -48.53
N SER B 1123 47.89 -58.38 -47.34
CA SER B 1123 48.59 -57.68 -46.25
C SER B 1123 49.06 -58.71 -45.23
N GLY B 1124 50.38 -58.88 -45.11
CA GLY B 1124 50.94 -59.70 -44.07
C GLY B 1124 50.98 -61.18 -44.40
N ASN B 1125 51.01 -61.99 -43.33
CA ASN B 1125 51.06 -63.44 -43.46
C ASN B 1125 49.92 -64.09 -42.69
N CYS B 1126 49.96 -65.42 -42.57
CA CYS B 1126 48.81 -66.20 -42.14
C CYS B 1126 48.83 -66.58 -40.66
N ASP B 1127 49.79 -66.11 -39.88
CA ASP B 1127 49.94 -66.55 -38.50
C ASP B 1127 49.81 -65.41 -37.50
N VAL B 1128 49.10 -64.34 -37.87
CA VAL B 1128 48.88 -63.20 -36.97
C VAL B 1128 47.41 -62.97 -36.71
N VAL B 1129 46.56 -63.06 -37.75
CA VAL B 1129 45.14 -62.82 -37.57
C VAL B 1129 44.51 -63.96 -36.77
N ILE B 1130 43.47 -63.64 -36.01
CA ILE B 1130 42.75 -64.61 -35.21
C ILE B 1130 41.43 -64.91 -35.91
N GLY B 1131 41.20 -66.17 -36.24
CA GLY B 1131 40.00 -66.57 -36.95
C GLY B 1131 40.13 -66.64 -38.45
N ILE B 1132 41.34 -66.61 -38.98
CA ILE B 1132 41.53 -66.70 -40.43
C ILE B 1132 41.11 -68.07 -40.92
N VAL B 1133 40.72 -68.15 -42.19
CA VAL B 1133 40.25 -69.40 -42.78
C VAL B 1133 41.06 -69.74 -44.01
N ASN B 1134 40.73 -70.85 -44.66
CA ASN B 1134 41.43 -71.32 -45.84
C ASN B 1134 40.47 -71.36 -47.03
N ASN B 1135 40.96 -70.89 -48.17
CA ASN B 1135 40.21 -70.92 -49.43
C ASN B 1135 41.16 -70.57 -50.55
N THR B 1136 40.62 -70.49 -51.76
CA THR B 1136 41.40 -70.14 -52.95
C THR B 1136 40.83 -68.85 -53.53
N VAL B 1137 41.72 -67.93 -53.88
CA VAL B 1137 41.34 -66.65 -54.47
C VAL B 1137 41.62 -66.71 -55.96
N TYR B 1138 40.56 -66.62 -56.76
CA TYR B 1138 40.68 -66.77 -58.20
C TYR B 1138 41.43 -65.60 -58.81
N ASP B 1139 42.29 -65.89 -59.78
CA ASP B 1139 43.07 -64.87 -60.48
C ASP B 1139 42.53 -64.70 -61.90
N PRO B 1140 41.93 -63.57 -62.24
CA PRO B 1140 41.33 -63.42 -63.58
C PRO B 1140 42.33 -63.51 -64.72
N LEU B 1141 43.58 -63.10 -64.49
CA LEU B 1141 44.53 -62.97 -65.60
C LEU B 1141 45.07 -64.31 -66.07
N GLN B 1142 45.11 -65.31 -65.18
CA GLN B 1142 45.68 -66.61 -65.56
C GLN B 1142 44.91 -67.29 -66.69
N PRO B 1143 43.57 -67.40 -66.64
CA PRO B 1143 42.87 -67.99 -67.81
C PRO B 1143 43.09 -67.20 -69.08
N GLU B 1144 43.22 -65.87 -68.99
CA GLU B 1144 43.48 -65.07 -70.17
C GLU B 1144 44.85 -65.38 -70.77
N LEU B 1145 45.87 -65.49 -69.93
CA LEU B 1145 47.19 -65.83 -70.44
C LEU B 1145 47.27 -67.28 -70.90
N ASP B 1146 46.36 -68.13 -70.43
CA ASP B 1146 46.34 -69.52 -70.86
C ASP B 1146 46.09 -69.64 -72.36
N SER B 1147 45.16 -68.84 -72.88
CA SER B 1147 44.85 -68.86 -74.31
C SER B 1147 46.02 -68.31 -75.12
N CYS C 15 30.08 1.84 57.62
CA CYS C 15 30.47 0.56 58.19
C CYS C 15 31.90 0.62 58.73
N VAL C 16 32.80 -0.14 58.10
CA VAL C 16 34.21 -0.19 58.48
C VAL C 16 35.04 0.24 57.28
N ASN C 17 35.98 1.15 57.51
CA ASN C 17 36.84 1.67 56.46
C ASN C 17 38.20 0.99 56.52
N LEU C 18 38.56 0.29 55.45
CA LEU C 18 39.85 -0.37 55.32
C LEU C 18 40.63 0.27 54.19
N THR C 19 41.84 0.73 54.50
CA THR C 19 42.71 1.35 53.51
C THR C 19 44.05 0.64 53.37
N THR C 20 44.27 -0.47 54.08
CA THR C 20 45.54 -1.19 54.04
C THR C 20 45.60 -2.10 52.81
N ARG C 21 45.53 -1.46 51.63
CA ARG C 21 45.59 -2.16 50.36
C ARG C 21 46.69 -1.54 49.51
N THR C 22 47.55 -2.38 48.95
CA THR C 22 48.61 -1.90 48.07
C THR C 22 48.00 -1.41 46.76
N GLN C 23 48.40 -0.22 46.33
CA GLN C 23 47.87 0.39 45.13
C GLN C 23 48.71 -0.02 43.93
N LEU C 24 48.09 -0.74 42.99
CA LEU C 24 48.77 -1.25 41.81
C LEU C 24 47.83 -1.17 40.62
N PRO C 25 48.35 -0.87 39.42
CA PRO C 25 47.51 -0.94 38.24
C PRO C 25 47.08 -2.37 37.98
N PRO C 26 45.90 -2.57 37.38
CA PRO C 26 45.41 -3.94 37.14
C PRO C 26 46.05 -4.56 35.91
N ALA C 27 46.43 -5.83 36.05
CA ALA C 27 46.99 -6.56 34.92
C ALA C 27 45.90 -6.92 33.93
N TYR C 28 46.32 -7.31 32.72
CA TYR C 28 45.41 -7.66 31.66
C TYR C 28 45.77 -9.03 31.10
N THR C 29 44.76 -9.73 30.58
CA THR C 29 44.95 -11.05 30.01
C THR C 29 43.98 -11.22 28.85
N ASN C 30 44.24 -12.23 28.02
CA ASN C 30 43.47 -12.48 26.81
C ASN C 30 42.33 -13.44 27.13
N SER C 31 41.10 -13.04 26.80
CA SER C 31 39.93 -13.85 27.12
C SER C 31 39.84 -15.11 26.26
N PHE C 32 40.60 -15.19 25.18
CA PHE C 32 40.63 -16.35 24.28
C PHE C 32 39.21 -16.56 23.74
N THR C 33 38.63 -17.75 23.85
CA THR C 33 37.33 -18.06 23.28
C THR C 33 36.30 -18.37 24.37
N ARG C 34 36.28 -17.57 25.42
CA ARG C 34 35.34 -17.74 26.52
C ARG C 34 34.19 -16.76 26.40
N GLY C 35 33.03 -17.15 26.91
CA GLY C 35 31.89 -16.26 26.99
C GLY C 35 30.80 -16.51 25.96
N VAL C 36 30.50 -17.78 25.70
CA VAL C 36 29.43 -18.17 24.78
C VAL C 36 28.34 -18.86 25.59
N TYR C 37 27.12 -18.33 25.46
CA TYR C 37 25.98 -18.80 26.28
C TYR C 37 24.75 -19.07 25.41
N TYR C 38 23.96 -20.09 25.76
CA TYR C 38 22.76 -20.46 25.00
C TYR C 38 21.84 -19.26 24.91
N PRO C 39 21.68 -18.63 23.74
CA PRO C 39 20.87 -17.41 23.68
C PRO C 39 19.39 -17.62 24.01
N ASP C 40 18.84 -18.80 23.78
CA ASP C 40 17.41 -19.02 24.00
C ASP C 40 17.19 -20.46 24.43
N LYS C 41 15.92 -20.85 24.55
CA LYS C 41 15.53 -22.16 25.04
C LYS C 41 15.33 -23.19 23.93
N VAL C 42 15.63 -22.81 22.69
CA VAL C 42 15.41 -23.68 21.54
C VAL C 42 16.44 -24.79 21.52
N PHE C 43 16.01 -25.99 21.12
CA PHE C 43 16.90 -27.13 20.95
C PHE C 43 17.12 -27.37 19.46
N ARG C 44 18.38 -27.43 19.05
CA ARG C 44 18.74 -27.79 17.69
C ARG C 44 19.86 -28.81 17.71
N SER C 45 19.88 -29.69 16.70
CA SER C 45 20.87 -30.75 16.61
C SER C 45 21.49 -30.75 15.22
N SER C 46 22.82 -30.75 15.17
CA SER C 46 23.58 -30.76 13.91
C SER C 46 23.20 -29.58 13.02
N VAL C 47 23.01 -28.41 13.62
CA VAL C 47 22.61 -27.19 12.92
C VAL C 47 23.63 -26.10 13.23
N LEU C 48 24.08 -25.41 12.20
CA LEU C 48 24.94 -24.23 12.35
C LEU C 48 24.03 -23.01 12.29
N HIS C 49 23.79 -22.39 13.44
CA HIS C 49 22.84 -21.30 13.56
C HIS C 49 23.60 -19.98 13.75
N SER C 50 23.23 -18.98 12.96
CA SER C 50 23.82 -17.65 13.05
C SER C 50 22.90 -16.75 13.85
N THR C 51 23.39 -16.23 14.96
CA THR C 51 22.59 -15.45 15.89
C THR C 51 23.16 -14.04 16.03
N GLN C 52 22.35 -13.15 16.59
CA GLN C 52 22.76 -11.78 16.87
C GLN C 52 22.31 -11.50 18.30
N ASP C 53 23.27 -11.19 19.17
CA ASP C 53 23.00 -10.93 20.58
C ASP C 53 24.24 -10.29 21.18
N LEU C 54 24.12 -9.84 22.42
CA LEU C 54 25.26 -9.28 23.14
C LEU C 54 26.21 -10.41 23.53
N PHE C 55 27.48 -10.29 23.13
CA PHE C 55 28.47 -11.31 23.39
C PHE C 55 29.78 -10.66 23.80
N LEU C 56 30.72 -11.50 24.22
CA LEU C 56 32.08 -11.06 24.51
C LEU C 56 32.95 -11.35 23.31
N PRO C 57 33.51 -10.34 22.64
CA PRO C 57 34.28 -10.60 21.41
C PRO C 57 35.47 -11.50 21.67
N PHE C 58 35.76 -12.36 20.70
CA PHE C 58 36.85 -13.31 20.83
C PHE C 58 38.19 -12.58 20.91
N PHE C 59 39.11 -13.16 21.67
CA PHE C 59 40.47 -12.63 21.81
C PHE C 59 40.46 -11.18 22.29
N SER C 60 39.62 -10.89 23.27
CA SER C 60 39.58 -9.57 23.89
C SER C 60 40.38 -9.57 25.18
N ASN C 61 40.96 -8.42 25.51
CA ASN C 61 41.76 -8.27 26.71
C ASN C 61 40.87 -7.79 27.84
N VAL C 62 40.72 -8.62 28.87
CA VAL C 62 39.83 -8.34 30.00
C VAL C 62 40.67 -7.94 31.20
N THR C 63 40.05 -7.16 32.09
CA THR C 63 40.73 -6.72 33.29
C THR C 63 40.97 -7.90 34.23
N TRP C 64 41.99 -7.76 35.09
CA TRP C 64 42.36 -8.80 36.04
C TRP C 64 42.64 -8.13 37.37
N PHE C 65 41.88 -8.52 38.39
CA PHE C 65 42.00 -7.93 39.71
C PHE C 65 42.62 -8.92 40.69
N HIS C 66 42.83 -8.46 41.93
CA HIS C 66 43.41 -9.30 42.96
C HIS C 66 43.13 -8.72 44.35
N ARG C 78 45.40 -10.58 47.64
CA ARG C 78 45.17 -9.21 48.08
C ARG C 78 43.70 -8.82 47.90
N PHE C 79 43.35 -7.63 48.39
CA PHE C 79 41.98 -7.14 48.35
C PHE C 79 41.87 -6.00 47.35
N ASP C 80 40.98 -6.15 46.37
CA ASP C 80 40.75 -5.11 45.37
C ASP C 80 39.34 -5.32 44.82
N ASN C 81 38.40 -4.51 45.28
CA ASN C 81 37.01 -4.56 44.80
C ASN C 81 36.50 -3.15 44.51
N PRO C 82 37.02 -2.51 43.48
CA PRO C 82 36.51 -1.19 43.10
C PRO C 82 35.23 -1.30 42.28
N VAL C 83 34.51 -0.17 42.23
CA VAL C 83 33.30 -0.12 41.42
C VAL C 83 33.66 -0.06 39.95
N LEU C 84 32.90 -0.78 39.13
CA LEU C 84 33.12 -0.81 37.70
C LEU C 84 31.83 -0.47 36.96
N PRO C 85 31.92 0.14 35.78
CA PRO C 85 30.71 0.42 35.02
C PRO C 85 30.01 -0.85 34.57
N PHE C 86 28.70 -0.76 34.43
CA PHE C 86 27.85 -1.86 33.97
C PHE C 86 27.06 -1.32 32.78
N ASN C 87 27.67 -1.39 31.60
CA ASN C 87 27.06 -0.80 30.40
C ASN C 87 26.04 -1.74 29.77
N ASP C 88 26.46 -2.93 29.35
CA ASP C 88 25.56 -3.85 28.67
C ASP C 88 25.62 -5.24 29.27
N GLY C 89 26.76 -5.60 29.84
CA GLY C 89 26.91 -6.92 30.43
C GLY C 89 28.27 -7.04 31.07
N VAL C 90 28.49 -8.21 31.70
CA VAL C 90 29.73 -8.50 32.40
C VAL C 90 29.99 -9.99 32.30
N TYR C 91 31.21 -10.37 31.90
CA TYR C 91 31.65 -11.76 31.94
C TYR C 91 32.50 -11.91 33.19
N PHE C 92 31.85 -12.22 34.31
CA PHE C 92 32.52 -12.32 35.60
C PHE C 92 33.01 -13.75 35.79
N ALA C 93 34.33 -13.94 35.80
CA ALA C 93 34.94 -15.24 36.01
C ALA C 93 35.95 -15.13 37.14
N SER C 94 35.86 -16.04 38.10
CA SER C 94 36.75 -16.03 39.25
C SER C 94 37.22 -17.45 39.55
N THR C 95 38.53 -17.62 39.72
CA THR C 95 39.12 -18.89 40.05
C THR C 95 39.79 -18.79 41.42
N GLU C 96 39.50 -19.74 42.29
CA GLU C 96 39.99 -19.70 43.67
C GLU C 96 39.96 -21.11 44.24
N LYS C 97 40.28 -21.23 45.52
CA LYS C 97 40.27 -22.51 46.22
C LYS C 97 39.55 -22.48 47.56
N SER C 98 39.11 -21.31 48.02
CA SER C 98 38.44 -21.21 49.33
C SER C 98 37.11 -20.48 49.26
N ASN C 99 36.63 -20.15 48.05
CA ASN C 99 35.32 -19.53 47.86
C ASN C 99 35.23 -18.21 48.62
N ILE C 100 36.26 -17.38 48.49
CA ILE C 100 36.28 -16.09 49.17
C ILE C 100 35.28 -15.13 48.55
N ILE C 101 35.08 -15.21 47.23
CA ILE C 101 34.10 -14.35 46.55
C ILE C 101 32.70 -14.88 46.88
N ARG C 102 31.87 -14.01 47.44
CA ARG C 102 30.54 -14.41 47.89
C ARG C 102 29.42 -13.83 47.04
N GLY C 103 29.33 -12.51 46.92
CA GLY C 103 28.16 -11.92 46.32
C GLY C 103 28.41 -10.73 45.42
N TRP C 104 27.38 -9.90 45.25
CA TRP C 104 27.43 -8.76 44.34
C TRP C 104 26.63 -7.61 44.92
N ILE C 105 26.89 -6.42 44.42
CA ILE C 105 26.05 -5.26 44.64
C ILE C 105 25.68 -4.71 43.28
N PHE C 106 24.53 -4.06 43.20
CA PHE C 106 24.09 -3.48 41.94
C PHE C 106 23.32 -2.20 42.23
N GLY C 107 22.92 -1.52 41.17
CA GLY C 107 22.13 -0.32 41.27
C GLY C 107 22.74 0.81 40.49
N THR C 108 22.27 2.02 40.77
CA THR C 108 22.74 3.22 40.10
C THR C 108 23.46 4.17 41.06
N THR C 109 22.81 4.57 42.15
CA THR C 109 23.40 5.49 43.11
C THR C 109 23.86 4.82 44.39
N LEU C 110 23.20 3.75 44.83
CA LEU C 110 23.63 2.95 45.98
C LEU C 110 23.62 3.74 47.27
N ASP C 111 22.84 4.82 47.33
CA ASP C 111 22.75 5.67 48.51
C ASP C 111 21.36 5.70 49.10
N SER C 112 20.55 4.67 48.85
CA SER C 112 19.17 4.51 49.30
C SER C 112 18.21 5.48 48.61
N LYS C 113 18.70 6.37 47.76
CA LYS C 113 17.82 7.24 46.99
C LYS C 113 17.31 6.60 45.71
N THR C 114 17.88 5.47 45.31
CA THR C 114 17.44 4.74 44.14
C THR C 114 17.52 3.25 44.43
N GLN C 115 16.73 2.46 43.70
CA GLN C 115 16.66 1.03 43.95
C GLN C 115 18.00 0.36 43.65
N SER C 116 18.32 -0.67 44.44
CA SER C 116 19.60 -1.35 44.33
C SER C 116 19.42 -2.84 44.57
N LEU C 117 19.81 -3.65 43.61
CA LEU C 117 19.76 -5.10 43.75
C LEU C 117 20.84 -5.58 44.71
N LEU C 118 20.60 -6.74 45.31
CA LEU C 118 21.57 -7.36 46.21
C LEU C 118 21.58 -8.86 46.00
N ILE C 119 22.77 -9.45 46.06
CA ILE C 119 22.96 -10.90 46.01
C ILE C 119 24.01 -11.28 47.05
N VAL C 120 23.73 -12.28 47.86
CA VAL C 120 24.67 -12.78 48.84
C VAL C 120 24.62 -14.30 48.84
N ASN C 121 25.75 -14.94 48.55
CA ASN C 121 25.84 -16.40 48.58
C ASN C 121 26.49 -16.84 49.88
N ASN C 122 25.71 -16.79 50.95
CA ASN C 122 26.20 -17.17 52.26
C ASN C 122 26.33 -18.69 52.36
N ALA C 123 26.69 -19.17 53.56
CA ALA C 123 26.84 -20.60 53.77
C ALA C 123 25.52 -21.34 53.65
N THR C 124 24.39 -20.68 53.89
CA THR C 124 23.10 -21.35 53.86
C THR C 124 22.59 -21.49 52.42
N ASN C 125 22.29 -20.37 51.77
CA ASN C 125 21.73 -20.36 50.43
C ASN C 125 21.70 -18.93 49.92
N VAL C 126 21.26 -18.76 48.68
CA VAL C 126 21.23 -17.46 48.03
C VAL C 126 20.10 -16.62 48.60
N VAL C 127 20.39 -15.36 48.90
CA VAL C 127 19.40 -14.39 49.32
C VAL C 127 19.45 -13.21 48.37
N ILE C 128 18.29 -12.78 47.87
CA ILE C 128 18.18 -11.73 46.87
C ILE C 128 17.17 -10.71 47.35
N LYS C 129 17.53 -9.43 47.25
CA LYS C 129 16.62 -8.33 47.56
C LYS C 129 16.73 -7.28 46.47
N VAL C 130 15.79 -6.34 46.49
CA VAL C 130 15.74 -5.27 45.49
C VAL C 130 15.67 -3.88 46.09
N CYS C 131 15.25 -3.73 47.34
CA CYS C 131 15.07 -2.42 47.94
C CYS C 131 16.40 -1.67 48.08
N GLU C 132 16.29 -0.35 48.19
CA GLU C 132 17.44 0.52 48.30
C GLU C 132 18.09 0.40 49.67
N PHE C 133 19.41 0.27 49.68
CA PHE C 133 20.17 0.11 50.92
C PHE C 133 20.97 1.38 51.23
N GLN C 134 21.24 1.57 52.52
CA GLN C 134 22.19 2.58 52.98
C GLN C 134 23.58 1.95 52.92
N PHE C 135 24.09 1.83 51.71
CA PHE C 135 25.37 1.14 51.49
C PHE C 135 26.51 1.94 52.09
N CYS C 136 27.44 1.23 52.70
CA CYS C 136 28.67 1.84 53.18
C CYS C 136 29.73 1.81 52.08
N ASN C 137 30.71 2.71 52.19
CA ASN C 137 31.68 2.89 51.12
C ASN C 137 32.59 1.69 50.93
N ASP C 138 32.70 0.80 51.93
CA ASP C 138 33.57 -0.37 51.86
C ASP C 138 32.80 -1.61 52.27
N PRO C 139 31.89 -2.09 51.43
CA PRO C 139 31.17 -3.33 51.75
C PRO C 139 32.12 -4.52 51.77
N PHE C 140 31.83 -5.45 52.67
CA PHE C 140 32.66 -6.65 52.84
C PHE C 140 31.93 -7.58 53.80
N LEU C 141 32.52 -8.75 54.02
CA LEU C 141 32.03 -9.72 54.99
C LEU C 141 33.18 -10.16 55.88
N GLY C 142 32.83 -10.62 57.08
CA GLY C 142 33.84 -11.05 58.03
C GLY C 142 33.70 -12.50 58.44
N VAL C 143 34.82 -13.22 58.45
CA VAL C 143 34.82 -14.63 58.81
C VAL C 143 35.94 -14.91 59.81
N TRP C 152 37.12 -21.47 61.41
CA TRP C 152 36.59 -20.30 60.70
C TRP C 152 35.09 -20.19 60.89
N MET C 153 34.61 -18.98 61.18
CA MET C 153 33.19 -18.74 61.37
C MET C 153 32.90 -17.28 61.06
N GLU C 154 31.82 -17.05 60.30
CA GLU C 154 31.45 -15.70 59.92
C GLU C 154 31.05 -14.88 61.14
N SER C 155 31.54 -13.66 61.21
CA SER C 155 31.26 -12.80 62.35
C SER C 155 30.77 -11.40 61.95
N GLU C 156 31.29 -10.84 60.87
CA GLU C 156 31.02 -9.46 60.49
C GLU C 156 30.12 -9.42 59.25
N PHE C 157 29.10 -8.57 59.32
CA PHE C 157 28.16 -8.34 58.21
C PHE C 157 27.91 -6.84 58.16
N ARG C 158 28.70 -6.13 57.36
CA ARG C 158 28.67 -4.68 57.31
C ARG C 158 28.57 -4.16 55.88
N VAL C 159 27.73 -4.81 55.07
CA VAL C 159 27.54 -4.36 53.69
C VAL C 159 26.51 -3.24 53.59
N TYR C 160 25.64 -3.08 54.59
CA TYR C 160 24.67 -1.99 54.61
C TYR C 160 24.26 -1.74 56.05
N SER C 161 23.50 -0.67 56.23
CA SER C 161 22.99 -0.31 57.55
C SER C 161 21.47 -0.29 57.62
N SER C 162 20.80 0.25 56.60
CA SER C 162 19.35 0.37 56.61
C SER C 162 18.78 -0.12 55.28
N ALA C 163 17.66 -0.84 55.37
CA ALA C 163 16.93 -1.31 54.20
C ALA C 163 15.47 -0.94 54.35
N ASN C 164 14.88 -0.38 53.30
CA ASN C 164 13.52 0.12 53.36
C ASN C 164 12.86 0.03 51.99
N ASN C 165 11.52 -0.02 52.00
CA ASN C 165 10.72 -0.09 50.77
C ASN C 165 11.10 -1.34 49.96
N CYS C 166 11.01 -2.50 50.61
CA CYS C 166 11.53 -3.73 50.02
C CYS C 166 10.44 -4.41 49.21
N THR C 167 10.71 -4.59 47.91
CA THR C 167 9.73 -5.03 46.93
C THR C 167 9.79 -6.53 46.67
N PHE C 168 10.99 -7.09 46.53
CA PHE C 168 11.16 -8.45 46.05
C PHE C 168 12.06 -9.23 47.02
N GLU C 169 11.79 -10.52 47.12
CA GLU C 169 12.61 -11.43 47.92
C GLU C 169 12.73 -12.75 47.18
N TYR C 170 13.75 -13.53 47.55
CA TYR C 170 14.05 -14.77 46.84
C TYR C 170 15.02 -15.59 47.67
N VAL C 171 14.84 -16.91 47.63
CA VAL C 171 15.80 -17.85 48.22
C VAL C 171 15.95 -19.00 47.23
N SER C 172 17.20 -19.37 46.94
CA SER C 172 17.48 -20.46 46.01
C SER C 172 18.30 -21.55 46.68
N LYS C 187 41.32 -24.06 41.01
CA LYS C 187 41.06 -25.38 40.43
C LYS C 187 39.72 -25.40 39.71
N ASN C 188 38.74 -24.70 40.27
CA ASN C 188 37.40 -24.60 39.70
C ASN C 188 37.09 -23.14 39.42
N LEU C 189 36.57 -22.88 38.22
CA LEU C 189 36.29 -21.52 37.76
C LEU C 189 34.78 -21.33 37.60
N ARG C 190 34.26 -20.24 38.13
CA ARG C 190 32.85 -19.91 38.05
C ARG C 190 32.67 -18.72 37.11
N GLU C 191 31.99 -18.94 35.99
CA GLU C 191 31.76 -17.89 35.00
C GLU C 191 30.32 -17.42 35.08
N PHE C 192 30.11 -16.13 34.82
CA PHE C 192 28.78 -15.54 34.91
C PHE C 192 28.61 -14.51 33.81
N VAL C 193 27.36 -14.29 33.41
CA VAL C 193 27.01 -13.26 32.44
C VAL C 193 25.74 -12.57 32.93
N PHE C 194 25.81 -11.27 33.15
CA PHE C 194 24.68 -10.48 33.63
C PHE C 194 24.15 -9.62 32.49
N LYS C 195 22.84 -9.65 32.28
CA LYS C 195 22.21 -8.79 31.29
C LYS C 195 20.93 -8.21 31.86
N ASN C 196 20.49 -7.09 31.29
CA ASN C 196 19.27 -6.41 31.72
C ASN C 196 18.51 -5.98 30.47
N ILE C 197 17.51 -6.77 30.08
CA ILE C 197 16.72 -6.51 28.89
C ILE C 197 15.26 -6.42 29.29
N ASP C 198 14.66 -5.24 29.07
CA ASP C 198 13.24 -5.00 29.30
C ASP C 198 12.86 -5.47 30.70
N GLY C 199 13.52 -4.88 31.70
CA GLY C 199 13.20 -5.20 33.08
C GLY C 199 13.54 -6.60 33.52
N TYR C 200 14.29 -7.35 32.73
CA TYR C 200 14.64 -8.72 33.05
C TYR C 200 16.14 -8.84 33.28
N PHE C 201 16.52 -9.35 34.43
CA PHE C 201 17.91 -9.47 34.83
C PHE C 201 18.28 -10.95 34.76
N LYS C 202 19.00 -11.33 33.70
CA LYS C 202 19.31 -12.73 33.42
C LYS C 202 20.72 -13.05 33.87
N ILE C 203 20.90 -14.27 34.39
CA ILE C 203 22.20 -14.75 34.86
C ILE C 203 22.47 -16.09 34.17
N TYR C 204 23.64 -16.20 33.55
CA TYR C 204 24.08 -17.45 32.94
C TYR C 204 25.34 -17.91 33.67
N SER C 205 25.33 -19.15 34.13
CA SER C 205 26.42 -19.66 34.97
C SER C 205 26.95 -20.97 34.41
N LYS C 206 28.18 -21.29 34.80
CA LYS C 206 28.85 -22.50 34.36
C LYS C 206 30.07 -22.74 35.24
N HIS C 207 30.29 -24.00 35.62
CA HIS C 207 31.44 -24.41 36.41
C HIS C 207 32.29 -25.37 35.61
N THR C 208 33.60 -25.37 35.88
CA THR C 208 34.52 -26.25 35.18
C THR C 208 35.80 -26.44 35.98
N PRO C 209 36.36 -27.65 35.99
CA PRO C 209 37.64 -27.88 36.65
C PRO C 209 38.82 -27.57 35.74
N ILE C 210 39.93 -27.18 36.38
CA ILE C 210 41.13 -26.81 35.64
C ILE C 210 42.33 -26.98 36.55
N ASN C 211 43.47 -27.33 35.97
CA ASN C 211 44.73 -27.42 36.69
C ASN C 211 45.60 -26.18 36.49
N LEU C 212 45.10 -25.16 35.81
CA LEU C 212 45.88 -23.95 35.59
C LEU C 212 46.02 -23.16 36.88
N VAL C 213 46.94 -22.20 36.87
CA VAL C 213 47.24 -21.41 38.06
C VAL C 213 47.05 -19.92 37.79
N ARG C 214 47.80 -19.39 36.82
CA ARG C 214 47.88 -17.95 36.60
C ARG C 214 47.52 -17.58 35.17
N ASP C 215 46.50 -18.24 34.61
CA ASP C 215 46.07 -17.92 33.26
C ASP C 215 44.64 -18.40 33.07
N LEU C 216 43.98 -17.82 32.06
CA LEU C 216 42.64 -18.24 31.67
C LEU C 216 42.73 -19.40 30.69
N PRO C 217 42.06 -20.53 30.97
CA PRO C 217 42.27 -21.72 30.14
C PRO C 217 41.89 -21.51 28.69
N GLN C 218 42.64 -22.16 27.80
CA GLN C 218 42.41 -22.09 26.36
C GLN C 218 41.47 -23.23 25.98
N GLY C 219 40.19 -22.91 25.83
CA GLY C 219 39.22 -23.93 25.50
C GLY C 219 37.85 -23.32 25.28
N PHE C 220 36.87 -24.19 25.11
CA PHE C 220 35.49 -23.78 24.86
C PHE C 220 34.56 -24.43 25.86
N SER C 221 33.62 -23.66 26.37
CA SER C 221 32.63 -24.16 27.33
C SER C 221 31.41 -23.25 27.28
N ALA C 222 30.27 -23.80 26.84
CA ALA C 222 29.05 -23.02 26.75
C ALA C 222 28.53 -22.68 28.14
N LEU C 223 27.68 -21.66 28.20
CA LEU C 223 27.10 -21.18 29.45
C LEU C 223 25.59 -21.41 29.41
N GLU C 224 25.07 -21.97 30.50
CA GLU C 224 23.67 -22.38 30.63
C GLU C 224 22.88 -21.40 31.49
N PRO C 225 21.66 -21.06 31.08
CA PRO C 225 20.88 -20.07 31.83
C PRO C 225 20.54 -20.55 33.24
N LEU C 226 20.47 -19.59 34.16
CA LEU C 226 20.19 -19.89 35.57
C LEU C 226 18.88 -19.32 36.05
N VAL C 227 18.69 -17.99 35.98
CA VAL C 227 17.49 -17.34 36.51
C VAL C 227 17.09 -16.20 35.58
N ASP C 228 15.83 -15.79 35.71
CA ASP C 228 15.29 -14.63 35.01
C ASP C 228 14.55 -13.76 36.04
N LEU C 229 15.13 -12.63 36.38
CA LEU C 229 14.55 -11.75 37.39
C LEU C 229 13.67 -10.70 36.72
N PRO C 230 12.37 -10.69 36.97
CA PRO C 230 11.46 -9.70 36.34
C PRO C 230 11.33 -8.42 37.16
N ILE C 231 12.43 -7.68 37.29
CA ILE C 231 12.45 -6.45 38.06
C ILE C 231 13.00 -5.33 37.19
N GLY C 232 12.24 -4.24 37.08
CA GLY C 232 12.61 -3.13 36.21
C GLY C 232 13.50 -2.09 36.86
N ILE C 233 14.77 -2.43 37.06
CA ILE C 233 15.75 -1.52 37.64
C ILE C 233 16.62 -0.96 36.53
N ASN C 234 16.80 0.36 36.53
CA ASN C 234 17.76 1.01 35.65
C ASN C 234 19.12 1.01 36.35
N ILE C 235 20.09 0.35 35.73
CA ILE C 235 21.31 -0.09 36.41
C ILE C 235 22.54 0.36 35.63
N THR C 236 23.54 0.86 36.35
CA THR C 236 24.79 1.32 35.72
C THR C 236 26.06 0.90 36.44
N ARG C 237 26.01 0.44 37.69
CA ARG C 237 27.21 0.20 38.47
C ARG C 237 27.06 -1.07 39.28
N PHE C 238 28.18 -1.72 39.58
CA PHE C 238 28.17 -2.94 40.39
C PHE C 238 29.50 -3.07 41.12
N GLN C 239 29.53 -3.97 42.10
CA GLN C 239 30.71 -4.22 42.90
C GLN C 239 30.59 -5.58 43.55
N THR C 240 31.71 -6.30 43.61
CA THR C 240 31.71 -7.66 44.16
C THR C 240 31.83 -7.63 45.68
N LEU C 241 31.93 -8.82 46.28
CA LEU C 241 32.09 -8.98 47.71
C LEU C 241 33.19 -10.01 47.99
N LEU C 242 33.77 -9.91 49.18
CA LEU C 242 34.77 -10.85 49.66
C LEU C 242 34.57 -11.05 51.16
N ALA C 243 35.48 -11.77 51.78
CA ALA C 243 35.45 -11.97 53.22
C ALA C 243 36.84 -12.23 53.78
N TRP C 258 41.64 -7.95 61.39
CA TRP C 258 41.10 -9.08 60.64
C TRP C 258 42.20 -9.88 59.97
N THR C 259 41.81 -10.69 58.97
CA THR C 259 42.73 -11.50 58.21
C THR C 259 42.44 -11.33 56.72
N ALA C 260 43.48 -11.43 55.91
CA ALA C 260 43.39 -11.22 54.47
C ALA C 260 43.41 -12.56 53.73
N GLY C 261 42.64 -12.63 52.65
CA GLY C 261 42.61 -13.80 51.79
C GLY C 261 43.06 -13.46 50.38
N ALA C 262 43.33 -14.52 49.62
CA ALA C 262 43.80 -14.39 48.25
C ALA C 262 42.65 -14.65 47.28
N ALA C 263 42.45 -13.73 46.35
CA ALA C 263 41.36 -13.84 45.38
C ALA C 263 41.77 -13.20 44.08
N ALA C 264 41.06 -13.59 43.01
CA ALA C 264 41.30 -13.03 41.68
C ALA C 264 40.04 -13.25 40.85
N TYR C 265 39.61 -12.22 40.12
CA TYR C 265 38.41 -12.33 39.31
C TYR C 265 38.52 -11.43 38.10
N TYR C 266 38.39 -12.02 36.92
CA TYR C 266 38.45 -11.29 35.66
C TYR C 266 37.09 -10.69 35.34
N VAL C 267 37.10 -9.57 34.62
CA VAL C 267 35.88 -8.85 34.25
C VAL C 267 35.99 -8.46 32.78
N GLY C 268 34.95 -8.77 32.01
CA GLY C 268 34.89 -8.37 30.63
C GLY C 268 33.50 -7.90 30.26
N TYR C 269 33.43 -6.98 29.30
CA TYR C 269 32.18 -6.35 28.93
C TYR C 269 31.66 -6.93 27.62
N LEU C 270 30.34 -6.84 27.45
CA LEU C 270 29.68 -7.39 26.28
C LEU C 270 29.42 -6.30 25.24
N GLN C 271 29.33 -6.73 23.98
CA GLN C 271 29.11 -5.83 22.86
C GLN C 271 28.14 -6.49 21.88
N PRO C 272 27.41 -5.71 21.08
CA PRO C 272 26.53 -6.31 20.08
C PRO C 272 27.32 -6.95 18.96
N ARG C 273 27.30 -8.29 18.89
CA ARG C 273 28.09 -9.03 17.92
C ARG C 273 27.25 -10.12 17.28
N THR C 274 27.69 -10.55 16.10
CA THR C 274 27.09 -11.68 15.39
C THR C 274 28.02 -12.88 15.53
N PHE C 275 27.44 -14.03 15.82
CA PHE C 275 28.21 -15.26 16.03
C PHE C 275 27.67 -16.35 15.12
N LEU C 276 28.42 -17.45 15.04
CA LEU C 276 28.00 -18.65 14.32
C LEU C 276 28.19 -19.83 15.26
N LEU C 277 27.09 -20.37 15.77
CA LEU C 277 27.14 -21.40 16.80
C LEU C 277 26.87 -22.76 16.18
N LYS C 278 27.59 -23.77 16.65
CA LYS C 278 27.44 -25.14 16.17
C LYS C 278 26.81 -25.98 17.27
N TYR C 279 25.71 -26.65 16.95
CA TYR C 279 25.06 -27.58 17.85
C TYR C 279 25.37 -29.00 17.42
N ASN C 280 25.78 -29.84 18.37
CA ASN C 280 26.11 -31.22 18.06
C ASN C 280 24.82 -32.05 18.03
N GLU C 281 24.98 -33.38 18.02
CA GLU C 281 23.81 -34.25 17.93
C GLU C 281 22.89 -34.12 19.14
N ASN C 282 23.46 -33.85 20.31
CA ASN C 282 22.68 -33.79 21.54
C ASN C 282 22.26 -32.38 21.91
N GLY C 283 22.48 -31.40 21.02
CA GLY C 283 22.05 -30.05 21.27
C GLY C 283 22.98 -29.19 22.08
N THR C 284 24.17 -29.70 22.42
CA THR C 284 25.15 -28.93 23.19
C THR C 284 26.07 -28.17 22.25
N ILE C 285 26.34 -26.92 22.59
CA ILE C 285 27.22 -26.08 21.78
C ILE C 285 28.65 -26.58 21.90
N THR C 286 29.29 -26.85 20.76
CA THR C 286 30.65 -27.36 20.76
C THR C 286 31.67 -26.40 20.19
N ASP C 287 31.25 -25.45 19.36
CA ASP C 287 32.18 -24.50 18.77
C ASP C 287 31.43 -23.26 18.32
N ALA C 288 32.16 -22.15 18.22
CA ALA C 288 31.58 -20.90 17.78
C ALA C 288 32.62 -20.14 16.96
N VAL C 289 32.13 -19.24 16.10
CA VAL C 289 32.99 -18.43 15.25
C VAL C 289 32.54 -16.99 15.34
N ASP C 290 33.44 -16.11 15.78
CA ASP C 290 33.15 -14.68 15.77
C ASP C 290 33.08 -14.20 14.33
N CYS C 291 32.11 -13.34 14.03
CA CYS C 291 31.82 -12.96 12.66
C CYS C 291 32.45 -11.64 12.25
N ALA C 292 33.29 -11.05 13.09
CA ALA C 292 33.98 -9.82 12.71
C ALA C 292 35.43 -9.79 13.18
N LEU C 293 36.02 -10.96 13.45
CA LEU C 293 37.38 -10.99 13.99
C LEU C 293 38.41 -10.68 12.92
N ASP C 294 38.25 -11.24 11.73
CA ASP C 294 39.27 -11.15 10.69
C ASP C 294 38.61 -11.52 9.36
N PRO C 295 39.30 -11.30 8.24
CA PRO C 295 38.69 -11.63 6.94
C PRO C 295 38.26 -13.09 6.82
N LEU C 296 39.03 -14.03 7.37
CA LEU C 296 38.67 -15.43 7.24
C LEU C 296 37.35 -15.74 7.93
N SER C 297 37.13 -15.16 9.11
CA SER C 297 35.92 -15.44 9.86
C SER C 297 34.67 -14.94 9.14
N GLU C 298 34.77 -13.81 8.44
CA GLU C 298 33.64 -13.32 7.67
C GLU C 298 33.27 -14.29 6.56
N THR C 299 34.27 -14.93 5.96
CA THR C 299 34.00 -15.90 4.91
C THR C 299 33.20 -17.09 5.43
N LYS C 300 33.54 -17.57 6.63
CA LYS C 300 32.80 -18.69 7.22
C LYS C 300 31.35 -18.33 7.48
N CYS C 301 31.09 -17.07 7.87
CA CYS C 301 29.71 -16.64 8.05
C CYS C 301 28.93 -16.70 6.74
N THR C 302 29.54 -16.26 5.64
CA THR C 302 28.86 -16.26 4.35
C THR C 302 28.57 -17.67 3.88
N LEU C 303 29.57 -18.55 3.91
CA LEU C 303 29.38 -19.93 3.48
C LEU C 303 28.57 -20.75 4.47
N LYS C 304 28.38 -20.26 5.70
CA LYS C 304 27.61 -20.96 6.73
C LYS C 304 28.19 -22.35 7.00
N SER C 305 29.52 -22.41 7.10
CA SER C 305 30.20 -23.66 7.40
C SER C 305 31.54 -23.37 8.03
N PHE C 306 32.10 -24.37 8.68
CA PHE C 306 33.41 -24.24 9.32
C PHE C 306 34.56 -24.63 8.41
N THR C 307 34.28 -25.13 7.21
CA THR C 307 35.31 -25.54 6.26
C THR C 307 35.11 -24.76 4.96
N VAL C 308 36.18 -24.13 4.49
CA VAL C 308 36.14 -23.29 3.30
C VAL C 308 37.09 -23.88 2.26
N GLU C 309 36.56 -24.19 1.08
CA GLU C 309 37.38 -24.73 0.01
C GLU C 309 38.11 -23.61 -0.72
N LYS C 310 39.12 -23.98 -1.48
CA LYS C 310 39.92 -23.01 -2.21
C LYS C 310 39.07 -22.26 -3.22
N GLY C 311 39.20 -20.95 -3.23
CA GLY C 311 38.45 -20.11 -4.15
C GLY C 311 38.41 -18.69 -3.67
N ILE C 312 37.70 -17.86 -4.46
CA ILE C 312 37.50 -16.45 -4.14
C ILE C 312 36.04 -16.26 -3.78
N TYR C 313 35.79 -15.64 -2.63
CA TYR C 313 34.45 -15.43 -2.12
C TYR C 313 34.23 -13.96 -1.83
N GLN C 314 32.99 -13.51 -1.96
CA GLN C 314 32.59 -12.15 -1.65
C GLN C 314 31.92 -12.12 -0.29
N THR C 315 32.34 -11.17 0.56
CA THR C 315 31.88 -11.13 1.94
C THR C 315 31.03 -9.92 2.25
N SER C 316 31.54 -8.71 2.02
CA SER C 316 30.82 -7.50 2.42
C SER C 316 31.16 -6.39 1.44
N ASN C 317 30.84 -5.15 1.81
CA ASN C 317 31.07 -3.99 0.98
C ASN C 317 31.89 -2.97 1.75
N PHE C 318 32.70 -2.21 1.02
CA PHE C 318 33.55 -1.18 1.59
C PHE C 318 33.15 0.17 1.02
N ARG C 319 32.93 1.14 1.91
CA ARG C 319 32.51 2.47 1.51
C ARG C 319 33.11 3.51 2.44
N VAL C 320 33.65 4.57 1.85
CA VAL C 320 34.24 5.66 2.60
C VAL C 320 33.14 6.51 3.21
N GLN C 321 33.37 7.03 4.41
CA GLN C 321 32.37 7.84 5.08
C GLN C 321 32.75 9.32 5.02
N PRO C 322 31.76 10.21 4.96
CA PRO C 322 32.06 11.64 4.89
C PRO C 322 32.74 12.13 6.15
N THR C 323 33.62 13.12 5.97
CA THR C 323 34.40 13.66 7.08
C THR C 323 33.70 14.85 7.74
N GLU C 324 33.43 15.90 6.97
CA GLU C 324 32.81 17.11 7.50
C GLU C 324 31.55 17.43 6.70
N SER C 325 30.79 18.39 7.21
CA SER C 325 29.60 18.91 6.54
C SER C 325 29.86 20.34 6.12
N ILE C 326 29.66 20.63 4.84
CA ILE C 326 29.95 21.93 4.26
C ILE C 326 28.63 22.57 3.85
N VAL C 327 28.35 23.75 4.38
CA VAL C 327 27.16 24.53 4.03
C VAL C 327 27.65 25.90 3.58
N ARG C 328 27.58 26.16 2.27
CA ARG C 328 28.10 27.38 1.70
C ARG C 328 26.98 28.15 1.02
N PHE C 329 26.97 29.46 1.24
CA PHE C 329 25.94 30.36 0.74
C PHE C 329 26.62 31.63 0.24
N PRO C 330 25.96 32.37 -0.66
CA PRO C 330 26.58 33.59 -1.20
C PRO C 330 26.81 34.63 -0.11
N ASN C 331 27.52 35.70 -0.49
CA ASN C 331 27.85 36.76 0.45
C ASN C 331 26.58 37.34 1.05
N ILE C 332 26.60 37.54 2.37
CA ILE C 332 25.45 38.09 3.06
C ILE C 332 25.41 39.59 2.84
N THR C 333 24.34 40.07 2.21
CA THR C 333 24.17 41.50 1.93
C THR C 333 22.69 41.82 2.04
N ASN C 334 22.32 43.01 1.58
CA ASN C 334 20.95 43.51 1.72
C ASN C 334 20.51 43.47 3.18
N LEU C 335 21.44 43.82 4.07
CA LEU C 335 21.15 43.84 5.49
C LEU C 335 20.15 44.94 5.81
N CYS C 336 19.10 44.58 6.53
CA CYS C 336 18.09 45.57 6.90
C CYS C 336 18.70 46.55 7.90
N PRO C 337 18.69 47.85 7.61
CA PRO C 337 19.34 48.81 8.52
C PRO C 337 18.76 48.78 9.93
N PHE C 338 17.45 49.00 10.04
CA PHE C 338 16.67 48.94 11.28
C PHE C 338 17.08 50.01 12.28
N GLY C 339 18.11 50.80 11.99
CA GLY C 339 18.52 51.86 12.89
C GLY C 339 17.66 53.10 12.80
N GLU C 340 16.93 53.27 11.70
CA GLU C 340 16.02 54.40 11.55
C GLU C 340 14.69 54.17 12.26
N VAL C 341 14.47 52.98 12.80
CA VAL C 341 13.21 52.64 13.46
C VAL C 341 13.36 52.62 14.98
N PHE C 342 14.35 51.89 15.48
CA PHE C 342 14.51 51.79 16.94
C PHE C 342 14.97 53.11 17.54
N ASN C 343 16.00 53.73 16.97
CA ASN C 343 16.53 54.98 17.51
C ASN C 343 16.68 56.00 16.38
N ALA C 344 15.66 56.81 16.19
CA ALA C 344 15.68 57.97 15.30
C ALA C 344 15.54 59.24 16.14
N THR C 345 15.77 60.38 15.51
CA THR C 345 15.74 61.65 16.20
C THR C 345 14.33 62.20 16.41
N ARG C 346 13.32 61.60 15.77
CA ARG C 346 11.95 62.10 15.86
C ARG C 346 11.01 60.89 15.92
N PHE C 347 10.33 60.73 17.06
CA PHE C 347 9.33 59.69 17.23
C PHE C 347 7.97 60.31 17.47
N ALA C 348 6.94 59.69 16.89
CA ALA C 348 5.59 60.22 16.94
C ALA C 348 4.91 59.86 18.26
N SER C 349 3.69 60.37 18.44
CA SER C 349 2.92 60.12 19.64
C SER C 349 2.18 58.80 19.53
N VAL C 350 1.54 58.40 20.64
CA VAL C 350 0.83 57.12 20.68
C VAL C 350 -0.40 57.16 19.78
N TYR C 351 -1.07 58.31 19.70
CA TYR C 351 -2.28 58.40 18.88
C TYR C 351 -1.97 58.59 17.41
N ALA C 352 -0.72 58.84 17.05
CA ALA C 352 -0.28 58.99 15.66
C ALA C 352 0.96 58.15 15.41
N TRP C 353 0.91 56.89 15.84
CA TRP C 353 2.06 56.00 15.74
C TRP C 353 2.48 55.81 14.29
N ASN C 354 3.77 55.96 14.02
CA ASN C 354 4.29 55.76 12.68
C ASN C 354 4.37 54.27 12.36
N ARG C 355 3.84 53.90 11.20
CA ARG C 355 3.88 52.52 10.71
C ARG C 355 4.81 52.46 9.51
N LYS C 356 5.83 51.61 9.58
CA LYS C 356 6.81 51.46 8.52
C LYS C 356 6.85 50.01 8.07
N ARG C 357 6.76 49.80 6.76
CA ARG C 357 6.81 48.46 6.20
C ARG C 357 8.27 48.07 5.95
N ILE C 358 8.64 46.88 6.43
CA ILE C 358 9.97 46.32 6.20
C ILE C 358 9.80 45.16 5.23
N SER C 359 10.42 45.27 4.06
CA SER C 359 10.34 44.25 3.03
C SER C 359 11.62 44.27 2.21
N ASN C 360 11.86 43.18 1.51
CA ASN C 360 13.10 43.00 0.74
C ASN C 360 14.33 43.18 1.62
N CYS C 361 14.24 42.66 2.84
CA CYS C 361 15.26 42.83 3.87
C CYS C 361 15.80 41.48 4.31
N VAL C 362 17.11 41.43 4.53
CA VAL C 362 17.75 40.27 5.15
C VAL C 362 17.85 40.62 6.64
N ALA C 363 16.81 40.28 7.38
CA ALA C 363 16.72 40.70 8.77
C ALA C 363 17.69 39.92 9.65
N ASP C 364 18.23 40.59 10.66
CA ASP C 364 19.14 39.97 11.62
C ASP C 364 18.65 40.34 13.02
N TYR C 365 17.94 39.42 13.66
CA TYR C 365 17.43 39.62 15.01
C TYR C 365 18.42 39.23 16.09
N SER C 366 19.55 38.62 15.72
CA SER C 366 20.55 38.24 16.72
C SER C 366 21.13 39.47 17.42
N VAL C 367 21.45 40.51 16.65
CA VAL C 367 21.92 41.75 17.24
C VAL C 367 20.84 42.37 18.10
N LEU C 368 19.58 42.07 17.83
CA LEU C 368 18.50 42.57 18.67
C LEU C 368 18.47 41.85 20.01
N TYR C 369 18.71 40.54 20.02
CA TYR C 369 18.89 39.86 21.30
C TYR C 369 20.10 40.41 22.05
N ASN C 370 21.28 40.36 21.43
CA ASN C 370 22.53 40.62 22.15
C ASN C 370 22.61 42.04 22.68
N SER C 371 21.77 42.95 22.19
CA SER C 371 21.65 44.26 22.80
C SER C 371 20.93 44.14 24.13
N ALA C 372 21.56 44.64 25.19
CA ALA C 372 20.95 44.68 26.51
C ALA C 372 20.39 46.06 26.83
N SER C 373 20.32 46.95 25.84
CA SER C 373 19.84 48.32 26.05
C SER C 373 18.32 48.42 26.07
N PHE C 374 17.61 47.31 25.86
CA PHE C 374 16.16 47.30 25.86
C PHE C 374 15.64 46.79 27.20
N SER C 375 14.76 47.57 27.83
CA SER C 375 14.23 47.19 29.14
C SER C 375 13.44 45.89 29.07
N THR C 376 12.59 45.75 28.05
CA THR C 376 11.75 44.57 27.90
C THR C 376 11.87 44.03 26.47
N PHE C 377 11.91 42.70 26.37
CA PHE C 377 11.96 42.03 25.07
C PHE C 377 11.39 40.63 25.26
N LYS C 378 10.12 40.46 24.90
CA LYS C 378 9.45 39.18 24.99
C LYS C 378 8.40 39.09 23.89
N CYS C 379 8.34 37.94 23.22
CA CYS C 379 7.48 37.77 22.07
C CYS C 379 6.50 36.63 22.30
N TYR C 380 5.35 36.71 21.62
CA TYR C 380 4.26 35.77 21.79
C TYR C 380 4.10 34.94 20.53
N GLY C 381 3.76 33.67 20.70
CA GLY C 381 3.57 32.79 19.55
C GLY C 381 4.83 32.19 18.99
N VAL C 382 5.87 33.00 18.80
CA VAL C 382 7.16 32.55 18.32
C VAL C 382 8.20 32.89 19.38
N SER C 383 8.98 31.89 19.77
CA SER C 383 10.08 32.26 20.64
C SER C 383 11.17 32.96 19.84
N PRO C 384 11.61 34.12 20.31
CA PRO C 384 12.50 34.96 19.48
C PRO C 384 13.82 34.31 19.14
N THR C 385 14.22 33.24 19.85
CA THR C 385 15.54 32.64 19.67
C THR C 385 15.74 32.12 18.24
N LYS C 386 14.68 31.59 17.63
CA LYS C 386 14.75 31.05 16.29
C LYS C 386 14.08 31.95 15.26
N LEU C 387 13.95 33.25 15.54
CA LEU C 387 13.43 34.17 14.55
C LEU C 387 14.30 34.25 13.30
N ASN C 388 15.60 33.99 13.42
CA ASN C 388 16.50 34.01 12.28
C ASN C 388 16.26 32.84 11.33
N ASP C 389 15.35 31.92 11.67
CA ASP C 389 15.05 30.77 10.84
C ASP C 389 13.76 30.93 10.04
N LEU C 390 12.67 31.36 10.69
CA LEU C 390 11.40 31.51 10.00
C LEU C 390 11.47 32.68 9.02
N CYS C 391 10.75 32.54 7.91
CA CYS C 391 10.71 33.54 6.86
C CYS C 391 9.29 34.06 6.70
N PHE C 392 9.15 35.39 6.64
CA PHE C 392 7.86 36.05 6.56
C PHE C 392 7.79 36.90 5.29
N THR C 393 6.58 36.99 4.73
CA THR C 393 6.41 37.75 3.49
C THR C 393 6.65 39.25 3.71
N ASN C 394 6.17 39.78 4.83
CA ASN C 394 6.30 41.21 5.11
C ASN C 394 6.43 41.43 6.61
N VAL C 395 6.99 42.57 6.98
CA VAL C 395 7.18 42.94 8.38
C VAL C 395 6.67 44.36 8.56
N TYR C 396 5.85 44.57 9.58
CA TYR C 396 5.29 45.88 9.90
C TYR C 396 5.81 46.32 11.26
N ALA C 397 6.35 47.54 11.33
CA ALA C 397 6.92 48.09 12.55
C ALA C 397 6.18 49.37 12.91
N ASP C 398 5.75 49.46 14.17
CA ASP C 398 5.06 50.64 14.68
C ASP C 398 5.87 51.21 15.84
N SER C 399 6.06 52.54 15.81
CA SER C 399 6.87 53.22 16.81
C SER C 399 6.07 54.36 17.44
N PHE C 400 6.12 54.43 18.77
CA PHE C 400 5.47 55.51 19.50
C PHE C 400 6.11 55.60 20.88
N VAL C 401 5.85 56.74 21.55
CA VAL C 401 6.39 57.01 22.87
C VAL C 401 5.23 57.15 23.84
N ILE C 402 5.25 56.34 24.91
CA ILE C 402 4.19 56.31 25.90
C ILE C 402 4.80 56.46 27.29
N ARG C 403 3.92 56.48 28.28
CA ARG C 403 4.35 56.52 29.68
C ARG C 403 5.02 55.21 30.08
N GLY C 404 5.95 55.30 31.03
CA GLY C 404 6.68 54.13 31.45
C GLY C 404 5.80 53.07 32.07
N ASP C 405 4.85 53.48 32.92
CA ASP C 405 3.96 52.53 33.57
C ASP C 405 2.85 52.03 32.65
N GLU C 406 2.65 52.67 31.50
CA GLU C 406 1.60 52.28 30.57
C GLU C 406 2.07 51.25 29.54
N VAL C 407 3.32 50.79 29.62
CA VAL C 407 3.81 49.80 28.68
C VAL C 407 3.12 48.45 28.84
N ARG C 408 2.52 48.19 30.01
CA ARG C 408 1.84 46.92 30.23
C ARG C 408 0.57 46.79 29.41
N GLN C 409 -0.03 47.91 28.99
CA GLN C 409 -1.28 47.86 28.26
C GLN C 409 -1.11 47.45 26.80
N ILE C 410 0.11 47.53 26.27
CA ILE C 410 0.37 47.17 24.87
C ILE C 410 0.65 45.68 24.84
N ALA C 411 -0.42 44.89 24.76
CA ALA C 411 -0.34 43.44 24.73
C ALA C 411 -1.70 42.86 24.35
N PRO C 412 -1.74 41.69 23.70
CA PRO C 412 -3.04 41.07 23.43
C PRO C 412 -3.78 40.74 24.72
N GLY C 413 -5.09 40.90 24.68
CA GLY C 413 -5.91 40.67 25.87
C GLY C 413 -5.60 41.60 27.02
N GLN C 414 -5.38 42.88 26.72
CA GLN C 414 -5.08 43.88 27.73
C GLN C 414 -6.10 45.01 27.64
N THR C 415 -6.69 45.37 28.76
CA THR C 415 -7.69 46.42 28.83
C THR C 415 -7.13 47.60 29.61
N GLY C 416 -7.21 48.78 29.02
CA GLY C 416 -6.70 49.97 29.67
C GLY C 416 -7.18 51.23 29.00
N LYS C 417 -6.43 52.30 29.19
CA LYS C 417 -6.78 53.60 28.60
C LYS C 417 -6.16 53.77 27.22
N ILE C 418 -4.82 53.70 27.13
CA ILE C 418 -4.17 53.83 25.84
C ILE C 418 -4.48 52.61 24.97
N ALA C 419 -4.67 51.43 25.58
CA ALA C 419 -4.99 50.24 24.81
C ALA C 419 -6.34 50.37 24.11
N ASP C 420 -7.33 50.94 24.79
CA ASP C 420 -8.68 51.04 24.25
C ASP C 420 -8.93 52.33 23.48
N TYR C 421 -8.01 53.28 23.52
CA TYR C 421 -8.21 54.58 22.86
C TYR C 421 -7.08 54.99 21.93
N ASN C 422 -5.89 54.43 22.05
CA ASN C 422 -4.76 54.82 21.21
C ASN C 422 -4.24 53.69 20.34
N TYR C 423 -3.93 52.54 20.92
CA TYR C 423 -3.36 51.41 20.17
C TYR C 423 -3.93 50.12 20.71
N LYS C 424 -4.64 49.39 19.86
CA LYS C 424 -5.23 48.11 20.23
C LYS C 424 -4.55 46.99 19.44
N LEU C 425 -4.17 45.92 20.12
CA LEU C 425 -3.56 44.79 19.45
C LEU C 425 -4.53 43.63 19.33
N PRO C 426 -4.44 42.85 18.25
CA PRO C 426 -5.31 41.68 18.12
C PRO C 426 -4.95 40.60 19.12
N ASP C 427 -5.94 39.76 19.43
CA ASP C 427 -5.71 38.67 20.37
C ASP C 427 -4.69 37.68 19.84
N ASP C 428 -4.72 37.41 18.54
CA ASP C 428 -3.78 36.51 17.88
C ASP C 428 -2.62 37.25 17.24
N PHE C 429 -2.18 38.35 17.85
CA PHE C 429 -1.12 39.17 17.29
C PHE C 429 0.18 38.37 17.19
N THR C 430 0.84 38.47 16.04
CA THR C 430 2.13 37.83 15.81
C THR C 430 3.20 38.91 15.77
N GLY C 431 4.21 38.76 16.62
CA GLY C 431 5.26 39.74 16.79
C GLY C 431 5.41 40.09 18.25
N CYS C 432 5.99 41.25 18.52
CA CYS C 432 6.24 41.67 19.89
C CYS C 432 6.64 43.14 19.91
N VAL C 433 6.81 43.66 21.13
CA VAL C 433 7.22 45.03 21.37
C VAL C 433 8.63 45.04 21.93
N ILE C 434 9.35 46.13 21.66
CA ILE C 434 10.66 46.36 22.24
C ILE C 434 10.66 47.78 22.81
N ALA C 435 10.88 47.90 24.12
CA ALA C 435 10.81 49.18 24.80
C ALA C 435 12.01 49.34 25.72
N TRP C 436 12.38 50.60 25.95
CA TRP C 436 13.51 50.92 26.82
C TRP C 436 13.34 52.36 27.32
N ASN C 437 14.03 52.66 28.42
CA ASN C 437 13.97 53.99 29.00
C ASN C 437 14.72 54.99 28.12
N SER C 438 14.12 56.17 27.96
CA SER C 438 14.70 57.21 27.11
C SER C 438 14.56 58.58 27.79
N ASN C 439 14.91 58.64 29.07
CA ASN C 439 14.78 59.89 29.81
C ASN C 439 15.73 60.97 29.29
N ASN C 440 16.91 60.58 28.83
CA ASN C 440 17.92 61.56 28.42
C ASN C 440 17.52 62.36 27.20
N LEU C 441 16.48 61.94 26.47
CA LEU C 441 16.07 62.65 25.25
C LEU C 441 14.62 63.06 25.29
N ASP C 442 13.77 62.24 25.92
CA ASP C 442 12.33 62.45 25.91
C ASP C 442 11.81 63.16 27.16
N SER C 443 12.69 63.62 28.04
CA SER C 443 12.28 64.34 29.24
C SER C 443 12.95 65.71 29.26
N LYS C 444 12.17 66.72 29.64
CA LYS C 444 12.64 68.09 29.72
C LYS C 444 12.46 68.62 31.13
N VAL C 445 13.36 69.52 31.53
CA VAL C 445 13.28 70.13 32.85
C VAL C 445 12.01 70.95 32.98
N GLY C 446 11.64 71.67 31.94
CA GLY C 446 10.40 72.42 31.91
C GLY C 446 9.18 71.62 31.52
N GLY C 447 9.36 70.37 31.14
CA GLY C 447 8.24 69.53 30.74
C GLY C 447 8.12 69.38 29.23
N ASN C 448 8.34 68.16 28.74
CA ASN C 448 8.21 67.89 27.31
C ASN C 448 6.73 67.78 26.97
N TYR C 449 6.19 68.81 26.33
CA TYR C 449 4.77 68.89 26.00
C TYR C 449 4.50 68.63 24.52
N ASN C 450 5.45 68.04 23.81
CA ASN C 450 5.29 67.76 22.39
C ASN C 450 4.66 66.40 22.12
N TYR C 451 4.29 65.66 23.15
CA TYR C 451 3.67 64.35 23.02
C TYR C 451 2.25 64.40 23.53
N LEU C 452 1.33 63.75 22.82
CA LEU C 452 -0.08 63.77 23.13
C LEU C 452 -0.61 62.35 23.20
N TYR C 453 -1.71 62.18 23.94
CA TYR C 453 -2.39 60.89 24.03
C TYR C 453 -3.88 61.13 24.21
N ARG C 454 -4.69 60.25 23.62
CA ARG C 454 -6.14 60.40 23.62
C ARG C 454 -6.75 59.80 24.88
N LEU C 455 -7.70 60.52 25.46
CA LEU C 455 -8.40 60.07 26.66
C LEU C 455 -9.88 59.76 26.43
N PHE C 456 -10.47 60.24 25.34
CA PHE C 456 -11.90 60.08 25.10
C PHE C 456 -12.16 59.64 23.67
N ARG C 457 -13.07 58.69 23.51
CA ARG C 457 -13.61 58.33 22.21
C ARG C 457 -14.97 57.67 22.42
N LYS C 458 -15.76 57.63 21.35
CA LYS C 458 -17.12 57.10 21.45
C LYS C 458 -17.11 55.62 21.83
N SER C 459 -16.21 54.85 21.23
CA SER C 459 -16.15 53.42 21.47
C SER C 459 -14.73 52.92 21.28
N ASN C 460 -14.47 51.71 21.78
CA ASN C 460 -13.17 51.09 21.61
C ASN C 460 -12.87 50.84 20.14
N LEU C 461 -11.63 51.09 19.75
CA LEU C 461 -11.21 50.92 18.36
C LEU C 461 -10.74 49.50 18.11
N LYS C 462 -10.93 49.05 16.87
CA LYS C 462 -10.53 47.71 16.48
C LYS C 462 -9.00 47.61 16.47
N PRO C 463 -8.47 46.39 16.60
CA PRO C 463 -7.01 46.22 16.57
C PRO C 463 -6.41 46.73 15.26
N PHE C 464 -5.22 47.32 15.37
CA PHE C 464 -4.49 47.88 14.22
C PHE C 464 -5.32 48.95 13.52
N GLU C 465 -5.68 49.98 14.28
CA GLU C 465 -6.48 51.08 13.77
C GLU C 465 -5.86 52.40 14.20
N ARG C 466 -6.03 53.42 13.36
CA ARG C 466 -5.52 54.76 13.61
C ARG C 466 -6.67 55.75 13.64
N ASP C 467 -6.67 56.65 14.63
CA ASP C 467 -7.63 57.73 14.72
C ASP C 467 -6.86 59.03 14.85
N ILE C 468 -7.14 59.97 13.94
CA ILE C 468 -6.39 61.22 13.88
C ILE C 468 -7.32 62.40 14.18
N SER C 469 -8.63 62.16 14.07
CA SER C 469 -9.61 63.22 14.27
C SER C 469 -9.49 63.81 15.68
N THR C 470 -9.47 65.14 15.74
CA THR C 470 -9.35 65.87 17.00
C THR C 470 -10.67 66.50 17.43
N GLU C 471 -11.80 65.88 17.06
CA GLU C 471 -13.10 66.41 17.45
C GLU C 471 -13.26 66.39 18.96
N ILE C 472 -13.89 67.43 19.49
CA ILE C 472 -14.10 67.53 20.92
C ILE C 472 -15.19 66.55 21.34
N TYR C 473 -14.87 65.69 22.31
CA TYR C 473 -15.82 64.70 22.77
C TYR C 473 -16.89 65.38 23.62
N GLN C 474 -18.15 65.14 23.27
CA GLN C 474 -19.27 65.77 23.95
C GLN C 474 -19.86 64.82 24.99
N ALA C 475 -20.38 65.40 26.08
CA ALA C 475 -21.02 64.62 27.14
C ALA C 475 -22.35 65.19 27.58
N GLY C 476 -22.77 66.34 27.03
CA GLY C 476 -24.03 66.95 27.39
C GLY C 476 -25.11 66.70 26.34
N SER C 477 -26.18 67.49 26.43
CA SER C 477 -27.29 67.39 25.51
C SER C 477 -27.14 68.33 24.32
N THR C 478 -26.82 69.59 24.57
CA THR C 478 -26.65 70.56 23.49
C THR C 478 -25.38 70.24 22.71
N PRO C 479 -25.40 70.44 21.38
CA PRO C 479 -24.19 70.20 20.59
C PRO C 479 -23.09 71.19 20.96
N CYS C 480 -21.87 70.66 21.08
CA CYS C 480 -20.73 71.53 21.38
C CYS C 480 -20.38 72.41 20.19
N ASN C 481 -20.56 71.90 18.97
CA ASN C 481 -20.28 72.60 17.73
C ASN C 481 -18.81 73.01 17.61
N GLY C 482 -17.92 72.30 18.28
CA GLY C 482 -16.50 72.57 18.21
C GLY C 482 -16.01 73.73 19.06
N VAL C 483 -16.89 74.38 19.81
CA VAL C 483 -16.51 75.52 20.65
C VAL C 483 -16.03 74.98 21.99
N GLU C 484 -14.80 75.35 22.35
CA GLU C 484 -14.23 74.88 23.61
C GLU C 484 -14.93 75.57 24.79
N GLY C 485 -15.20 74.79 25.83
CA GLY C 485 -15.86 75.31 27.01
C GLY C 485 -16.23 74.24 28.01
N PHE C 486 -17.32 74.44 28.74
CA PHE C 486 -17.77 73.47 29.73
C PHE C 486 -18.51 72.33 29.05
N ASN C 487 -18.36 71.13 29.61
CA ASN C 487 -19.01 69.91 29.14
C ASN C 487 -18.64 69.57 27.70
N CYS C 488 -17.51 70.11 27.22
CA CYS C 488 -16.97 69.81 25.89
C CYS C 488 -15.49 69.48 26.10
N TYR C 489 -15.22 68.20 26.35
CA TYR C 489 -13.88 67.76 26.77
C TYR C 489 -13.02 67.47 25.54
N PHE C 490 -11.80 67.99 25.56
CA PHE C 490 -10.84 67.71 24.49
C PHE C 490 -10.30 66.29 24.66
N PRO C 491 -10.40 65.43 23.65
CA PRO C 491 -10.03 64.01 23.85
C PRO C 491 -8.57 63.78 24.16
N LEU C 492 -7.68 64.70 23.79
CA LEU C 492 -6.25 64.48 23.90
C LEU C 492 -5.63 65.37 24.97
N GLN C 493 -4.62 64.84 25.67
CA GLN C 493 -3.86 65.58 26.65
C GLN C 493 -2.38 65.27 26.49
N SER C 494 -1.54 66.07 27.13
CA SER C 494 -0.11 65.93 27.01
C SER C 494 0.49 65.31 28.27
N TYR C 495 1.64 64.66 28.09
CA TYR C 495 2.37 64.09 29.21
C TYR C 495 3.22 65.14 29.89
N GLY C 496 3.33 65.03 31.21
CA GLY C 496 4.22 65.89 31.98
C GLY C 496 5.57 65.24 32.18
N PHE C 497 6.29 64.98 31.10
CA PHE C 497 7.56 64.27 31.15
C PHE C 497 8.63 65.20 31.70
N GLN C 498 9.06 64.95 32.93
CA GLN C 498 10.10 65.73 33.60
C GLN C 498 11.04 64.77 34.33
N PRO C 499 12.30 65.18 34.52
CA PRO C 499 13.24 64.28 35.23
C PRO C 499 12.87 64.00 36.66
N THR C 500 12.03 64.83 37.28
CA THR C 500 11.63 64.62 38.67
C THR C 500 10.52 63.58 38.81
N ASN C 501 9.96 63.11 37.71
CA ASN C 501 8.90 62.10 37.78
C ASN C 501 9.48 60.74 38.17
N GLY C 502 8.59 59.87 38.66
CA GLY C 502 8.99 58.52 39.01
C GLY C 502 9.17 57.64 37.80
N VAL C 503 9.69 56.43 38.05
CA VAL C 503 10.01 55.50 36.97
C VAL C 503 8.77 55.18 36.14
N GLY C 504 7.63 54.96 36.80
CA GLY C 504 6.41 54.69 36.07
C GLY C 504 5.99 55.84 35.18
N TYR C 505 6.30 57.07 35.55
CA TYR C 505 5.96 58.25 34.78
C TYR C 505 7.04 58.65 33.80
N GLN C 506 8.16 57.93 33.76
CA GLN C 506 9.23 58.29 32.84
C GLN C 506 8.85 57.96 31.40
N PRO C 507 9.23 58.81 30.45
CA PRO C 507 8.94 58.51 29.04
C PRO C 507 9.68 57.26 28.57
N TYR C 508 9.01 56.50 27.71
CA TYR C 508 9.57 55.27 27.16
C TYR C 508 9.30 55.23 25.66
N ARG C 509 10.28 54.73 24.90
CA ARG C 509 10.15 54.58 23.46
C ARG C 509 9.81 53.13 23.15
N VAL C 510 8.71 52.92 22.44
CA VAL C 510 8.17 51.59 22.17
C VAL C 510 8.19 51.36 20.66
N VAL C 511 8.79 50.25 20.25
CA VAL C 511 8.79 49.81 18.85
C VAL C 511 8.27 48.39 18.80
N VAL C 512 7.22 48.16 18.01
CA VAL C 512 6.59 46.85 17.90
C VAL C 512 6.68 46.38 16.45
N LEU C 513 7.16 45.16 16.26
CA LEU C 513 7.28 44.54 14.95
C LEU C 513 6.27 43.40 14.83
N SER C 514 5.74 43.21 13.64
CA SER C 514 4.68 42.23 13.40
C SER C 514 5.04 41.37 12.19
N PHE C 515 4.51 40.14 12.18
CA PHE C 515 4.74 39.20 11.10
C PHE C 515 3.42 38.66 10.58
N GLU C 516 3.42 38.24 9.32
CA GLU C 516 2.24 37.64 8.72
C GLU C 516 2.67 36.70 7.60
N LEU C 517 1.76 35.80 7.24
CA LEU C 517 1.97 34.86 6.15
C LEU C 517 0.74 34.84 5.26
N LEU C 518 0.96 34.95 3.95
CA LEU C 518 -0.14 34.93 2.99
C LEU C 518 0.36 34.37 1.67
N HIS C 519 -0.52 34.32 0.68
CA HIS C 519 -0.22 33.71 -0.62
C HIS C 519 0.68 34.63 -1.43
N ALA C 520 1.95 34.67 -1.03
CA ALA C 520 2.97 35.44 -1.72
C ALA C 520 4.33 34.90 -1.31
N PRO C 521 5.34 34.98 -2.17
CA PRO C 521 6.68 34.51 -1.80
C PRO C 521 7.23 35.28 -0.60
N ALA C 522 7.88 34.54 0.30
CA ALA C 522 8.51 35.16 1.45
C ALA C 522 9.80 35.86 1.02
N THR C 523 10.11 36.98 1.68
CA THR C 523 11.25 37.79 1.26
C THR C 523 12.17 38.14 2.43
N VAL C 524 11.63 38.22 3.63
CA VAL C 524 12.36 38.70 4.81
C VAL C 524 12.59 37.54 5.76
N CYS C 525 13.86 37.20 5.99
CA CYS C 525 14.26 36.21 6.98
C CYS C 525 15.77 36.33 7.19
N GLY C 526 16.34 35.34 7.90
CA GLY C 526 17.69 35.41 8.37
C GLY C 526 18.75 35.32 7.28
N PRO C 527 20.01 35.57 7.66
CA PRO C 527 21.09 35.61 6.66
C PRO C 527 21.72 34.25 6.39
N LYS C 528 21.07 33.18 6.82
CA LYS C 528 21.56 31.80 6.65
C LYS C 528 22.95 31.71 7.30
N LYS C 529 23.88 30.96 6.71
CA LYS C 529 25.22 30.78 7.28
C LYS C 529 26.16 30.39 6.15
N SER C 530 27.45 30.41 6.44
CA SER C 530 28.46 30.07 5.44
C SER C 530 29.75 29.56 6.08
N THR C 531 30.17 28.36 5.69
CA THR C 531 31.41 27.77 6.16
C THR C 531 32.38 27.61 5.01
N ASN C 532 33.67 27.76 5.28
CA ASN C 532 34.67 27.63 4.24
C ASN C 532 34.69 26.20 3.70
N LEU C 533 34.91 26.09 2.39
CA LEU C 533 34.87 24.79 1.74
C LEU C 533 36.22 24.09 1.84
N VAL C 534 36.18 22.76 1.82
CA VAL C 534 37.37 21.91 1.87
C VAL C 534 37.34 20.99 0.65
N LYS C 535 38.46 20.93 -0.07
CA LYS C 535 38.53 20.22 -1.33
C LYS C 535 39.31 18.91 -1.19
N ASN C 536 39.09 18.02 -2.17
CA ASN C 536 39.79 16.74 -2.24
C ASN C 536 39.58 15.90 -0.98
N LYS C 537 38.37 15.98 -0.41
CA LYS C 537 38.05 15.24 0.79
C LYS C 537 36.56 14.92 0.78
N CYS C 538 36.21 13.69 1.15
CA CYS C 538 34.82 13.25 1.12
C CYS C 538 34.03 14.01 2.19
N VAL C 539 33.20 14.96 1.76
CA VAL C 539 32.45 15.80 2.68
C VAL C 539 30.96 15.65 2.41
N ASN C 540 30.14 16.34 3.20
CA ASN C 540 28.69 16.36 3.05
C ASN C 540 28.29 17.80 2.75
N PHE C 541 28.30 18.16 1.46
CA PHE C 541 28.15 19.55 1.06
C PHE C 541 26.69 19.98 1.09
N ASN C 542 26.49 21.29 0.95
CA ASN C 542 25.16 21.87 0.84
C ASN C 542 25.31 23.20 0.12
N PHE C 543 24.87 23.27 -1.14
CA PHE C 543 25.02 24.45 -1.98
C PHE C 543 23.64 24.99 -2.36
N ASN C 544 23.20 26.03 -1.65
CA ASN C 544 21.99 26.76 -2.01
C ASN C 544 20.77 25.84 -2.12
N GLY C 545 20.70 24.85 -1.25
CA GLY C 545 19.58 23.95 -1.18
C GLY C 545 19.80 22.58 -1.77
N LEU C 546 20.89 22.36 -2.51
CA LEU C 546 21.20 21.03 -3.01
C LEU C 546 22.15 20.32 -2.05
N THR C 547 21.83 19.08 -1.74
CA THR C 547 22.59 18.28 -0.79
C THR C 547 23.27 17.12 -1.50
N GLY C 548 24.01 16.33 -0.73
CA GLY C 548 24.73 15.19 -1.24
C GLY C 548 26.15 15.16 -0.72
N THR C 549 26.84 14.06 -1.02
CA THR C 549 28.21 13.87 -0.60
C THR C 549 29.09 13.59 -1.81
N GLY C 550 30.32 14.07 -1.75
CA GLY C 550 31.24 13.86 -2.86
C GLY C 550 32.59 14.47 -2.53
N VAL C 551 33.51 14.29 -3.48
CA VAL C 551 34.88 14.78 -3.35
C VAL C 551 34.99 16.02 -4.23
N LEU C 552 34.81 17.20 -3.65
CA LEU C 552 34.90 18.44 -4.40
C LEU C 552 36.32 18.63 -4.94
N THR C 553 36.41 18.97 -6.22
CA THR C 553 37.70 19.12 -6.89
C THR C 553 37.65 20.33 -7.81
N GLU C 554 38.81 20.91 -8.08
CA GLU C 554 38.90 22.01 -9.02
C GLU C 554 38.46 21.54 -10.41
N SER C 555 37.58 22.31 -11.04
CA SER C 555 36.94 21.94 -12.30
C SER C 555 36.98 23.09 -13.29
N ASN C 556 38.17 23.68 -13.46
CA ASN C 556 38.31 24.81 -14.37
C ASN C 556 38.00 24.43 -15.82
N LYS C 557 37.94 23.14 -16.13
CA LYS C 557 37.62 22.73 -17.49
C LYS C 557 36.22 23.17 -17.89
N LYS C 558 35.25 23.03 -16.98
CA LYS C 558 33.88 23.41 -17.29
C LYS C 558 33.73 24.92 -17.34
N PHE C 559 33.05 25.42 -18.37
CA PHE C 559 32.74 26.84 -18.52
C PHE C 559 31.24 27.03 -18.35
N LEU C 560 30.87 27.89 -17.41
CA LEU C 560 29.46 28.19 -17.14
C LEU C 560 29.24 29.69 -17.28
N PRO C 561 28.50 30.15 -18.29
CA PRO C 561 28.32 31.60 -18.48
C PRO C 561 27.55 32.27 -17.36
N PHE C 562 26.37 31.74 -17.04
CA PHE C 562 25.58 32.24 -15.92
C PHE C 562 24.90 31.13 -15.13
N GLN C 563 25.01 29.88 -15.57
CA GLN C 563 24.27 28.79 -14.96
C GLN C 563 24.88 28.40 -13.62
N GLN C 564 24.05 27.81 -12.75
CA GLN C 564 24.47 27.48 -11.41
C GLN C 564 24.98 26.04 -11.30
N PHE C 565 24.13 25.08 -11.62
CA PHE C 565 24.43 23.68 -11.37
C PHE C 565 25.17 23.07 -12.55
N GLY C 566 25.34 21.75 -12.51
CA GLY C 566 25.74 20.99 -13.68
C GLY C 566 24.96 19.69 -13.69
N ARG C 567 25.00 19.01 -14.83
CA ARG C 567 24.23 17.77 -14.94
C ARG C 567 24.84 16.88 -16.01
N ASP C 568 24.40 15.63 -16.02
CA ASP C 568 24.95 14.61 -16.90
C ASP C 568 23.84 13.93 -17.70
N ILE C 569 24.18 12.85 -18.39
CA ILE C 569 23.20 12.15 -19.22
C ILE C 569 22.06 11.60 -18.36
N ALA C 570 22.41 10.99 -17.23
CA ALA C 570 21.43 10.35 -16.36
C ALA C 570 20.79 11.33 -15.38
N ASP C 571 20.92 12.63 -15.62
CA ASP C 571 20.37 13.68 -14.76
C ASP C 571 20.92 13.52 -13.34
N THR C 572 22.22 13.77 -13.20
CA THR C 572 22.90 13.79 -11.92
C THR C 572 23.86 14.97 -11.92
N THR C 573 24.03 15.60 -10.75
CA THR C 573 24.88 16.78 -10.66
C THR C 573 26.34 16.38 -10.64
N ASP C 574 27.11 16.90 -11.60
CA ASP C 574 28.55 16.65 -11.65
C ASP C 574 29.39 17.89 -11.39
N ALA C 575 28.78 19.07 -11.31
CA ALA C 575 29.55 20.28 -11.10
C ALA C 575 28.64 21.37 -10.56
N VAL C 576 29.16 22.17 -9.63
CA VAL C 576 28.48 23.32 -9.09
C VAL C 576 29.46 24.49 -9.05
N ARG C 577 28.90 25.69 -8.97
CA ARG C 577 29.72 26.90 -8.84
C ARG C 577 29.56 27.46 -7.43
N ASP C 578 30.68 27.89 -6.85
CA ASP C 578 30.69 28.35 -5.48
C ASP C 578 29.99 29.70 -5.38
N PRO C 579 28.94 29.82 -4.56
CA PRO C 579 28.25 31.11 -4.44
C PRO C 579 29.14 32.23 -3.91
N GLN C 580 30.10 31.90 -3.04
CA GLN C 580 30.96 32.94 -2.47
C GLN C 580 31.87 33.55 -3.52
N THR C 581 32.73 32.73 -4.11
CA THR C 581 33.56 33.15 -5.24
C THR C 581 33.16 32.35 -6.47
N LEU C 582 32.96 33.05 -7.58
CA LEU C 582 32.40 32.45 -8.79
C LEU C 582 33.46 31.54 -9.43
N GLU C 583 33.54 30.32 -8.91
CA GLU C 583 34.45 29.31 -9.43
C GLU C 583 33.70 27.99 -9.53
N ILE C 584 34.13 27.15 -10.46
CA ILE C 584 33.44 25.90 -10.77
C ILE C 584 34.11 24.76 -10.02
N LEU C 585 33.32 24.02 -9.25
CA LEU C 585 33.81 22.87 -8.49
C LEU C 585 33.18 21.60 -9.01
N ASP C 586 34.00 20.57 -9.21
CA ASP C 586 33.50 19.28 -9.64
C ASP C 586 33.02 18.47 -8.44
N ILE C 587 32.22 17.44 -8.75
CA ILE C 587 31.69 16.54 -7.73
C ILE C 587 31.95 15.11 -8.19
N THR C 588 32.66 14.34 -7.37
CA THR C 588 32.92 12.94 -7.65
C THR C 588 32.46 12.09 -6.48
N PRO C 589 31.82 10.97 -6.73
CA PRO C 589 31.26 10.17 -5.63
C PRO C 589 32.36 9.56 -4.77
N CYS C 590 32.03 9.35 -3.50
CA CYS C 590 32.95 8.69 -2.59
C CYS C 590 33.22 7.27 -3.05
N SER C 591 34.49 6.87 -3.02
CA SER C 591 34.87 5.58 -3.54
C SER C 591 34.23 4.45 -2.73
N PHE C 592 33.78 3.41 -3.44
CA PHE C 592 33.13 2.27 -2.82
C PHE C 592 33.31 1.06 -3.72
N GLY C 593 33.13 -0.11 -3.14
CA GLY C 593 33.26 -1.34 -3.89
C GLY C 593 33.20 -2.54 -2.98
N GLY C 594 33.02 -3.70 -3.60
CA GLY C 594 32.94 -4.94 -2.86
C GLY C 594 34.29 -5.39 -2.34
N VAL C 595 34.23 -6.36 -1.42
CA VAL C 595 35.43 -6.93 -0.82
C VAL C 595 35.39 -8.44 -1.04
N SER C 596 36.47 -8.99 -1.58
CA SER C 596 36.59 -10.41 -1.83
C SER C 596 37.78 -10.96 -1.05
N VAL C 597 37.66 -12.23 -0.64
CA VAL C 597 38.67 -12.87 0.19
C VAL C 597 39.27 -14.03 -0.61
N ILE C 598 40.49 -13.84 -1.11
CA ILE C 598 41.22 -14.93 -1.73
C ILE C 598 41.71 -15.88 -0.64
N THR C 599 41.44 -17.17 -0.81
CA THR C 599 41.83 -18.11 0.22
C THR C 599 42.07 -19.51 -0.33
N PRO C 600 43.22 -20.12 -0.03
CA PRO C 600 43.34 -21.57 -0.23
C PRO C 600 42.47 -22.30 0.77
N GLY C 601 42.17 -23.56 0.45
CA GLY C 601 41.29 -24.34 1.30
C GLY C 601 41.85 -24.45 2.72
N THR C 602 40.95 -24.42 3.70
CA THR C 602 41.37 -24.52 5.10
C THR C 602 42.08 -25.84 5.38
N ASN C 603 41.90 -26.85 4.53
CA ASN C 603 42.66 -28.09 4.68
C ASN C 603 44.14 -27.83 4.51
N THR C 604 44.52 -26.97 3.57
CA THR C 604 45.93 -26.66 3.37
C THR C 604 46.46 -25.70 4.43
N SER C 605 45.88 -24.50 4.52
CA SER C 605 46.28 -23.51 5.49
C SER C 605 45.14 -22.54 5.69
N ASN C 606 45.36 -21.53 6.53
CA ASN C 606 44.34 -20.54 6.85
C ASN C 606 44.87 -19.12 6.71
N GLN C 607 45.57 -18.85 5.61
CA GLN C 607 45.96 -17.50 5.25
C GLN C 607 45.03 -16.96 4.17
N VAL C 608 44.79 -15.65 4.21
CA VAL C 608 43.90 -15.00 3.25
C VAL C 608 44.54 -13.71 2.76
N ALA C 609 44.05 -13.24 1.62
CA ALA C 609 44.49 -11.97 1.03
C ALA C 609 43.26 -11.32 0.40
N VAL C 610 42.81 -10.21 0.98
CA VAL C 610 41.56 -9.60 0.55
C VAL C 610 41.77 -8.76 -0.70
N LEU C 611 40.67 -8.43 -1.37
CA LEU C 611 40.71 -7.66 -2.61
C LEU C 611 39.63 -6.59 -2.56
N TYR C 612 40.01 -5.34 -2.82
CA TYR C 612 39.09 -4.22 -2.88
C TYR C 612 38.98 -3.80 -4.34
N GLN C 613 38.01 -4.38 -5.05
CA GLN C 613 37.85 -4.05 -6.46
C GLN C 613 37.34 -2.63 -6.63
N ASP C 614 37.70 -2.03 -7.77
CA ASP C 614 37.28 -0.67 -8.13
C ASP C 614 37.76 0.34 -7.09
N VAL C 615 38.94 0.10 -6.52
CA VAL C 615 39.51 0.99 -5.51
C VAL C 615 40.96 1.23 -5.85
N ASN C 616 41.35 2.51 -5.95
CA ASN C 616 42.74 2.91 -6.10
C ASN C 616 43.26 3.13 -4.69
N CYS C 617 43.76 2.07 -4.07
CA CYS C 617 44.05 2.09 -2.64
C CYS C 617 45.36 2.82 -2.33
N THR C 618 45.36 4.11 -2.67
CA THR C 618 46.30 5.05 -2.08
C THR C 618 45.79 5.57 -0.74
N GLU C 619 44.58 5.16 -0.35
CA GLU C 619 43.95 5.60 0.89
C GLU C 619 43.44 4.42 1.71
N VAL C 620 42.98 3.37 1.03
CA VAL C 620 42.41 2.19 1.68
C VAL C 620 41.26 2.59 2.59
N ASN C 641 51.75 -6.26 2.83
CA ASN C 641 52.16 -6.12 1.44
C ASN C 641 50.99 -5.69 0.57
N VAL C 642 51.18 -4.62 -0.20
CA VAL C 642 50.12 -4.02 -1.00
C VAL C 642 50.49 -4.16 -2.47
N PHE C 643 49.56 -4.68 -3.26
CA PHE C 643 49.72 -4.83 -4.69
C PHE C 643 48.54 -4.19 -5.40
N GLN C 644 48.81 -3.55 -6.53
CA GLN C 644 47.79 -2.81 -7.28
C GLN C 644 47.60 -3.46 -8.65
N THR C 645 46.36 -3.77 -8.99
CA THR C 645 46.01 -4.38 -10.26
C THR C 645 44.98 -3.50 -10.97
N ARG C 646 44.49 -4.00 -12.11
CA ARG C 646 43.45 -3.29 -12.85
C ARG C 646 42.05 -3.58 -12.33
N ALA C 647 41.89 -4.62 -11.51
CA ALA C 647 40.61 -5.00 -10.96
C ALA C 647 40.51 -4.64 -9.48
N GLY C 648 41.08 -3.50 -9.12
CA GLY C 648 41.16 -3.10 -7.72
C GLY C 648 42.59 -3.20 -7.23
N CYS C 649 42.78 -3.58 -5.97
CA CYS C 649 44.14 -3.80 -5.48
C CYS C 649 44.12 -4.92 -4.45
N LEU C 650 45.18 -5.71 -4.44
CA LEU C 650 45.30 -6.90 -3.62
C LEU C 650 46.32 -6.66 -2.52
N ILE C 651 45.92 -6.92 -1.27
CA ILE C 651 46.83 -6.85 -0.13
C ILE C 651 46.90 -8.23 0.49
N GLY C 652 48.08 -8.57 1.02
CA GLY C 652 48.32 -9.87 1.59
C GLY C 652 48.97 -10.86 0.64
N ALA C 653 49.12 -10.50 -0.64
CA ALA C 653 49.75 -11.37 -1.62
C ALA C 653 50.88 -10.62 -2.31
N GLU C 654 51.95 -11.35 -2.63
CA GLU C 654 53.15 -10.77 -3.21
C GLU C 654 53.15 -10.96 -4.73
N HIS C 655 53.84 -10.06 -5.42
CA HIS C 655 53.94 -10.12 -6.87
C HIS C 655 55.07 -11.04 -7.31
N VAL C 656 54.88 -11.68 -8.45
CA VAL C 656 55.86 -12.60 -9.02
C VAL C 656 56.00 -12.31 -10.51
N ASN C 657 57.24 -12.30 -11.00
CA ASN C 657 57.50 -12.04 -12.41
C ASN C 657 57.31 -13.27 -13.28
N ASN C 658 57.06 -14.43 -12.70
CA ASN C 658 56.88 -15.66 -13.47
C ASN C 658 55.46 -15.71 -14.03
N SER C 659 55.07 -16.87 -14.56
CA SER C 659 53.72 -17.06 -15.07
C SER C 659 53.40 -18.55 -15.03
N TYR C 660 52.24 -18.88 -14.49
CA TYR C 660 51.79 -20.26 -14.38
C TYR C 660 50.34 -20.34 -14.85
N GLU C 661 49.73 -21.51 -14.68
CA GLU C 661 48.32 -21.66 -14.98
C GLU C 661 47.47 -20.92 -13.96
N CYS C 662 46.23 -20.64 -14.34
CA CYS C 662 45.32 -19.90 -13.47
C CYS C 662 44.73 -20.85 -12.43
N ASP C 663 44.92 -20.52 -11.15
CA ASP C 663 44.39 -21.31 -10.06
C ASP C 663 43.16 -20.66 -9.43
N ILE C 664 43.30 -19.44 -8.93
CA ILE C 664 42.19 -18.67 -8.39
C ILE C 664 42.07 -17.38 -9.20
N PRO C 665 41.08 -17.28 -10.09
CA PRO C 665 40.98 -16.09 -10.93
C PRO C 665 40.66 -14.84 -10.13
N ILE C 666 41.15 -13.71 -10.62
CA ILE C 666 40.91 -12.43 -9.96
C ILE C 666 40.29 -11.45 -10.94
N GLY C 667 40.96 -11.24 -12.07
CA GLY C 667 40.45 -10.35 -13.10
C GLY C 667 41.58 -9.69 -13.85
N ALA C 668 41.30 -9.28 -15.08
CA ALA C 668 42.25 -8.59 -15.93
C ALA C 668 43.53 -9.40 -16.13
N GLY C 669 43.38 -10.71 -16.24
CA GLY C 669 44.51 -11.58 -16.50
C GLY C 669 45.35 -11.92 -15.31
N ILE C 670 44.95 -11.55 -14.10
CA ILE C 670 45.71 -11.81 -12.89
C ILE C 670 45.08 -13.00 -12.17
N CYS C 671 45.90 -14.00 -11.84
CA CYS C 671 45.46 -15.16 -11.10
C CYS C 671 46.35 -15.36 -9.89
N ALA C 672 45.74 -15.69 -8.76
CA ALA C 672 46.45 -15.90 -7.51
C ALA C 672 46.51 -17.39 -7.18
N SER C 673 47.55 -17.79 -6.47
CA SER C 673 47.74 -19.18 -6.12
C SER C 673 48.59 -19.27 -4.86
N TYR C 674 48.58 -20.45 -4.24
CA TYR C 674 49.30 -20.70 -2.99
C TYR C 674 50.62 -21.39 -3.32
N GLN C 675 51.72 -20.65 -3.22
CA GLN C 675 53.03 -21.22 -3.51
C GLN C 675 53.42 -22.24 -2.46
N THR C 676 54.01 -23.35 -2.91
CA THR C 676 54.48 -24.43 -2.05
C THR C 676 53.42 -24.90 -1.06
N SER C 689 58.39 -21.87 1.80
CA SER C 689 57.98 -20.47 1.87
C SER C 689 56.56 -20.36 2.43
N GLN C 690 55.61 -21.01 1.77
CA GLN C 690 54.21 -21.05 2.16
C GLN C 690 53.61 -19.64 2.25
N SER C 691 53.57 -19.01 1.08
CA SER C 691 52.97 -17.69 0.93
C SER C 691 51.97 -17.72 -0.21
N ILE C 692 51.29 -16.59 -0.43
CA ILE C 692 50.31 -16.43 -1.48
C ILE C 692 50.88 -15.48 -2.52
N ILE C 693 50.84 -15.90 -3.79
CA ILE C 693 51.43 -15.13 -4.87
C ILE C 693 50.35 -14.74 -5.86
N ALA C 694 50.53 -13.56 -6.46
CA ALA C 694 49.63 -13.06 -7.50
C ALA C 694 50.47 -12.75 -8.74
N TYR C 695 50.24 -13.52 -9.80
CA TYR C 695 51.03 -13.41 -11.02
C TYR C 695 50.10 -13.11 -12.20
N THR C 696 50.67 -13.16 -13.40
CA THR C 696 49.91 -13.05 -14.64
C THR C 696 49.84 -14.43 -15.28
N MET C 697 48.61 -14.87 -15.59
CA MET C 697 48.42 -16.23 -16.06
C MET C 697 49.08 -16.44 -17.42
N SER C 698 49.51 -17.67 -17.66
CA SER C 698 50.12 -18.07 -18.91
C SER C 698 49.16 -18.98 -19.67
N LEU C 699 48.94 -18.68 -20.95
CA LEU C 699 47.96 -19.43 -21.72
C LEU C 699 48.41 -20.87 -21.95
N GLY C 700 49.69 -21.09 -22.20
CA GLY C 700 50.17 -22.43 -22.42
C GLY C 700 51.62 -22.42 -22.83
N ALA C 701 52.14 -23.62 -23.05
CA ALA C 701 53.54 -23.79 -23.44
C ALA C 701 53.74 -23.34 -24.88
N GLU C 702 54.82 -22.61 -25.11
CA GLU C 702 55.17 -22.17 -26.46
C GLU C 702 55.55 -23.37 -27.32
N ASN C 703 55.12 -23.34 -28.58
CA ASN C 703 55.42 -24.41 -29.52
C ASN C 703 55.52 -23.83 -30.91
N SER C 704 56.28 -24.50 -31.77
CA SER C 704 56.45 -24.06 -33.16
C SER C 704 56.77 -25.28 -34.00
N VAL C 705 55.82 -25.69 -34.83
CA VAL C 705 56.04 -26.84 -35.70
C VAL C 705 57.10 -26.51 -36.74
N ALA C 706 57.93 -27.50 -37.07
CA ALA C 706 59.01 -27.32 -38.03
C ALA C 706 58.44 -27.42 -39.45
N TYR C 707 57.65 -26.42 -39.81
CA TYR C 707 56.99 -26.40 -41.11
C TYR C 707 58.00 -26.19 -42.23
N SER C 708 57.79 -26.89 -43.33
CA SER C 708 58.60 -26.73 -44.53
C SER C 708 57.77 -27.18 -45.72
N ASN C 709 58.19 -26.78 -46.92
CA ASN C 709 57.39 -27.05 -48.09
C ASN C 709 57.55 -28.48 -48.60
N ASN C 710 58.46 -29.27 -48.04
CA ASN C 710 58.61 -30.66 -48.44
C ASN C 710 58.85 -31.55 -47.23
N SER C 711 58.10 -31.32 -46.15
CA SER C 711 58.26 -32.09 -44.93
C SER C 711 56.89 -32.53 -44.41
N ILE C 712 56.82 -33.79 -43.97
CA ILE C 712 55.59 -34.37 -43.44
C ILE C 712 55.92 -35.11 -42.15
N ALA C 713 54.88 -35.31 -41.33
CA ALA C 713 55.00 -36.08 -40.09
C ALA C 713 53.85 -37.07 -40.04
N ILE C 714 54.17 -38.35 -40.13
CA ILE C 714 53.18 -39.43 -40.20
C ILE C 714 53.31 -40.27 -38.93
N PRO C 715 52.25 -40.46 -38.16
CA PRO C 715 52.35 -41.28 -36.96
C PRO C 715 52.62 -42.74 -37.29
N THR C 716 53.33 -43.40 -36.38
CA THR C 716 53.63 -44.82 -36.53
C THR C 716 53.02 -45.66 -35.41
N ASN C 717 52.20 -45.07 -34.55
CA ASN C 717 51.60 -45.79 -33.44
C ASN C 717 50.39 -45.01 -32.97
N PHE C 718 49.53 -45.67 -32.20
CA PHE C 718 48.28 -45.08 -31.76
C PHE C 718 48.07 -45.40 -30.29
N THR C 719 46.98 -44.87 -29.74
CA THR C 719 46.57 -45.14 -28.37
C THR C 719 45.07 -44.92 -28.26
N ILE C 720 44.42 -45.81 -27.51
CA ILE C 720 42.98 -45.77 -27.30
C ILE C 720 42.71 -45.11 -25.96
N SER C 721 41.83 -44.11 -25.94
CA SER C 721 41.52 -43.36 -24.74
C SER C 721 40.02 -43.36 -24.51
N VAL C 722 39.64 -43.31 -23.23
CA VAL C 722 38.24 -43.28 -22.83
C VAL C 722 38.01 -41.99 -22.04
N THR C 723 37.03 -41.20 -22.48
CA THR C 723 36.74 -39.90 -21.88
C THR C 723 35.32 -39.91 -21.33
N THR C 724 35.16 -39.39 -20.12
CA THR C 724 33.86 -39.34 -19.47
C THR C 724 33.25 -37.95 -19.62
N GLU C 725 32.00 -37.90 -20.05
CA GLU C 725 31.26 -36.66 -20.21
C GLU C 725 29.97 -36.76 -19.42
N ILE C 726 29.71 -35.74 -18.59
CA ILE C 726 28.61 -35.74 -17.64
C ILE C 726 27.74 -34.52 -17.90
N LEU C 727 26.43 -34.72 -18.01
CA LEU C 727 25.53 -33.61 -18.24
C LEU C 727 24.15 -33.93 -17.71
N PRO C 728 23.46 -32.98 -17.11
CA PRO C 728 22.16 -33.26 -16.49
C PRO C 728 21.08 -33.50 -17.53
N VAL C 729 19.98 -34.09 -17.05
CA VAL C 729 18.85 -34.41 -17.92
C VAL C 729 17.57 -33.80 -17.37
N SER C 730 17.29 -34.03 -16.09
CA SER C 730 16.05 -33.56 -15.48
C SER C 730 16.32 -33.07 -14.07
N MET C 731 15.42 -32.20 -13.59
CA MET C 731 15.46 -31.69 -12.24
C MET C 731 14.36 -32.36 -11.41
N THR C 732 14.19 -31.91 -10.18
CA THR C 732 13.21 -32.49 -9.26
C THR C 732 11.85 -31.85 -9.51
N LYS C 733 10.85 -32.68 -9.78
CA LYS C 733 9.48 -32.18 -9.92
C LYS C 733 8.97 -31.69 -8.57
N THR C 734 8.25 -30.58 -8.60
CA THR C 734 7.73 -30.00 -7.37
C THR C 734 6.44 -29.25 -7.66
N SER C 735 5.64 -29.06 -6.62
CA SER C 735 4.40 -28.29 -6.71
C SER C 735 4.14 -27.64 -5.36
N VAL C 736 3.51 -26.47 -5.41
CA VAL C 736 3.20 -25.71 -4.20
C VAL C 736 1.74 -25.30 -4.26
N ASP C 737 1.16 -25.07 -3.09
CA ASP C 737 -0.24 -24.68 -2.97
C ASP C 737 -0.30 -23.19 -2.62
N CYS C 738 -1.08 -22.44 -3.40
CA CYS C 738 -1.15 -20.99 -3.21
C CYS C 738 -1.73 -20.64 -1.85
N THR C 739 -2.98 -21.04 -1.62
CA THR C 739 -3.68 -20.65 -0.39
C THR C 739 -3.01 -21.21 0.84
N MET C 740 -2.59 -22.48 0.80
CA MET C 740 -1.97 -23.10 1.97
C MET C 740 -0.68 -22.40 2.35
N TYR C 741 0.14 -22.06 1.36
CA TYR C 741 1.39 -21.35 1.64
C TYR C 741 1.12 -19.93 2.13
N ILE C 742 0.16 -19.25 1.51
CA ILE C 742 -0.06 -17.83 1.80
C ILE C 742 -0.94 -17.68 3.04
N CYS C 743 -2.06 -18.39 3.08
CA CYS C 743 -3.03 -18.29 4.18
C CYS C 743 -3.19 -19.67 4.80
N GLY C 744 -2.35 -19.99 5.77
CA GLY C 744 -2.41 -21.29 6.41
C GLY C 744 -3.52 -21.41 7.43
N ASP C 745 -4.58 -22.11 7.06
CA ASP C 745 -5.70 -22.40 7.96
C ASP C 745 -6.28 -21.12 8.57
N SER C 746 -6.70 -20.22 7.70
CA SER C 746 -7.29 -18.95 8.10
C SER C 746 -8.37 -18.58 7.10
N THR C 747 -9.63 -18.69 7.50
CA THR C 747 -10.73 -18.44 6.58
C THR C 747 -10.78 -16.97 6.15
N GLU C 748 -10.53 -16.05 7.08
CA GLU C 748 -10.51 -14.63 6.74
C GLU C 748 -9.39 -14.33 5.74
N CYS C 749 -8.23 -14.95 5.93
CA CYS C 749 -7.12 -14.74 5.01
C CYS C 749 -7.47 -15.20 3.60
N SER C 750 -8.12 -16.37 3.47
CA SER C 750 -8.53 -16.83 2.15
C SER C 750 -9.60 -15.94 1.56
N ASN C 751 -10.53 -15.45 2.40
CA ASN C 751 -11.56 -14.55 1.92
C ASN C 751 -10.96 -13.27 1.35
N LEU C 752 -9.95 -12.71 2.01
CA LEU C 752 -9.27 -11.56 1.46
C LEU C 752 -8.44 -11.90 0.23
N LEU C 753 -7.83 -13.10 0.22
CA LEU C 753 -6.96 -13.49 -0.90
C LEU C 753 -7.76 -13.64 -2.19
N LEU C 754 -8.97 -14.21 -2.10
CA LEU C 754 -9.72 -14.47 -3.32
C LEU C 754 -10.18 -13.19 -4.00
N GLN C 755 -10.06 -12.03 -3.35
CA GLN C 755 -10.39 -10.76 -3.99
C GLN C 755 -9.40 -10.39 -5.08
N TYR C 756 -8.22 -11.02 -5.10
CA TYR C 756 -7.18 -10.68 -6.06
C TYR C 756 -7.39 -11.35 -7.42
N GLY C 757 -8.43 -12.15 -7.57
CA GLY C 757 -8.75 -12.74 -8.85
C GLY C 757 -8.34 -14.20 -8.92
N SER C 758 -7.63 -14.56 -9.98
CA SER C 758 -7.25 -15.95 -10.21
C SER C 758 -5.74 -16.10 -10.21
N PHE C 759 -5.07 -15.50 -9.22
CA PHE C 759 -3.61 -15.51 -9.20
C PHE C 759 -3.05 -16.88 -8.82
N CYS C 760 -3.87 -17.77 -8.26
CA CYS C 760 -3.38 -19.09 -7.92
C CYS C 760 -3.26 -19.99 -9.15
N THR C 761 -4.16 -19.83 -10.12
CA THR C 761 -4.24 -20.78 -11.22
C THR C 761 -2.98 -20.77 -12.08
N GLN C 762 -2.44 -19.58 -12.37
CA GLN C 762 -1.29 -19.52 -13.26
C GLN C 762 -0.08 -20.23 -12.66
N LEU C 763 0.14 -20.08 -11.36
CA LEU C 763 1.29 -20.72 -10.72
C LEU C 763 1.19 -22.24 -10.79
N ASN C 764 0.00 -22.78 -10.47
CA ASN C 764 -0.19 -24.22 -10.55
C ASN C 764 -0.04 -24.71 -11.98
N ARG C 765 -0.57 -23.96 -12.95
CA ARG C 765 -0.43 -24.35 -14.34
C ARG C 765 1.03 -24.37 -14.77
N ALA C 766 1.79 -23.35 -14.39
CA ALA C 766 3.21 -23.30 -14.75
C ALA C 766 3.99 -24.45 -14.12
N LEU C 767 3.72 -24.74 -12.84
CA LEU C 767 4.43 -25.83 -12.19
C LEU C 767 4.04 -27.18 -12.79
N THR C 768 2.77 -27.35 -13.18
CA THR C 768 2.35 -28.57 -13.84
C THR C 768 3.06 -28.74 -15.18
N GLY C 769 3.17 -27.65 -15.95
CA GLY C 769 3.91 -27.73 -17.20
C GLY C 769 5.37 -28.07 -16.99
N ILE C 770 5.98 -27.50 -15.94
CA ILE C 770 7.37 -27.81 -15.64
C ILE C 770 7.54 -29.29 -15.33
N ALA C 771 6.65 -29.84 -14.49
CA ALA C 771 6.75 -31.25 -14.15
C ALA C 771 6.55 -32.15 -15.36
N VAL C 772 5.58 -31.81 -16.22
CA VAL C 772 5.32 -32.61 -17.41
C VAL C 772 6.54 -32.62 -18.32
N GLU C 773 7.14 -31.45 -18.54
CA GLU C 773 8.32 -31.42 -19.38
C GLU C 773 9.51 -32.11 -18.72
N GLN C 774 9.55 -32.12 -17.39
CA GLN C 774 10.60 -32.87 -16.70
C GLN C 774 10.48 -34.36 -16.99
N ASP C 775 9.25 -34.88 -16.97
CA ASP C 775 9.06 -36.28 -17.34
C ASP C 775 9.42 -36.52 -18.81
N LYS C 776 9.00 -35.61 -19.70
CA LYS C 776 9.25 -35.78 -21.12
C LYS C 776 10.75 -35.78 -21.43
N ASN C 777 11.54 -35.02 -20.67
CA ASN C 777 12.98 -34.99 -20.92
C ASN C 777 13.59 -36.38 -20.79
N THR C 778 13.34 -37.05 -19.67
CA THR C 778 13.86 -38.39 -19.48
C THR C 778 13.26 -39.35 -20.51
N GLN C 779 11.97 -39.22 -20.77
CA GLN C 779 11.32 -40.13 -21.72
C GLN C 779 11.99 -40.05 -23.09
N GLU C 780 12.35 -38.85 -23.54
CA GLU C 780 12.95 -38.72 -24.86
C GLU C 780 14.45 -39.02 -24.84
N VAL C 781 15.13 -38.80 -23.72
CA VAL C 781 16.56 -39.08 -23.66
C VAL C 781 16.82 -40.58 -23.67
N PHE C 782 16.09 -41.33 -22.86
CA PHE C 782 16.42 -42.74 -22.66
C PHE C 782 15.62 -43.69 -23.55
N ALA C 783 14.31 -43.50 -23.66
CA ALA C 783 13.45 -44.44 -24.38
C ALA C 783 13.63 -44.25 -25.88
N GLN C 784 14.73 -44.81 -26.39
CA GLN C 784 15.01 -44.79 -27.83
C GLN C 784 15.18 -46.19 -28.41
N VAL C 785 14.81 -47.23 -27.67
CA VAL C 785 14.94 -48.61 -28.13
C VAL C 785 13.55 -49.22 -28.22
N LYS C 786 13.25 -49.84 -29.36
CA LYS C 786 11.95 -50.48 -29.53
C LYS C 786 11.79 -51.67 -28.60
N GLN C 787 12.85 -52.46 -28.43
CA GLN C 787 12.81 -53.68 -27.63
C GLN C 787 13.84 -53.58 -26.51
N ILE C 788 14.01 -54.67 -25.78
CA ILE C 788 14.96 -54.77 -24.69
C ILE C 788 15.92 -55.91 -25.01
N TYR C 789 17.13 -55.57 -25.45
CA TYR C 789 18.08 -56.58 -25.85
C TYR C 789 18.80 -57.15 -24.62
N LYS C 790 19.39 -58.34 -24.82
CA LYS C 790 20.11 -59.02 -23.75
C LYS C 790 21.40 -59.59 -24.30
N THR C 791 22.47 -59.40 -23.54
CA THR C 791 23.77 -59.93 -23.94
C THR C 791 23.78 -61.45 -23.81
N PRO C 792 24.54 -62.15 -24.65
CA PRO C 792 24.60 -63.60 -24.54
C PRO C 792 25.23 -64.01 -23.24
N PRO C 793 24.88 -65.20 -22.72
CA PRO C 793 25.44 -65.64 -21.43
C PRO C 793 26.95 -65.77 -21.43
N ILE C 794 27.55 -66.15 -22.54
CA ILE C 794 28.99 -66.32 -22.65
C ILE C 794 29.60 -65.07 -23.26
N LYS C 795 30.65 -64.55 -22.62
CA LYS C 795 31.27 -63.29 -23.01
C LYS C 795 32.63 -63.58 -23.63
N ASP C 796 32.67 -63.65 -24.97
CA ASP C 796 33.91 -63.78 -25.74
C ASP C 796 33.88 -62.71 -26.83
N PHE C 797 34.31 -61.50 -26.48
CA PHE C 797 34.23 -60.35 -27.37
C PHE C 797 35.57 -60.03 -28.01
N GLY C 798 36.35 -61.04 -28.37
CA GLY C 798 37.63 -60.83 -29.00
C GLY C 798 38.73 -60.37 -28.07
N GLY C 799 38.54 -60.48 -26.76
CA GLY C 799 39.51 -60.05 -25.78
C GLY C 799 39.10 -58.83 -24.99
N PHE C 800 38.08 -58.10 -25.45
CA PHE C 800 37.60 -56.95 -24.71
C PHE C 800 36.87 -57.40 -23.44
N ASN C 801 36.79 -56.48 -22.48
CA ASN C 801 36.23 -56.79 -21.17
C ASN C 801 35.22 -55.70 -20.81
N PHE C 802 33.94 -56.03 -20.89
CA PHE C 802 32.86 -55.10 -20.56
C PHE C 802 32.24 -55.38 -19.21
N SER C 803 32.86 -56.20 -18.38
CA SER C 803 32.24 -56.60 -17.12
C SER C 803 32.06 -55.42 -16.17
N GLN C 804 32.89 -54.38 -16.31
CA GLN C 804 32.77 -53.23 -15.44
C GLN C 804 31.47 -52.47 -15.68
N ILE C 805 31.03 -52.39 -16.94
CA ILE C 805 29.85 -51.61 -17.29
C ILE C 805 28.60 -52.45 -17.50
N LEU C 806 28.73 -53.77 -17.55
CA LEU C 806 27.52 -54.56 -17.76
C LEU C 806 26.85 -54.87 -16.43
N PRO C 807 25.52 -55.01 -16.43
CA PRO C 807 24.81 -55.29 -15.17
C PRO C 807 25.14 -56.67 -14.63
N ASP C 808 24.99 -56.81 -13.30
CA ASP C 808 25.21 -58.07 -12.63
C ASP C 808 24.02 -58.38 -11.72
N PRO C 809 23.66 -59.66 -11.58
CA PRO C 809 22.51 -60.01 -10.73
C PRO C 809 22.81 -59.95 -9.25
N SER C 810 24.08 -59.86 -8.84
CA SER C 810 24.41 -59.90 -7.42
C SER C 810 23.82 -58.72 -6.68
N LYS C 811 23.94 -57.53 -7.24
CA LYS C 811 23.34 -56.35 -6.63
C LYS C 811 21.81 -56.46 -6.71
N PRO C 812 21.09 -56.09 -5.64
CA PRO C 812 19.63 -56.14 -5.70
C PRO C 812 19.03 -55.29 -6.81
N SER C 813 19.66 -54.16 -7.14
CA SER C 813 19.24 -53.33 -8.26
C SER C 813 20.08 -53.68 -9.48
N LYS C 814 19.42 -53.94 -10.60
CA LYS C 814 20.11 -54.41 -11.79
C LYS C 814 20.91 -53.29 -12.45
N ARG C 815 21.97 -52.83 -11.79
CA ARG C 815 22.84 -51.80 -12.32
C ARG C 815 24.29 -52.19 -12.11
N SER C 816 25.15 -51.65 -12.96
CA SER C 816 26.53 -52.11 -13.04
C SER C 816 27.40 -51.42 -12.00
N PHE C 817 28.72 -51.62 -12.10
CA PHE C 817 29.64 -51.12 -11.09
C PHE C 817 29.77 -49.60 -11.16
N ILE C 818 29.94 -49.06 -12.36
CA ILE C 818 30.11 -47.61 -12.50
C ILE C 818 28.83 -46.89 -12.10
N GLU C 819 27.66 -47.47 -12.41
CA GLU C 819 26.41 -46.86 -11.96
C GLU C 819 26.32 -46.83 -10.44
N ASP C 820 26.79 -47.90 -9.78
CA ASP C 820 26.80 -47.91 -8.32
C ASP C 820 27.75 -46.85 -7.78
N LEU C 821 28.92 -46.69 -8.39
CA LEU C 821 29.86 -45.66 -7.96
C LEU C 821 29.24 -44.27 -8.11
N LEU C 822 28.58 -44.03 -9.24
CA LEU C 822 27.94 -42.73 -9.46
C LEU C 822 26.82 -42.48 -8.45
N PHE C 823 26.02 -43.50 -8.16
CA PHE C 823 24.93 -43.34 -7.19
C PHE C 823 25.48 -43.04 -5.81
N ASN C 824 26.53 -43.75 -5.39
CA ASN C 824 27.09 -43.51 -4.06
C ASN C 824 27.83 -42.19 -4.00
N LYS C 825 28.35 -41.71 -5.12
CA LYS C 825 29.10 -40.46 -5.13
C LYS C 825 28.20 -39.27 -4.78
N VAL C 826 27.00 -39.23 -5.32
CA VAL C 826 26.10 -38.10 -5.13
C VAL C 826 25.41 -38.24 -3.78
N THR C 827 25.54 -37.20 -2.95
CA THR C 827 24.87 -37.12 -1.67
C THR C 827 24.06 -35.83 -1.60
N LEU C 828 22.84 -35.92 -1.07
CA LEU C 828 21.96 -34.77 -0.98
C LEU C 828 22.51 -33.70 -0.05
N LYS C 854 8.23 -31.01 3.30
CA LYS C 854 6.81 -30.92 3.01
C LYS C 854 6.03 -30.52 4.26
N PHE C 855 5.99 -29.21 4.53
CA PHE C 855 5.31 -28.69 5.70
C PHE C 855 4.35 -27.54 5.38
N ASN C 856 4.70 -26.65 4.47
CA ASN C 856 3.96 -25.41 4.25
C ASN C 856 3.30 -25.41 2.88
N GLY C 857 2.69 -26.53 2.51
CA GLY C 857 1.98 -26.62 1.25
C GLY C 857 2.84 -26.94 0.06
N LEU C 858 4.06 -27.41 0.27
CA LEU C 858 4.95 -27.79 -0.82
C LEU C 858 5.08 -29.31 -0.86
N THR C 859 4.98 -29.87 -2.06
CA THR C 859 5.07 -31.31 -2.27
C THR C 859 6.02 -31.59 -3.42
N VAL C 860 6.60 -32.79 -3.41
CA VAL C 860 7.47 -33.26 -4.46
C VAL C 860 6.88 -34.53 -5.05
N LEU C 861 6.76 -34.57 -6.37
CA LEU C 861 6.16 -35.76 -6.94
C LEU C 861 7.23 -36.72 -7.42
N PRO C 862 7.01 -38.03 -7.26
CA PRO C 862 8.01 -38.99 -7.71
C PRO C 862 8.09 -39.01 -9.23
N PRO C 863 9.25 -39.32 -9.79
CA PRO C 863 9.36 -39.41 -11.25
C PRO C 863 8.56 -40.57 -11.79
N LEU C 864 8.12 -40.43 -13.04
CA LEU C 864 7.34 -41.50 -13.67
C LEU C 864 8.17 -42.77 -13.86
N LEU C 865 9.44 -42.60 -14.20
CA LEU C 865 10.33 -43.74 -14.44
C LEU C 865 11.24 -43.92 -13.22
N THR C 866 11.17 -45.10 -12.61
CA THR C 866 12.06 -45.40 -11.49
C THR C 866 13.47 -45.66 -11.99
N ASP C 867 14.41 -45.71 -11.04
CA ASP C 867 15.80 -45.93 -11.40
C ASP C 867 16.03 -47.30 -12.02
N GLU C 868 15.22 -48.30 -11.63
CA GLU C 868 15.35 -49.61 -12.23
C GLU C 868 15.04 -49.57 -13.72
N MET C 869 14.01 -48.82 -14.12
CA MET C 869 13.68 -48.71 -15.54
C MET C 869 14.78 -48.00 -16.31
N ILE C 870 15.38 -46.96 -15.74
CA ILE C 870 16.49 -46.29 -16.40
C ILE C 870 17.67 -47.23 -16.57
N ALA C 871 17.97 -48.00 -15.52
CA ALA C 871 19.06 -48.97 -15.62
C ALA C 871 18.76 -50.01 -16.70
N GLN C 872 17.52 -50.47 -16.80
CA GLN C 872 17.16 -51.42 -17.84
C GLN C 872 17.32 -50.81 -19.23
N TYR C 873 16.92 -49.54 -19.39
CA TYR C 873 17.07 -48.88 -20.69
C TYR C 873 18.54 -48.79 -21.09
N THR C 874 19.39 -48.34 -20.16
CA THR C 874 20.81 -48.23 -20.49
C THR C 874 21.43 -49.59 -20.75
N SER C 875 21.00 -50.61 -20.01
CA SER C 875 21.51 -51.96 -20.26
C SER C 875 21.10 -52.46 -21.64
N ALA C 876 19.86 -52.19 -22.05
CA ALA C 876 19.42 -52.59 -23.38
C ALA C 876 20.22 -51.87 -24.45
N LEU C 877 20.44 -50.57 -24.29
CA LEU C 877 21.24 -49.82 -25.26
C LEU C 877 22.65 -50.36 -25.35
N LEU C 878 23.27 -50.65 -24.19
CA LEU C 878 24.63 -51.16 -24.18
C LEU C 878 24.72 -52.54 -24.84
N ALA C 879 23.76 -53.42 -24.54
CA ALA C 879 23.78 -54.75 -25.16
C ALA C 879 23.59 -54.66 -26.66
N GLY C 880 22.68 -53.80 -27.11
CA GLY C 880 22.49 -53.63 -28.55
C GLY C 880 23.73 -53.10 -29.23
N THR C 881 24.38 -52.11 -28.62
CA THR C 881 25.61 -51.56 -29.19
C THR C 881 26.70 -52.62 -29.26
N ILE C 882 26.84 -53.43 -28.21
CA ILE C 882 27.89 -54.43 -28.17
C ILE C 882 27.65 -55.50 -29.24
N THR C 883 26.43 -56.02 -29.30
CA THR C 883 26.18 -57.21 -30.10
C THR C 883 25.69 -56.93 -31.52
N SER C 884 25.41 -55.68 -31.88
CA SER C 884 24.89 -55.41 -33.21
C SER C 884 25.44 -54.15 -33.88
N GLY C 885 26.40 -53.47 -33.27
CA GLY C 885 26.93 -52.26 -33.88
C GLY C 885 25.88 -51.17 -33.95
N TRP C 886 25.88 -50.43 -35.05
CA TRP C 886 24.89 -49.38 -35.27
C TRP C 886 23.67 -49.85 -36.05
N THR C 887 23.62 -51.12 -36.45
CA THR C 887 22.51 -51.61 -37.26
C THR C 887 21.20 -51.65 -36.48
N PHE C 888 21.25 -51.62 -35.15
CA PHE C 888 20.02 -51.67 -34.37
C PHE C 888 19.34 -50.33 -34.23
N GLY C 889 19.95 -49.26 -34.72
CA GLY C 889 19.33 -47.95 -34.69
C GLY C 889 18.48 -47.68 -35.92
N ALA C 890 18.82 -48.34 -37.03
CA ALA C 890 18.05 -48.17 -38.27
C ALA C 890 16.83 -49.08 -38.30
N GLY C 891 17.05 -50.39 -38.25
CA GLY C 891 15.96 -51.33 -38.27
C GLY C 891 16.07 -52.38 -37.18
N ALA C 892 16.02 -53.66 -37.56
CA ALA C 892 16.16 -54.74 -36.61
C ALA C 892 17.64 -55.03 -36.38
N ALA C 893 17.97 -55.39 -35.15
CA ALA C 893 19.36 -55.64 -34.80
C ALA C 893 19.90 -56.85 -35.57
N LEU C 894 21.09 -56.70 -36.12
CA LEU C 894 21.77 -57.77 -36.85
C LEU C 894 23.10 -58.05 -36.16
N GLN C 895 23.31 -59.30 -35.76
CA GLN C 895 24.51 -59.65 -35.02
C GLN C 895 25.74 -59.61 -35.92
N ILE C 896 26.89 -59.39 -35.31
CA ILE C 896 28.17 -59.30 -36.02
C ILE C 896 29.29 -59.41 -34.99
N PRO C 897 30.35 -60.17 -35.27
CA PRO C 897 31.43 -60.31 -34.28
C PRO C 897 32.06 -58.96 -33.95
N PHE C 898 32.46 -58.81 -32.69
CA PHE C 898 33.01 -57.53 -32.24
C PHE C 898 34.31 -57.20 -32.93
N ALA C 899 35.16 -58.21 -33.16
CA ALA C 899 36.43 -57.96 -33.83
C ALA C 899 36.25 -57.47 -35.25
N MET C 900 35.07 -57.66 -35.84
CA MET C 900 34.77 -57.11 -37.15
C MET C 900 34.04 -55.77 -37.08
N GLN C 901 33.23 -55.56 -36.04
CA GLN C 901 32.65 -54.23 -35.84
C GLN C 901 33.74 -53.19 -35.61
N MET C 902 34.75 -53.55 -34.82
CA MET C 902 35.88 -52.63 -34.64
C MET C 902 36.61 -52.36 -35.94
N ALA C 903 36.75 -53.36 -36.81
CA ALA C 903 37.36 -53.14 -38.11
C ALA C 903 36.52 -52.19 -38.95
N TYR C 904 35.19 -52.32 -38.86
CA TYR C 904 34.32 -51.40 -39.57
C TYR C 904 34.52 -49.97 -39.09
N ARG C 905 34.62 -49.78 -37.76
CA ARG C 905 34.85 -48.43 -37.24
C ARG C 905 36.19 -47.88 -37.68
N PHE C 906 37.25 -48.71 -37.61
CA PHE C 906 38.57 -48.27 -38.05
C PHE C 906 38.55 -47.86 -39.51
N ASN C 907 37.91 -48.64 -40.37
CA ASN C 907 37.75 -48.24 -41.76
C ASN C 907 36.94 -46.97 -41.87
N GLY C 908 36.02 -46.74 -40.93
CA GLY C 908 35.27 -45.50 -40.92
C GLY C 908 36.11 -44.28 -40.65
N ILE C 909 37.13 -44.40 -39.79
CA ILE C 909 37.96 -43.24 -39.47
C ILE C 909 39.16 -43.16 -40.39
N GLY C 910 39.12 -43.89 -41.50
CA GLY C 910 40.16 -43.77 -42.51
C GLY C 910 41.42 -44.55 -42.24
N VAL C 911 41.33 -45.64 -41.48
CA VAL C 911 42.47 -46.52 -41.21
C VAL C 911 42.09 -47.92 -41.66
N THR C 912 42.96 -48.55 -42.44
CA THR C 912 42.65 -49.86 -43.00
C THR C 912 42.47 -50.89 -41.89
N GLN C 913 41.70 -51.93 -42.20
CA GLN C 913 41.30 -52.91 -41.19
C GLN C 913 42.45 -53.83 -40.78
N ASN C 914 43.44 -54.03 -41.64
CA ASN C 914 44.58 -54.86 -41.26
C ASN C 914 45.31 -54.28 -40.05
N VAL C 915 45.23 -52.96 -39.86
CA VAL C 915 45.84 -52.34 -38.69
C VAL C 915 45.23 -52.90 -37.41
N LEU C 916 43.90 -53.02 -37.37
CA LEU C 916 43.25 -53.62 -36.21
C LEU C 916 43.51 -55.12 -36.14
N TYR C 917 43.33 -55.82 -37.27
CA TYR C 917 43.40 -57.28 -37.23
C TYR C 917 44.78 -57.77 -36.84
N GLU C 918 45.83 -57.01 -37.14
CA GLU C 918 47.18 -57.40 -36.76
C GLU C 918 47.63 -56.77 -35.45
N ASN C 919 46.76 -56.01 -34.78
CA ASN C 919 47.08 -55.40 -33.51
C ASN C 919 45.90 -55.54 -32.54
N GLN C 920 45.26 -56.70 -32.54
CA GLN C 920 44.04 -56.87 -31.76
C GLN C 920 44.33 -56.93 -30.27
N LYS C 921 45.34 -57.70 -29.86
CA LYS C 921 45.62 -57.88 -28.44
C LYS C 921 46.03 -56.57 -27.79
N LEU C 922 46.87 -55.78 -28.47
CA LEU C 922 47.30 -54.51 -27.90
C LEU C 922 46.12 -53.57 -27.69
N ILE C 923 45.21 -53.50 -28.66
CA ILE C 923 44.04 -52.64 -28.53
C ILE C 923 43.14 -53.11 -27.40
N ALA C 924 42.95 -54.43 -27.29
CA ALA C 924 42.13 -54.96 -26.19
C ALA C 924 42.73 -54.60 -24.84
N ASN C 925 44.04 -54.76 -24.69
CA ASN C 925 44.70 -54.41 -23.43
C ASN C 925 44.58 -52.94 -23.14
N GLN C 926 44.74 -52.08 -24.16
CA GLN C 926 44.61 -50.64 -23.95
C GLN C 926 43.20 -50.28 -23.50
N PHE C 927 42.19 -50.88 -24.12
CA PHE C 927 40.81 -50.58 -23.73
C PHE C 927 40.53 -51.02 -22.30
N ASN C 928 41.00 -52.22 -21.93
CA ASN C 928 40.79 -52.69 -20.56
C ASN C 928 41.49 -51.78 -19.55
N SER C 929 42.73 -51.36 -19.86
CA SER C 929 43.43 -50.46 -18.96
C SER C 929 42.72 -49.12 -18.84
N ALA C 930 42.19 -48.60 -19.94
CA ALA C 930 41.45 -47.34 -19.88
C ALA C 930 40.21 -47.46 -19.01
N ILE C 931 39.48 -48.58 -19.15
CA ILE C 931 38.29 -48.77 -18.31
C ILE C 931 38.68 -48.85 -16.84
N GLY C 932 39.74 -49.59 -16.52
CA GLY C 932 40.19 -49.64 -15.13
C GLY C 932 40.59 -48.27 -14.61
N LYS C 933 41.27 -47.48 -15.45
CA LYS C 933 41.71 -46.16 -15.04
C LYS C 933 40.53 -45.25 -14.75
N ILE C 934 39.50 -45.26 -15.60
CA ILE C 934 38.37 -44.37 -15.34
C ILE C 934 37.61 -44.85 -14.11
N GLN C 935 37.52 -46.17 -13.90
CA GLN C 935 36.88 -46.66 -12.69
C GLN C 935 37.61 -46.17 -11.44
N ASP C 936 38.95 -46.25 -11.45
CA ASP C 936 39.72 -45.76 -10.31
C ASP C 936 39.54 -44.26 -10.13
N SER C 937 39.53 -43.50 -11.23
CA SER C 937 39.36 -42.06 -11.13
C SER C 937 38.02 -41.70 -10.51
N LEU C 938 36.95 -42.39 -10.91
CA LEU C 938 35.65 -42.16 -10.30
C LEU C 938 35.65 -42.55 -8.83
N SER C 939 36.32 -43.67 -8.51
CA SER C 939 36.33 -44.14 -7.13
C SER C 939 37.08 -43.21 -6.19
N SER C 940 38.14 -42.54 -6.67
CA SER C 940 38.99 -41.71 -5.81
C SER C 940 38.46 -40.28 -5.71
N THR C 941 38.44 -39.56 -6.83
CA THR C 941 38.05 -38.16 -6.82
C THR C 941 36.53 -38.03 -6.78
N ALA C 942 36.05 -37.09 -5.96
CA ALA C 942 34.61 -36.87 -5.79
C ALA C 942 34.12 -35.57 -6.38
N SER C 943 35.00 -34.78 -7.00
CA SER C 943 34.63 -33.47 -7.54
C SER C 943 34.27 -33.53 -9.02
N ALA C 944 34.19 -34.72 -9.61
CA ALA C 944 33.88 -34.84 -11.03
C ALA C 944 32.40 -34.65 -11.33
N LEU C 945 31.53 -34.75 -10.34
CA LEU C 945 30.08 -34.67 -10.53
C LEU C 945 29.52 -33.31 -10.15
N GLY C 946 30.27 -32.23 -10.41
CA GLY C 946 29.80 -30.91 -10.04
C GLY C 946 28.56 -30.49 -10.83
N LYS C 947 28.49 -30.88 -12.11
CA LYS C 947 27.37 -30.49 -12.94
C LYS C 947 26.05 -31.01 -12.39
N LEU C 948 26.03 -32.26 -11.92
CA LEU C 948 24.82 -32.84 -11.37
C LEU C 948 24.51 -32.29 -9.98
N GLN C 949 25.53 -31.94 -9.20
CA GLN C 949 25.30 -31.44 -7.86
C GLN C 949 24.80 -30.00 -7.86
N ASP C 950 25.18 -29.22 -8.87
CA ASP C 950 24.79 -27.81 -8.91
C ASP C 950 23.28 -27.66 -8.99
N VAL C 951 22.62 -28.50 -9.80
CA VAL C 951 21.17 -28.40 -9.95
C VAL C 951 20.48 -28.68 -8.61
N VAL C 952 20.91 -29.74 -7.92
CA VAL C 952 20.30 -30.09 -6.64
C VAL C 952 20.52 -28.98 -5.63
N ASN C 953 21.74 -28.44 -5.56
CA ASN C 953 22.02 -27.37 -4.61
C ASN C 953 21.18 -26.13 -4.91
N GLN C 954 21.06 -25.78 -6.19
CA GLN C 954 20.27 -24.59 -6.55
C GLN C 954 18.81 -24.77 -6.18
N ASN C 955 18.24 -25.94 -6.48
CA ASN C 955 16.84 -26.17 -6.14
C ASN C 955 16.63 -26.16 -4.63
N ALA C 956 17.55 -26.78 -3.88
CA ALA C 956 17.43 -26.78 -2.42
C ALA C 956 17.49 -25.37 -1.87
N GLN C 957 18.42 -24.55 -2.37
CA GLN C 957 18.52 -23.17 -1.91
C GLN C 957 17.27 -22.38 -2.24
N ALA C 958 16.71 -22.58 -3.45
CA ALA C 958 15.49 -21.87 -3.82
C ALA C 958 14.34 -22.23 -2.89
N LEU C 959 14.14 -23.52 -2.65
CA LEU C 959 13.05 -23.95 -1.75
C LEU C 959 13.28 -23.43 -0.34
N ASN C 960 14.51 -23.48 0.15
CA ASN C 960 14.80 -23.01 1.50
C ASN C 960 14.52 -21.52 1.63
N THR C 961 14.93 -20.74 0.62
CA THR C 961 14.65 -19.31 0.66
C THR C 961 13.16 -19.03 0.62
N LEU C 962 12.42 -19.77 -0.22
CA LEU C 962 10.98 -19.56 -0.30
C LEU C 962 10.32 -19.86 1.04
N VAL C 963 10.75 -20.93 1.70
CA VAL C 963 10.19 -21.27 3.01
C VAL C 963 10.55 -20.20 4.04
N LYS C 964 11.81 -19.79 4.07
CA LYS C 964 12.27 -18.81 5.05
C LYS C 964 11.64 -17.44 4.84
N GLN C 965 11.15 -17.15 3.64
CA GLN C 965 10.50 -15.86 3.39
C GLN C 965 9.22 -15.67 4.18
N LEU C 966 8.66 -16.74 4.76
CA LEU C 966 7.42 -16.62 5.51
C LEU C 966 7.59 -15.72 6.73
N SER C 967 8.69 -15.89 7.47
CA SER C 967 8.91 -15.16 8.71
C SER C 967 9.50 -13.78 8.41
N SER C 968 8.64 -12.91 7.88
CA SER C 968 9.01 -11.53 7.60
C SER C 968 7.81 -10.63 7.82
N ASN C 969 8.02 -9.52 8.53
CA ASN C 969 6.92 -8.62 8.87
C ASN C 969 6.32 -7.96 7.64
N PHE C 970 7.15 -7.64 6.64
CA PHE C 970 6.73 -6.96 5.43
C PHE C 970 6.09 -5.61 5.71
N GLY C 971 6.31 -5.05 6.89
CA GLY C 971 5.68 -3.82 7.31
C GLY C 971 4.53 -3.99 8.27
N ALA C 972 4.08 -5.22 8.52
CA ALA C 972 3.01 -5.47 9.46
C ALA C 972 3.56 -5.54 10.88
N ILE C 973 2.64 -5.65 11.85
CA ILE C 973 3.05 -5.72 13.25
C ILE C 973 3.78 -7.03 13.54
N SER C 974 3.22 -8.14 13.07
CA SER C 974 3.77 -9.46 13.35
C SER C 974 3.80 -10.29 12.08
N SER C 975 4.66 -11.30 12.07
CA SER C 975 4.84 -12.18 10.92
C SER C 975 3.86 -13.34 10.90
N VAL C 976 3.04 -13.50 11.93
CA VAL C 976 2.04 -14.56 11.99
C VAL C 976 0.66 -13.92 12.06
N LEU C 977 -0.21 -14.28 11.12
CA LEU C 977 -1.53 -13.67 11.05
C LEU C 977 -2.46 -14.18 12.13
N ASN C 978 -2.21 -15.39 12.66
CA ASN C 978 -3.03 -15.88 13.77
C ASN C 978 -2.90 -15.01 15.00
N ASP C 979 -1.68 -14.56 15.30
CA ASP C 979 -1.48 -13.65 16.42
C ASP C 979 -2.17 -12.31 16.17
N ILE C 980 -2.09 -11.81 14.93
CA ILE C 980 -2.73 -10.53 14.61
C ILE C 980 -4.24 -10.62 14.77
N LEU C 981 -4.84 -11.71 14.28
CA LEU C 981 -6.28 -11.86 14.38
C LEU C 981 -6.73 -12.00 15.83
N SER C 982 -5.89 -12.57 16.69
CA SER C 982 -6.22 -12.80 18.08
C SER C 982 -5.92 -11.60 18.97
N ARG C 983 -5.43 -10.49 18.40
CA ARG C 983 -5.12 -9.30 19.17
C ARG C 983 -5.74 -8.02 18.63
N LEU C 984 -5.94 -7.89 17.32
CA LEU C 984 -6.45 -6.67 16.72
C LEU C 984 -7.85 -6.91 16.15
N ASP C 985 -8.67 -5.86 16.22
CA ASP C 985 -10.01 -5.89 15.65
C ASP C 985 -9.97 -5.80 14.12
N PRO C 986 -11.03 -6.22 13.44
CA PRO C 986 -10.96 -6.45 11.97
C PRO C 986 -10.53 -5.24 11.17
N PRO C 987 -11.03 -4.02 11.44
CA PRO C 987 -10.82 -2.94 10.45
C PRO C 987 -9.37 -2.67 10.04
N GLU C 988 -8.39 -2.81 10.94
CA GLU C 988 -7.00 -2.69 10.53
C GLU C 988 -6.25 -4.01 10.52
N ALA C 989 -6.76 -5.03 11.21
CA ALA C 989 -6.20 -6.37 11.05
C ALA C 989 -6.28 -6.81 9.60
N GLU C 990 -7.34 -6.43 8.90
CA GLU C 990 -7.44 -6.77 7.48
C GLU C 990 -6.39 -6.04 6.67
N VAL C 991 -6.05 -4.81 7.05
CA VAL C 991 -4.98 -4.07 6.35
C VAL C 991 -3.65 -4.80 6.53
N GLN C 992 -3.37 -5.22 7.77
CA GLN C 992 -2.13 -5.96 8.01
C GLN C 992 -2.10 -7.26 7.23
N ILE C 993 -3.23 -7.98 7.20
CA ILE C 993 -3.30 -9.22 6.44
C ILE C 993 -3.08 -8.95 4.97
N ASP C 994 -3.64 -7.86 4.45
CA ASP C 994 -3.46 -7.52 3.04
C ASP C 994 -2.00 -7.24 2.71
N ARG C 995 -1.31 -6.54 3.61
CA ARG C 995 0.13 -6.31 3.42
C ARG C 995 0.88 -7.63 3.35
N LEU C 996 0.57 -8.55 4.27
CA LEU C 996 1.22 -9.86 4.24
C LEU C 996 0.89 -10.61 2.95
N ILE C 997 -0.37 -10.50 2.49
CA ILE C 997 -0.77 -11.17 1.26
C ILE C 997 0.07 -10.67 0.10
N THR C 998 0.20 -9.35 -0.02
CA THR C 998 0.99 -8.78 -1.12
C THR C 998 2.43 -9.28 -1.07
N GLY C 999 3.04 -9.23 0.11
CA GLY C 999 4.43 -9.66 0.22
C GLY C 999 4.63 -11.12 -0.17
N ARG C 1000 3.80 -12.00 0.39
CA ARG C 1000 3.99 -13.43 0.12
C ARG C 1000 3.66 -13.76 -1.33
N LEU C 1001 2.63 -13.13 -1.89
CA LEU C 1001 2.29 -13.38 -3.29
C LEU C 1001 3.42 -12.97 -4.21
N GLN C 1002 4.04 -11.82 -3.97
CA GLN C 1002 5.12 -11.38 -4.84
C GLN C 1002 6.35 -12.28 -4.69
N SER C 1003 6.61 -12.74 -3.45
CA SER C 1003 7.72 -13.68 -3.27
C SER C 1003 7.49 -14.97 -4.04
N LEU C 1004 6.27 -15.50 -3.99
CA LEU C 1004 5.96 -16.71 -4.74
C LEU C 1004 6.08 -16.46 -6.24
N GLN C 1005 5.68 -15.27 -6.71
CA GLN C 1005 5.86 -14.90 -8.10
C GLN C 1005 7.32 -15.01 -8.51
N THR C 1006 8.21 -14.44 -7.68
CA THR C 1006 9.63 -14.48 -7.98
C THR C 1006 10.15 -15.91 -8.04
N TYR C 1007 9.76 -16.73 -7.07
CA TYR C 1007 10.23 -18.12 -7.06
C TYR C 1007 9.78 -18.86 -8.32
N VAL C 1008 8.53 -18.65 -8.73
CA VAL C 1008 8.02 -19.35 -9.91
C VAL C 1008 8.76 -18.91 -11.16
N THR C 1009 9.05 -17.62 -11.28
CA THR C 1009 9.81 -17.15 -12.45
C THR C 1009 11.20 -17.77 -12.49
N GLN C 1010 11.88 -17.82 -11.34
CA GLN C 1010 13.20 -18.44 -11.32
C GLN C 1010 13.12 -19.91 -11.72
N GLN C 1011 12.10 -20.61 -11.22
CA GLN C 1011 11.93 -22.02 -11.58
C GLN C 1011 11.72 -22.18 -13.08
N LEU C 1012 10.93 -21.29 -13.68
CA LEU C 1012 10.69 -21.37 -15.11
C LEU C 1012 11.98 -21.22 -15.90
N ILE C 1013 12.80 -20.23 -15.54
CA ILE C 1013 14.06 -20.03 -16.26
C ILE C 1013 14.97 -21.23 -16.10
N ARG C 1014 15.09 -21.75 -14.88
CA ARG C 1014 15.97 -22.90 -14.66
C ARG C 1014 15.49 -24.12 -15.42
N ALA C 1015 14.16 -24.33 -15.46
CA ALA C 1015 13.63 -25.46 -16.20
C ALA C 1015 13.91 -25.33 -17.69
N ALA C 1016 13.82 -24.11 -18.23
CA ALA C 1016 14.18 -23.90 -19.62
C ALA C 1016 15.63 -24.27 -19.88
N GLU C 1017 16.53 -23.87 -18.98
CA GLU C 1017 17.94 -24.20 -19.16
C GLU C 1017 18.14 -25.73 -19.12
N ILE C 1018 17.45 -26.40 -18.20
CA ILE C 1018 17.59 -27.85 -18.06
C ILE C 1018 17.08 -28.56 -19.31
N ARG C 1019 15.96 -28.08 -19.87
CA ARG C 1019 15.47 -28.67 -21.11
C ARG C 1019 16.46 -28.45 -22.26
N ALA C 1020 17.08 -27.26 -22.30
CA ALA C 1020 18.09 -27.01 -23.33
C ALA C 1020 19.25 -27.99 -23.21
N SER C 1021 19.63 -28.34 -21.98
CA SER C 1021 20.70 -29.33 -21.80
C SER C 1021 20.22 -30.74 -22.15
N ALA C 1022 18.97 -31.07 -21.83
CA ALA C 1022 18.45 -32.39 -22.11
C ALA C 1022 18.34 -32.66 -23.59
N ASN C 1023 18.02 -31.64 -24.39
CA ASN C 1023 17.99 -31.83 -25.83
C ASN C 1023 19.37 -32.19 -26.38
N LEU C 1024 20.41 -31.52 -25.89
CA LEU C 1024 21.77 -31.87 -26.30
C LEU C 1024 22.13 -33.28 -25.86
N ALA C 1025 21.71 -33.67 -24.66
CA ALA C 1025 21.97 -35.03 -24.20
C ALA C 1025 21.30 -36.05 -25.11
N ALA C 1026 20.06 -35.79 -25.52
CA ALA C 1026 19.37 -36.69 -26.43
C ALA C 1026 20.07 -36.77 -27.77
N THR C 1027 20.53 -35.63 -28.29
CA THR C 1027 21.24 -35.64 -29.57
C THR C 1027 22.53 -36.44 -29.47
N LYS C 1028 23.28 -36.27 -28.38
CA LYS C 1028 24.49 -37.05 -28.19
C LYS C 1028 24.19 -38.54 -28.10
N MET C 1029 23.14 -38.91 -27.38
CA MET C 1029 22.78 -40.32 -27.28
C MET C 1029 22.40 -40.89 -28.63
N SER C 1030 21.70 -40.10 -29.45
CA SER C 1030 21.29 -40.58 -30.77
C SER C 1030 22.48 -40.73 -31.70
N GLU C 1031 23.46 -39.83 -31.61
CA GLU C 1031 24.54 -39.81 -32.61
C GLU C 1031 25.76 -40.62 -32.18
N CYS C 1032 26.34 -40.29 -31.03
CA CYS C 1032 27.59 -40.94 -30.62
C CYS C 1032 27.37 -42.41 -30.25
N VAL C 1033 26.23 -42.75 -29.67
CA VAL C 1033 25.99 -44.11 -29.20
C VAL C 1033 25.44 -44.98 -30.32
N LEU C 1034 24.30 -44.60 -30.89
CA LEU C 1034 23.63 -45.41 -31.91
C LEU C 1034 24.38 -45.42 -33.23
N GLY C 1035 25.40 -44.59 -33.39
CA GLY C 1035 26.17 -44.57 -34.62
C GLY C 1035 27.57 -44.04 -34.41
N GLN C 1036 28.28 -43.77 -35.50
CA GLN C 1036 29.62 -43.20 -35.44
C GLN C 1036 29.57 -41.79 -36.02
N SER C 1037 30.16 -40.84 -35.30
CA SER C 1037 30.05 -39.42 -35.64
C SER C 1037 31.36 -38.92 -36.23
N LYS C 1038 31.25 -38.18 -37.34
CA LYS C 1038 32.39 -37.51 -37.94
C LYS C 1038 32.51 -36.05 -37.50
N ARG C 1039 31.59 -35.56 -36.68
CA ARG C 1039 31.67 -34.19 -36.20
C ARG C 1039 32.86 -34.05 -35.25
N VAL C 1040 33.78 -33.15 -35.58
CA VAL C 1040 35.01 -33.02 -34.83
C VAL C 1040 34.72 -32.48 -33.44
N ASP C 1041 35.32 -33.10 -32.42
CA ASP C 1041 35.23 -32.64 -31.04
C ASP C 1041 33.78 -32.58 -30.56
N PHE C 1042 32.97 -33.56 -30.98
CA PHE C 1042 31.61 -33.69 -30.50
C PHE C 1042 31.43 -34.85 -29.54
N CYS C 1043 32.04 -36.00 -29.84
CA CYS C 1043 31.95 -37.15 -28.93
C CYS C 1043 33.33 -37.47 -28.37
N GLY C 1044 34.04 -36.46 -27.91
CA GLY C 1044 35.33 -36.64 -27.28
C GLY C 1044 36.47 -36.19 -28.17
N LYS C 1045 37.56 -35.79 -27.55
CA LYS C 1045 38.74 -35.37 -28.29
C LYS C 1045 39.36 -36.54 -29.04
N GLY C 1046 39.75 -36.30 -30.28
CA GLY C 1046 40.28 -37.35 -31.14
C GLY C 1046 39.22 -37.91 -32.05
N TYR C 1047 39.63 -38.90 -32.83
CA TYR C 1047 38.73 -39.57 -33.76
C TYR C 1047 37.83 -40.52 -33.00
N HIS C 1048 36.52 -40.42 -33.24
CA HIS C 1048 35.54 -41.16 -32.46
C HIS C 1048 35.41 -42.59 -32.96
N LEU C 1049 35.27 -43.53 -32.02
CA LEU C 1049 35.03 -44.93 -32.33
C LEU C 1049 33.68 -45.41 -31.86
N MET C 1050 33.35 -45.24 -30.58
CA MET C 1050 32.05 -45.62 -30.06
C MET C 1050 31.84 -44.95 -28.72
N SER C 1051 30.68 -45.20 -28.12
CA SER C 1051 30.37 -44.64 -26.82
C SER C 1051 29.47 -45.62 -26.07
N PHE C 1052 29.47 -45.50 -24.74
CA PHE C 1052 28.65 -46.34 -23.88
C PHE C 1052 27.92 -45.45 -22.89
N PRO C 1053 26.59 -45.50 -22.83
CA PRO C 1053 25.87 -44.66 -21.88
C PRO C 1053 25.84 -45.29 -20.50
N GLN C 1054 25.81 -44.42 -19.49
CA GLN C 1054 25.65 -44.84 -18.10
C GLN C 1054 24.70 -43.89 -17.41
N SER C 1055 23.80 -44.44 -16.60
CA SER C 1055 22.84 -43.60 -15.91
C SER C 1055 23.46 -42.97 -14.68
N ALA C 1056 22.80 -41.93 -14.18
CA ALA C 1056 23.25 -41.19 -13.01
C ALA C 1056 22.04 -40.49 -12.41
N PRO C 1057 22.10 -40.11 -11.13
CA PRO C 1057 20.94 -39.42 -10.53
C PRO C 1057 20.64 -38.10 -11.21
N HIS C 1058 19.50 -38.03 -11.90
CA HIS C 1058 19.10 -36.84 -12.65
C HIS C 1058 20.16 -36.43 -13.67
N GLY C 1059 20.62 -37.41 -14.44
CA GLY C 1059 21.62 -37.13 -15.45
C GLY C 1059 22.04 -38.40 -16.15
N VAL C 1060 22.95 -38.24 -17.11
CA VAL C 1060 23.50 -39.35 -17.87
C VAL C 1060 25.00 -39.12 -18.05
N VAL C 1061 25.74 -40.23 -18.12
CA VAL C 1061 27.19 -40.20 -18.23
C VAL C 1061 27.61 -41.03 -19.44
N PHE C 1062 28.42 -40.46 -20.31
CA PHE C 1062 28.93 -41.13 -21.48
C PHE C 1062 30.39 -41.51 -21.29
N LEU C 1063 30.79 -42.61 -21.92
CA LEU C 1063 32.18 -43.06 -21.93
C LEU C 1063 32.63 -43.11 -23.39
N HIS C 1064 33.09 -41.98 -23.91
CA HIS C 1064 33.53 -41.92 -25.29
C HIS C 1064 34.84 -42.67 -25.47
N VAL C 1065 34.92 -43.48 -26.52
CA VAL C 1065 36.14 -44.20 -26.88
C VAL C 1065 36.70 -43.55 -28.14
N THR C 1066 37.95 -43.10 -28.08
CA THR C 1066 38.53 -42.32 -29.15
C THR C 1066 39.89 -42.89 -29.54
N TYR C 1067 40.32 -42.56 -30.76
CA TYR C 1067 41.57 -43.03 -31.33
C TYR C 1067 42.51 -41.85 -31.48
N VAL C 1068 43.73 -41.97 -30.95
CA VAL C 1068 44.69 -40.89 -30.91
C VAL C 1068 46.02 -41.37 -31.45
N PRO C 1069 46.57 -40.77 -32.50
CA PRO C 1069 47.92 -41.13 -32.95
C PRO C 1069 48.96 -40.75 -31.91
N ALA C 1070 50.03 -41.53 -31.84
CA ALA C 1070 50.96 -41.45 -30.73
C ALA C 1070 52.36 -40.96 -31.13
N GLN C 1071 53.07 -41.68 -31.99
CA GLN C 1071 54.48 -41.45 -32.21
C GLN C 1071 54.71 -41.06 -33.66
N GLU C 1072 55.28 -39.87 -33.88
CA GLU C 1072 55.44 -39.31 -35.21
C GLU C 1072 56.84 -39.57 -35.76
N LYS C 1073 57.03 -39.16 -37.00
CA LYS C 1073 58.30 -39.29 -37.69
C LYS C 1073 58.48 -38.09 -38.61
N ASN C 1074 59.53 -38.13 -39.43
CA ASN C 1074 59.81 -37.09 -40.40
C ASN C 1074 60.07 -37.74 -41.76
N PHE C 1075 59.55 -37.12 -42.81
CA PHE C 1075 59.74 -37.64 -44.16
C PHE C 1075 59.85 -36.47 -45.12
N THR C 1076 59.80 -36.77 -46.42
CA THR C 1076 59.93 -35.77 -47.48
C THR C 1076 58.91 -36.08 -48.56
N THR C 1077 57.83 -35.31 -48.61
CA THR C 1077 56.72 -35.59 -49.50
C THR C 1077 56.98 -35.09 -50.90
N ALA C 1078 55.97 -35.24 -51.77
CA ALA C 1078 55.97 -34.81 -53.15
C ALA C 1078 54.56 -34.86 -53.70
N PRO C 1079 54.09 -33.80 -54.36
CA PRO C 1079 52.71 -33.83 -54.89
C PRO C 1079 52.49 -34.92 -55.92
N ALA C 1080 53.47 -35.27 -56.72
CA ALA C 1080 53.30 -36.26 -57.78
C ALA C 1080 54.66 -36.82 -58.17
N ILE C 1081 54.68 -37.62 -59.23
CA ILE C 1081 55.88 -38.31 -59.68
C ILE C 1081 55.81 -38.48 -61.19
N CYS C 1082 56.93 -38.21 -61.88
CA CYS C 1082 57.03 -38.49 -63.30
C CYS C 1082 57.69 -39.86 -63.51
N HIS C 1083 57.15 -40.63 -64.44
CA HIS C 1083 57.79 -41.88 -64.84
C HIS C 1083 58.20 -41.89 -66.30
N ASP C 1084 57.28 -41.58 -67.21
CA ASP C 1084 57.55 -41.52 -68.65
C ASP C 1084 57.13 -40.18 -69.20
N GLY C 1085 57.34 -39.12 -68.42
CA GLY C 1085 56.82 -37.80 -68.76
C GLY C 1085 55.42 -37.55 -68.25
N LYS C 1086 54.71 -38.59 -67.83
CA LYS C 1086 53.38 -38.45 -67.25
C LYS C 1086 53.49 -38.07 -65.78
N ALA C 1087 52.35 -37.80 -65.15
CA ALA C 1087 52.31 -37.46 -63.74
C ALA C 1087 51.42 -38.45 -63.02
N HIS C 1088 51.94 -39.05 -61.94
CA HIS C 1088 51.23 -40.06 -61.17
C HIS C 1088 50.89 -39.49 -59.81
N PHE C 1089 49.60 -39.51 -59.47
CA PHE C 1089 49.11 -39.03 -58.19
C PHE C 1089 48.63 -40.21 -57.34
N PRO C 1090 48.71 -40.11 -56.01
CA PRO C 1090 48.29 -41.25 -55.18
C PRO C 1090 46.78 -41.40 -55.20
N ARG C 1091 46.32 -42.64 -55.37
CA ARG C 1091 44.89 -42.91 -55.35
C ARG C 1091 44.31 -42.62 -53.97
N GLU C 1092 44.97 -43.12 -52.92
CA GLU C 1092 44.55 -42.85 -51.55
C GLU C 1092 45.79 -43.00 -50.66
N GLY C 1093 46.37 -41.87 -50.29
CA GLY C 1093 47.57 -41.85 -49.49
C GLY C 1093 48.48 -40.73 -49.93
N VAL C 1094 49.72 -40.77 -49.43
CA VAL C 1094 50.72 -39.75 -49.72
C VAL C 1094 52.00 -40.44 -50.16
N PHE C 1095 52.87 -39.65 -50.79
CA PHE C 1095 54.20 -40.11 -51.18
C PHE C 1095 55.20 -39.66 -50.12
N VAL C 1096 55.99 -40.61 -49.62
CA VAL C 1096 56.98 -40.32 -48.59
C VAL C 1096 58.30 -40.96 -48.99
N SER C 1097 59.38 -40.45 -48.39
CA SER C 1097 60.72 -40.95 -48.64
C SER C 1097 61.45 -41.13 -47.33
N ASN C 1098 62.13 -42.28 -47.19
CA ASN C 1098 62.95 -42.55 -46.02
C ASN C 1098 64.40 -42.16 -46.24
N GLY C 1099 64.67 -41.28 -47.21
CA GLY C 1099 66.01 -40.80 -47.46
C GLY C 1099 66.52 -41.15 -48.84
N THR C 1100 66.29 -42.38 -49.28
CA THR C 1100 66.77 -42.84 -50.58
C THR C 1100 65.66 -43.33 -51.50
N HIS C 1101 64.68 -44.06 -50.99
CA HIS C 1101 63.63 -44.64 -51.79
C HIS C 1101 62.31 -43.89 -51.58
N TRP C 1102 61.37 -44.13 -52.49
CA TRP C 1102 60.07 -43.50 -52.45
C TRP C 1102 58.99 -44.55 -52.23
N PHE C 1103 58.00 -44.22 -51.42
CA PHE C 1103 56.92 -45.13 -51.08
C PHE C 1103 55.60 -44.38 -51.10
N VAL C 1104 54.51 -45.13 -50.97
CA VAL C 1104 53.17 -44.57 -50.81
C VAL C 1104 52.54 -45.22 -49.59
N THR C 1105 51.94 -44.40 -48.72
CA THR C 1105 51.40 -44.90 -47.47
C THR C 1105 50.13 -44.16 -47.12
N GLN C 1106 49.30 -44.78 -46.30
CA GLN C 1106 48.09 -44.13 -45.82
C GLN C 1106 48.45 -42.99 -44.88
N ARG C 1107 47.53 -42.05 -44.74
CA ARG C 1107 47.83 -40.77 -44.10
C ARG C 1107 47.75 -40.81 -42.57
N ASN C 1108 47.29 -41.92 -41.98
CA ASN C 1108 47.10 -41.97 -40.54
C ASN C 1108 47.88 -43.10 -39.86
N PHE C 1109 48.74 -43.80 -40.61
CA PHE C 1109 49.52 -44.88 -40.03
C PHE C 1109 50.64 -45.20 -41.01
N TYR C 1110 51.88 -45.19 -40.53
CA TYR C 1110 53.02 -45.43 -41.41
C TYR C 1110 53.01 -46.89 -41.86
N GLU C 1111 52.73 -47.12 -43.14
CA GLU C 1111 52.77 -48.45 -43.72
C GLU C 1111 53.29 -48.30 -45.15
N PRO C 1112 54.60 -48.31 -45.34
CA PRO C 1112 55.15 -48.05 -46.67
C PRO C 1112 54.83 -49.19 -47.64
N GLN C 1113 54.65 -48.81 -48.91
CA GLN C 1113 54.40 -49.76 -49.98
C GLN C 1113 55.12 -49.28 -51.23
N ILE C 1114 55.43 -50.23 -52.11
CA ILE C 1114 56.08 -49.89 -53.37
C ILE C 1114 55.09 -49.15 -54.26
N ILE C 1115 55.59 -48.14 -54.97
CA ILE C 1115 54.74 -47.38 -55.89
C ILE C 1115 54.53 -48.19 -57.16
N THR C 1116 53.28 -48.38 -57.55
CA THR C 1116 52.95 -49.17 -58.72
C THR C 1116 51.69 -48.60 -59.35
N THR C 1117 51.28 -49.19 -60.48
CA THR C 1117 50.13 -48.69 -61.21
C THR C 1117 48.80 -49.09 -60.58
N ASP C 1118 48.80 -49.63 -59.36
CA ASP C 1118 47.57 -49.89 -58.64
C ASP C 1118 47.30 -48.87 -57.54
N ASN C 1119 48.32 -48.10 -57.14
CA ASN C 1119 48.14 -47.03 -56.16
C ASN C 1119 48.08 -45.65 -56.79
N THR C 1120 48.41 -45.51 -58.07
CA THR C 1120 48.55 -44.22 -58.72
C THR C 1120 47.68 -44.16 -59.96
N PHE C 1121 47.21 -42.95 -60.27
CA PHE C 1121 46.45 -42.69 -61.49
C PHE C 1121 47.10 -41.54 -62.24
N VAL C 1122 47.16 -41.66 -63.56
CA VAL C 1122 47.87 -40.73 -64.42
C VAL C 1122 46.99 -39.53 -64.72
N SER C 1123 47.61 -38.36 -64.89
CA SER C 1123 46.87 -37.16 -65.27
C SER C 1123 47.80 -36.23 -66.06
N GLY C 1124 47.81 -36.42 -67.38
CA GLY C 1124 48.51 -35.51 -68.27
C GLY C 1124 50.02 -35.54 -68.12
N ASN C 1125 50.66 -34.53 -68.71
CA ASN C 1125 52.11 -34.37 -68.61
C ASN C 1125 52.47 -33.77 -67.25
N CYS C 1126 53.77 -33.72 -66.99
CA CYS C 1126 54.27 -33.33 -65.67
C CYS C 1126 55.25 -32.16 -65.78
N ASP C 1127 54.87 -31.14 -66.54
CA ASP C 1127 55.59 -29.87 -66.55
C ASP C 1127 54.75 -28.73 -65.99
N VAL C 1128 53.63 -29.06 -65.34
CA VAL C 1128 52.74 -28.05 -64.79
C VAL C 1128 52.72 -28.08 -63.26
N VAL C 1129 52.81 -29.27 -62.66
CA VAL C 1129 52.80 -29.39 -61.22
C VAL C 1129 54.06 -28.76 -60.64
N ILE C 1130 53.92 -28.08 -59.51
CA ILE C 1130 55.04 -27.44 -58.84
C ILE C 1130 55.52 -28.35 -57.72
N GLY C 1131 56.79 -28.73 -57.76
CA GLY C 1131 57.35 -29.61 -56.75
C GLY C 1131 57.39 -31.07 -57.12
N ILE C 1132 57.16 -31.42 -58.39
CA ILE C 1132 57.16 -32.82 -58.78
C ILE C 1132 58.60 -33.33 -58.84
N VAL C 1133 58.80 -34.58 -58.41
CA VAL C 1133 60.09 -35.24 -58.46
C VAL C 1133 59.89 -36.63 -59.04
N ASN C 1134 60.73 -37.00 -60.00
CA ASN C 1134 60.52 -38.22 -60.77
C ASN C 1134 61.34 -39.39 -60.23
N ASN C 1135 60.70 -40.55 -60.22
CA ASN C 1135 61.30 -41.81 -59.82
C ASN C 1135 60.55 -42.92 -60.55
N THR C 1136 61.15 -44.10 -60.57
CA THR C 1136 60.55 -45.22 -61.29
C THR C 1136 59.25 -45.66 -60.63
N VAL C 1137 58.32 -46.13 -61.45
CA VAL C 1137 57.03 -46.66 -60.99
C VAL C 1137 56.90 -48.08 -61.49
N TYR C 1138 56.73 -49.03 -60.57
CA TYR C 1138 56.73 -50.43 -60.91
C TYR C 1138 55.43 -50.83 -61.62
N ASP C 1139 55.53 -51.84 -62.47
CA ASP C 1139 54.39 -52.36 -63.23
C ASP C 1139 54.22 -53.85 -62.93
N PRO C 1140 53.10 -54.28 -62.35
CA PRO C 1140 52.95 -55.68 -61.98
C PRO C 1140 52.63 -56.63 -63.11
N LEU C 1141 52.77 -56.21 -64.38
CA LEU C 1141 52.42 -57.04 -65.51
C LEU C 1141 53.62 -57.51 -66.33
N GLN C 1142 54.65 -56.67 -66.45
CA GLN C 1142 55.81 -57.05 -67.27
C GLN C 1142 56.52 -58.30 -66.76
N PRO C 1143 56.85 -58.43 -65.46
CA PRO C 1143 57.49 -59.68 -65.02
C PRO C 1143 56.63 -60.91 -65.24
N GLU C 1144 55.32 -60.78 -65.10
CA GLU C 1144 54.43 -61.90 -65.39
C GLU C 1144 54.46 -62.25 -66.87
N LEU C 1145 54.47 -61.25 -67.74
CA LEU C 1145 54.53 -61.50 -69.18
C LEU C 1145 55.88 -62.02 -69.62
N ASP C 1146 56.93 -61.82 -68.82
CA ASP C 1146 58.25 -62.33 -69.19
C ASP C 1146 58.24 -63.85 -69.28
N SER C 1147 57.56 -64.52 -68.36
CA SER C 1147 57.46 -65.97 -68.38
C SER C 1147 56.43 -66.44 -69.42
N GLN D 1 -61.25 42.59 22.61
CA GLN D 1 -62.40 43.42 22.29
C GLN D 1 -62.27 44.81 22.91
N VAL D 2 -61.51 44.89 24.00
CA VAL D 2 -61.31 46.12 24.75
C VAL D 2 -59.86 46.55 24.60
N LEU D 3 -59.64 47.81 24.22
CA LEU D 3 -58.31 48.37 24.05
C LEU D 3 -58.09 49.48 25.07
N THR D 4 -56.97 49.39 25.79
CA THR D 4 -56.65 50.33 26.86
C THR D 4 -55.26 50.92 26.61
N GLN D 5 -55.15 52.24 26.74
CA GLN D 5 -53.90 52.95 26.56
C GLN D 5 -53.52 53.67 27.84
N THR D 6 -52.29 53.48 28.29
CA THR D 6 -51.76 54.16 29.46
C THR D 6 -50.35 54.64 29.16
N PRO D 7 -49.96 55.82 29.66
CA PRO D 7 -50.76 56.77 30.45
C PRO D 7 -51.66 57.63 29.55
N SER D 8 -52.68 58.27 30.13
CA SER D 8 -53.54 59.14 29.34
C SER D 8 -52.80 60.37 28.84
N SER D 9 -51.91 60.93 29.66
CA SER D 9 -51.11 62.09 29.28
C SER D 9 -49.71 61.94 29.87
N VAL D 10 -48.72 62.38 29.09
CA VAL D 10 -47.33 62.29 29.53
C VAL D 10 -46.55 63.39 28.81
N SER D 11 -45.60 63.99 29.52
CA SER D 11 -44.79 65.09 29.00
C SER D 11 -43.32 64.82 29.24
N ALA D 12 -42.48 65.37 28.36
CA ALA D 12 -41.04 65.22 28.48
C ALA D 12 -40.36 66.38 27.77
N ALA D 13 -39.08 66.57 28.07
CA ALA D 13 -38.29 67.60 27.41
C ALA D 13 -37.87 67.14 26.02
N VAL D 14 -37.25 68.07 25.27
CA VAL D 14 -36.79 67.75 23.93
C VAL D 14 -35.72 66.66 23.97
N GLY D 15 -34.81 66.74 24.94
CA GLY D 15 -33.80 65.72 25.10
C GLY D 15 -34.23 64.62 26.04
N GLY D 16 -35.43 64.06 25.80
CA GLY D 16 -35.96 63.02 26.67
C GLY D 16 -36.75 62.01 25.87
N THR D 17 -37.15 60.94 26.56
CA THR D 17 -37.88 59.84 25.96
C THR D 17 -39.12 59.52 26.79
N VAL D 18 -40.15 59.04 26.11
CA VAL D 18 -41.40 58.64 26.76
C VAL D 18 -41.85 57.29 26.20
N THR D 19 -42.68 56.60 26.97
CA THR D 19 -43.19 55.29 26.60
C THR D 19 -44.72 55.30 26.62
N ILE D 20 -45.32 54.63 25.65
CA ILE D 20 -46.76 54.48 25.56
C ILE D 20 -47.08 53.00 25.47
N ASN D 21 -47.99 52.53 26.32
CA ASN D 21 -48.34 51.12 26.40
C ASN D 21 -49.81 50.95 25.99
N CYS D 22 -50.05 50.00 25.08
CA CYS D 22 -51.39 49.66 24.63
C CYS D 22 -51.58 48.17 24.79
N GLN D 23 -52.55 47.78 25.62
CA GLN D 23 -52.79 46.38 25.95
C GLN D 23 -54.11 45.93 25.35
N ALA D 24 -54.11 44.72 24.79
CA ALA D 24 -55.29 44.13 24.17
C ALA D 24 -55.91 43.10 25.10
N SER D 25 -57.23 43.10 25.19
CA SER D 25 -57.95 42.15 26.04
C SER D 25 -57.96 40.74 25.45
N GLU D 26 -57.52 40.55 24.22
CA GLU D 26 -57.52 39.26 23.56
C GLU D 26 -56.20 39.09 22.82
N ASP D 27 -55.83 37.83 22.59
CA ASP D 27 -54.62 37.54 21.84
C ASP D 27 -54.82 37.90 20.37
N ILE D 28 -53.97 38.80 19.86
CA ILE D 28 -54.14 39.35 18.52
C ILE D 28 -52.88 39.07 17.72
N TYR D 29 -51.96 38.31 18.32
CA TYR D 29 -50.65 38.01 17.73
C TYR D 29 -49.90 39.33 17.57
N ASP D 30 -49.53 39.74 16.36
CA ASP D 30 -48.82 41.00 16.15
C ASP D 30 -49.61 41.99 15.30
N ASN D 31 -50.93 41.80 15.21
CA ASN D 31 -51.78 42.65 14.38
C ASN D 31 -52.21 43.86 15.19
N LEU D 32 -51.37 44.91 15.16
CA LEU D 32 -51.69 46.15 15.84
C LEU D 32 -50.97 47.29 15.13
N VAL D 33 -51.65 48.43 15.01
CA VAL D 33 -51.13 49.58 14.29
C VAL D 33 -51.23 50.82 15.18
N TRP D 34 -50.40 51.80 14.87
CA TRP D 34 -50.36 53.06 15.58
C TRP D 34 -50.63 54.22 14.63
N TYR D 35 -51.16 55.32 15.18
CA TYR D 35 -51.44 56.51 14.40
C TYR D 35 -51.04 57.74 15.20
N GLN D 36 -50.79 58.82 14.48
CA GLN D 36 -50.51 60.13 15.06
C GLN D 36 -51.46 61.14 14.45
N GLN D 37 -52.26 61.80 15.28
CA GLN D 37 -53.28 62.74 14.82
C GLN D 37 -52.96 64.13 15.38
N LYS D 38 -52.47 65.01 14.52
CA LYS D 38 -52.30 66.40 14.90
C LYS D 38 -53.67 67.07 15.04
N PRO D 39 -53.78 68.10 15.87
CA PRO D 39 -55.07 68.79 16.05
C PRO D 39 -55.59 69.33 14.72
N GLY D 40 -56.79 68.90 14.35
CA GLY D 40 -57.40 69.32 13.11
C GLY D 40 -56.88 68.66 11.87
N GLN D 41 -56.07 67.61 12.00
CA GLN D 41 -55.49 66.93 10.85
C GLN D 41 -55.88 65.46 10.85
N PRO D 42 -55.95 64.83 9.67
CA PRO D 42 -56.23 63.40 9.63
C PRO D 42 -55.10 62.63 10.28
N PRO D 43 -55.40 61.50 10.91
CA PRO D 43 -54.33 60.68 11.50
C PRO D 43 -53.41 60.12 10.43
N LYS D 44 -52.16 59.89 10.82
CA LYS D 44 -51.15 59.35 9.93
C LYS D 44 -50.67 58.01 10.47
N LEU D 45 -50.63 57.00 9.61
CA LEU D 45 -50.13 55.69 9.99
C LEU D 45 -48.64 55.79 10.29
N LEU D 46 -48.25 55.34 11.49
CA LEU D 46 -46.85 55.40 11.92
C LEU D 46 -46.20 54.02 11.91
N ILE D 47 -46.80 53.06 12.61
CA ILE D 47 -46.26 51.71 12.70
C ILE D 47 -47.40 50.73 12.47
N TYR D 48 -47.19 49.76 11.57
CA TYR D 48 -48.11 48.67 11.37
C TYR D 48 -47.42 47.35 11.69
N ASP D 49 -48.23 46.36 12.08
CA ASP D 49 -47.76 45.06 12.57
C ASP D 49 -46.99 45.18 13.88
N ALA D 50 -47.05 46.35 14.53
CA ALA D 50 -46.47 46.66 15.82
C ALA D 50 -44.95 46.70 15.82
N SER D 51 -44.30 46.37 14.70
CA SER D 51 -42.84 46.42 14.65
C SER D 51 -42.28 46.94 13.34
N THR D 52 -43.11 47.37 12.40
CA THR D 52 -42.67 47.84 11.10
C THR D 52 -43.02 49.31 10.94
N LEU D 53 -42.01 50.12 10.62
CA LEU D 53 -42.24 51.55 10.41
C LEU D 53 -42.91 51.79 9.07
N ALA D 54 -43.83 52.76 9.05
CA ALA D 54 -44.50 53.12 7.81
C ALA D 54 -43.54 53.90 6.91
N PHE D 55 -43.92 54.00 5.63
CA PHE D 55 -43.10 54.74 4.67
C PHE D 55 -43.15 56.23 4.95
N GLY D 56 -41.98 56.87 4.89
CA GLY D 56 -41.90 58.31 5.06
C GLY D 56 -41.87 58.81 6.49
N VAL D 57 -41.83 57.91 7.48
CA VAL D 57 -41.81 58.30 8.87
C VAL D 57 -40.39 58.22 9.39
N SER D 58 -40.14 58.93 10.50
CA SER D 58 -38.80 59.01 11.06
C SER D 58 -38.41 57.69 11.74
N SER D 59 -37.12 57.51 11.94
CA SER D 59 -36.58 56.33 12.59
C SER D 59 -36.55 56.45 14.11
N ARG D 60 -36.94 57.60 14.67
CA ARG D 60 -36.98 57.77 16.11
C ARG D 60 -38.21 57.14 16.75
N PHE D 61 -39.15 56.65 15.95
CA PHE D 61 -40.32 55.96 16.46
C PHE D 61 -40.11 54.46 16.35
N ARG D 62 -40.25 53.76 17.47
CA ARG D 62 -40.04 52.32 17.52
C ARG D 62 -41.19 51.65 18.26
N GLY D 63 -41.53 50.45 17.80
CA GLY D 63 -42.57 49.67 18.43
C GLY D 63 -42.09 48.25 18.70
N SER D 64 -42.74 47.62 19.68
CA SER D 64 -42.39 46.27 20.08
C SER D 64 -43.60 45.64 20.75
N GLY D 65 -43.42 44.46 21.33
CA GLY D 65 -44.50 43.78 22.01
C GLY D 65 -45.22 42.80 21.09
N SER D 66 -45.76 41.75 21.71
CA SER D 66 -46.50 40.73 20.97
C SER D 66 -47.48 40.06 21.92
N GLY D 67 -48.53 39.49 21.34
CA GLY D 67 -49.54 38.81 22.13
C GLY D 67 -50.63 39.75 22.61
N THR D 68 -50.53 40.18 23.87
CA THR D 68 -51.52 41.07 24.46
C THR D 68 -50.96 42.40 24.95
N HIS D 69 -49.64 42.55 25.01
CA HIS D 69 -49.00 43.77 25.48
C HIS D 69 -48.14 44.35 24.37
N PHE D 70 -48.28 45.66 24.15
CA PHE D 70 -47.49 46.38 23.16
C PHE D 70 -46.99 47.68 23.77
N THR D 71 -45.85 48.14 23.25
CA THR D 71 -45.22 49.36 23.76
C THR D 71 -44.64 50.14 22.59
N LEU D 72 -44.87 51.45 22.60
CA LEU D 72 -44.31 52.35 21.60
C LEU D 72 -43.55 53.46 22.31
N THR D 73 -42.31 53.68 21.91
CA THR D 73 -41.42 54.62 22.59
C THR D 73 -40.82 55.58 21.58
N MET D 74 -40.75 56.86 21.95
CA MET D 74 -40.13 57.88 21.13
C MET D 74 -38.78 58.26 21.72
N ARG D 75 -37.76 58.31 20.88
CA ARG D 75 -36.41 58.69 21.30
C ARG D 75 -36.09 60.08 20.78
N ASP D 76 -35.64 60.96 21.68
CA ASP D 76 -35.30 62.35 21.36
C ASP D 76 -36.48 63.06 20.70
N VAL D 77 -37.56 63.20 21.46
CA VAL D 77 -38.78 63.82 20.95
C VAL D 77 -38.50 65.28 20.62
N GLN D 78 -39.02 65.73 19.48
CA GLN D 78 -38.86 67.12 19.07
C GLN D 78 -40.13 67.88 19.40
N CYS D 79 -40.16 69.17 19.04
CA CYS D 79 -41.37 69.97 19.19
C CYS D 79 -42.42 69.64 18.15
N ASP D 80 -42.06 68.86 17.13
CA ASP D 80 -43.00 68.43 16.10
C ASP D 80 -43.81 67.20 16.50
N ASP D 81 -43.43 66.53 17.59
CA ASP D 81 -44.12 65.32 18.03
C ASP D 81 -45.28 65.60 18.96
N ALA D 82 -45.60 66.86 19.23
CA ALA D 82 -46.72 67.21 20.09
C ALA D 82 -48.01 66.91 19.36
N ALA D 83 -48.61 65.76 19.64
CA ALA D 83 -49.83 65.31 19.00
C ALA D 83 -50.42 64.20 19.86
N THR D 84 -51.45 63.52 19.34
CA THR D 84 -52.12 62.43 20.02
C THR D 84 -51.84 61.13 19.26
N TYR D 85 -51.67 60.04 20.01
CA TYR D 85 -51.38 58.74 19.45
C TYR D 85 -52.45 57.74 19.84
N TYR D 86 -52.81 56.88 18.89
CA TYR D 86 -53.84 55.86 19.09
C TYR D 86 -53.31 54.52 18.62
N CYS D 87 -53.79 53.45 19.27
CA CYS D 87 -53.46 52.09 18.89
C CYS D 87 -54.73 51.39 18.40
N GLN D 88 -54.59 50.65 17.31
CA GLN D 88 -55.70 49.91 16.74
C GLN D 88 -55.23 48.52 16.33
N GLY D 89 -56.05 47.52 16.62
CA GLY D 89 -55.74 46.15 16.24
C GLY D 89 -56.99 45.36 15.99
N GLU D 90 -56.87 44.36 15.13
CA GLU D 90 -58.01 43.50 14.83
C GLU D 90 -58.43 42.72 16.07
N PHE D 91 -59.67 42.23 16.06
CA PHE D 91 -60.16 41.39 17.19
C PHE D 91 -60.88 40.18 16.59
N SER D 92 -60.26 39.54 15.59
CA SER D 92 -60.91 38.40 14.89
C SER D 92 -62.22 38.88 14.26
N CYS D 93 -63.19 37.99 14.10
CA CYS D 93 -64.52 38.40 13.58
C CYS D 93 -65.63 37.78 14.45
N SER D 94 -65.71 36.46 14.46
CA SER D 94 -66.70 35.80 15.35
C SER D 94 -66.31 36.09 16.80
N SER D 95 -65.01 36.25 17.06
CA SER D 95 -64.52 36.46 18.45
C SER D 95 -64.84 37.88 18.95
N GLY D 96 -64.54 38.91 18.15
CA GLY D 96 -64.75 40.29 18.61
C GLY D 96 -65.38 41.16 17.54
N ASP D 97 -65.72 42.41 17.89
CA ASP D 97 -66.38 43.33 16.93
C ASP D 97 -65.35 43.82 15.91
N CYS D 98 -64.90 42.95 15.01
CA CYS D 98 -63.93 43.32 13.94
C CYS D 98 -62.74 44.08 14.52
N THR D 99 -62.85 45.42 14.65
CA THR D 99 -61.72 46.22 15.09
C THR D 99 -62.21 47.35 15.98
N ALA D 100 -61.45 47.63 17.03
CA ALA D 100 -61.77 48.71 17.96
C ALA D 100 -60.56 49.60 18.14
N PHE D 101 -60.81 50.86 18.46
CA PHE D 101 -59.77 51.86 18.65
C PHE D 101 -59.48 52.07 20.13
N GLY D 102 -58.25 52.47 20.43
CA GLY D 102 -57.86 52.74 21.80
C GLY D 102 -58.34 54.08 22.30
N GLY D 103 -58.17 54.30 23.60
CA GLY D 103 -58.59 55.56 24.18
C GLY D 103 -57.72 56.73 23.78
N GLY D 104 -56.46 56.48 23.46
CA GLY D 104 -55.56 57.52 23.01
C GLY D 104 -54.85 58.22 24.14
N THR D 105 -53.72 58.83 23.81
CA THR D 105 -52.92 59.59 24.76
C THR D 105 -52.47 60.89 24.14
N GLU D 106 -52.24 61.89 24.99
CA GLU D 106 -51.81 63.21 24.56
C GLU D 106 -50.38 63.45 25.01
N VAL D 107 -49.54 63.92 24.08
CA VAL D 107 -48.13 64.14 24.34
C VAL D 107 -47.83 65.63 24.14
N VAL D 108 -47.23 66.25 25.15
CA VAL D 108 -46.84 67.65 25.10
C VAL D 108 -45.36 67.76 25.46
N VAL D 109 -44.62 68.54 24.68
CA VAL D 109 -43.18 68.71 24.87
C VAL D 109 -42.92 70.15 25.28
N LYS D 110 -42.19 70.33 26.38
CA LYS D 110 -41.83 71.66 26.86
C LYS D 110 -40.49 72.11 26.29
N GLN E 1 -53.29 58.52 -5.37
CA GLN E 1 -54.33 58.00 -4.51
C GLN E 1 -54.88 59.08 -3.59
N SER E 2 -55.94 59.75 -4.03
CA SER E 2 -56.59 60.81 -3.27
C SER E 2 -58.01 60.39 -2.93
N VAL E 3 -58.37 60.55 -1.65
CA VAL E 3 -59.68 60.17 -1.15
C VAL E 3 -60.34 61.42 -0.57
N GLU E 4 -61.58 61.67 -0.98
CA GLU E 4 -62.33 62.82 -0.49
C GLU E 4 -63.79 62.45 -0.34
N GLU E 5 -64.48 63.19 0.53
CA GLU E 5 -65.88 62.96 0.81
C GLU E 5 -66.54 64.27 1.22
N SER E 6 -67.87 64.30 1.10
CA SER E 6 -68.64 65.48 1.44
C SER E 6 -70.06 65.06 1.76
N GLY E 7 -70.80 65.98 2.38
CA GLY E 7 -72.19 65.73 2.72
C GLY E 7 -72.58 66.20 4.11
N GLY E 8 -71.66 66.85 4.80
CA GLY E 8 -71.95 67.38 6.13
C GLY E 8 -73.02 68.45 6.11
N ARG E 9 -74.05 68.27 6.94
CA ARG E 9 -75.17 69.20 7.00
C ARG E 9 -75.74 69.23 8.41
N LEU E 10 -76.51 70.27 8.68
CA LEU E 10 -77.23 70.40 9.95
C LEU E 10 -78.66 69.91 9.74
N VAL E 11 -79.04 68.87 10.48
CA VAL E 11 -80.36 68.25 10.33
C VAL E 11 -80.96 68.02 11.70
N THR E 12 -82.28 67.91 11.74
CA THR E 12 -82.99 67.57 12.96
C THR E 12 -82.80 66.10 13.29
N PRO E 13 -82.93 65.72 14.57
CA PRO E 13 -82.82 64.30 14.91
C PRO E 13 -83.88 63.46 14.23
N GLY E 14 -83.49 62.25 13.83
CA GLY E 14 -84.38 61.35 13.13
C GLY E 14 -84.47 61.54 11.64
N THR E 15 -83.75 62.52 11.08
CA THR E 15 -83.77 62.79 9.65
C THR E 15 -82.59 62.12 8.97
N PRO E 16 -82.83 61.22 8.01
CA PRO E 16 -81.72 60.53 7.35
C PRO E 16 -80.87 61.48 6.52
N LEU E 17 -79.59 61.13 6.38
CA LEU E 17 -78.63 61.90 5.61
C LEU E 17 -77.70 60.96 4.88
N THR E 18 -77.08 61.43 3.81
CA THR E 18 -76.18 60.63 3.00
C THR E 18 -74.83 61.34 2.86
N LEU E 19 -73.75 60.61 3.13
CA LEU E 19 -72.40 61.08 2.85
C LEU E 19 -71.78 60.19 1.78
N THR E 20 -71.20 60.82 0.76
CA THR E 20 -70.59 60.10 -0.35
C THR E 20 -69.08 60.31 -0.32
N CYS E 21 -68.33 59.22 -0.30
CA CYS E 21 -66.87 59.26 -0.36
C CYS E 21 -66.44 58.79 -1.75
N THR E 22 -65.70 59.65 -2.45
CA THR E 22 -65.34 59.40 -3.84
C THR E 22 -63.87 59.02 -3.94
N VAL E 23 -63.58 57.96 -4.69
CA VAL E 23 -62.21 57.54 -4.88
C VAL E 23 -61.62 58.25 -6.10
N SER E 24 -60.28 58.27 -6.17
CA SER E 24 -59.60 58.95 -7.26
C SER E 24 -58.18 58.42 -7.34
N GLY E 25 -57.77 58.01 -8.54
CA GLY E 25 -56.41 57.57 -8.78
C GLY E 25 -56.13 56.10 -8.55
N PHE E 26 -57.15 55.29 -8.26
CA PHE E 26 -56.95 53.87 -8.03
C PHE E 26 -58.25 53.13 -8.32
N SER E 27 -58.19 51.81 -8.29
CA SER E 27 -59.35 50.96 -8.54
C SER E 27 -60.03 50.62 -7.23
N LEU E 28 -61.34 50.90 -7.16
CA LEU E 28 -62.08 50.66 -5.93
C LEU E 28 -62.26 49.17 -5.66
N SER E 29 -62.37 48.36 -6.71
CA SER E 29 -62.66 46.94 -6.56
C SER E 29 -61.44 46.16 -6.05
N ARG E 30 -60.36 46.85 -5.71
CA ARG E 30 -59.16 46.22 -5.20
C ARG E 30 -58.88 46.52 -3.74
N TYR E 31 -59.36 47.64 -3.21
CA TYR E 31 -59.09 48.05 -1.84
C TYR E 31 -60.40 48.13 -1.05
N ALA E 32 -60.26 48.12 0.27
CA ALA E 32 -61.39 48.07 1.18
C ALA E 32 -61.63 49.45 1.80
N MET E 33 -62.86 49.92 1.72
CA MET E 33 -63.24 51.21 2.30
C MET E 33 -63.82 51.01 3.70
N SER E 34 -63.44 51.90 4.61
CA SER E 34 -63.94 51.85 5.98
C SER E 34 -64.24 53.27 6.45
N TRP E 35 -65.11 53.36 7.45
CA TRP E 35 -65.54 54.63 8.00
C TRP E 35 -65.21 54.70 9.48
N VAL E 36 -64.59 55.80 9.89
CA VAL E 36 -64.32 56.08 11.30
C VAL E 36 -64.82 57.48 11.61
N ARG E 37 -65.18 57.68 12.88
CA ARG E 37 -65.71 58.96 13.33
C ARG E 37 -65.12 59.30 14.69
N GLN E 38 -65.04 60.60 14.97
CA GLN E 38 -64.57 61.07 16.26
C GLN E 38 -65.42 62.25 16.70
N ALA E 39 -65.78 62.26 17.98
CA ALA E 39 -66.49 63.39 18.55
C ALA E 39 -65.52 64.54 18.80
N PRO E 40 -66.02 65.79 18.87
CA PRO E 40 -65.12 66.92 19.12
C PRO E 40 -64.32 66.77 20.41
N GLY E 41 -63.00 66.65 20.28
CA GLY E 41 -62.13 66.50 21.43
C GLY E 41 -62.06 65.11 22.02
N LYS E 42 -62.70 64.13 21.41
CA LYS E 42 -62.74 62.76 21.93
C LYS E 42 -61.96 61.83 21.01
N GLY E 43 -61.88 60.57 21.42
CA GLY E 43 -61.08 59.59 20.70
C GLY E 43 -61.75 59.07 19.45
N LEU E 44 -60.99 58.27 18.70
CA LEU E 44 -61.46 57.71 17.44
C LEU E 44 -62.48 56.59 17.71
N GLU E 45 -63.45 56.49 16.80
CA GLU E 45 -64.46 55.44 16.85
C GLU E 45 -64.57 54.80 15.47
N TRP E 46 -64.84 53.50 15.47
CA TRP E 46 -64.98 52.73 14.23
C TRP E 46 -66.45 52.47 13.94
N ILE E 47 -66.85 52.67 12.69
CA ILE E 47 -68.23 52.53 12.26
C ILE E 47 -68.45 51.25 11.47
N GLY E 48 -67.68 51.05 10.40
CA GLY E 48 -67.85 49.88 9.57
C GLY E 48 -66.81 49.83 8.49
N ILE E 49 -66.87 48.77 7.69
CA ILE E 49 -65.92 48.56 6.59
C ILE E 49 -66.62 47.76 5.50
N ILE E 50 -66.22 48.02 4.26
CA ILE E 50 -66.65 47.24 3.11
C ILE E 50 -65.41 46.64 2.46
N VAL E 51 -65.49 45.36 2.09
CA VAL E 51 -64.37 44.68 1.44
C VAL E 51 -64.46 44.89 -0.06
N ASP E 52 -63.37 44.57 -0.77
CA ASP E 52 -63.34 44.76 -2.22
C ASP E 52 -64.38 43.89 -2.92
N SER E 53 -64.61 42.68 -2.41
CA SER E 53 -65.60 41.80 -3.02
C SER E 53 -67.01 42.39 -2.92
N GLY E 54 -67.35 42.93 -1.75
CA GLY E 54 -68.65 43.54 -1.57
C GLY E 54 -69.30 43.27 -0.24
N HIS E 55 -68.72 42.35 0.54
CA HIS E 55 -69.27 42.01 1.84
C HIS E 55 -69.12 43.19 2.81
N THR E 56 -70.06 43.28 3.76
CA THR E 56 -70.13 44.41 4.67
C THR E 56 -69.99 43.95 6.10
N ALA E 57 -69.37 44.79 6.92
CA ALA E 57 -69.23 44.56 8.35
C ALA E 57 -69.52 45.85 9.10
N TYR E 58 -70.04 45.70 10.32
CA TYR E 58 -70.41 46.87 11.11
C TYR E 58 -69.91 46.74 12.55
N ALA E 59 -70.30 47.67 13.42
CA ALA E 59 -69.87 47.70 14.80
C ALA E 59 -71.06 47.46 15.72
N SER E 60 -70.78 46.82 16.86
CA SER E 60 -71.84 46.52 17.83
C SER E 60 -72.47 47.79 18.38
N TRP E 61 -71.66 48.80 18.68
CA TRP E 61 -72.21 50.04 19.23
C TRP E 61 -73.11 50.75 18.24
N ALA E 62 -72.88 50.54 16.93
CA ALA E 62 -73.76 51.12 15.93
C ALA E 62 -75.16 50.52 15.96
N LYS E 63 -75.32 49.31 16.48
CA LYS E 63 -76.58 48.60 16.67
C LYS E 63 -77.20 48.18 15.33
N GLY E 64 -76.62 48.55 14.19
CA GLY E 64 -77.15 48.18 12.91
C GLY E 64 -78.08 49.21 12.31
N ARG E 65 -77.77 50.49 12.54
CA ARG E 65 -78.55 51.59 11.97
C ARG E 65 -77.86 52.25 10.78
N PHE E 66 -76.68 51.79 10.40
CA PHE E 66 -75.95 52.31 9.26
C PHE E 66 -76.07 51.35 8.08
N THR E 67 -75.73 51.86 6.90
CA THR E 67 -75.80 51.06 5.67
C THR E 67 -74.71 51.54 4.73
N ILE E 68 -73.80 50.65 4.37
CA ILE E 68 -72.70 50.97 3.47
C ILE E 68 -72.99 50.33 2.12
N SER E 69 -72.97 51.15 1.06
CA SER E 69 -73.21 50.68 -0.29
C SER E 69 -72.01 51.00 -1.18
N ARG E 70 -71.81 50.19 -2.20
CA ARG E 70 -70.69 50.33 -3.11
C ARG E 70 -71.19 50.46 -4.55
N THR E 71 -70.44 51.20 -5.35
CA THR E 71 -70.73 51.39 -6.77
C THR E 71 -69.42 51.75 -7.45
N SER E 72 -69.51 52.32 -8.67
CA SER E 72 -68.32 52.62 -9.46
C SER E 72 -67.30 53.44 -8.69
N THR E 73 -67.67 54.66 -8.30
CA THR E 73 -66.72 55.56 -7.66
C THR E 73 -67.36 56.34 -6.51
N THR E 74 -68.41 55.81 -5.90
CA THR E 74 -69.11 56.51 -4.82
C THR E 74 -69.34 55.53 -3.67
N VAL E 75 -68.43 55.55 -2.70
CA VAL E 75 -68.60 54.75 -1.48
C VAL E 75 -69.41 55.62 -0.52
N ASP E 76 -70.68 55.27 -0.37
CA ASP E 76 -71.64 56.06 0.40
C ASP E 76 -72.17 55.27 1.58
N LEU E 77 -72.47 55.99 2.66
CA LEU E 77 -73.05 55.42 3.86
C LEU E 77 -74.25 56.26 4.29
N LYS E 78 -75.33 55.57 4.66
CA LYS E 78 -76.57 56.24 5.07
C LYS E 78 -76.99 55.72 6.44
N MET E 79 -77.44 56.65 7.28
CA MET E 79 -77.95 56.31 8.60
C MET E 79 -79.42 56.70 8.72
N THR E 80 -80.09 56.15 9.73
CA THR E 80 -81.48 56.45 10.00
C THR E 80 -81.65 56.69 11.51
N SER E 81 -82.58 57.59 11.85
CA SER E 81 -82.92 57.90 13.24
C SER E 81 -81.69 58.41 14.00
N LEU E 82 -81.18 59.55 13.55
CA LEU E 82 -80.07 60.20 14.22
C LEU E 82 -80.48 60.74 15.59
N THR E 83 -79.54 60.74 16.52
CA THR E 83 -79.74 61.29 17.85
C THR E 83 -78.90 62.56 18.01
N THR E 84 -79.00 63.18 19.19
CA THR E 84 -78.31 64.43 19.45
C THR E 84 -76.83 64.24 19.80
N GLU E 85 -76.38 63.00 20.01
CA GLU E 85 -74.99 62.71 20.34
C GLU E 85 -74.18 62.28 19.12
N ASP E 86 -74.75 62.37 17.94
CA ASP E 86 -74.06 61.95 16.71
C ASP E 86 -73.32 63.08 16.02
N THR E 87 -73.29 64.27 16.63
CA THR E 87 -72.51 65.38 16.08
C THR E 87 -71.02 65.05 16.21
N ALA E 88 -70.38 64.76 15.08
CA ALA E 88 -69.00 64.33 15.07
C ALA E 88 -68.41 64.59 13.70
N THR E 89 -67.17 64.12 13.49
CA THR E 89 -66.48 64.25 12.21
C THR E 89 -66.29 62.87 11.62
N TYR E 90 -66.68 62.71 10.35
CA TYR E 90 -66.68 61.42 9.69
C TYR E 90 -65.53 61.33 8.69
N PHE E 91 -65.02 60.11 8.52
CA PHE E 91 -63.84 59.85 7.70
C PHE E 91 -64.06 58.59 6.87
N CYS E 92 -63.42 58.54 5.71
CA CYS E 92 -63.32 57.32 4.91
C CYS E 92 -61.85 57.08 4.59
N ALA E 93 -61.36 55.90 4.97
CA ALA E 93 -59.94 55.58 4.90
C ALA E 93 -59.67 54.50 3.86
N ARG E 94 -58.51 54.60 3.21
CA ARG E 94 -58.08 53.64 2.20
C ARG E 94 -57.10 52.65 2.82
N GLU E 95 -56.81 51.58 2.08
CA GLU E 95 -55.91 50.52 2.51
C GLU E 95 -54.56 50.68 1.81
N THR E 96 -53.61 49.83 2.20
CA THR E 96 -52.29 49.85 1.57
C THR E 96 -52.27 48.99 0.31
N GLY E 97 -52.63 47.72 0.44
CA GLY E 97 -52.64 46.82 -0.70
C GLY E 97 -53.69 45.75 -0.58
N GLY E 98 -53.56 44.68 -1.38
CA GLY E 98 -54.46 43.56 -1.29
C GLY E 98 -54.42 42.90 0.08
N GLY E 99 -55.57 42.74 0.70
CA GLY E 99 -55.58 42.22 2.05
C GLY E 99 -55.02 43.23 3.03
N ALA E 100 -54.48 42.72 4.14
CA ALA E 100 -53.93 43.55 5.21
C ALA E 100 -54.96 44.59 5.68
N PHE E 101 -56.12 44.09 6.06
CA PHE E 101 -57.25 44.95 6.39
C PHE E 101 -56.98 45.73 7.67
N TYR E 102 -57.74 46.82 7.84
CA TYR E 102 -57.66 47.68 9.02
C TYR E 102 -56.25 48.27 9.18
N VAL E 103 -55.78 48.92 8.12
CA VAL E 103 -54.49 49.59 8.13
C VAL E 103 -54.66 51.11 8.06
N PHE E 104 -55.53 51.60 7.18
CA PHE E 104 -55.94 53.00 7.12
C PHE E 104 -54.75 53.93 6.90
N GLU E 105 -54.15 53.78 5.71
CA GLU E 105 -52.99 54.60 5.35
C GLU E 105 -53.37 55.92 4.69
N PHE E 106 -54.42 55.95 3.86
CA PHE E 106 -54.87 57.16 3.20
C PHE E 106 -56.16 57.64 3.86
N TRP E 107 -56.28 58.95 4.05
CA TRP E 107 -57.45 59.55 4.69
C TRP E 107 -57.93 60.74 3.88
N GLY E 108 -59.19 61.11 4.07
CA GLY E 108 -59.79 62.21 3.37
C GLY E 108 -59.60 63.52 4.09
N PRO E 109 -60.23 64.57 3.55
CA PRO E 109 -60.22 65.87 4.25
C PRO E 109 -60.95 65.85 5.58
N GLY E 110 -62.05 65.11 5.68
CA GLY E 110 -62.84 65.06 6.88
C GLY E 110 -64.06 65.97 6.76
N THR E 111 -65.22 65.45 7.17
CA THR E 111 -66.46 66.20 7.11
C THR E 111 -67.18 66.10 8.45
N VAL E 112 -67.89 67.16 8.81
CA VAL E 112 -68.55 67.28 10.10
C VAL E 112 -70.06 67.24 9.88
N VAL E 113 -70.74 66.35 10.61
CA VAL E 113 -72.19 66.24 10.58
C VAL E 113 -72.70 66.63 11.96
N THR E 114 -73.59 67.62 12.00
CA THR E 114 -74.14 68.14 13.25
C THR E 114 -75.64 67.92 13.29
N VAL E 115 -76.14 67.57 14.47
CA VAL E 115 -77.57 67.35 14.69
C VAL E 115 -78.02 68.32 15.79
N SER E 116 -79.01 69.15 15.47
CA SER E 116 -79.52 70.13 16.41
C SER E 116 -80.90 70.57 15.95
N SER E 117 -81.54 71.42 16.75
CA SER E 117 -82.87 71.92 16.44
C SER E 117 -82.79 73.29 15.76
N GLN F 1 -30.71 12.06 70.71
CA GLN F 1 -31.32 11.40 71.86
C GLN F 1 -32.63 12.10 72.22
N VAL F 2 -32.86 13.28 71.64
CA VAL F 2 -34.11 14.01 71.81
C VAL F 2 -34.78 14.09 70.45
N LEU F 3 -36.05 13.68 70.38
CA LEU F 3 -36.82 13.72 69.15
C LEU F 3 -37.93 14.76 69.28
N THR F 4 -37.97 15.69 68.33
CA THR F 4 -38.90 16.81 68.36
C THR F 4 -39.73 16.80 67.08
N GLN F 5 -41.05 16.93 67.23
CA GLN F 5 -41.97 16.97 66.10
C GLN F 5 -42.69 18.31 66.09
N THR F 6 -42.70 18.96 64.93
CA THR F 6 -43.40 20.21 64.73
C THR F 6 -44.14 20.16 63.39
N PRO F 7 -45.36 20.71 63.32
CA PRO F 7 -46.12 21.34 64.41
C PRO F 7 -46.84 20.31 65.28
N SER F 8 -47.28 20.70 66.48
CA SER F 8 -48.02 19.77 67.33
C SER F 8 -49.37 19.42 66.74
N SER F 9 -50.05 20.38 66.12
CA SER F 9 -51.33 20.14 65.48
C SER F 9 -51.42 20.97 64.19
N VAL F 10 -52.05 20.39 63.17
CA VAL F 10 -52.20 21.05 61.89
C VAL F 10 -53.43 20.48 61.20
N SER F 11 -54.17 21.35 60.52
CA SER F 11 -55.40 20.97 59.85
C SER F 11 -55.38 21.47 58.41
N ALA F 12 -56.09 20.75 57.54
CA ALA F 12 -56.19 21.12 56.13
C ALA F 12 -57.48 20.53 55.56
N ALA F 13 -57.87 21.05 54.40
CA ALA F 13 -59.04 20.54 53.71
C ALA F 13 -58.72 19.23 52.99
N VAL F 14 -59.76 18.62 52.43
CA VAL F 14 -59.58 17.37 51.69
C VAL F 14 -58.70 17.60 50.47
N GLY F 15 -58.90 18.71 49.77
CA GLY F 15 -58.07 19.04 48.62
C GLY F 15 -56.87 19.89 49.01
N GLY F 16 -56.13 19.46 50.03
CA GLY F 16 -54.99 20.21 50.50
C GLY F 16 -53.87 19.28 50.96
N THR F 17 -52.73 19.89 51.27
CA THR F 17 -51.54 19.17 51.68
C THR F 17 -50.98 19.77 52.96
N VAL F 18 -50.33 18.92 53.76
CA VAL F 18 -49.70 19.34 55.01
C VAL F 18 -48.32 18.71 55.09
N THR F 19 -47.48 19.31 55.94
CA THR F 19 -46.12 18.86 56.15
C THR F 19 -45.86 18.61 57.63
N ILE F 20 -45.13 17.55 57.94
CA ILE F 20 -44.74 17.22 59.31
C ILE F 20 -43.23 17.06 59.34
N ASN F 21 -42.57 17.75 60.28
CA ASN F 21 -41.13 17.76 60.38
C ASN F 21 -40.71 17.10 61.69
N CYS F 22 -39.76 16.17 61.60
CA CYS F 22 -39.21 15.49 62.77
C CYS F 22 -37.69 15.62 62.72
N GLN F 23 -37.12 16.29 63.72
CA GLN F 23 -35.69 16.56 63.77
C GLN F 23 -35.04 15.73 64.87
N ALA F 24 -33.88 15.16 64.55
CA ALA F 24 -33.12 14.35 65.49
C ALA F 24 -31.95 15.15 66.05
N SER F 25 -31.71 15.02 67.36
CA SER F 25 -30.63 15.73 68.02
C SER F 25 -29.26 15.15 67.70
N GLU F 26 -29.19 14.01 67.01
CA GLU F 26 -27.93 13.38 66.66
C GLU F 26 -28.01 12.88 65.23
N ASP F 27 -26.83 12.71 64.61
CA ASP F 27 -26.77 12.20 63.26
C ASP F 27 -27.15 10.72 63.24
N ILE F 28 -28.19 10.38 62.49
CA ILE F 28 -28.77 9.04 62.52
C ILE F 28 -28.74 8.47 61.11
N TYR F 29 -28.14 9.22 60.18
CA TYR F 29 -28.08 8.86 58.76
C TYR F 29 -29.52 8.85 58.24
N ASP F 30 -30.03 7.73 57.71
CA ASP F 30 -31.38 7.66 57.19
C ASP F 30 -32.27 6.70 57.99
N ASN F 31 -31.86 6.34 59.20
CA ASN F 31 -32.59 5.36 60.00
C ASN F 31 -33.67 6.08 60.81
N LEU F 32 -34.86 6.18 60.23
CA LEU F 32 -35.99 6.78 60.91
C LEU F 32 -37.27 6.22 60.31
N VAL F 33 -38.26 5.96 61.18
CA VAL F 33 -39.51 5.34 60.77
C VAL F 33 -40.68 6.19 61.24
N TRP F 34 -41.81 6.04 60.57
CA TRP F 34 -43.03 6.77 60.88
C TRP F 34 -44.16 5.79 61.20
N TYR F 35 -45.15 6.26 61.95
CA TYR F 35 -46.30 5.45 62.32
C TYR F 35 -47.55 6.31 62.27
N GLN F 36 -48.69 5.63 62.11
CA GLN F 36 -50.01 6.27 62.13
C GLN F 36 -50.88 5.49 63.10
N GLN F 37 -51.31 6.16 64.18
CA GLN F 37 -52.08 5.53 65.24
C GLN F 37 -53.48 6.14 65.26
N LYS F 38 -54.47 5.37 64.81
CA LYS F 38 -55.85 5.79 64.96
C LYS F 38 -56.27 5.71 66.43
N PRO F 39 -57.24 6.51 66.85
CA PRO F 39 -57.69 6.46 68.25
C PRO F 39 -58.20 5.08 68.63
N GLY F 40 -57.62 4.52 69.68
CA GLY F 40 -57.99 3.19 70.14
C GLY F 40 -57.45 2.05 69.33
N GLN F 41 -56.58 2.32 68.35
CA GLN F 41 -56.04 1.30 67.47
C GLN F 41 -54.52 1.25 67.59
N PRO F 42 -53.91 0.10 67.31
CA PRO F 42 -52.44 0.05 67.28
C PRO F 42 -51.91 0.91 66.15
N PRO F 43 -50.69 1.44 66.29
CA PRO F 43 -50.11 2.23 65.20
C PRO F 43 -49.84 1.35 63.98
N LYS F 44 -49.62 2.00 62.85
CA LYS F 44 -49.30 1.31 61.61
C LYS F 44 -48.00 1.87 61.03
N LEU F 45 -47.07 0.97 60.72
CA LEU F 45 -45.81 1.36 60.13
C LEU F 45 -46.05 1.88 58.72
N LEU F 46 -45.76 3.15 58.49
CA LEU F 46 -46.03 3.79 57.21
C LEU F 46 -44.77 3.89 56.34
N ILE F 47 -43.71 4.51 56.86
CA ILE F 47 -42.47 4.69 56.12
C ILE F 47 -41.32 4.25 57.01
N TYR F 48 -40.46 3.39 56.48
CA TYR F 48 -39.22 3.00 57.14
C TYR F 48 -38.04 3.43 56.31
N ASP F 49 -36.91 3.68 56.97
CA ASP F 49 -35.71 4.25 56.38
C ASP F 49 -35.92 5.66 55.87
N ALA F 50 -37.03 6.29 56.24
CA ALA F 50 -37.40 7.68 55.97
C ALA F 50 -37.71 7.93 54.49
N SER F 51 -37.53 6.94 53.61
CA SER F 51 -37.82 7.15 52.20
C SER F 51 -38.48 5.96 51.52
N THR F 52 -38.79 4.89 52.25
CA THR F 52 -39.37 3.68 51.68
C THR F 52 -40.76 3.47 52.25
N LEU F 53 -41.75 3.34 51.37
CA LEU F 53 -43.12 3.09 51.80
C LEU F 53 -43.28 1.65 52.25
N ALA F 54 -44.06 1.45 53.30
CA ALA F 54 -44.33 0.10 53.78
C ALA F 54 -45.32 -0.61 52.87
N PHE F 55 -45.39 -1.94 53.02
CA PHE F 55 -46.29 -2.73 52.20
C PHE F 55 -47.75 -2.46 52.56
N GLY F 56 -48.58 -2.30 51.55
CA GLY F 56 -50.01 -2.11 51.74
C GLY F 56 -50.44 -0.70 52.06
N VAL F 57 -49.54 0.27 52.03
CA VAL F 57 -49.89 1.65 52.33
C VAL F 57 -50.04 2.41 51.02
N SER F 58 -50.75 3.55 51.08
CA SER F 58 -51.03 4.34 49.90
C SER F 58 -49.79 5.07 49.41
N SER F 59 -49.83 5.49 48.15
CA SER F 59 -48.73 6.23 47.53
C SER F 59 -48.81 7.72 47.79
N ARG F 60 -49.87 8.21 48.43
CA ARG F 60 -49.97 9.63 48.76
C ARG F 60 -49.11 10.04 49.92
N PHE F 61 -48.49 9.09 50.63
CA PHE F 61 -47.58 9.37 51.72
C PHE F 61 -46.15 9.29 51.20
N ARG F 62 -45.38 10.36 51.41
CA ARG F 62 -44.01 10.44 50.93
C ARG F 62 -43.10 10.93 52.05
N GLY F 63 -41.85 10.47 52.02
CA GLY F 63 -40.87 10.88 52.99
C GLY F 63 -39.57 11.27 52.33
N SER F 64 -38.81 12.10 53.05
CA SER F 64 -37.52 12.59 52.56
C SER F 64 -36.69 13.01 53.77
N GLY F 65 -35.55 13.63 53.50
CA GLY F 65 -34.68 14.10 54.57
C GLY F 65 -33.64 13.07 54.95
N SER F 66 -32.49 13.57 55.39
CA SER F 66 -31.39 12.73 55.82
C SER F 66 -30.53 13.49 56.82
N GLY F 67 -29.79 12.73 57.63
CA GLY F 67 -28.94 13.34 58.63
C GLY F 67 -29.66 13.62 59.93
N THR F 68 -30.07 14.88 60.13
CA THR F 68 -30.76 15.29 61.34
C THR F 68 -32.15 15.86 61.10
N HIS F 69 -32.52 16.14 59.86
CA HIS F 69 -33.82 16.72 59.54
C HIS F 69 -34.59 15.77 58.63
N PHE F 70 -35.86 15.53 58.97
CA PHE F 70 -36.74 14.68 58.17
C PHE F 70 -38.09 15.36 58.03
N THR F 71 -38.80 14.99 56.96
CA THR F 71 -40.08 15.62 56.66
C THR F 71 -41.02 14.59 56.05
N LEU F 72 -42.26 14.57 56.53
CA LEU F 72 -43.33 13.76 55.94
C LEU F 72 -44.42 14.69 55.43
N THR F 73 -44.85 14.47 54.18
CA THR F 73 -45.86 15.29 53.54
C THR F 73 -46.94 14.40 52.96
N MET F 74 -48.19 14.75 53.21
CA MET F 74 -49.35 14.02 52.70
C MET F 74 -50.00 14.84 51.59
N ARG F 75 -50.22 14.21 50.44
CA ARG F 75 -50.83 14.86 49.28
C ARG F 75 -52.27 14.39 49.13
N ASP F 76 -53.19 15.36 49.00
CA ASP F 76 -54.61 15.09 48.85
C ASP F 76 -55.13 14.23 50.00
N VAL F 77 -55.05 14.80 51.21
CA VAL F 77 -55.45 14.07 52.41
C VAL F 77 -56.95 13.81 52.36
N GLN F 78 -57.35 12.60 52.74
CA GLN F 78 -58.75 12.23 52.75
C GLN F 78 -59.28 12.33 54.18
N CYS F 79 -60.55 11.98 54.38
CA CYS F 79 -61.12 11.92 55.72
C CYS F 79 -60.64 10.71 56.51
N ASP F 80 -59.97 9.77 55.84
CA ASP F 80 -59.42 8.58 56.50
C ASP F 80 -58.06 8.84 57.13
N ASP F 81 -57.43 9.97 56.84
CA ASP F 81 -56.11 10.28 57.35
C ASP F 81 -56.14 11.00 58.69
N ALA F 82 -57.32 11.21 59.27
CA ALA F 82 -57.44 11.87 60.56
C ALA F 82 -56.94 10.92 61.64
N ALA F 83 -55.70 11.10 62.06
CA ALA F 83 -55.07 10.25 63.06
C ALA F 83 -53.85 11.00 63.60
N THR F 84 -53.02 10.29 64.36
CA THR F 84 -51.79 10.85 64.93
C THR F 84 -50.58 10.16 64.32
N TYR F 85 -49.53 10.94 64.09
CA TYR F 85 -48.31 10.43 63.48
C TYR F 85 -47.12 10.62 64.42
N TYR F 86 -46.25 9.62 64.45
CA TYR F 86 -45.07 9.63 65.30
C TYR F 86 -43.85 9.26 64.47
N CYS F 87 -42.70 9.79 64.87
CA CYS F 87 -41.42 9.49 64.23
C CYS F 87 -40.51 8.81 65.24
N GLN F 88 -39.78 7.79 64.77
CA GLN F 88 -38.84 7.05 65.61
C GLN F 88 -37.60 6.72 64.79
N GLY F 89 -36.44 6.94 65.39
CA GLY F 89 -35.18 6.63 64.74
C GLY F 89 -34.12 6.32 65.78
N GLU F 90 -33.34 5.27 65.51
CA GLU F 90 -32.35 4.79 66.46
C GLU F 90 -31.37 5.89 66.83
N PHE F 91 -30.72 5.71 67.97
CA PHE F 91 -29.79 6.70 68.52
C PHE F 91 -28.47 6.04 68.92
N SER F 92 -27.96 5.19 68.03
CA SER F 92 -26.70 4.44 68.34
C SER F 92 -26.96 3.56 69.57
N CYS F 93 -26.07 3.57 70.57
CA CYS F 93 -26.25 2.66 71.72
C CYS F 93 -25.67 3.24 73.01
N SER F 94 -24.48 2.78 73.41
CA SER F 94 -23.80 3.33 74.60
C SER F 94 -23.80 4.87 74.52
N SER F 95 -24.07 5.42 73.34
CA SER F 95 -24.16 6.90 73.18
C SER F 95 -25.24 7.45 74.12
N GLY F 96 -26.37 6.76 74.24
CA GLY F 96 -27.46 7.20 75.13
C GLY F 96 -28.53 6.12 75.28
N ASP F 97 -29.78 6.43 74.91
CA ASP F 97 -30.88 5.44 74.97
C ASP F 97 -31.10 4.89 73.56
N CYS F 98 -31.11 3.55 73.42
CA CYS F 98 -31.29 2.93 72.09
C CYS F 98 -32.11 3.85 71.18
N THR F 99 -33.33 4.21 71.59
CA THR F 99 -34.21 5.03 70.77
C THR F 99 -35.30 5.64 71.64
N ALA F 100 -35.68 6.87 71.29
CA ALA F 100 -36.81 7.54 71.93
C ALA F 100 -37.83 7.89 70.87
N PHE F 101 -39.10 7.89 71.27
CA PHE F 101 -40.20 8.19 70.37
C PHE F 101 -40.45 9.70 70.34
N GLY F 102 -41.00 10.17 69.22
CA GLY F 102 -41.28 11.58 69.07
C GLY F 102 -42.50 12.01 69.87
N GLY F 103 -42.67 13.33 69.98
CA GLY F 103 -43.80 13.87 70.72
C GLY F 103 -45.12 13.62 70.02
N GLY F 104 -45.11 13.48 68.71
CA GLY F 104 -46.32 13.19 67.96
C GLY F 104 -47.08 14.45 67.57
N THR F 105 -47.88 14.31 66.51
CA THR F 105 -48.71 15.39 66.01
C THR F 105 -50.10 14.85 65.70
N GLU F 106 -51.09 15.73 65.80
CA GLU F 106 -52.48 15.37 65.56
C GLU F 106 -52.95 16.08 64.29
N VAL F 107 -53.58 15.31 63.39
CA VAL F 107 -54.04 15.81 62.11
C VAL F 107 -55.56 15.67 62.05
N VAL F 108 -56.25 16.76 61.75
CA VAL F 108 -57.70 16.78 61.61
C VAL F 108 -58.05 17.39 60.26
N VAL F 109 -58.97 16.76 59.54
CA VAL F 109 -59.38 17.19 58.22
C VAL F 109 -60.83 17.65 58.29
N LYS F 110 -61.09 18.85 57.79
CA LYS F 110 -62.45 19.39 57.77
C LYS F 110 -63.15 19.06 56.45
N GLN G 1 -48.58 -14.38 61.03
CA GLN G 1 -47.86 -13.72 62.11
C GLN G 1 -48.82 -12.92 63.00
N SER G 2 -49.32 -13.56 64.06
CA SER G 2 -50.23 -12.94 64.99
C SER G 2 -49.56 -12.83 66.35
N VAL G 3 -49.62 -11.64 66.95
CA VAL G 3 -49.00 -11.35 68.23
C VAL G 3 -50.09 -10.91 69.20
N GLU G 4 -50.10 -11.48 70.40
CA GLU G 4 -51.08 -11.12 71.42
C GLU G 4 -50.44 -11.22 72.80
N GLU G 5 -51.03 -10.48 73.74
CA GLU G 5 -50.56 -10.46 75.11
C GLU G 5 -51.71 -10.17 76.04
N SER G 6 -51.52 -10.51 77.31
CA SER G 6 -52.55 -10.31 78.33
C SER G 6 -51.88 -10.24 79.70
N GLY G 7 -52.64 -9.76 80.68
CA GLY G 7 -52.13 -9.67 82.04
C GLY G 7 -52.49 -8.37 82.74
N GLY G 8 -53.27 -7.52 82.07
CA GLY G 8 -53.69 -6.26 82.68
C GLY G 8 -54.55 -6.46 83.90
N ARG G 9 -54.18 -5.83 85.01
CA ARG G 9 -54.90 -5.96 86.27
C ARG G 9 -54.77 -4.67 87.07
N LEU G 10 -55.65 -4.53 88.05
CA LEU G 10 -55.62 -3.41 88.98
C LEU G 10 -54.90 -3.86 90.24
N VAL G 11 -53.78 -3.21 90.56
CA VAL G 11 -52.96 -3.58 91.70
C VAL G 11 -52.57 -2.34 92.48
N THR G 12 -52.23 -2.54 93.75
CA THR G 12 -51.75 -1.45 94.58
C THR G 12 -50.31 -1.10 94.19
N PRO G 13 -49.88 0.14 94.47
CA PRO G 13 -48.49 0.51 94.17
C PRO G 13 -47.51 -0.37 94.94
N GLY G 14 -46.39 -0.68 94.27
CA GLY G 14 -45.37 -1.52 94.86
C GLY G 14 -45.59 -3.01 94.72
N THR G 15 -46.69 -3.43 94.11
CA THR G 15 -47.00 -4.85 93.93
C THR G 15 -46.56 -5.31 92.55
N PRO G 16 -45.67 -6.29 92.45
CA PRO G 16 -45.21 -6.75 91.14
C PRO G 16 -46.33 -7.43 90.35
N LEU G 17 -46.21 -7.35 89.03
CA LEU G 17 -47.16 -7.93 88.10
C LEU G 17 -46.41 -8.48 86.90
N THR G 18 -47.02 -9.44 86.21
CA THR G 18 -46.41 -10.08 85.04
C THR G 18 -47.34 -9.99 83.85
N LEU G 19 -46.82 -9.52 82.72
CA LEU G 19 -47.52 -9.56 81.44
C LEU G 19 -46.79 -10.51 80.50
N THR G 20 -47.53 -11.43 79.89
CA THR G 20 -46.97 -12.42 78.99
C THR G 20 -47.47 -12.16 77.57
N CYS G 21 -46.54 -12.05 76.63
CA CYS G 21 -46.86 -11.87 75.22
C CYS G 21 -46.51 -13.17 74.49
N THR G 22 -47.49 -13.74 73.80
CA THR G 22 -47.34 -15.03 73.15
C THR G 22 -47.22 -14.85 71.64
N VAL G 23 -46.22 -15.50 71.05
CA VAL G 23 -46.05 -15.46 69.61
C VAL G 23 -46.89 -16.54 68.96
N SER G 24 -47.15 -16.38 67.66
CA SER G 24 -47.97 -17.34 66.92
C SER G 24 -47.71 -17.17 65.43
N GLY G 25 -47.39 -18.26 64.75
CA GLY G 25 -47.20 -18.24 63.32
C GLY G 25 -45.80 -17.98 62.83
N PHE G 26 -44.82 -17.88 63.72
CA PHE G 26 -43.44 -17.62 63.32
C PHE G 26 -42.50 -18.13 64.42
N SER G 27 -41.21 -18.10 64.13
CA SER G 27 -40.19 -18.56 65.06
C SER G 27 -39.68 -17.38 65.89
N LEU G 28 -39.74 -17.54 67.21
CA LEU G 28 -39.33 -16.47 68.11
C LEU G 28 -37.82 -16.23 68.06
N SER G 29 -37.04 -17.29 67.85
CA SER G 29 -35.58 -17.19 67.89
C SER G 29 -35.02 -16.48 66.67
N ARG G 30 -35.88 -15.95 65.81
CA ARG G 30 -35.44 -15.23 64.62
C ARG G 30 -35.74 -13.74 64.66
N TYR G 31 -36.75 -13.32 65.40
CA TYR G 31 -37.17 -11.92 65.47
C TYR G 31 -36.99 -11.39 66.89
N ALA G 32 -36.91 -10.08 67.00
CA ALA G 32 -36.66 -9.40 68.26
C ALA G 32 -37.96 -8.83 68.82
N MET G 33 -38.23 -9.13 70.09
CA MET G 33 -39.43 -8.64 70.76
C MET G 33 -39.12 -7.38 71.54
N SER G 34 -40.00 -6.38 71.41
CA SER G 34 -39.83 -5.12 72.11
C SER G 34 -41.16 -4.70 72.71
N TRP G 35 -41.08 -3.87 73.75
CA TRP G 35 -42.25 -3.40 74.48
C TRP G 35 -42.30 -1.88 74.45
N VAL G 36 -43.47 -1.34 74.10
CA VAL G 36 -43.71 0.10 74.15
C VAL G 36 -44.99 0.34 74.94
N ARG G 37 -45.09 1.52 75.53
CA ARG G 37 -46.25 1.88 76.34
C ARG G 37 -46.64 3.32 76.05
N GLN G 38 -47.92 3.62 76.25
CA GLN G 38 -48.42 4.98 76.10
C GLN G 38 -49.42 5.26 77.23
N ALA G 39 -49.32 6.46 77.78
CA ALA G 39 -50.29 6.90 78.77
C ALA G 39 -51.58 7.34 78.08
N PRO G 40 -52.71 7.32 78.80
CA PRO G 40 -53.99 7.71 78.18
C PRO G 40 -53.94 9.13 77.62
N GLY G 41 -54.05 9.23 76.29
CA GLY G 41 -54.02 10.52 75.62
C GLY G 41 -52.66 11.11 75.40
N LYS G 42 -51.59 10.39 75.73
CA LYS G 42 -50.22 10.89 75.60
C LYS G 42 -49.47 10.11 74.53
N GLY G 43 -48.22 10.53 74.30
CA GLY G 43 -47.42 9.96 73.23
C GLY G 43 -46.84 8.59 73.58
N LEU G 44 -46.21 8.00 72.56
CA LEU G 44 -45.62 6.68 72.71
C LEU G 44 -44.34 6.74 73.54
N GLU G 45 -44.13 5.68 74.33
CA GLU G 45 -42.92 5.53 75.13
C GLU G 45 -42.37 4.12 74.93
N TRP G 46 -41.04 4.03 74.92
CA TRP G 46 -40.35 2.75 74.78
C TRP G 46 -39.83 2.24 76.13
N ILE G 47 -39.91 0.93 76.32
CA ILE G 47 -39.51 0.29 77.57
C ILE G 47 -38.27 -0.56 77.38
N GLY G 48 -38.34 -1.59 76.54
CA GLY G 48 -37.23 -2.49 76.38
C GLY G 48 -37.37 -3.33 75.12
N ILE G 49 -36.28 -4.02 74.79
CA ILE G 49 -36.24 -4.95 73.67
C ILE G 49 -35.29 -6.08 74.00
N ILE G 50 -35.59 -7.26 73.46
CA ILE G 50 -34.69 -8.41 73.51
C ILE G 50 -34.40 -8.85 72.07
N VAL G 51 -33.13 -9.10 71.77
CA VAL G 51 -32.73 -9.57 70.45
C VAL G 51 -32.99 -11.06 70.34
N ASP G 52 -32.90 -11.59 69.11
CA ASP G 52 -33.17 -13.01 68.89
C ASP G 52 -32.16 -13.89 69.63
N SER G 53 -30.91 -13.44 69.73
CA SER G 53 -29.90 -14.23 70.43
C SER G 53 -30.23 -14.35 71.90
N GLY G 54 -30.66 -13.26 72.54
CA GLY G 54 -31.03 -13.30 73.93
C GLY G 54 -30.59 -12.09 74.73
N HIS G 55 -29.79 -11.23 74.12
CA HIS G 55 -29.31 -10.03 74.80
C HIS G 55 -30.45 -9.06 75.03
N THR G 56 -30.37 -8.32 76.14
CA THR G 56 -31.45 -7.44 76.58
C THR G 56 -30.97 -6.00 76.65
N ALA G 57 -31.88 -5.08 76.36
CA ALA G 57 -31.62 -3.65 76.45
C ALA G 57 -32.80 -2.96 77.11
N TYR G 58 -32.52 -1.85 77.80
CA TYR G 58 -33.57 -1.13 78.52
C TYR G 58 -33.46 0.38 78.31
N ALA G 59 -34.32 1.14 78.98
CA ALA G 59 -34.41 2.57 78.82
C ALA G 59 -33.86 3.27 80.07
N SER G 60 -33.28 4.46 79.85
CA SER G 60 -32.77 5.24 80.98
C SER G 60 -33.90 5.70 81.89
N TRP G 61 -35.03 6.12 81.31
CA TRP G 61 -36.14 6.57 82.14
C TRP G 61 -36.73 5.42 82.96
N ALA G 62 -36.59 4.18 82.47
CA ALA G 62 -37.04 3.03 83.23
C ALA G 62 -36.22 2.82 84.50
N LYS G 63 -34.98 3.31 84.52
CA LYS G 63 -34.05 3.27 85.65
C LYS G 63 -33.57 1.86 85.96
N GLY G 64 -34.09 0.84 85.26
CA GLY G 64 -33.66 -0.53 85.50
C GLY G 64 -34.54 -1.28 86.47
N ARG G 65 -35.84 -0.96 86.47
CA ARG G 65 -36.80 -1.66 87.32
C ARG G 65 -37.60 -2.70 86.54
N PHE G 66 -37.33 -2.88 85.26
CA PHE G 66 -38.00 -3.87 84.43
C PHE G 66 -37.07 -5.06 84.17
N THR G 67 -37.69 -6.17 83.76
CA THR G 67 -36.94 -7.39 83.46
C THR G 67 -37.71 -8.19 82.42
N ILE G 68 -37.10 -8.39 81.26
CA ILE G 68 -37.72 -9.13 80.16
C ILE G 68 -37.03 -10.49 80.05
N SER G 69 -37.82 -11.55 80.02
CA SER G 69 -37.31 -12.91 79.90
C SER G 69 -37.84 -13.55 78.63
N ARG G 70 -37.07 -14.50 78.10
CA ARG G 70 -37.44 -15.22 76.88
C ARG G 70 -37.52 -16.71 77.14
N THR G 71 -38.41 -17.37 76.41
CA THR G 71 -38.60 -18.81 76.48
C THR G 71 -39.20 -19.25 75.15
N SER G 72 -39.78 -20.46 75.13
CA SER G 72 -40.31 -21.04 73.90
C SER G 72 -41.27 -20.08 73.19
N THR G 73 -42.40 -19.77 73.84
CA THR G 73 -43.42 -18.94 73.19
C THR G 73 -44.04 -17.94 74.15
N THR G 74 -43.30 -17.50 75.17
CA THR G 74 -43.83 -16.57 76.16
C THR G 74 -42.79 -15.48 76.42
N VAL G 75 -42.91 -14.36 75.70
CA VAL G 75 -42.05 -13.19 75.96
C VAL G 75 -42.76 -12.39 77.04
N ASP G 76 -42.20 -12.42 78.24
CA ASP G 76 -42.82 -11.83 79.41
C ASP G 76 -41.95 -10.72 80.00
N LEU G 77 -42.63 -9.74 80.62
CA LEU G 77 -41.99 -8.63 81.29
C LEU G 77 -42.53 -8.53 82.71
N LYS G 78 -41.62 -8.33 83.66
CA LYS G 78 -41.98 -8.16 85.06
C LYS G 78 -41.34 -6.88 85.59
N MET G 79 -42.13 -6.11 86.33
CA MET G 79 -41.65 -4.90 86.98
C MET G 79 -41.85 -5.01 88.49
N THR G 80 -41.13 -4.15 89.21
CA THR G 80 -41.16 -4.12 90.67
C THR G 80 -41.31 -2.68 91.13
N SER G 81 -42.02 -2.49 92.24
CA SER G 81 -42.22 -1.17 92.85
C SER G 81 -42.91 -0.21 91.89
N LEU G 82 -44.14 -0.56 91.53
CA LEU G 82 -44.96 0.29 90.67
C LEU G 82 -45.38 1.56 91.40
N THR G 83 -45.49 2.65 90.65
CA THR G 83 -45.96 3.93 91.14
C THR G 83 -47.35 4.22 90.59
N THR G 84 -47.90 5.37 90.98
CA THR G 84 -49.25 5.75 90.57
C THR G 84 -49.30 6.34 89.17
N GLU G 85 -48.16 6.63 88.55
CA GLU G 85 -48.11 7.19 87.21
C GLU G 85 -47.86 6.14 86.15
N ASP G 86 -47.87 4.86 86.51
CA ASP G 86 -47.62 3.78 85.57
C ASP G 86 -48.89 3.24 84.92
N THR G 87 -50.04 3.83 85.21
CA THR G 87 -51.29 3.44 84.56
C THR G 87 -51.21 3.82 83.08
N ALA G 88 -51.08 2.81 82.21
CA ALA G 88 -50.89 3.05 80.80
C ALA G 88 -51.31 1.78 80.03
N THR G 89 -51.07 1.79 78.73
CA THR G 89 -51.36 0.65 77.86
C THR G 89 -50.05 0.11 77.32
N TYR G 90 -49.86 -1.20 77.42
CA TYR G 90 -48.60 -1.84 77.08
C TYR G 90 -48.73 -2.65 75.78
N PHE G 91 -47.63 -2.74 75.05
CA PHE G 91 -47.59 -3.39 73.75
C PHE G 91 -46.35 -4.28 73.67
N CYS G 92 -46.45 -5.33 72.84
CA CYS G 92 -45.30 -6.11 72.43
C CYS G 92 -45.23 -6.08 70.91
N ALA G 93 -44.08 -5.69 70.37
CA ALA G 93 -43.92 -5.41 68.95
C ALA G 93 -43.04 -6.45 68.28
N ARG G 94 -43.34 -6.74 67.02
CA ARG G 94 -42.58 -7.67 66.21
C ARG G 94 -41.79 -6.92 65.15
N GLU G 95 -40.89 -7.62 64.47
CA GLU G 95 -40.03 -7.06 63.45
C GLU G 95 -40.47 -7.58 62.06
N THR G 96 -39.80 -7.07 61.02
CA THR G 96 -40.08 -7.54 59.67
C THR G 96 -39.23 -8.77 59.33
N GLY G 97 -37.92 -8.66 59.47
CA GLY G 97 -37.04 -9.75 59.13
C GLY G 97 -35.79 -9.80 59.99
N GLY G 98 -34.82 -10.61 59.60
CA GLY G 98 -33.55 -10.67 60.31
C GLY G 98 -32.84 -9.33 60.31
N GLY G 99 -32.42 -8.88 61.48
CA GLY G 99 -31.86 -7.55 61.54
C GLY G 99 -32.93 -6.50 61.32
N ALA G 100 -32.49 -5.34 60.81
CA ALA G 100 -33.37 -4.19 60.60
C ALA G 100 -34.18 -3.88 61.86
N PHE G 101 -33.46 -3.74 62.97
CA PHE G 101 -34.10 -3.57 64.26
C PHE G 101 -34.91 -2.28 64.30
N TYR G 102 -35.97 -2.31 65.13
CA TYR G 102 -36.79 -1.13 65.42
C TYR G 102 -37.59 -0.70 64.19
N VAL G 103 -38.18 -1.68 63.52
CA VAL G 103 -39.11 -1.44 62.42
C VAL G 103 -40.55 -1.53 62.88
N PHE G 104 -40.84 -2.42 63.84
CA PHE G 104 -42.12 -2.47 64.56
C PHE G 104 -43.30 -2.55 63.59
N GLU G 105 -43.36 -3.68 62.88
CA GLU G 105 -44.40 -3.87 61.88
C GLU G 105 -45.67 -4.53 62.43
N PHE G 106 -45.54 -5.51 63.32
CA PHE G 106 -46.68 -6.24 63.86
C PHE G 106 -46.95 -5.81 65.29
N TRP G 107 -48.21 -5.95 65.72
CA TRP G 107 -48.66 -5.47 67.02
C TRP G 107 -49.63 -6.46 67.65
N GLY G 108 -49.90 -6.27 68.93
CA GLY G 108 -50.89 -7.04 69.63
C GLY G 108 -52.20 -6.29 69.78
N PRO G 109 -53.15 -6.91 70.47
CA PRO G 109 -54.41 -6.20 70.78
C PRO G 109 -54.21 -5.00 71.70
N GLY G 110 -53.32 -5.11 72.67
CA GLY G 110 -53.08 -4.04 73.63
C GLY G 110 -53.74 -4.36 74.96
N THR G 111 -53.00 -4.14 76.04
CA THR G 111 -53.50 -4.41 77.39
C THR G 111 -53.22 -3.19 78.26
N VAL G 112 -54.13 -2.94 79.21
CA VAL G 112 -54.07 -1.77 80.08
C VAL G 112 -53.77 -2.24 81.50
N VAL G 113 -52.75 -1.64 82.11
CA VAL G 113 -52.38 -1.92 83.49
C VAL G 113 -52.62 -0.65 84.29
N THR G 114 -53.45 -0.75 85.32
CA THR G 114 -53.82 0.38 86.15
C THR G 114 -53.34 0.16 87.59
N VAL G 115 -52.87 1.23 88.21
CA VAL G 115 -52.41 1.20 89.60
C VAL G 115 -53.23 2.20 90.38
N SER G 116 -53.89 1.72 91.43
CA SER G 116 -54.75 2.57 92.27
C SER G 116 -54.95 1.87 93.61
N SER G 117 -55.65 2.55 94.51
CA SER G 117 -55.93 2.00 95.83
C SER G 117 -57.31 1.37 95.88
N GLN H 1 -4.04 64.36 43.75
CA GLN H 1 -3.38 65.44 44.47
C GLN H 1 -3.76 65.43 45.96
N VAL H 2 -4.92 64.85 46.26
CA VAL H 2 -5.45 64.80 47.61
C VAL H 2 -5.49 63.34 48.04
N LEU H 3 -4.93 63.07 49.22
CA LEU H 3 -4.90 61.72 49.79
C LEU H 3 -5.74 61.69 51.06
N THR H 4 -6.65 60.73 51.12
CA THR H 4 -7.58 60.60 52.24
C THR H 4 -7.47 59.20 52.83
N GLN H 5 -7.38 59.11 54.15
CA GLN H 5 -7.29 57.85 54.86
C GLN H 5 -8.48 57.70 55.80
N THR H 6 -9.16 56.56 55.74
CA THR H 6 -10.27 56.24 56.61
C THR H 6 -10.13 54.81 57.09
N PRO H 7 -10.48 54.52 58.35
CA PRO H 7 -10.94 55.45 59.39
C PRO H 7 -9.77 56.17 60.06
N SER H 8 -10.04 57.28 60.75
CA SER H 8 -8.98 57.99 61.46
C SER H 8 -8.41 57.16 62.61
N SER H 9 -9.26 56.44 63.32
CA SER H 9 -8.83 55.60 64.42
C SER H 9 -9.66 54.33 64.43
N VAL H 10 -9.01 53.21 64.76
CA VAL H 10 -9.68 51.91 64.79
C VAL H 10 -8.93 51.02 65.77
N SER H 11 -9.68 50.21 66.52
CA SER H 11 -9.12 49.33 67.54
C SER H 11 -9.66 47.93 67.36
N ALA H 12 -8.85 46.94 67.78
CA ALA H 12 -9.24 45.54 67.70
C ALA H 12 -8.46 44.76 68.74
N ALA H 13 -8.94 43.55 69.02
CA ALA H 13 -8.26 42.67 69.96
C ALA H 13 -7.06 42.01 69.28
N VAL H 14 -6.29 41.27 70.10
CA VAL H 14 -5.12 40.58 69.57
C VAL H 14 -5.53 39.53 68.54
N GLY H 15 -6.61 38.80 68.81
CA GLY H 15 -7.12 37.83 67.87
C GLY H 15 -8.14 38.41 66.92
N GLY H 16 -7.81 39.55 66.30
CA GLY H 16 -8.73 40.21 65.40
C GLY H 16 -8.00 40.86 64.25
N THR H 17 -8.79 41.37 63.30
CA THR H 17 -8.26 41.98 62.09
C THR H 17 -8.92 43.33 61.87
N VAL H 18 -8.17 44.24 61.24
CA VAL H 18 -8.65 45.57 60.92
C VAL H 18 -8.27 45.90 59.48
N THR H 19 -8.98 46.86 58.91
CA THR H 19 -8.77 47.30 57.53
C THR H 19 -8.52 48.80 57.50
N ILE H 20 -7.59 49.22 56.65
CA ILE H 20 -7.28 50.63 56.44
C ILE H 20 -7.38 50.93 54.96
N ASN H 21 -8.14 51.98 54.62
CA ASN H 21 -8.40 52.34 53.24
C ASN H 21 -7.78 53.70 52.94
N CYS H 22 -7.05 53.78 51.84
CA CYS H 22 -6.43 55.03 51.38
C CYS H 22 -6.82 55.24 49.92
N GLN H 23 -7.54 56.32 49.65
CA GLN H 23 -8.06 56.62 48.33
C GLN H 23 -7.31 57.81 47.72
N ALA H 24 -6.96 57.70 46.45
CA ALA H 24 -6.26 58.74 45.73
C ALA H 24 -7.24 59.50 44.83
N SER H 25 -7.11 60.83 44.83
CA SER H 25 -7.98 61.67 44.02
C SER H 25 -7.65 61.59 42.53
N GLU H 26 -6.54 60.97 42.16
CA GLU H 26 -6.14 60.84 40.77
C GLU H 26 -5.66 59.42 40.51
N ASP H 27 -5.73 59.00 39.25
CA ASP H 27 -5.26 57.67 38.88
C ASP H 27 -3.74 57.61 38.98
N ILE H 28 -3.24 56.69 39.80
CA ILE H 28 -1.82 56.63 40.12
C ILE H 28 -1.32 55.23 39.74
N TYR H 29 -2.20 54.43 39.14
CA TYR H 29 -1.92 53.04 38.78
C TYR H 29 -1.67 52.28 40.08
N ASP H 30 -0.51 51.66 40.27
CA ASP H 30 -0.21 50.92 41.49
C ASP H 30 0.92 51.55 42.30
N ASN H 31 1.23 52.82 42.05
CA ASN H 31 2.35 53.49 42.72
C ASN H 31 1.86 54.10 44.02
N LEU H 32 1.89 53.30 45.08
CA LEU H 32 1.52 53.76 46.40
C LEU H 32 2.27 52.95 47.44
N VAL H 33 2.73 53.62 48.51
CA VAL H 33 3.54 53.00 49.53
C VAL H 33 2.92 53.26 50.90
N TRP H 34 3.26 52.40 51.85
CA TRP H 34 2.78 52.48 53.22
C TRP H 34 3.94 52.58 54.19
N TYR H 35 3.68 53.16 55.36
CA TYR H 35 4.70 53.31 56.38
C TYR H 35 4.07 53.06 57.75
N GLN H 36 4.91 52.68 58.71
CA GLN H 36 4.52 52.52 60.10
C GLN H 36 5.46 53.34 60.96
N GLN H 37 4.90 54.28 61.72
CA GLN H 37 5.68 55.20 62.54
C GLN H 37 5.33 54.99 64.00
N LYS H 38 6.23 54.36 64.75
CA LYS H 38 6.06 54.26 66.18
C LYS H 38 6.29 55.63 66.83
N PRO H 39 5.68 55.89 67.98
CA PRO H 39 5.86 57.20 68.64
C PRO H 39 7.32 57.46 68.95
N GLY H 40 7.82 58.58 68.42
CA GLY H 40 9.20 58.97 68.63
C GLY H 40 10.21 58.28 67.74
N GLN H 41 9.76 57.48 66.77
CA GLN H 41 10.65 56.76 65.89
C GLN H 41 10.41 57.17 64.44
N PRO H 42 11.45 57.12 63.60
CA PRO H 42 11.25 57.38 62.17
C PRO H 42 10.35 56.33 61.55
N PRO H 43 9.58 56.68 60.53
CA PRO H 43 8.70 55.69 59.89
C PRO H 43 9.51 54.58 59.21
N LYS H 44 8.88 53.41 59.08
CA LYS H 44 9.49 52.27 58.44
C LYS H 44 8.65 51.86 57.24
N LEU H 45 9.30 51.66 56.09
CA LEU H 45 8.61 51.24 54.88
C LEU H 45 8.07 49.83 55.06
N LEU H 46 6.75 49.67 54.90
CA LEU H 46 6.11 48.38 55.04
C LEU H 46 5.78 47.73 53.70
N ILE H 47 5.03 48.43 52.85
CA ILE H 47 4.61 47.92 51.55
C ILE H 47 4.87 48.99 50.51
N TYR H 48 5.53 48.61 49.41
CA TYR H 48 5.70 49.48 48.27
C TYR H 48 5.04 48.85 47.05
N ASP H 49 4.63 49.70 46.11
CA ASP H 49 3.85 49.33 44.94
C ASP H 49 2.47 48.79 45.31
N ALA H 50 2.06 48.97 46.55
CA ALA H 50 0.75 48.62 47.11
C ALA H 50 0.50 47.12 47.20
N SER H 51 1.40 46.28 46.71
CA SER H 51 1.22 44.84 46.78
C SER H 51 2.48 44.07 47.09
N THR H 52 3.62 44.73 47.33
CA THR H 52 4.89 44.07 47.57
C THR H 52 5.35 44.38 49.00
N LEU H 53 5.63 43.34 49.77
CA LEU H 53 6.12 43.52 51.13
C LEU H 53 7.58 43.95 51.12
N ALA H 54 7.93 44.86 52.02
CA ALA H 54 9.31 45.30 52.14
C ALA H 54 10.16 44.21 52.80
N PHE H 55 11.48 44.35 52.67
CA PHE H 55 12.39 43.38 53.25
C PHE H 55 12.39 43.48 54.77
N GLY H 56 12.36 42.33 55.44
CA GLY H 56 12.43 42.28 56.88
C GLY H 56 11.12 42.50 57.61
N VAL H 57 10.01 42.63 56.90
CA VAL H 57 8.71 42.86 57.53
C VAL H 57 7.95 41.54 57.59
N SER H 58 6.96 41.50 58.48
CA SER H 58 6.20 40.28 58.70
C SER H 58 5.25 40.02 57.53
N SER H 59 4.79 38.77 57.44
CA SER H 59 3.86 38.35 56.40
C SER H 59 2.40 38.59 56.77
N ARG H 60 2.13 39.06 57.99
CA ARG H 60 0.76 39.36 58.40
C ARG H 60 0.25 40.68 57.84
N PHE H 61 1.11 41.46 57.18
CA PHE H 61 0.72 42.70 56.54
C PHE H 61 0.52 42.45 55.05
N ARG H 62 -0.67 42.78 54.55
CA ARG H 62 -1.01 42.52 53.16
C ARG H 62 -1.62 43.77 52.52
N GLY H 63 -1.37 43.93 51.22
CA GLY H 63 -1.89 45.06 50.49
C GLY H 63 -2.55 44.63 49.19
N SER H 64 -3.47 45.47 48.73
CA SER H 64 -4.19 45.25 47.49
C SER H 64 -4.70 46.60 46.98
N GLY H 65 -5.51 46.57 45.94
CA GLY H 65 -6.08 47.77 45.37
C GLY H 65 -5.24 48.32 44.23
N SER H 66 -5.94 48.96 43.28
CA SER H 66 -5.27 49.55 42.13
C SER H 66 -6.14 50.68 41.60
N GLY H 67 -5.50 51.60 40.89
CA GLY H 67 -6.21 52.74 40.32
C GLY H 67 -6.32 53.90 41.31
N THR H 68 -7.48 54.01 41.95
CA THR H 68 -7.73 55.10 42.89
C THR H 68 -8.07 54.62 44.31
N HIS H 69 -8.33 53.33 44.51
CA HIS H 69 -8.68 52.80 45.81
C HIS H 69 -7.65 51.76 46.23
N PHE H 70 -7.19 51.86 47.48
CA PHE H 70 -6.22 50.92 48.04
C PHE H 70 -6.66 50.54 49.44
N THR H 71 -6.22 49.35 49.88
CA THR H 71 -6.60 48.84 51.18
C THR H 71 -5.44 48.08 51.81
N LEU H 72 -5.20 48.34 53.09
CA LEU H 72 -4.25 47.57 53.89
C LEU H 72 -5.00 46.90 55.03
N THR H 73 -4.76 45.61 55.20
CA THR H 73 -5.41 44.81 56.23
C THR H 73 -4.34 44.08 57.04
N MET H 74 -4.48 44.10 58.36
CA MET H 74 -3.58 43.39 59.26
C MET H 74 -4.31 42.16 59.80
N ARG H 75 -3.65 41.01 59.73
CA ARG H 75 -4.21 39.76 60.22
C ARG H 75 -3.52 39.35 61.51
N ASP H 76 -4.31 39.05 62.54
CA ASP H 76 -3.82 38.66 63.86
C ASP H 76 -2.85 39.70 64.41
N VAL H 77 -3.39 40.89 64.66
CA VAL H 77 -2.56 42.00 65.13
C VAL H 77 -2.04 41.68 66.52
N GLN H 78 -0.77 41.99 66.75
CA GLN H 78 -0.16 41.76 68.05
C GLN H 78 -0.12 43.08 68.83
N CYS H 79 0.45 43.05 70.03
CA CYS H 79 0.64 44.28 70.79
C CYS H 79 1.78 45.13 70.25
N ASP H 80 2.58 44.60 69.33
CA ASP H 80 3.66 45.33 68.70
C ASP H 80 3.19 46.20 67.54
N ASP H 81 1.97 46.01 67.06
CA ASP H 81 1.45 46.75 65.92
C ASP H 81 0.78 48.07 66.32
N ALA H 82 0.80 48.43 67.59
CA ALA H 82 0.21 49.69 68.05
C ALA H 82 1.10 50.83 67.59
N ALA H 83 0.72 51.46 66.47
CA ALA H 83 1.48 52.56 65.89
C ALA H 83 0.56 53.29 64.93
N THR H 84 1.12 54.20 64.13
CA THR H 84 0.38 54.96 63.15
C THR H 84 0.84 54.56 61.75
N TYR H 85 -0.11 54.51 60.81
CA TYR H 85 0.15 54.11 59.44
C TYR H 85 -0.21 55.25 58.49
N TYR H 86 0.64 55.45 57.48
CA TYR H 86 0.44 56.49 56.49
C TYR H 86 0.57 55.89 55.10
N CYS H 87 -0.17 56.46 54.15
CA CYS H 87 -0.09 56.06 52.75
C CYS H 87 0.46 57.22 51.94
N GLN H 88 1.38 56.91 51.02
CA GLN H 88 2.00 57.90 50.16
C GLN H 88 2.06 57.37 48.75
N GLY H 89 1.74 58.23 47.79
CA GLY H 89 1.82 57.86 46.38
C GLY H 89 2.13 59.08 45.53
N GLU H 90 2.88 58.85 44.46
CA GLU H 90 3.22 59.92 43.54
C GLU H 90 1.96 60.46 42.88
N PHE H 91 2.06 61.69 42.34
CA PHE H 91 0.90 62.30 41.62
C PHE H 91 1.38 63.00 40.35
N SER H 92 1.80 62.24 39.34
CA SER H 92 2.32 62.84 38.08
C SER H 92 3.36 63.90 38.44
N CYS H 93 3.42 65.01 37.69
CA CYS H 93 4.36 66.08 38.12
C CYS H 93 3.71 67.45 37.91
N SER H 94 3.94 68.06 36.74
CA SER H 94 3.45 69.43 36.44
C SER H 94 1.98 69.56 36.87
N SER H 95 1.16 68.56 36.52
CA SER H 95 -0.28 68.59 36.90
C SER H 95 -0.45 68.67 38.43
N GLY H 96 0.09 67.68 39.16
CA GLY H 96 -0.10 67.65 40.63
C GLY H 96 1.04 68.33 41.37
N ASP H 97 1.45 67.77 42.50
CA ASP H 97 2.56 68.37 43.30
C ASP H 97 3.53 67.24 43.68
N CYS H 98 4.09 66.55 42.68
CA CYS H 98 5.06 65.45 42.93
C CYS H 98 4.42 64.36 43.80
N THR H 99 4.44 64.53 45.13
CA THR H 99 3.93 63.50 46.02
C THR H 99 3.37 64.15 47.29
N ALA H 100 2.25 63.60 47.76
CA ALA H 100 1.61 64.09 48.98
C ALA H 100 1.38 62.92 49.92
N PHE H 101 1.37 63.23 51.22
CA PHE H 101 1.18 62.24 52.27
C PHE H 101 -0.27 62.22 52.72
N GLY H 102 -0.69 61.04 53.21
CA GLY H 102 -2.04 60.90 53.72
C GLY H 102 -2.20 61.47 55.12
N GLY H 103 -3.47 61.52 55.56
CA GLY H 103 -3.75 62.04 56.89
C GLY H 103 -3.29 61.12 58.00
N GLY H 104 -3.23 59.82 57.72
CA GLY H 104 -2.77 58.86 58.70
C GLY H 104 -3.88 58.36 59.61
N THR H 105 -3.65 57.19 60.19
CA THR H 105 -4.58 56.57 61.12
C THR H 105 -3.83 56.03 62.32
N GLU H 106 -4.52 55.95 63.45
CA GLU H 106 -3.94 55.46 64.70
C GLU H 106 -4.58 54.14 65.06
N VAL H 107 -3.75 53.15 65.39
CA VAL H 107 -4.20 51.80 65.71
C VAL H 107 -3.80 51.47 67.14
N VAL H 108 -4.77 51.07 67.95
CA VAL H 108 -4.54 50.67 69.33
C VAL H 108 -5.13 49.29 69.54
N VAL H 109 -4.37 48.42 70.21
CA VAL H 109 -4.77 47.04 70.46
C VAL H 109 -4.97 46.86 71.96
N LYS H 110 -6.12 46.32 72.35
CA LYS H 110 -6.41 46.06 73.75
C LYS H 110 -6.02 44.64 74.13
N GLN I 1 24.51 51.69 54.94
CA GLN I 1 23.77 52.88 54.55
C GLN I 1 23.15 53.56 55.76
N SER I 2 23.87 54.54 56.31
CA SER I 2 23.42 55.31 57.46
C SER I 2 23.24 56.76 57.06
N VAL I 3 22.09 57.33 57.41
CA VAL I 3 21.75 58.71 57.08
C VAL I 3 21.50 59.46 58.38
N GLU I 4 22.17 60.60 58.54
CA GLU I 4 22.02 61.42 59.74
C GLU I 4 22.07 62.89 59.34
N GLU I 5 21.48 63.72 60.19
CA GLU I 5 21.44 65.16 59.96
C GLU I 5 21.39 65.89 61.29
N SER I 6 21.73 67.17 61.25
CA SER I 6 21.75 68.00 62.45
C SER I 6 21.61 69.46 62.03
N GLY I 7 21.30 70.30 63.01
CA GLY I 7 21.15 71.72 62.77
C GLY I 7 19.97 72.35 63.46
N GLY I 8 19.24 71.58 64.26
CA GLY I 8 18.11 72.08 65.00
C GLY I 8 18.50 73.14 66.01
N ARG I 9 17.84 74.30 65.94
CA ARG I 9 18.14 75.42 66.83
C ARG I 9 16.88 76.22 67.08
N LEU I 10 16.92 77.04 68.13
CA LEU I 10 15.85 77.97 68.45
C LEU I 10 16.20 79.34 67.89
N VAL I 11 15.37 79.84 66.97
CA VAL I 11 15.63 81.10 66.30
C VAL I 11 14.35 81.93 66.27
N THR I 12 14.52 83.24 66.13
CA THR I 12 13.39 84.14 65.99
C THR I 12 12.79 84.01 64.59
N PRO I 13 11.51 84.37 64.43
CA PRO I 13 10.90 84.33 63.10
C PRO I 13 11.63 85.25 62.13
N GLY I 14 11.73 84.79 60.88
CA GLY I 14 12.40 85.55 59.85
C GLY I 14 13.90 85.38 59.78
N THR I 15 14.49 84.57 60.67
CA THR I 15 15.93 84.34 60.69
C THR I 15 16.26 83.05 59.95
N PRO I 16 17.06 83.12 58.89
CA PRO I 16 17.40 81.90 58.15
C PRO I 16 18.23 80.93 58.97
N LEU I 17 18.10 79.65 58.64
CA LEU I 17 18.80 78.56 59.32
C LEU I 17 19.18 77.52 58.28
N THR I 18 20.21 76.72 58.58
CA THR I 18 20.69 75.69 57.68
C THR I 18 20.73 74.35 58.40
N LEU I 19 20.16 73.33 57.77
CA LEU I 19 20.28 71.95 58.23
C LEU I 19 21.06 71.14 57.19
N THR I 20 22.04 70.38 57.64
CA THR I 20 22.88 69.58 56.77
C THR I 20 22.62 68.11 57.03
N CYS I 21 22.29 67.36 55.98
CA CYS I 21 22.10 65.92 56.05
C CYS I 21 23.30 65.25 55.38
N THR I 22 24.00 64.40 56.12
CA THR I 22 25.24 63.81 55.66
C THR I 22 25.02 62.34 55.32
N VAL I 23 25.50 61.93 54.16
CA VAL I 23 25.40 60.54 53.75
C VAL I 23 26.59 59.75 54.28
N SER I 24 26.44 58.43 54.33
CA SER I 24 27.50 57.57 54.83
C SER I 24 27.26 56.15 54.34
N GLY I 25 28.27 55.54 53.74
CA GLY I 25 28.20 54.16 53.32
C GLY I 25 27.68 53.92 51.92
N PHE I 26 27.44 54.97 51.13
CA PHE I 26 26.93 54.81 49.78
C PHE I 26 27.30 56.04 48.96
N SER I 27 27.03 55.97 47.67
CA SER I 27 27.33 57.07 46.75
C SER I 27 26.11 57.97 46.61
N LEU I 28 26.31 59.27 46.87
CA LEU I 28 25.20 60.21 46.81
C LEU I 28 24.71 60.43 45.38
N SER I 29 25.62 60.36 44.41
CA SER I 29 25.28 60.65 43.02
C SER I 29 24.43 59.56 42.38
N ARG I 30 24.05 58.55 43.16
CA ARG I 30 23.24 57.45 42.65
C ARG I 30 21.82 57.44 43.21
N TYR I 31 21.58 58.01 44.38
CA TYR I 31 20.27 57.99 45.01
C TYR I 31 19.76 59.41 45.19
N ALA I 32 18.44 59.52 45.35
CA ALA I 32 17.75 60.80 45.44
C ALA I 32 17.43 61.13 46.89
N MET I 33 17.81 62.33 47.33
CA MET I 33 17.53 62.78 48.67
C MET I 33 16.23 63.58 48.71
N SER I 34 15.47 63.39 49.78
CA SER I 34 14.22 64.10 49.97
C SER I 34 14.07 64.47 51.43
N TRP I 35 13.25 65.49 51.69
CA TRP I 35 13.04 66.00 53.03
C TRP I 35 11.55 65.95 53.37
N VAL I 36 11.23 65.41 54.54
CA VAL I 36 9.87 65.38 55.06
C VAL I 36 9.88 65.98 56.46
N ARG I 37 8.75 66.55 56.85
CA ARG I 37 8.61 67.17 58.16
C ARG I 37 7.25 66.82 58.74
N GLN I 38 7.18 66.80 60.07
CA GLN I 38 5.93 66.56 60.77
C GLN I 38 5.85 67.49 61.97
N ALA I 39 4.67 68.06 62.19
CA ALA I 39 4.42 68.87 63.37
C ALA I 39 4.21 67.96 64.58
N PRO I 40 4.46 68.46 65.80
CA PRO I 40 4.25 67.62 66.98
C PRO I 40 2.85 67.07 67.09
N GLY I 41 2.71 65.75 66.99
CA GLY I 41 1.42 65.10 67.07
C GLY I 41 0.60 65.11 65.81
N LYS I 42 1.13 65.63 64.71
CA LYS I 42 0.41 65.75 63.45
C LYS I 42 1.01 64.83 62.40
N GLY I 43 0.37 64.81 61.22
CA GLY I 43 0.77 63.90 60.17
C GLY I 43 2.02 64.34 59.42
N LEU I 44 2.47 63.46 58.54
CA LEU I 44 3.67 63.72 57.75
C LEU I 44 3.41 64.76 56.68
N GLU I 45 4.44 65.57 56.39
CA GLU I 45 4.40 66.56 55.33
C GLU I 45 5.63 66.43 54.46
N TRP I 46 5.48 66.71 53.17
CA TRP I 46 6.56 66.62 52.21
C TRP I 46 7.03 68.01 51.82
N ILE I 47 8.35 68.20 51.80
CA ILE I 47 8.97 69.48 51.52
C ILE I 47 9.55 69.53 50.11
N GLY I 48 10.44 68.60 49.79
CA GLY I 48 11.06 68.61 48.47
C GLY I 48 11.91 67.37 48.28
N ILE I 49 12.49 67.29 47.08
CA ILE I 49 13.34 66.16 46.70
C ILE I 49 14.35 66.64 45.66
N ILE I 50 15.51 66.00 45.65
CA ILE I 50 16.55 66.24 44.64
C ILE I 50 16.91 64.90 44.02
N VAL I 51 16.93 64.85 42.69
CA VAL I 51 17.30 63.64 41.97
C VAL I 51 18.81 63.50 41.96
N ASP I 52 19.30 62.33 41.56
CA ASP I 52 20.74 62.09 41.57
C ASP I 52 21.47 62.97 40.56
N SER I 53 20.83 63.29 39.44
CA SER I 53 21.46 64.14 38.44
C SER I 53 21.69 65.55 38.99
N GLY I 54 20.72 66.09 39.72
CA GLY I 54 20.87 67.41 40.31
C GLY I 54 19.63 68.27 40.22
N HIS I 55 18.63 67.82 39.47
CA HIS I 55 17.40 68.58 39.33
C HIS I 55 16.65 68.63 40.65
N THR I 56 15.94 69.74 40.88
CA THR I 56 15.29 70.00 42.16
C THR I 56 13.79 70.10 41.97
N ALA I 57 13.05 69.65 42.98
CA ALA I 57 11.59 69.75 42.99
C ALA I 57 11.14 70.18 44.39
N TYR I 58 10.00 70.87 44.43
CA TYR I 58 9.48 71.37 45.70
C TYR I 58 7.98 71.12 45.82
N ALA I 59 7.36 71.67 46.86
CA ALA I 59 5.94 71.49 47.12
C ALA I 59 5.20 72.82 47.01
N SER I 60 3.94 72.75 46.62
CA SER I 60 3.13 73.96 46.44
C SER I 60 2.93 74.68 47.77
N TRP I 61 2.68 73.93 48.84
CA TRP I 61 2.45 74.56 50.14
C TRP I 61 3.69 75.27 50.65
N ALA I 62 4.88 74.84 50.22
CA ALA I 62 6.11 75.53 50.59
C ALA I 62 6.21 76.91 49.97
N LYS I 63 5.52 77.15 48.86
CA LYS I 63 5.43 78.42 48.15
C LYS I 63 6.75 78.81 47.48
N GLY I 64 7.81 78.03 47.68
CA GLY I 64 9.09 78.33 47.07
C GLY I 64 10.01 79.14 47.96
N ARG I 65 9.94 78.92 49.27
CA ARG I 65 10.82 79.57 50.23
C ARG I 65 11.97 78.68 50.68
N PHE I 66 12.04 77.46 50.19
CA PHE I 66 13.11 76.53 50.53
C PHE I 66 14.11 76.42 49.38
N THR I 67 15.28 75.88 49.69
CA THR I 67 16.34 75.72 48.70
C THR I 67 17.18 74.51 49.09
N ILE I 68 17.28 73.53 48.20
CA ILE I 68 18.08 72.33 48.43
C ILE I 68 19.32 72.42 47.56
N SER I 69 20.48 72.22 48.17
CA SER I 69 21.75 72.21 47.45
C SER I 69 22.42 70.86 47.65
N ARG I 70 23.20 70.45 46.64
CA ARG I 70 23.91 69.18 46.67
C ARG I 70 25.41 69.42 46.54
N THR I 71 26.19 68.54 47.15
CA THR I 71 27.63 68.58 47.09
C THR I 71 28.15 67.17 47.38
N SER I 72 29.43 67.05 47.73
CA SER I 72 30.06 65.75 47.93
C SER I 72 29.27 64.90 48.92
N THR I 73 29.18 65.33 50.17
CA THR I 73 28.52 64.51 51.20
C THR I 73 27.68 65.36 52.15
N THR I 74 27.17 66.50 51.69
CA THR I 74 26.37 67.39 52.53
C THR I 74 25.11 67.80 51.77
N VAL I 75 24.02 67.09 52.02
CA VAL I 75 22.71 67.44 51.43
C VAL I 75 22.07 68.42 52.42
N ASP I 76 22.02 69.68 52.02
CA ASP I 76 21.61 70.75 52.91
C ASP I 76 20.39 71.49 52.38
N LEU I 77 19.56 71.97 53.31
CA LEU I 77 18.37 72.76 53.00
C LEU I 77 18.45 74.08 53.76
N LYS I 78 18.10 75.16 53.08
CA LYS I 78 18.04 76.48 53.70
C LYS I 78 16.69 77.11 53.41
N MET I 79 16.07 77.68 54.45
CA MET I 79 14.83 78.40 54.31
C MET I 79 15.01 79.86 54.73
N THR I 80 14.08 80.70 54.29
CA THR I 80 14.10 82.12 54.60
C THR I 80 12.72 82.55 55.06
N SER I 81 12.69 83.53 55.98
CA SER I 81 11.46 84.10 56.51
C SER I 81 10.60 83.03 57.19
N LEU I 82 11.14 82.46 58.26
CA LEU I 82 10.40 81.48 59.04
C LEU I 82 9.25 82.13 59.80
N THR I 83 8.18 81.36 59.97
CA THR I 83 7.01 81.78 60.74
C THR I 83 6.95 80.99 62.05
N THR I 84 5.92 81.29 62.84
CA THR I 84 5.76 80.65 64.14
C THR I 84 5.14 79.27 64.07
N GLU I 85 4.64 78.86 62.90
CA GLU I 85 4.04 77.54 62.73
C GLU I 85 5.01 76.52 62.11
N ASP I 86 6.28 76.88 61.97
CA ASP I 86 7.27 76.01 61.37
C ASP I 86 7.99 75.15 62.40
N THR I 87 7.62 75.22 63.67
CA THR I 87 8.20 74.36 64.69
C THR I 87 7.77 72.92 64.43
N ALA I 88 8.71 72.10 63.98
CA ALA I 88 8.41 70.73 63.59
C ALA I 88 9.70 69.91 63.64
N THR I 89 9.63 68.66 63.19
CA THR I 89 10.76 67.76 63.14
C THR I 89 11.05 67.41 61.69
N TYR I 90 12.31 67.52 61.29
CA TYR I 90 12.71 67.35 59.90
C TYR I 90 13.52 66.05 59.73
N PHE I 91 13.26 65.36 58.62
CA PHE I 91 13.96 64.13 58.28
C PHE I 91 14.45 64.21 56.85
N CYS I 92 15.56 63.51 56.58
CA CYS I 92 16.05 63.30 55.22
C CYS I 92 16.04 61.81 54.94
N ALA I 93 15.36 61.41 53.87
CA ALA I 93 15.10 60.01 53.58
C ALA I 93 15.87 59.57 52.34
N ARG I 94 16.38 58.34 52.38
CA ARG I 94 17.12 57.75 51.28
C ARG I 94 16.18 56.88 50.43
N GLU I 95 16.67 56.46 49.27
CA GLU I 95 15.93 55.64 48.33
C GLU I 95 16.42 54.20 48.40
N THR I 96 15.75 53.32 47.66
CA THR I 96 16.15 51.91 47.63
C THR I 96 17.22 51.67 46.56
N GLY I 97 16.91 52.03 45.31
CA GLY I 97 17.86 51.85 44.23
C GLY I 97 17.72 52.89 43.14
N GLY I 98 18.29 52.61 41.97
CA GLY I 98 18.14 53.51 40.84
C GLY I 98 16.70 53.68 40.43
N GLY I 99 16.24 54.92 40.32
CA GLY I 99 14.84 55.15 40.06
C GLY I 99 13.99 54.77 41.26
N ALA I 100 12.74 54.42 40.98
CA ALA I 100 11.76 54.08 42.01
C ALA I 100 11.67 55.19 43.06
N PHE I 101 11.41 56.41 42.58
CA PHE I 101 11.43 57.57 43.45
C PHE I 101 10.27 57.54 44.44
N TYR I 102 10.43 58.31 45.52
CA TYR I 102 9.42 58.44 46.57
C TYR I 102 9.14 57.07 47.22
N VAL I 103 10.21 56.41 47.65
CA VAL I 103 10.10 55.15 48.37
C VAL I 103 10.44 55.31 49.85
N PHE I 104 11.52 56.02 50.17
CA PHE I 104 11.87 56.42 51.53
C PHE I 104 12.06 55.20 52.45
N GLU I 105 13.08 54.41 52.13
CA GLU I 105 13.40 53.23 52.92
C GLU I 105 14.30 53.53 54.10
N PHE I 106 15.32 54.37 53.93
CA PHE I 106 16.23 54.74 55.00
C PHE I 106 15.88 56.14 55.48
N TRP I 107 15.93 56.34 56.80
CA TRP I 107 15.59 57.62 57.41
C TRP I 107 16.65 58.01 58.43
N GLY I 108 16.76 59.32 58.66
CA GLY I 108 17.65 59.83 59.68
C GLY I 108 17.01 59.82 61.05
N PRO I 109 17.83 60.12 62.06
CA PRO I 109 17.30 60.17 63.44
C PRO I 109 16.20 61.20 63.63
N GLY I 110 16.26 62.32 62.94
CA GLY I 110 15.26 63.36 63.07
C GLY I 110 15.77 64.49 63.93
N THR I 111 15.56 65.72 63.45
CA THR I 111 15.98 66.91 64.16
C THR I 111 14.81 67.87 64.28
N VAL I 112 14.75 68.60 65.39
CA VAL I 112 13.63 69.49 65.71
C VAL I 112 14.11 70.93 65.57
N VAL I 113 13.37 71.71 64.79
CA VAL I 113 13.63 73.14 64.62
C VAL I 113 12.45 73.89 65.21
N THR I 114 12.73 74.75 66.19
CA THR I 114 11.70 75.51 66.89
C THR I 114 11.88 77.00 66.63
N VAL I 115 10.77 77.70 66.46
CA VAL I 115 10.75 79.14 66.25
C VAL I 115 9.93 79.77 67.36
N SER I 116 10.55 80.69 68.10
CA SER I 116 9.89 81.36 69.22
C SER I 116 10.66 82.65 69.52
N SER I 117 10.14 83.41 70.48
CA SER I 117 10.76 84.66 70.88
C SER I 117 11.64 84.47 72.12
C1 NAG J . -9.29 61.15 -23.81
C2 NAG J . -10.00 62.20 -22.96
C3 NAG J . -10.70 61.53 -21.78
C4 NAG J . -11.62 60.43 -22.27
C5 NAG J . -10.85 59.45 -23.14
C6 NAG J . -11.72 58.38 -23.77
C7 NAG J . -8.84 64.34 -23.17
C8 NAG J . -7.86 65.30 -22.55
N2 NAG J . -9.08 63.22 -22.50
O3 NAG J . -11.43 62.50 -21.05
O4 NAG J . -12.20 59.73 -21.18
O5 NAG J . -10.21 60.14 -24.22
O6 NAG J . -11.58 58.36 -25.18
O7 NAG J . -9.40 64.60 -24.24
C1 NAG J . -13.57 60.19 -21.03
C2 NAG J . -14.47 58.98 -20.78
C3 NAG J . -15.91 59.44 -20.56
C4 NAG J . -15.98 60.48 -19.46
C5 NAG J . -15.01 61.63 -19.75
C6 NAG J . -14.94 62.64 -18.63
C7 NAG J . -14.61 56.72 -21.74
C8 NAG J . -14.49 55.89 -22.98
N2 NAG J . -14.40 58.03 -21.88
O3 NAG J . -16.72 58.32 -20.22
O4 NAG J . -17.30 61.00 -19.37
O5 NAG J . -13.68 61.10 -19.93
O6 NAG J . -14.76 63.95 -19.14
O7 NAG J . -14.90 56.22 -20.66
C1 NAG K . -54.92 21.36 -7.99
C2 NAG K . -55.33 22.43 -8.99
C3 NAG K . -54.66 22.18 -10.35
C4 NAG K . -53.15 22.07 -10.17
C5 NAG K . -52.83 21.00 -9.13
C6 NAG K . -51.35 20.91 -8.82
C7 NAG K . -57.44 23.66 -9.22
C8 NAG K . -58.93 23.54 -9.37
N2 NAG K . -56.77 22.50 -9.14
O3 NAG K . -54.98 23.25 -11.23
O4 NAG K . -52.53 21.75 -11.42
O5 NAG K . -53.49 21.30 -7.89
O6 NAG K . -51.08 19.86 -7.91
O7 NAG K . -56.87 24.74 -9.17
C1 NAG K . -51.85 22.91 -11.95
C2 NAG K . -51.65 22.70 -13.45
C3 NAG K . -50.99 23.93 -14.07
C4 NAG K . -51.78 25.19 -13.73
C5 NAG K . -51.96 25.30 -12.22
C6 NAG K . -52.82 26.47 -11.82
C7 NAG K . -51.02 20.75 -14.81
C8 NAG K . -50.13 19.56 -14.91
N2 NAG K . -50.87 21.51 -13.71
O3 NAG K . -50.92 23.77 -15.48
O4 NAG K . -51.08 26.34 -14.20
O5 NAG K . -52.60 24.12 -11.71
O6 NAG K . -54.14 26.35 -12.35
O7 NAG K . -51.85 21.03 -15.67
C1 NAG L . 37.84 -20.34 -65.13
C2 NAG L . 38.50 -20.11 -66.48
C3 NAG L . 39.73 -19.21 -66.32
C4 NAG L . 39.35 -17.92 -65.60
C5 NAG L . 38.63 -18.24 -64.29
C6 NAG L . 38.10 -17.00 -63.61
C7 NAG L . 38.51 -21.69 -68.35
C8 NAG L . 38.98 -23.03 -68.84
N2 NAG L . 38.87 -21.37 -67.11
O3 NAG L . 40.25 -18.92 -67.61
O4 NAG L . 40.53 -17.18 -65.32
O5 NAG L . 37.50 -19.08 -64.54
O6 NAG L . 36.83 -17.24 -63.02
O7 NAG L . 37.86 -20.94 -69.06
C1 NAG L . 40.51 -15.93 -66.03
C2 NAG L . 41.45 -14.97 -65.32
C3 NAG L . 41.50 -13.63 -66.06
C4 NAG L . 41.83 -13.85 -67.52
C5 NAG L . 40.88 -14.87 -68.15
C6 NAG L . 41.24 -15.23 -69.57
C7 NAG L . 41.86 -15.10 -62.90
C8 NAG L . 41.30 -14.83 -61.54
N2 NAG L . 41.07 -14.77 -63.93
O3 NAG L . 42.46 -12.79 -65.45
O4 NAG L . 41.73 -12.62 -68.24
O5 NAG L . 40.91 -16.09 -67.39
O6 NAG L . 41.64 -14.08 -70.30
O7 NAG L . 42.97 -15.60 -63.07
C1 NAG M . 50.35 -10.14 -49.34
C2 NAG M . 51.71 -9.83 -49.98
C3 NAG M . 52.25 -8.50 -49.45
C4 NAG M . 51.20 -7.39 -49.61
C5 NAG M . 49.89 -7.82 -48.98
C6 NAG M . 48.78 -6.82 -49.19
C7 NAG M . 53.74 -11.10 -50.48
C8 NAG M . 54.60 -12.25 -50.07
N2 NAG M . 52.65 -10.90 -49.72
O3 NAG M . 53.43 -8.15 -50.15
O4 NAG M . 51.67 -6.20 -49.00
O5 NAG M . 49.45 -9.05 -49.55
O6 NAG M . 48.23 -6.37 -47.95
O7 NAG M . 54.01 -10.39 -51.44
C1 NAG M . 51.85 -5.20 -50.03
C2 NAG M . 52.17 -3.87 -49.34
C3 NAG M . 52.41 -2.79 -50.40
C4 NAG M . 53.48 -3.24 -51.39
C5 NAG M . 53.11 -4.60 -51.97
C6 NAG M . 54.19 -5.17 -52.87
C7 NAG M . 51.26 -3.38 -47.12
C8 NAG M . 50.06 -2.95 -46.34
N2 NAG M . 51.10 -3.47 -48.45
O3 NAG M . 52.83 -1.59 -49.75
O4 NAG M . 53.59 -2.29 -52.44
O5 NAG M . 52.91 -5.56 -50.92
O6 NAG M . 53.63 -6.02 -53.88
O7 NAG M . 52.34 -3.62 -46.58
C1 NAG N . 33.30 -35.21 -79.18
C2 NAG N . 33.52 -34.37 -80.44
C3 NAG N . 34.32 -35.16 -81.46
C4 NAG N . 35.62 -35.67 -80.84
C5 NAG N . 35.31 -36.47 -79.58
C6 NAG N . 36.56 -36.91 -78.84
C7 NAG N . 31.87 -32.66 -81.06
C8 NAG N . 30.54 -32.40 -81.68
N2 NAG N . 32.25 -33.94 -81.00
O3 NAG N . 34.61 -34.32 -82.58
O4 NAG N . 36.30 -36.51 -81.77
O5 NAG N . 34.57 -35.65 -78.66
O6 NAG N . 37.54 -35.90 -78.83
O7 NAG N . 32.58 -31.75 -80.63
C1 NAG N . 37.54 -35.85 -82.16
C2 NAG N . 38.26 -36.75 -83.17
C3 NAG N . 39.54 -36.06 -83.64
C4 NAG N . 39.25 -34.67 -84.16
C5 NAG N . 38.47 -33.86 -83.12
C6 NAG N . 38.03 -32.51 -83.62
C7 NAG N . 38.60 -39.17 -83.31
C8 NAG N . 38.92 -40.43 -82.56
N2 NAG N . 38.56 -38.05 -82.60
O3 NAG N . 40.15 -36.85 -84.66
O4 NAG N . 40.46 -33.99 -84.47
O5 NAG N . 37.28 -34.57 -82.74
O6 NAG N . 38.47 -31.47 -82.74
O7 NAG N . 38.39 -39.17 -84.52
C1 NAG O . 21.90 -52.72 -78.91
C2 NAG O . 20.45 -52.33 -79.21
C3 NAG O . 19.56 -53.56 -79.23
C4 NAG O . 20.10 -54.60 -80.19
C5 NAG O . 21.56 -54.91 -79.86
C6 NAG O . 22.21 -55.84 -80.85
C7 NAG O . 19.62 -50.10 -78.59
C8 NAG O . 19.14 -49.24 -77.47
N2 NAG O . 19.97 -51.35 -78.25
O3 NAG O . 18.25 -53.17 -79.62
O4 NAG O . 19.34 -55.80 -80.10
O5 NAG O . 22.34 -53.70 -79.87
O6 NAG O . 23.32 -56.53 -80.27
O7 NAG O . 19.69 -49.71 -79.74
C1 NAG O . 18.51 -55.91 -81.28
C2 NAG O . 18.22 -57.39 -81.53
C3 NAG O . 17.30 -57.54 -82.74
C4 NAG O . 16.05 -56.69 -82.55
C5 NAG O . 16.42 -55.25 -82.24
C6 NAG O . 15.22 -54.39 -81.91
C7 NAG O . 20.12 -58.72 -80.74
C8 NAG O . 21.37 -59.45 -81.13
N2 NAG O . 19.45 -58.13 -81.74
O3 NAG O . 16.95 -58.90 -82.90
O4 NAG O . 15.25 -56.73 -83.73
O5 NAG O . 17.29 -55.20 -81.09
O6 NAG O . 15.26 -53.94 -80.56
O7 NAG O . 19.73 -58.67 -79.58
C1 NAG P . -59.29 -24.88 15.88
C2 NAG P . -60.21 -24.19 16.90
C3 NAG P . -59.42 -23.20 17.75
C4 NAG P . -58.22 -23.90 18.39
C5 NAG P . -57.38 -24.57 17.31
C6 NAG P . -56.23 -25.38 17.88
C7 NAG P . -62.48 -24.13 15.94
C8 NAG P . -63.50 -23.29 15.26
N2 NAG P . -61.32 -23.52 16.23
O3 NAG P . -60.26 -22.65 18.75
O4 NAG P . -57.43 -22.96 19.11
O5 NAG P . -58.18 -25.49 16.57
O6 NAG P . -56.59 -26.73 18.06
O7 NAG P . -62.66 -25.31 16.22
C1 NAG P . -57.57 -23.28 20.52
C2 NAG P . -56.31 -22.82 21.25
C3 NAG P . -56.43 -23.10 22.74
C4 NAG P . -57.71 -22.48 23.29
C5 NAG P . -58.92 -22.95 22.47
C6 NAG P . -60.21 -22.28 22.89
C7 NAG P . -54.40 -22.96 19.70
C8 NAG P . -53.21 -23.77 19.27
N2 NAG P . -55.13 -23.47 20.71
O3 NAG P . -55.30 -22.57 23.43
O4 NAG P . -57.90 -22.87 24.65
O5 NAG P . -58.71 -22.63 21.09
O6 NAG P . -61.09 -23.20 23.51
O7 NAG P . -54.70 -21.90 19.16
C1 NAG Q . -11.71 -17.31 55.55
C2 NAG Q . -12.75 -18.38 55.91
C3 NAG Q . -12.63 -19.57 54.96
C4 NAG Q . -12.75 -19.10 53.52
C5 NAG Q . -11.71 -18.03 53.23
C6 NAG Q . -11.83 -17.43 51.84
C7 NAG Q . -13.65 -18.99 58.10
C8 NAG Q . -13.31 -19.42 59.50
N2 NAG Q . -12.60 -18.81 57.28
O3 NAG Q . -13.67 -20.51 55.25
O4 NAG Q . -12.55 -20.20 52.63
O5 NAG Q . -11.87 -16.94 54.17
O6 NAG Q . -10.86 -16.42 51.64
O7 NAG Q . -14.80 -18.80 57.74
C1 NAG Q . -13.82 -20.58 52.03
C2 NAG Q . -13.69 -22.00 51.49
C3 NAG Q . -15.03 -22.46 50.89
C4 NAG Q . -16.15 -22.29 51.91
C5 NAG Q . -16.17 -20.86 52.44
C6 NAG Q . -17.19 -20.65 53.53
C7 NAG Q . -11.91 -23.20 50.30
C8 NAG Q . -10.87 -23.11 49.23
N2 NAG Q . -12.64 -22.09 50.49
O3 NAG Q . -14.92 -23.82 50.51
O4 NAG Q . -17.40 -22.60 51.32
O5 NAG Q . -14.89 -20.51 52.98
O6 NAG Q . -16.82 -21.34 54.72
O7 NAG Q . -12.09 -24.22 50.96
C1 NAG R . 11.13 -57.45 -51.14
C2 NAG R . 10.87 -58.74 -51.91
C3 NAG R . 9.83 -58.48 -53.00
C4 NAG R . 8.58 -57.85 -52.42
C5 NAG R . 8.94 -56.62 -51.58
C6 NAG R . 7.76 -56.04 -50.84
C7 NAG R . 12.26 -60.55 -52.81
C8 NAG R . 13.59 -60.91 -53.40
N2 NAG R . 12.10 -59.26 -52.49
O3 NAG R . 9.50 -59.71 -53.64
O4 NAG R . 7.71 -57.46 -53.47
O5 NAG R . 9.92 -56.97 -50.59
O6 NAG R . 8.13 -55.62 -49.53
O7 NAG R . 11.38 -61.38 -52.62
C1 NAG R . 6.45 -58.17 -53.36
C2 NAG R . 5.36 -57.29 -53.95
C3 NAG R . 4.02 -58.01 -53.89
C4 NAG R . 4.12 -59.38 -54.55
C5 NAG R . 5.28 -60.18 -53.93
C6 NAG R . 5.51 -61.50 -54.61
C7 NAG R . 5.47 -54.84 -53.90
C8 NAG R . 5.36 -53.61 -53.06
N2 NAG R . 5.28 -56.01 -53.27
O3 NAG R . 3.03 -57.23 -54.56
O4 NAG R . 2.91 -60.10 -54.36
O5 NAG R . 6.49 -59.43 -54.03
O6 NAG R . 4.88 -62.56 -53.93
O7 NAG R . 5.73 -54.78 -55.11
C1 NAG S . -0.50 -39.81 -58.79
C2 NAG S . -0.95 -40.27 -60.17
C3 NAG S . -2.32 -39.68 -60.50
C4 NAG S . -3.32 -39.99 -59.40
C5 NAG S . -2.77 -39.53 -58.06
C6 NAG S . -3.66 -39.91 -56.89
C7 NAG S . 0.11 -40.49 -62.38
C8 NAG S . 1.18 -39.97 -63.30
N2 NAG S . 0.02 -39.89 -61.19
O3 NAG S . -2.78 -40.21 -61.74
O4 NAG S . -4.56 -39.33 -59.66
O5 NAG S . -1.50 -40.14 -57.82
O6 NAG S . -3.29 -41.16 -56.34
O7 NAG S . -0.63 -41.42 -62.69
C1 NAG S . -5.54 -40.34 -59.98
C2 NAG S . -6.93 -39.73 -59.74
C3 NAG S . -8.01 -40.73 -60.12
C4 NAG S . -7.80 -41.23 -61.55
C5 NAG S . -6.38 -41.76 -61.71
C6 NAG S . -6.06 -42.16 -63.14
C7 NAG S . -7.18 -38.03 -58.00
C8 NAG S . -7.33 -37.78 -56.52
N2 NAG S . -7.08 -39.31 -58.36
O3 NAG S . -9.29 -40.12 -60.00
O4 NAG S . -8.73 -42.27 -61.84
O5 NAG S . -5.43 -40.76 -61.34
O6 NAG S . -4.97 -43.06 -63.21
O7 NAG S . -7.14 -37.11 -58.82
C1 NAG T . 26.17 -72.42 -51.90
C2 NAG T . 25.21 -73.56 -52.20
C3 NAG T . 25.78 -74.47 -53.28
C4 NAG T . 26.15 -73.65 -54.51
C5 NAG T . 27.08 -72.51 -54.12
C6 NAG T . 27.41 -71.59 -55.27
C7 NAG T . 23.74 -74.33 -50.39
C8 NAG T . 23.63 -75.18 -49.16
N2 NAG T . 24.93 -74.34 -50.99
O3 NAG T . 24.83 -75.47 -53.62
O4 NAG T . 26.78 -74.48 -55.48
O5 NAG T . 26.46 -71.71 -53.11
O6 NAG T . 26.27 -71.35 -56.08
O7 NAG T . 22.80 -73.67 -50.81
C1 NAG T . 25.91 -74.60 -56.63
C2 NAG T . 26.62 -75.44 -57.69
C3 NAG T . 25.71 -75.63 -58.90
C4 NAG T . 24.35 -76.19 -58.46
C5 NAG T . 23.75 -75.33 -57.36
C6 NAG T . 22.46 -75.89 -56.80
C7 NAG T . 28.94 -75.54 -58.48
C8 NAG T . 30.15 -74.74 -58.87
N2 NAG T . 27.87 -74.83 -58.10
O3 NAG T . 26.32 -76.51 -59.83
O4 NAG T . 23.46 -76.23 -59.57
O5 NAG T . 24.67 -75.21 -56.26
O6 NAG T . 21.50 -74.88 -56.58
O7 NAG T . 28.92 -76.76 -58.52
C1 NAG U . 45.15 -73.97 -43.97
C2 NAG U . 45.02 -74.69 -42.63
C3 NAG U . 46.39 -74.79 -41.96
C4 NAG U . 47.39 -75.45 -42.90
C5 NAG U . 47.42 -74.70 -44.23
C6 NAG U . 48.30 -75.36 -45.26
C7 NAG U . 42.92 -74.55 -41.38
C8 NAG U . 42.06 -73.72 -40.48
N2 NAG U . 44.08 -74.02 -41.76
O3 NAG U . 46.27 -75.56 -40.76
O4 NAG U . 48.69 -75.41 -42.32
O5 NAG U . 46.10 -74.64 -44.79
O6 NAG U . 47.78 -76.61 -45.66
O7 NAG U . 42.57 -75.67 -41.75
C1 NAG U . 49.02 -76.74 -41.86
C2 NAG U . 50.47 -77.04 -42.20
C3 NAG U . 50.87 -78.42 -41.67
C4 NAG U . 50.56 -78.51 -40.18
C5 NAG U . 49.11 -78.16 -39.92
C6 NAG U . 48.76 -78.12 -38.44
C7 NAG U . 51.81 -76.45 -44.17
C8 NAG U . 51.88 -76.44 -45.67
N2 NAG U . 50.70 -76.96 -43.63
O3 NAG U . 52.26 -78.62 -41.90
O4 NAG U . 50.81 -79.84 -39.73
O5 NAG U . 48.82 -76.86 -40.44
O6 NAG U . 49.92 -77.90 -37.65
O7 NAG U . 52.72 -75.99 -43.48
C1 NAG V . 34.61 5.95 55.64
C2 NAG V . 33.65 6.60 56.63
C3 NAG V . 32.59 7.39 55.88
C4 NAG V . 33.23 8.38 54.91
C5 NAG V . 34.22 7.66 54.00
C6 NAG V . 35.00 8.60 53.12
C7 NAG V . 32.66 5.89 58.75
C8 NAG V . 32.04 4.76 59.52
N2 NAG V . 33.05 5.62 57.51
O3 NAG V . 31.77 8.08 56.82
O4 NAG V . 32.24 9.00 54.12
O5 NAG V . 35.19 6.94 54.79
O6 NAG V . 36.40 8.48 53.33
O7 NAG V . 32.78 7.02 59.25
C1 NAG V . 32.01 10.35 54.59
C2 NAG V . 31.83 11.27 53.38
C3 NAG V . 31.53 12.69 53.84
C4 NAG V . 30.33 12.69 54.78
C5 NAG V . 30.56 11.72 55.94
C6 NAG V . 29.38 11.58 56.86
C7 NAG V . 32.99 11.48 51.22
C8 NAG V . 34.32 11.43 50.52
N2 NAG V . 33.03 11.25 52.54
O3 NAG V . 31.26 13.51 52.71
O4 NAG V . 30.13 14.00 55.32
O5 NAG V . 30.84 10.40 55.42
O6 NAG V . 28.77 10.31 56.73
O7 NAG V . 31.95 11.73 50.64
C1 NAG W . 20.96 52.69 17.66
C2 NAG W . 22.23 52.89 18.50
C3 NAG W . 23.35 52.01 17.95
C4 NAG W . 22.91 50.56 17.89
C5 NAG W . 21.61 50.44 17.10
C6 NAG W . 21.05 49.04 17.09
C7 NAG W . 22.97 54.92 19.64
C8 NAG W . 23.36 56.36 19.48
N2 NAG W . 22.62 54.29 18.52
O3 NAG W . 24.49 52.15 18.80
O4 NAG W . 23.92 49.76 17.29
O5 NAG W . 20.60 51.30 17.66
O6 NAG W . 19.81 48.98 16.38
O7 NAG W . 22.98 54.36 20.73
C1 NAG W . 24.59 48.97 18.30
C2 NAG W . 25.95 48.53 17.74
C3 NAG W . 26.72 47.74 18.79
C4 NAG W . 26.84 48.53 20.08
C5 NAG W . 25.45 48.97 20.56
C6 NAG W . 25.49 49.86 21.77
C7 NAG W . 26.68 47.69 15.56
C8 NAG W . 26.34 46.82 14.38
N2 NAG W . 25.77 47.75 16.53
O3 NAG W . 28.02 47.44 18.30
O4 NAG W . 27.45 47.74 21.09
O5 NAG W . 24.79 49.71 19.51
O6 NAG W . 25.88 51.19 21.43
O7 NAG W . 27.74 48.31 15.62
C1 NAG X . 53.07 -48.74 -29.78
C2 NAG X . 54.29 -49.64 -29.79
C3 NAG X . 54.09 -50.83 -28.86
C4 NAG X . 53.71 -50.34 -27.47
C5 NAG X . 52.51 -49.39 -27.54
C6 NAG X . 52.18 -48.75 -26.21
C7 NAG X . 55.84 -50.33 -31.57
C8 NAG X . 55.97 -50.80 -32.99
N2 NAG X . 54.59 -50.10 -31.14
O3 NAG X . 55.29 -51.59 -28.80
O4 NAG X . 53.35 -51.46 -26.66
O5 NAG X . 52.79 -48.32 -28.45
O6 NAG X . 51.51 -47.52 -26.38
O7 NAG X . 56.81 -50.18 -30.84
C1 NAG X . 54.29 -51.58 -25.57
C2 NAG X . 53.62 -52.41 -24.46
C3 NAG X . 54.58 -52.59 -23.30
C4 NAG X . 55.90 -53.19 -23.79
C5 NAG X . 56.47 -52.34 -24.94
C6 NAG X . 57.71 -52.94 -25.55
C7 NAG X . 51.19 -52.36 -24.12
C8 NAG X . 50.04 -51.57 -23.60
N2 NAG X . 52.39 -51.78 -24.01
O3 NAG X . 54.00 -53.45 -22.34
O4 NAG X . 56.84 -53.23 -22.72
O5 NAG X . 55.50 -52.22 -25.97
O6 NAG X . 58.82 -52.06 -25.44
O7 NAG X . 51.06 -53.47 -24.61
C1 NAG Y . 37.23 -58.83 -16.90
C2 NAG Y . 38.06 -60.06 -16.53
C3 NAG Y . 37.70 -60.55 -15.13
C4 NAG Y . 37.82 -59.40 -14.13
C5 NAG Y . 36.96 -58.22 -14.59
C6 NAG Y . 37.11 -57.01 -13.71
C7 NAG Y . 38.59 -61.22 -18.63
C8 NAG Y . 38.27 -62.39 -19.52
N2 NAG Y . 37.88 -61.13 -17.50
O3 NAG Y . 38.57 -61.61 -14.76
O4 NAG Y . 37.40 -59.83 -12.84
O5 NAG Y . 37.38 -57.82 -15.91
O6 NAG Y . 38.42 -56.48 -13.74
O7 NAG Y . 39.44 -60.39 -18.93
C1 NAG Y . 38.52 -59.72 -11.94
C2 NAG Y . 38.02 -59.97 -10.52
C3 NAG Y . 39.20 -59.91 -9.54
C4 NAG Y . 40.30 -60.84 -9.97
C5 NAG Y . 40.70 -60.56 -11.43
C6 NAG Y . 41.72 -61.53 -11.96
C7 NAG Y . 35.74 -59.38 -9.83
C8 NAG Y . 34.81 -58.26 -9.46
N2 NAG Y . 36.99 -59.02 -10.15
O3 NAG Y . 38.74 -60.26 -8.24
O4 NAG Y . 41.45 -60.67 -9.14
O5 NAG Y . 39.55 -60.66 -12.27
O6 NAG Y . 42.99 -60.92 -12.12
O7 NAG Y . 35.39 -60.55 -9.83
C1 NAG Z . 64.95 -46.88 -46.93
C2 NAG Z . 66.29 -47.29 -46.33
C3 NAG Z . 66.99 -48.30 -47.23
C4 NAG Z . 66.07 -49.47 -47.54
C5 NAG Z . 64.74 -48.97 -48.09
C6 NAG Z . 63.74 -50.08 -48.29
C7 NAG Z . 67.53 -45.74 -44.89
C8 NAG Z . 68.40 -44.52 -44.85
N2 NAG Z . 67.13 -46.13 -46.10
O3 NAG Z . 68.18 -48.75 -46.60
O4 NAG Z . 66.68 -50.34 -48.48
O5 NAG Z . 64.15 -48.04 -47.16
O6 NAG Z . 63.48 -50.79 -47.09
O7 NAG Z . 67.20 -46.34 -43.88
C1 NAG Z . 66.96 -51.61 -47.86
C2 NAG Z . 67.65 -52.51 -48.88
C3 NAG Z . 68.01 -53.85 -48.24
C4 NAG Z . 68.82 -53.64 -46.97
C5 NAG Z . 68.08 -52.69 -46.04
C6 NAG Z . 68.89 -52.33 -44.81
C7 NAG Z . 67.30 -52.87 -51.29
C8 NAG Z . 66.29 -53.07 -52.37
N2 NAG Z . 66.81 -52.71 -50.05
O3 NAG Z . 68.75 -54.63 -49.17
O4 NAG Z . 69.02 -54.88 -46.31
O5 NAG Z . 67.80 -51.45 -46.71
O6 NAG Z . 68.21 -51.39 -43.99
O7 NAG Z . 68.50 -52.86 -51.50
C1 NAG AA . 62.94 -35.80 -64.54
C2 NAG AA . 63.68 -34.67 -63.85
C3 NAG AA . 64.17 -33.67 -64.90
C4 NAG AA . 64.89 -34.37 -66.05
C5 NAG AA . 64.19 -35.65 -66.51
C6 NAG AA . 65.04 -36.51 -67.41
C7 NAG AA . 63.32 -33.23 -61.89
C8 NAG AA . 62.30 -32.62 -60.97
N2 NAG AA . 62.84 -34.00 -62.88
O3 NAG AA . 65.04 -32.73 -64.29
O4 NAG AA . 64.88 -33.50 -67.17
O5 NAG AA . 63.82 -36.48 -65.39
O6 NAG AA . 64.26 -37.21 -68.37
O7 NAG AA . 64.53 -33.05 -61.74
C1 NAG AA . 66.17 -32.90 -67.42
C2 NAG AA . 66.30 -32.71 -68.93
C3 NAG AA . 67.62 -32.01 -69.26
C4 NAG AA . 67.74 -30.71 -68.48
C5 NAG AA . 67.53 -30.97 -66.98
C6 NAG AA . 67.50 -29.70 -66.17
C7 NAG AA . 65.21 -34.26 -70.49
C8 NAG AA . 65.26 -35.62 -71.11
N2 NAG AA . 66.20 -33.98 -69.63
O3 NAG AA . 67.67 -31.74 -70.65
O4 NAG AA . 69.02 -30.13 -68.68
O5 NAG AA . 66.28 -31.63 -66.76
O6 NAG AA . 66.17 -29.18 -66.08
O7 NAG AA . 64.32 -33.46 -70.73
C1 NAG BA . -1.02 33.08 -40.95
C2 NAG BA . -1.53 31.77 -40.33
C3 NAG BA . -3.03 31.65 -40.54
C4 NAG BA . -3.75 32.89 -40.02
C5 NAG BA . -3.14 34.15 -40.63
C6 NAG BA . -3.73 35.42 -40.06
C7 NAG BA . -0.42 29.59 -40.15
C8 NAG BA . 0.28 28.49 -40.90
N2 NAG BA . -0.84 30.62 -40.90
O3 NAG BA . -3.51 30.49 -39.86
O4 NAG BA . -5.13 32.83 -40.35
O5 NAG BA . -1.73 34.18 -40.38
O6 NAG BA . -4.27 35.22 -38.77
O7 NAG BA . -0.60 29.54 -38.95
C1 NAG CA . -3.11 50.69 0.69
C2 NAG CA . -3.83 49.43 0.22
C3 NAG CA . -3.63 48.31 1.23
C4 NAG CA . -2.14 48.09 1.50
C5 NAG CA . -1.48 49.40 1.91
C6 NAG CA . 0.01 49.29 2.07
C7 NAG CA . -5.77 50.01 -1.17
C8 NAG CA . -7.25 50.23 -1.20
N2 NAG CA . -5.25 49.68 0.02
O3 NAG CA . -4.21 47.11 0.73
O4 NAG CA . -1.96 47.13 2.53
O5 NAG CA . -1.71 50.41 0.92
O6 NAG CA . 0.62 48.71 0.92
O7 NAG CA . -5.09 50.10 -2.18
C1 NAG DA . -6.14 36.15 -8.93
C2 NAG DA . -6.58 36.32 -7.48
C3 NAG DA . -7.08 34.98 -6.94
C4 NAG DA . -8.15 34.39 -7.84
C5 NAG DA . -7.65 34.32 -9.28
C6 NAG DA . -8.70 33.87 -10.26
C7 NAG DA . -5.71 37.59 -5.57
C8 NAG DA . -4.48 38.04 -4.85
N2 NAG DA . -5.51 36.85 -6.66
O3 NAG DA . -7.60 35.17 -5.63
O4 NAG DA . -8.50 33.09 -7.40
O5 NAG DA . -7.21 35.62 -9.71
O6 NAG DA . -8.95 34.86 -11.25
O7 NAG DA . -6.84 37.89 -5.19
C1 NAG EA . 33.71 27.00 -27.01
C2 NAG EA . 33.67 26.92 -28.53
C3 NAG EA . 35.08 26.77 -29.09
C4 NAG EA . 35.98 27.89 -28.57
C5 NAG EA . 35.92 27.95 -27.04
C6 NAG EA . 36.68 29.12 -26.46
C7 NAG EA . 31.51 25.97 -29.20
C8 NAG EA . 30.79 24.73 -29.66
N2 NAG EA . 32.82 25.83 -28.98
O3 NAG EA . 35.03 26.82 -30.51
O4 NAG EA . 37.32 27.66 -28.98
O5 NAG EA . 34.56 28.09 -26.61
O6 NAG EA . 36.00 30.35 -26.71
O7 NAG EA . 30.93 27.04 -29.05
C1 NAG FA . -42.98 3.95 -23.99
C2 NAG FA . -43.34 2.85 -24.99
C3 NAG FA . -43.21 3.36 -26.42
C4 NAG FA . -44.03 4.62 -26.60
C5 NAG FA . -43.65 5.66 -25.54
C6 NAG FA . -44.52 6.89 -25.59
C7 NAG FA . -42.83 0.70 -23.93
C8 NAG FA . -41.87 -0.46 -23.85
N2 NAG FA . -42.51 1.67 -24.79
O3 NAG FA . -43.67 2.35 -27.32
O4 NAG FA . -43.80 5.18 -27.89
O5 NAG FA . -43.81 5.10 -24.24
O6 NAG FA . -45.20 7.00 -26.83
O7 NAG FA . -43.85 0.73 -23.24
C1 NAG GA . -14.28 -0.18 -44.70
C2 NAG GA . -14.30 -1.55 -45.35
C3 NAG GA . -15.13 -1.51 -46.64
C4 NAG GA . -16.52 -0.95 -46.35
C5 NAG GA . -16.41 0.40 -45.64
C6 NAG GA . -17.75 0.96 -45.21
C7 NAG GA . -12.32 -2.90 -44.85
C8 NAG GA . -10.93 -3.28 -45.30
N2 NAG GA . -12.96 -2.02 -45.63
O3 NAG GA . -15.23 -2.82 -47.18
O4 NAG GA . -17.23 -0.77 -47.57
O5 NAG GA . -15.61 0.27 -44.45
O6 NAG GA . -17.88 0.95 -43.80
O7 NAG GA . -12.83 -3.38 -43.85
C1 NAG HA . -2.70 -0.92 -61.46
C2 NAG HA . -3.06 0.49 -61.92
C3 NAG HA . -4.54 0.76 -61.72
C4 NAG HA . -5.36 -0.33 -62.41
C5 NAG HA . -4.91 -1.71 -61.95
C6 NAG HA . -5.59 -2.84 -62.69
C7 NAG HA . -1.10 1.97 -61.67
C8 NAG HA . -0.42 2.98 -60.81
N2 NAG HA . -2.26 1.48 -61.20
O3 NAG HA . -4.87 2.02 -62.25
O4 NAG HA . -6.74 -0.16 -62.10
O5 NAG HA . -3.50 -1.87 -62.17
O6 NAG HA . -4.67 -3.55 -63.51
O7 NAG HA . -0.63 1.60 -62.74
C1 NAG IA . 12.49 -39.96 -72.10
C2 NAG IA . 12.29 -41.45 -72.38
C3 NAG IA . 11.86 -41.67 -73.82
C4 NAG IA . 10.65 -40.82 -74.15
C5 NAG IA . 10.91 -39.36 -73.80
C6 NAG IA . 9.70 -38.47 -73.98
C7 NAG IA . 13.72 -42.81 -70.91
C8 NAG IA . 15.02 -43.54 -70.78
N2 NAG IA . 13.50 -42.21 -72.09
O3 NAG IA . 11.57 -43.05 -74.02
O4 NAG IA . 10.32 -40.93 -75.53
O5 NAG IA . 11.30 -39.25 -72.42
O6 NAG IA . 10.05 -37.10 -73.97
O7 NAG IA . 12.90 -42.77 -70.00
C1 NAG JA . 20.72 -26.35 -71.83
C2 NAG JA . 21.10 -24.91 -71.48
C3 NAG JA . 19.88 -24.13 -71.00
C4 NAG JA . 18.76 -24.22 -72.04
C5 NAG JA . 18.47 -25.68 -72.36
C6 NAG JA . 17.45 -25.85 -73.47
C7 NAG JA . 23.24 -24.13 -70.56
C8 NAG JA . 24.20 -24.23 -69.42
N2 NAG JA . 22.15 -24.89 -70.46
O3 NAG JA . 20.22 -22.77 -70.78
O4 NAG JA . 17.58 -23.61 -71.53
O5 NAG JA . 19.66 -26.33 -72.81
O6 NAG JA . 17.84 -26.86 -74.38
O7 NAG JA . 23.45 -23.41 -71.53
C1 NAG KA . -34.28 -39.69 1.36
C2 NAG KA . -33.16 -40.71 1.16
C3 NAG KA . -33.66 -42.11 1.45
C4 NAG KA . -34.29 -42.17 2.83
C5 NAG KA . -35.36 -41.09 2.97
C6 NAG KA . -35.95 -41.01 4.36
C7 NAG KA . -31.54 -39.90 -0.51
C8 NAG KA . -31.12 -39.93 -1.94
N2 NAG KA . -32.62 -40.62 -0.19
O3 NAG KA . -32.58 -43.03 1.37
O4 NAG KA . -34.89 -43.45 3.03
O5 NAG KA . -34.80 -39.80 2.68
O6 NAG KA . -34.93 -40.87 5.34
O7 NAG KA . -30.92 -39.25 0.33
C1 NAG LA . -47.84 -0.37 12.38
C2 NAG LA . -47.88 -0.15 13.89
C3 NAG LA . -46.79 0.84 14.31
C4 NAG LA . -45.43 0.37 13.79
C5 NAG LA . -45.49 0.11 12.28
C6 NAG LA . -44.22 -0.47 11.73
C7 NAG LA . -50.20 -0.47 14.64
C8 NAG LA . -51.47 0.20 15.06
N2 NAG LA . -49.18 0.34 14.31
O3 NAG LA . -46.76 0.94 15.72
O4 NAG LA . -44.45 1.36 14.05
O5 NAG LA . -46.54 -0.83 11.99
O6 NAG LA . -43.09 0.34 12.05
O7 NAG LA . -50.08 -1.69 14.61
C1 NAG MA . -35.46 -10.09 10.70
C2 NAG MA . -34.79 -9.16 11.70
C3 NAG MA . -34.60 -9.88 13.04
C4 NAG MA . -35.94 -10.43 13.52
C5 NAG MA . -36.58 -11.28 12.43
C6 NAG MA . -37.98 -11.76 12.80
C7 NAG MA . -33.18 -7.40 11.13
C8 NAG MA . -31.82 -7.08 10.59
N2 NAG MA . -33.50 -8.69 11.20
O3 NAG MA . -34.08 -8.97 14.00
O4 NAG MA . -35.74 -11.22 14.69
O5 NAG MA . -36.72 -10.52 11.23
O6 NAG MA . -37.94 -13.07 13.36
O7 NAG MA . -33.96 -6.52 11.50
C1 NAG NA . -33.40 -20.74 -32.39
C2 NAG NA . -33.17 -22.23 -32.61
C3 NAG NA . -33.27 -22.57 -34.10
C4 NAG NA . -34.58 -22.05 -34.67
C5 NAG NA . -34.77 -20.57 -34.34
C6 NAG NA . -36.12 -20.03 -34.78
C7 NAG NA . -31.66 -23.88 -31.60
C8 NAG NA . -30.28 -24.14 -31.09
N2 NAG NA . -31.89 -22.65 -32.08
O3 NAG NA . -33.18 -23.97 -34.28
O4 NAG NA . -34.61 -22.23 -36.08
O5 NAG NA . -34.66 -20.36 -32.93
O6 NAG NA . -36.16 -19.82 -36.18
O7 NAG NA . -32.53 -24.73 -31.58
C1 NAG OA . 2.30 -31.70 38.22
C2 NAG OA . 3.68 -32.33 38.42
C3 NAG OA . 3.61 -33.85 38.19
C4 NAG OA . 2.53 -34.47 39.06
C5 NAG OA . 1.20 -33.74 38.83
C6 NAG OA . 0.10 -34.23 39.75
C7 NAG OA . 5.29 -30.58 37.80
C8 NAG OA . 6.27 -30.11 36.77
N2 NAG OA . 4.67 -31.73 37.53
O3 NAG OA . 4.87 -34.42 38.49
O4 NAG OA . 2.38 -35.84 38.75
O5 NAG OA . 1.36 -32.35 39.08
O6 NAG OA . 0.43 -35.49 40.34
O7 NAG OA . 5.06 -29.94 38.82
C1 NAG PA . 0.30 -46.31 6.75
C2 NAG PA . 1.75 -46.71 6.56
C3 NAG PA . 2.01 -48.10 7.15
C4 NAG PA . 1.57 -48.13 8.61
C5 NAG PA . 0.11 -47.67 8.73
C6 NAG PA . -0.36 -47.56 10.16
C7 NAG PA . 3.08 -45.91 4.65
C8 NAG PA . 3.33 -46.02 3.18
N2 NAG PA . 2.12 -46.70 5.15
O3 NAG PA . 3.40 -48.39 7.07
O4 NAG PA . 1.69 -49.45 9.12
O5 NAG PA . -0.04 -46.37 8.15
O6 NAG PA . -0.20 -48.79 10.85
O7 NAG PA . 3.73 -45.15 5.36
C1 NAG QA . -1.03 -60.87 -7.94
C2 NAG QA . -2.02 -61.96 -7.51
C3 NAG QA . -2.27 -61.88 -6.01
C4 NAG QA . -0.95 -61.91 -5.24
C5 NAG QA . 0.00 -60.84 -5.77
C6 NAG QA . 1.37 -60.90 -5.15
C7 NAG QA . -3.48 -62.44 -9.42
C8 NAG QA . -4.83 -62.22 -10.04
N2 NAG QA . -3.27 -61.84 -8.25
O3 NAG QA . -3.09 -62.96 -5.60
O4 NAG QA . -1.19 -61.68 -3.85
O5 NAG QA . 0.18 -61.00 -7.18
O6 NAG QA . 2.30 -60.06 -5.83
O7 NAG QA . -2.62 -63.14 -9.96
C1 NAG RA . 34.61 -69.24 -31.34
C2 NAG RA . 36.08 -69.67 -31.30
C3 NAG RA . 36.18 -71.18 -31.04
C4 NAG RA . 35.40 -71.55 -29.79
C5 NAG RA . 33.97 -71.05 -29.89
C6 NAG RA . 33.16 -71.29 -28.64
C7 NAG RA . 37.39 -68.17 -32.74
C8 NAG RA . 38.03 -67.98 -34.07
N2 NAG RA . 36.75 -69.33 -32.55
O3 NAG RA . 37.55 -71.53 -30.89
O4 NAG RA . 35.39 -72.96 -29.63
O5 NAG RA . 33.96 -69.63 -30.12
O6 NAG RA . 31.80 -70.93 -28.81
O7 NAG RA . 37.44 -67.31 -31.85
C1 NAG SA . 19.56 -66.88 -37.30
C2 NAG SA . 18.05 -66.69 -37.44
C3 NAG SA . 17.43 -66.35 -36.09
C4 NAG SA . 17.80 -67.43 -35.07
C5 NAG SA . 19.32 -67.60 -35.01
C6 NAG SA . 19.74 -68.74 -34.11
C7 NAG SA . 16.91 -65.84 -39.44
C8 NAG SA . 16.70 -64.65 -40.34
N2 NAG SA . 17.74 -65.65 -38.41
O3 NAG SA . 16.01 -66.28 -36.22
O4 NAG SA . 17.32 -67.04 -33.77
O5 NAG SA . 19.81 -67.90 -36.32
O6 NAG SA . 20.46 -69.72 -34.84
O7 NAG SA . 16.35 -66.91 -39.64
C1 NAG TA . 45.47 -5.93 25.67
C2 NAG TA . 44.92 -5.47 24.33
C3 NAG TA . 45.32 -4.01 24.06
C4 NAG TA . 44.91 -3.13 25.23
C5 NAG TA . 45.45 -3.69 26.54
C6 NAG TA . 44.98 -2.92 27.75
C7 NAG TA . 44.55 -6.85 22.33
C8 NAG TA . 45.20 -7.72 21.29
N2 NAG TA . 45.37 -6.33 23.24
O3 NAG TA . 44.70 -3.56 22.86
O4 NAG TA . 45.41 -1.81 25.05
O5 NAG TA . 45.01 -5.06 26.71
O6 NAG TA . 45.54 -1.62 27.78
O7 NAG TA . 43.34 -6.63 22.35
C1 NAG UA . 9.93 4.73 50.81
C2 NAG UA . 10.34 5.09 52.23
C3 NAG UA . 9.66 6.39 52.67
C4 NAG UA . 9.92 7.49 51.65
C5 NAG UA . 9.52 7.03 50.26
C6 NAG UA . 9.85 8.04 49.17
C7 NAG UA . 10.75 3.72 54.23
C8 NAG UA . 10.26 2.58 55.07
N2 NAG UA . 10.01 4.02 53.16
O3 NAG UA . 10.16 6.78 53.95
O4 NAG UA . 9.18 8.66 51.99
O5 NAG UA . 10.22 5.83 49.93
O6 NAG UA . 9.07 7.82 48.01
O7 NAG UA . 11.78 4.34 54.51
C1 NAG VA . 16.37 4.87 33.71
C2 NAG VA . 15.54 5.86 34.53
C3 NAG VA . 16.07 7.28 34.34
C4 NAG VA . 17.56 7.33 34.66
C5 NAG VA . 18.31 6.30 33.83
C6 NAG VA . 19.78 6.21 34.18
C7 NAG VA . 13.17 5.38 35.00
C8 NAG VA . 11.78 5.37 34.45
N2 NAG VA . 14.13 5.80 34.17
O3 NAG VA . 15.36 8.18 35.20
O4 NAG VA . 18.08 8.62 34.36
O5 NAG VA . 17.75 4.99 34.07
O6 NAG VA . 20.45 7.45 33.94
O7 NAG VA . 13.42 5.02 36.14
C1 NAG WA . 24.96 -37.86 23.10
C2 NAG WA . 26.42 -38.00 22.67
C3 NAG WA . 26.74 -39.46 22.40
C4 NAG WA . 26.37 -40.33 23.61
C5 NAG WA . 24.91 -40.07 24.01
C6 NAG WA . 24.52 -40.78 25.29
C7 NAG WA . 27.89 -36.61 21.29
C8 NAG WA . 28.01 -35.81 20.02
N2 NAG WA . 26.71 -37.19 21.50
O3 NAG WA . 28.13 -39.60 22.11
O4 NAG WA . 26.53 -41.70 23.30
O5 NAG WA . 24.71 -38.67 24.25
O6 NAG WA . 25.00 -40.09 26.43
O7 NAG WA . 28.82 -36.73 22.07
C1 NAG XA . 32.15 37.92 -1.62
C2 NAG XA . 32.56 38.42 -3.00
C3 NAG XA . 34.05 38.20 -3.23
C4 NAG XA . 34.86 38.83 -2.09
C5 NAG XA . 34.37 38.31 -0.75
C6 NAG XA . 35.04 38.98 0.42
C7 NAG XA . 30.54 38.13 -4.38
C8 NAG XA . 29.90 37.34 -5.48
N2 NAG XA . 31.78 37.76 -4.05
O3 NAG XA . 34.43 38.79 -4.47
O4 NAG XA . 36.23 38.52 -2.25
O5 NAG XA . 32.95 38.56 -0.61
O6 NAG XA . 36.25 39.60 0.04
O7 NAG XA . 29.97 39.06 -3.82
C1 NAG YA . 45.74 6.43 -7.82
C2 NAG YA . 46.10 6.60 -9.31
C3 NAG YA . 47.47 7.27 -9.44
C4 NAG YA . 47.51 8.56 -8.65
C5 NAG YA . 47.10 8.32 -7.20
C6 NAG YA . 46.99 9.59 -6.39
C7 NAG YA . 44.98 4.79 -10.51
C8 NAG YA . 45.14 3.46 -11.19
N2 NAG YA . 46.09 5.33 -9.99
O3 NAG YA . 47.73 7.52 -10.82
O4 NAG YA . 48.83 9.11 -8.68
O5 NAG YA . 45.80 7.71 -7.17
O6 NAG YA . 45.94 9.51 -5.45
O7 NAG YA . 43.89 5.35 -10.44
C1 NAG ZA . 60.58 -8.52 -10.97
C2 NAG ZA . 60.81 -7.48 -12.06
C3 NAG ZA . 61.15 -6.13 -11.43
C4 NAG ZA . 60.08 -5.72 -10.42
C5 NAG ZA . 59.87 -6.85 -9.40
C6 NAG ZA . 58.73 -6.56 -8.45
C7 NAG ZA . 61.86 -7.63 -14.27
C8 NAG ZA . 63.02 -8.14 -15.06
N2 NAG ZA . 61.87 -7.90 -12.96
O3 NAG ZA . 61.24 -5.14 -12.45
O4 NAG ZA . 60.46 -4.53 -9.75
O5 NAG ZA . 59.55 -8.07 -10.07
O6 NAG ZA . 58.43 -7.70 -7.65
O7 NAG ZA . 60.94 -7.00 -14.80
C1 NAG AB . 60.95 -25.02 -50.88
C2 NAG AB . 61.03 -24.89 -52.40
C3 NAG AB . 62.47 -24.73 -52.85
C4 NAG AB . 63.13 -23.58 -52.11
C5 NAG AB . 62.97 -23.76 -50.60
C6 NAG AB . 63.51 -22.59 -49.81
C7 NAG AB . 59.44 -25.94 -53.95
C8 NAG AB . 58.93 -27.23 -54.53
N2 NAG AB . 60.42 -26.05 -53.05
O3 NAG AB . 62.51 -24.50 -54.25
O4 NAG AB . 64.51 -23.51 -52.43
O5 NAG AB . 61.59 -23.89 -50.27
O6 NAG AB . 63.54 -22.89 -48.42
O7 NAG AB . 59.00 -24.84 -54.31
C1 NAG BB . 61.44 -33.30 -37.67
C2 NAG BB . 61.28 -33.66 -36.19
C3 NAG BB . 61.16 -32.38 -35.36
C4 NAG BB . 62.34 -31.45 -35.63
C5 NAG BB . 62.46 -31.19 -37.13
C6 NAG BB . 63.68 -30.37 -37.49
C7 NAG BB . 60.08 -35.45 -35.02
C8 NAG BB . 58.81 -36.24 -34.94
N2 NAG BB . 60.12 -34.51 -35.97
O3 NAG BB . 61.12 -32.71 -33.98
O4 NAG BB . 62.15 -30.22 -34.95
O5 NAG BB . 62.56 -32.44 -37.83
O6 NAG BB . 64.40 -30.98 -38.55
O7 NAG BB . 61.02 -35.65 -34.26
#